data_7YVP
#
_entry.id   7YVP
#
_cell.length_a   1.00
_cell.length_b   1.00
_cell.length_c   1.00
_cell.angle_alpha   90.00
_cell.angle_beta   90.00
_cell.angle_gamma   90.00
#
_symmetry.space_group_name_H-M   'P 1'
#
loop_
_entity.id
_entity.type
_entity.pdbx_description
1 polymer 'TH272 Fab heavy chain'
2 polymer 'TH272 Fab light chain'
3 polymer 'TH281 Fab light chain'
4 polymer 'TH281 Fab heavy chain'
5 polymer 'Spike glycoprotein'
6 non-polymer 2-acetamido-2-deoxy-beta-D-glucopyranose
#
loop_
_entity_poly.entity_id
_entity_poly.type
_entity_poly.pdbx_seq_one_letter_code
_entity_poly.pdbx_strand_id
1 'polypeptide(L)'
;QITLKESGPTLVKPTQTLTLTCTFSGFSLSTGGVSVGWIRQPPGKALEWLALIYWDDDKRYSPSLESRLTITKDTSKNLV
VLTLTNMDPVDTATYYCAHKTIPTIFDYWGQGTLVTVSS
;
I,L
2 'polypeptide(L)'
;QSALTQPASVSGSPGQSITISCTATSSDVGAYQYVSWYQQYPGKAPKLMIYEVSKRPSGVSNRFSGSKSGNTASLTISGL
QAEDDAYYYCNSYTTSSVVFGGGTKLTVL
;
J,M
3 'polypeptide(L)'
;EIVMTQSPATLSVSPGERATLSCRASQSVSSDLAWYQQKPGQAPRLLIYGASTRATGIPARFSGSGSGTEFTLTISSLQS
EDSAVYYCQQYNNWPPGYTFGQGTKLEIK
;
O,H
4 'polypeptide(L)'
;EVQLVESGGGLVQPGGSLRLSCAASEITVSRNYMSWVRQAPGKGLEWVSVMFAGGSTFYADSVKGRFTISRDNSKNTLYL
QMNSLRAEDTAVYYCARDLGVVGATDYWGQGTLVTVSS
;
P,K
5 'polypeptide(L)'
;MFVFLVLLPLVSSQCVNLITRTQLPPAYTNSFTRGVYYPDKVFRSSVLHSTQDLFLPFFSNVTWFHAIHVSGTNGTKRFD
NPVLPFNDGVYFASTEKSNIIRGWIFGTTLDSKTQSLLIVNNATNVVIKVCEFQFCNDPFLDVYYHKNNKSWMESEFRVY
SSANNCTFEYVSQPFLMDLEGKQGNFKNLREFVFKNIDGYFKIYSKHTPINLGRDLPQGFSALEPLVDLPIGINITRFQT
LLALHRSYLTPGDSSSGWTAGAAAYYVGYLQPRTFLLKYNENGTITDAVDCALDPLSETKCTLKSFTVEKGIYQTSNFRV
QPTESIVRFPNITNLCPFDEVFNATRFASVYAWNRKRISNCVADYSVLYNFAPFFAFKCYGVSPTKLNDLCFTNVYADSF
VIRGNEVSQIAPGQTGNIADYNYKLPDDFTGCVIAWNSNKLDSKVGGNYNYRYRLFRKSNLKPFERDISTEIYQAGNKPC
NGVAGVNCYFPLQSYGFRPTYGVGHQPYRVVVLSFELLHAPATVCGPKKSTNLVKNKCVNFNFNGLTGTGVLTESNKKFL
PFQQFGRDIADTTDAVRDPQTLEILDITPCSFGGVSVITPGTNTSNQVAVLYQGVNCTEVPVAIHADQLTPTWRVYSTGS
NVFQTRAGCLIGAEYVNSSYECDIPIGAGICASYQTQTKSHGSASSVASQSIIAYTMSLGAENSVAYSNNSIAIPTNFTI
SVTTEILPVSMTKTSVDCTMYICGDSTECSNLLLQYGSFCTQLKRALTGIAVEQDKNTQEVFAQVKQIYKTPPIKYFGGF
NFSQILPDPSKPSKRSPIEDLLFNKVTLADAGFIKQYGDCLGDIAARDLICAQKFNGLTVLPPLLTDEMIAQYTSALLAG
TITSGWTFGAGPALQIPFPMQMAYRFNGIGVTQNVLYENQKLIANQFNSAIGKIQDSLSSTPSALGKLQDVVNHNAQALN
TLVKQLSSKFGAISSVLNDILSRLDPPEAEVQIDRLITGRLQSLQTYVTQQLIRAAEIRASANLAATKMSECVLGQSKRV
DFCGKGYHLMSFPQSAPHGVVFLHVTYVPAQEKNFTTAPAICHDGKAHFPREGVFVSNGTHWFVTQRNFYEPQIITTDNT
FVSGNCDVVIGIVNNTVYDPLQPELDSFKEELDKYFKNHTSPDVDLGDISGINASVVNIQKEIDRLNEVAKNLNESLIDL
QELGKYEQGSGYIPEAPRDGQAYVRKDGEWVFLSTFLSGLEVLFQGPGGWSHPQFEKGGGSGGGSGGSAWSHPQFEKGGS
HHHHHHHH
;
A,B,C
#
# COMPACT_ATOMS: atom_id res chain seq x y z
N ILE A 2 -4.63 73.48 23.87
CA ILE A 2 -5.87 74.01 23.29
C ILE A 2 -5.69 75.48 22.96
N THR A 3 -6.25 75.90 21.83
CA THR A 3 -6.13 77.26 21.34
C THR A 3 -7.37 77.56 20.51
N LEU A 4 -7.84 78.81 20.58
CA LEU A 4 -8.96 79.27 19.79
C LEU A 4 -8.63 80.62 19.18
N LYS A 5 -9.31 80.93 18.08
CA LYS A 5 -9.13 82.19 17.38
C LYS A 5 -10.40 82.64 16.70
N GLU A 6 -10.82 83.86 16.99
CA GLU A 6 -11.98 84.50 16.39
C GLU A 6 -11.50 85.37 15.24
N SER A 7 -12.43 85.68 14.34
CA SER A 7 -12.12 86.59 13.24
C SER A 7 -13.43 87.17 12.75
N GLY A 8 -13.34 88.28 12.03
CA GLY A 8 -14.52 88.92 11.53
C GLY A 8 -14.39 90.43 11.36
N PRO A 9 -15.54 91.08 11.14
CA PRO A 9 -15.57 92.53 10.94
C PRO A 9 -15.23 93.30 12.21
N THR A 10 -14.36 94.30 12.05
CA THR A 10 -13.99 95.18 13.16
C THR A 10 -14.97 96.34 13.31
N LEU A 11 -15.62 96.75 12.22
CA LEU A 11 -16.54 97.87 12.21
C LEU A 11 -17.91 97.43 11.71
N VAL A 12 -18.96 98.07 12.24
CA VAL A 12 -20.33 97.72 11.91
C VAL A 12 -21.20 98.96 12.12
N LYS A 13 -22.31 99.03 11.39
CA LYS A 13 -23.19 100.18 11.46
C LYS A 13 -24.40 99.86 12.33
N PRO A 14 -25.13 100.86 12.81
CA PRO A 14 -26.31 100.59 13.64
C PRO A 14 -27.32 99.72 12.90
N THR A 15 -27.94 98.81 13.64
CA THR A 15 -28.96 97.90 13.13
C THR A 15 -28.46 97.13 11.90
N GLN A 16 -27.40 96.35 12.12
CA GLN A 16 -26.82 95.53 11.05
C GLN A 16 -26.50 94.15 11.60
N THR A 17 -26.34 93.19 10.68
CA THR A 17 -26.04 91.83 11.08
C THR A 17 -24.53 91.59 11.08
N LEU A 18 -23.96 91.52 12.27
CA LEU A 18 -22.55 91.25 12.43
C LEU A 18 -22.35 89.74 12.54
N THR A 19 -21.31 89.24 11.89
CA THR A 19 -21.03 87.81 11.88
C THR A 19 -19.61 87.58 12.38
N LEU A 20 -19.42 86.48 13.09
CA LEU A 20 -18.10 86.15 13.60
C LEU A 20 -17.89 84.65 13.51
N THR A 21 -16.66 84.26 13.20
CA THR A 21 -16.26 82.87 13.03
C THR A 21 -15.12 82.60 14.00
N CYS A 22 -15.30 81.59 14.84
CA CYS A 22 -14.32 81.21 15.84
C CYS A 22 -13.69 79.88 15.45
N THR A 23 -12.42 79.92 15.11
CA THR A 23 -11.65 78.74 14.74
C THR A 23 -10.74 78.33 15.89
N PHE A 24 -10.78 77.06 16.25
CA PHE A 24 -10.00 76.53 17.36
C PHE A 24 -9.06 75.44 16.88
N SER A 25 -8.09 75.11 17.74
CA SER A 25 -7.10 74.10 17.41
C SER A 25 -6.69 73.42 18.71
N GLY A 26 -6.46 72.12 18.63
CA GLY A 26 -6.12 71.29 19.77
C GLY A 26 -7.23 70.32 20.12
N PHE A 27 -8.47 70.68 19.78
CA PHE A 27 -9.65 69.88 20.01
C PHE A 27 -10.58 70.04 18.81
N SER A 28 -11.62 69.21 18.78
CA SER A 28 -12.61 69.25 17.71
C SER A 28 -14.01 69.30 18.34
N LEU A 29 -15.03 69.28 17.49
CA LEU A 29 -16.42 69.30 17.95
C LEU A 29 -17.09 67.93 17.85
N SER A 30 -16.32 66.86 18.04
CA SER A 30 -16.83 65.49 17.97
C SER A 30 -16.83 64.77 19.32
N THR A 31 -15.92 65.13 20.22
CA THR A 31 -15.83 64.48 21.52
C THR A 31 -16.88 64.98 22.50
N GLY A 32 -17.19 64.13 23.47
CA GLY A 32 -18.21 64.47 24.45
C GLY A 32 -17.74 65.56 25.39
N GLY A 33 -18.71 66.30 25.95
CA GLY A 33 -18.36 67.35 26.88
C GLY A 33 -17.96 68.64 26.20
N VAL A 34 -17.33 68.53 25.03
CA VAL A 34 -16.80 69.71 24.37
C VAL A 34 -17.93 70.60 23.88
N SER A 35 -17.78 71.91 24.08
CA SER A 35 -18.75 72.86 23.59
C SER A 35 -18.02 74.16 23.31
N VAL A 36 -18.72 75.11 22.70
CA VAL A 36 -18.15 76.41 22.38
C VAL A 36 -19.16 77.49 22.68
N GLY A 37 -18.74 78.51 23.43
CA GLY A 37 -19.62 79.59 23.80
C GLY A 37 -18.99 80.93 23.44
N TRP A 38 -19.80 81.96 23.53
CA TRP A 38 -19.38 83.32 23.21
C TRP A 38 -19.57 84.21 24.42
N ILE A 39 -18.72 85.23 24.53
CA ILE A 39 -18.73 86.15 25.66
C ILE A 39 -18.41 87.53 25.09
N ARG A 40 -19.00 88.56 25.69
CA ARG A 40 -18.68 89.92 25.31
C ARG A 40 -18.25 90.69 26.54
N GLN A 41 -17.51 91.76 26.31
CA GLN A 41 -17.00 92.64 27.36
C GLN A 41 -17.02 94.09 26.91
N PRO A 42 -17.85 94.93 27.51
CA PRO A 42 -17.80 96.37 27.20
C PRO A 42 -16.49 96.97 27.66
N PRO A 43 -16.07 98.10 27.09
CA PRO A 43 -14.79 98.70 27.48
C PRO A 43 -14.78 99.08 28.96
N GLY A 44 -13.86 98.47 29.70
CA GLY A 44 -13.68 98.72 31.11
C GLY A 44 -14.72 98.12 32.02
N LYS A 45 -15.54 97.20 31.53
CA LYS A 45 -16.57 96.53 32.32
C LYS A 45 -16.29 95.02 32.38
N ALA A 46 -17.20 94.31 33.02
CA ALA A 46 -17.09 92.87 33.21
C ALA A 46 -17.68 92.12 32.03
N LEU A 47 -17.36 90.83 31.95
CA LEU A 47 -17.87 89.97 30.89
C LEU A 47 -19.35 89.65 31.11
N GLU A 48 -19.92 88.97 30.11
CA GLU A 48 -21.28 88.44 30.16
C GLU A 48 -21.35 87.29 29.16
N TRP A 49 -22.35 86.43 29.34
CA TRP A 49 -22.50 85.33 28.40
C TRP A 49 -23.28 85.75 27.15
N LEU A 50 -23.12 84.95 26.09
CA LEU A 50 -23.77 85.22 24.81
C LEU A 50 -24.51 83.99 24.26
N ALA A 51 -23.79 82.90 24.01
CA ALA A 51 -24.43 81.70 23.48
C ALA A 51 -23.56 80.48 23.79
N LEU A 52 -24.06 79.30 23.41
CA LEU A 52 -23.33 78.04 23.57
C LEU A 52 -23.86 77.00 22.60
N ILE A 53 -22.96 76.20 22.03
CA ILE A 53 -23.31 75.14 21.10
C ILE A 53 -22.73 73.85 21.67
N TYR A 54 -23.61 72.94 22.11
CA TYR A 54 -23.09 71.71 22.69
C TYR A 54 -22.56 70.79 21.59
N TRP A 55 -22.01 69.64 22.01
CA TRP A 55 -21.41 68.70 21.09
C TRP A 55 -22.42 67.80 20.40
N ASP A 56 -23.62 67.69 20.94
CA ASP A 56 -24.69 66.88 20.36
C ASP A 56 -25.58 67.69 19.43
N ASP A 57 -25.22 68.96 19.20
CA ASP A 57 -25.90 69.92 18.34
C ASP A 57 -27.21 70.41 18.96
N ASP A 58 -27.31 70.31 20.28
CA ASP A 58 -28.36 70.99 21.04
C ASP A 58 -27.73 72.29 21.50
N LYS A 59 -28.32 73.41 21.14
CA LYS A 59 -27.69 74.70 21.32
C LYS A 59 -28.37 75.44 22.45
N ARG A 60 -27.61 76.30 23.12
CA ARG A 60 -28.13 77.02 24.27
C ARG A 60 -27.64 78.46 24.19
N TYR A 61 -28.51 79.37 24.63
CA TYR A 61 -28.25 80.80 24.65
C TYR A 61 -28.50 81.35 26.04
N SER A 62 -28.08 82.58 26.26
CA SER A 62 -28.39 83.22 27.52
C SER A 62 -29.88 83.57 27.53
N PRO A 63 -30.57 83.37 28.65
CA PRO A 63 -32.03 83.60 28.66
C PRO A 63 -32.42 85.01 28.25
N SER A 64 -31.74 86.01 28.79
CA SER A 64 -32.15 87.39 28.56
C SER A 64 -32.05 87.79 27.09
N LEU A 65 -31.05 87.27 26.36
CA LEU A 65 -30.76 87.73 25.01
C LEU A 65 -31.06 86.68 23.92
N GLU A 66 -32.07 85.83 24.14
CA GLU A 66 -32.44 84.83 23.14
C GLU A 66 -33.31 85.42 22.02
N SER A 67 -33.85 84.51 21.20
CA SER A 67 -34.69 84.79 20.03
C SER A 67 -33.97 85.61 18.96
N ARG A 68 -32.66 85.50 18.89
CA ARG A 68 -31.83 86.17 17.91
C ARG A 68 -30.46 85.52 17.97
N LEU A 69 -29.48 86.14 17.33
CA LEU A 69 -28.11 85.67 17.33
C LEU A 69 -28.01 84.16 17.09
N THR A 70 -28.60 83.74 15.99
CA THR A 70 -28.55 82.32 15.64
C THR A 70 -27.10 81.88 15.47
N ILE A 71 -26.60 81.10 16.43
CA ILE A 71 -25.24 80.59 16.38
C ILE A 71 -25.25 79.25 15.65
N THR A 72 -24.55 79.18 14.55
CA THR A 72 -24.42 77.94 13.81
C THR A 72 -22.98 77.45 13.93
N LYS A 73 -22.72 76.28 13.36
CA LYS A 73 -21.39 75.68 13.47
C LYS A 73 -21.21 74.67 12.36
N ASP A 74 -19.96 74.22 12.21
CA ASP A 74 -19.60 73.21 11.23
C ASP A 74 -18.47 72.38 11.82
N THR A 75 -18.77 71.13 12.16
CA THR A 75 -17.84 70.26 12.86
C THR A 75 -16.81 69.64 11.93
N SER A 76 -16.95 69.87 10.61
CA SER A 76 -16.00 69.32 9.65
C SER A 76 -14.67 70.08 9.72
N LYS A 77 -14.73 71.40 9.68
CA LYS A 77 -13.53 72.22 9.82
C LYS A 77 -13.39 72.73 11.25
N ASN A 78 -14.20 72.21 12.17
CA ASN A 78 -14.18 72.59 13.58
C ASN A 78 -14.21 74.12 13.73
N LEU A 79 -15.37 74.66 13.34
CA LEU A 79 -15.57 76.10 13.36
C LEU A 79 -16.96 76.43 13.88
N VAL A 80 -17.02 77.49 14.65
CA VAL A 80 -18.27 77.98 15.21
C VAL A 80 -18.51 79.35 14.58
N VAL A 81 -19.77 79.69 14.35
CA VAL A 81 -20.13 80.94 13.71
C VAL A 81 -21.13 81.67 14.59
N LEU A 82 -20.85 82.94 14.88
CA LEU A 82 -21.75 83.79 15.64
C LEU A 82 -22.21 84.95 14.75
N THR A 83 -23.51 85.23 14.79
CA THR A 83 -24.09 86.28 13.96
C THR A 83 -25.07 87.09 14.79
N LEU A 84 -24.82 88.40 14.94
CA LEU A 84 -25.68 89.28 15.73
C LEU A 84 -26.21 90.43 14.88
N THR A 85 -27.53 90.51 14.73
CA THR A 85 -28.14 91.57 13.94
C THR A 85 -28.59 92.69 14.86
N ASN A 86 -29.14 93.76 14.25
CA ASN A 86 -29.73 94.91 14.95
C ASN A 86 -28.79 95.46 16.03
N MET A 87 -27.66 95.97 15.59
CA MET A 87 -26.71 96.60 16.51
C MET A 87 -27.28 97.86 17.15
N ASP A 88 -27.13 97.93 18.46
CA ASP A 88 -27.47 99.07 19.32
C ASP A 88 -26.21 99.53 20.03
N PRO A 89 -26.17 100.78 20.50
CA PRO A 89 -25.00 101.24 21.27
C PRO A 89 -24.70 100.41 22.51
N VAL A 90 -25.62 99.55 22.97
CA VAL A 90 -25.26 98.66 24.06
C VAL A 90 -24.33 97.58 23.53
N ASP A 91 -24.47 97.21 22.26
CA ASP A 91 -23.70 96.12 21.66
C ASP A 91 -22.28 96.52 21.30
N THR A 92 -21.81 97.69 21.71
CA THR A 92 -20.44 98.11 21.42
C THR A 92 -19.57 97.51 22.50
N ALA A 93 -18.95 96.37 22.19
CA ALA A 93 -18.11 95.68 23.15
C ALA A 93 -17.21 94.70 22.41
N THR A 94 -16.28 94.12 23.16
CA THR A 94 -15.41 93.08 22.65
C THR A 94 -16.15 91.76 22.64
N TYR A 95 -15.68 90.80 21.84
CA TYR A 95 -16.35 89.52 21.71
C TYR A 95 -15.32 88.40 21.70
N TYR A 96 -15.53 87.40 22.56
CA TYR A 96 -14.63 86.27 22.68
C TYR A 96 -15.41 84.97 22.56
N CYS A 97 -14.72 83.97 22.01
CA CYS A 97 -15.25 82.63 21.79
C CYS A 97 -14.44 81.64 22.62
N ALA A 98 -15.04 81.15 23.70
CA ALA A 98 -14.36 80.24 24.60
C ALA A 98 -15.04 78.87 24.58
N HIS A 99 -14.25 77.84 24.86
CA HIS A 99 -14.75 76.48 24.88
C HIS A 99 -15.39 76.19 26.22
N LYS A 100 -16.59 75.62 26.21
CA LYS A 100 -17.33 75.35 27.43
C LYS A 100 -17.42 73.86 27.72
N THR A 101 -17.03 73.48 28.93
CA THR A 101 -17.42 72.21 29.51
C THR A 101 -18.43 72.51 30.61
N ILE A 102 -19.06 71.46 31.15
CA ILE A 102 -20.12 71.67 32.14
C ILE A 102 -19.60 72.31 33.43
N PRO A 103 -18.49 71.83 34.06
CA PRO A 103 -18.05 72.49 35.30
C PRO A 103 -17.17 73.72 35.10
N THR A 104 -16.14 73.58 34.26
CA THR A 104 -15.23 74.70 33.99
C THR A 104 -15.73 75.50 32.78
N ILE A 105 -16.76 76.31 33.03
CA ILE A 105 -17.38 77.06 31.96
C ILE A 105 -16.36 78.01 31.35
N PHE A 106 -16.16 77.88 30.04
CA PHE A 106 -15.26 78.75 29.27
C PHE A 106 -13.84 78.79 29.85
N ASP A 107 -13.19 77.63 29.81
CA ASP A 107 -11.82 77.52 30.28
C ASP A 107 -10.80 77.81 29.21
N TYR A 108 -11.21 77.80 27.94
CA TYR A 108 -10.30 78.00 26.82
C TYR A 108 -10.86 79.10 25.92
N TRP A 109 -10.33 80.31 26.02
CA TRP A 109 -10.79 81.43 25.22
C TRP A 109 -9.92 81.62 23.98
N GLY A 110 -10.48 82.33 23.00
CA GLY A 110 -9.81 82.58 21.73
C GLY A 110 -8.99 83.84 21.68
N GLN A 111 -9.04 84.51 20.53
CA GLN A 111 -8.27 85.73 20.29
C GLN A 111 -9.12 86.96 20.64
N GLY A 112 -10.29 87.09 20.01
CA GLY A 112 -11.16 88.21 20.28
C GLY A 112 -11.05 89.29 19.23
N THR A 113 -12.19 89.86 18.82
CA THR A 113 -12.23 90.92 17.83
C THR A 113 -12.88 92.13 18.46
N LEU A 114 -12.18 93.27 18.43
CA LEU A 114 -12.73 94.51 18.96
C LEU A 114 -13.67 95.10 17.92
N VAL A 115 -14.90 95.40 18.33
CA VAL A 115 -15.89 95.94 17.40
C VAL A 115 -16.58 97.16 18.00
N THR A 116 -16.77 98.17 17.16
CA THR A 116 -17.40 99.43 17.51
C THR A 116 -18.70 99.55 16.71
N VAL A 117 -19.72 100.15 17.31
CA VAL A 117 -21.01 100.33 16.65
C VAL A 117 -21.36 101.80 16.70
N SER A 118 -21.08 102.50 15.61
CA SER A 118 -21.39 103.93 15.48
C SER A 118 -21.12 104.33 14.04
N SER A 119 -21.59 105.53 13.68
CA SER A 119 -21.31 106.10 12.37
C SER A 119 -19.87 106.60 12.30
N SER B 2 -13.80 74.15 3.26
CA SER B 2 -12.38 74.05 3.55
C SER B 2 -11.60 75.09 2.73
N ALA B 3 -12.02 75.25 1.48
CA ALA B 3 -11.41 76.23 0.58
C ALA B 3 -12.04 77.59 0.87
N LEU B 4 -13.36 77.60 0.88
CA LEU B 4 -14.21 78.67 1.37
C LEU B 4 -14.88 78.03 2.57
N THR B 5 -15.83 78.70 3.21
CA THR B 5 -16.36 78.05 4.41
C THR B 5 -17.76 78.51 4.74
N GLN B 6 -18.64 77.55 4.97
CA GLN B 6 -20.03 77.76 5.32
C GLN B 6 -20.39 76.86 6.49
N PRO B 7 -21.26 77.31 7.38
CA PRO B 7 -21.68 76.46 8.51
C PRO B 7 -22.50 75.26 8.06
N ALA B 8 -22.65 74.30 8.97
CA ALA B 8 -23.31 73.04 8.62
C ALA B 8 -24.75 73.28 8.18
N SER B 9 -25.56 73.88 9.03
CA SER B 9 -26.96 74.14 8.69
C SER B 9 -27.52 75.20 9.63
N VAL B 10 -28.64 75.78 9.21
CA VAL B 10 -29.39 76.77 10.00
C VAL B 10 -30.88 76.49 9.80
N SER B 11 -31.68 76.79 10.82
CA SER B 11 -33.13 76.60 10.73
C SER B 11 -33.82 77.78 11.43
N GLY B 12 -34.50 78.62 10.65
CA GLY B 12 -35.18 79.80 11.18
C GLY B 12 -36.69 79.63 11.17
N SER B 13 -37.32 80.08 12.26
CA SER B 13 -38.76 79.98 12.44
C SER B 13 -39.52 80.77 11.37
N PRO B 14 -40.71 80.29 10.99
CA PRO B 14 -41.41 80.87 9.82
C PRO B 14 -41.97 82.26 10.12
N GLY B 15 -41.58 83.24 9.31
CA GLY B 15 -42.07 84.60 9.44
C GLY B 15 -41.13 85.61 10.06
N GLN B 16 -39.91 85.21 10.42
CA GLN B 16 -38.94 86.11 11.03
C GLN B 16 -37.76 86.28 10.07
N SER B 17 -36.77 87.05 10.50
CA SER B 17 -35.58 87.24 9.69
C SER B 17 -34.38 86.52 10.30
N ILE B 18 -33.43 86.18 9.46
CA ILE B 18 -32.22 85.48 9.90
C ILE B 18 -31.16 85.71 8.84
N THR B 19 -29.92 85.87 9.28
CA THR B 19 -28.80 86.10 8.38
C THR B 19 -27.77 84.99 8.50
N ILE B 20 -27.18 84.62 7.36
CA ILE B 20 -26.15 83.59 7.27
C ILE B 20 -24.90 84.18 6.64
N SER B 21 -23.75 83.75 7.12
CA SER B 21 -22.43 84.22 6.70
C SER B 21 -21.65 83.11 5.99
N CYS B 22 -20.91 83.49 4.93
CA CYS B 22 -20.04 82.56 4.23
C CYS B 22 -18.62 83.12 4.27
N THR B 23 -18.01 82.99 5.45
CA THR B 23 -16.67 83.49 5.71
C THR B 23 -15.63 82.70 4.91
N ALA B 24 -14.57 83.39 4.48
CA ALA B 24 -13.52 82.71 3.72
C ALA B 24 -12.66 81.81 4.60
N THR B 25 -12.28 82.30 5.79
CA THR B 25 -11.44 81.56 6.73
C THR B 25 -10.20 81.03 6.02
N SER B 26 -9.59 81.91 5.22
CA SER B 26 -8.38 81.57 4.47
C SER B 26 -7.74 82.85 3.99
N SER B 27 -6.43 82.98 4.19
CA SER B 27 -5.78 84.19 3.75
C SER B 27 -5.69 84.17 2.22
N ASP B 28 -5.64 85.37 1.65
CA ASP B 28 -5.54 85.67 0.21
C ASP B 28 -6.56 84.86 -0.60
N VAL B 29 -7.82 85.12 -0.30
CA VAL B 29 -8.93 84.70 -1.15
C VAL B 29 -9.18 85.82 -2.14
N GLY B 30 -8.32 86.83 -2.11
CA GLY B 30 -8.38 87.99 -2.98
C GLY B 30 -9.07 89.18 -2.34
N ALA B 31 -9.87 89.89 -3.14
CA ALA B 31 -10.66 91.01 -2.64
C ALA B 31 -12.05 90.57 -2.15
N TYR B 32 -12.47 89.36 -2.48
CA TYR B 32 -13.77 88.81 -2.10
C TYR B 32 -14.89 89.80 -2.45
N GLN B 33 -15.01 90.06 -3.75
CA GLN B 33 -15.92 91.07 -4.30
C GLN B 33 -17.07 90.48 -5.11
N TYR B 34 -16.84 89.37 -5.80
CA TYR B 34 -17.89 88.67 -6.56
C TYR B 34 -18.34 87.54 -5.67
N VAL B 35 -19.58 87.59 -5.20
CA VAL B 35 -20.09 86.55 -4.33
C VAL B 35 -21.52 86.19 -4.75
N SER B 36 -21.69 85.00 -5.32
CA SER B 36 -22.99 84.53 -5.75
C SER B 36 -23.53 83.54 -4.73
N TRP B 37 -24.85 83.50 -4.64
CA TRP B 37 -25.55 82.62 -3.73
C TRP B 37 -26.50 81.78 -4.56
N TYR B 38 -26.61 80.50 -4.23
CA TYR B 38 -27.46 79.61 -5.00
C TYR B 38 -28.49 78.96 -4.10
N GLN B 39 -29.69 78.85 -4.63
CA GLN B 39 -30.80 78.17 -3.96
C GLN B 39 -30.89 76.78 -4.55
N GLN B 40 -30.63 75.77 -3.73
CA GLN B 40 -30.73 74.40 -4.21
C GLN B 40 -32.11 73.94 -3.75
N TYR B 41 -32.95 73.60 -4.71
CA TYR B 41 -34.31 73.19 -4.45
C TYR B 41 -34.31 71.71 -4.10
N PRO B 42 -35.47 71.14 -3.72
CA PRO B 42 -35.46 69.71 -3.39
C PRO B 42 -35.27 68.84 -4.62
N GLY B 43 -34.02 68.78 -5.09
CA GLY B 43 -33.64 67.99 -6.24
C GLY B 43 -33.69 68.72 -7.57
N LYS B 44 -33.13 69.93 -7.64
CA LYS B 44 -33.13 70.72 -8.86
C LYS B 44 -31.79 71.44 -9.01
N ALA B 45 -31.59 71.99 -10.20
CA ALA B 45 -30.35 72.69 -10.53
C ALA B 45 -30.27 74.03 -9.81
N PRO B 46 -29.15 74.36 -9.18
CA PRO B 46 -29.05 75.63 -8.45
C PRO B 46 -29.38 76.82 -9.36
N LYS B 47 -30.08 77.80 -8.78
CA LYS B 47 -30.48 79.01 -9.48
C LYS B 47 -29.76 80.20 -8.88
N LEU B 48 -29.27 81.10 -9.73
CA LEU B 48 -28.62 82.27 -9.16
C LEU B 48 -29.71 83.08 -8.47
N MET B 49 -29.52 83.32 -7.17
CA MET B 49 -30.44 84.11 -6.37
C MET B 49 -29.92 85.54 -6.25
N ILE B 50 -28.68 85.68 -5.79
CA ILE B 50 -27.99 86.96 -5.72
C ILE B 50 -26.53 86.79 -6.13
N TYR B 51 -26.02 87.81 -6.78
CA TYR B 51 -24.62 87.96 -7.15
C TYR B 51 -24.37 89.41 -6.74
N GLU B 52 -23.11 89.79 -6.53
CA GLU B 52 -22.87 91.16 -6.10
C GLU B 52 -23.79 91.39 -4.88
N VAL B 53 -23.55 90.57 -3.85
CA VAL B 53 -24.36 90.42 -2.64
C VAL B 53 -25.36 91.55 -2.42
N SER B 54 -24.94 92.82 -2.40
CA SER B 54 -25.94 93.84 -2.10
C SER B 54 -26.89 94.09 -3.27
N LYS B 55 -26.55 93.63 -4.48
CA LYS B 55 -27.41 93.71 -5.65
C LYS B 55 -28.34 92.50 -5.69
N ARG B 56 -29.30 92.50 -6.63
CA ARG B 56 -30.20 91.35 -6.79
C ARG B 56 -30.79 91.33 -8.19
N PRO B 57 -30.83 90.17 -8.84
CA PRO B 57 -31.40 90.07 -10.20
C PRO B 57 -32.93 90.10 -10.18
N SER B 58 -33.49 90.86 -11.11
CA SER B 58 -34.94 90.98 -11.25
C SER B 58 -35.57 89.66 -11.66
N GLY B 59 -36.56 89.21 -10.89
CA GLY B 59 -37.24 87.96 -11.17
C GLY B 59 -37.52 87.12 -9.95
N VAL B 60 -36.93 87.48 -8.81
CA VAL B 60 -37.13 86.75 -7.56
C VAL B 60 -37.79 87.74 -6.60
N SER B 61 -38.11 87.30 -5.39
CA SER B 61 -38.84 88.14 -4.46
C SER B 61 -37.97 89.31 -4.01
N ASN B 62 -38.52 90.17 -3.16
CA ASN B 62 -37.81 91.33 -2.65
C ASN B 62 -37.47 91.20 -1.16
N ARG B 63 -37.47 89.98 -0.63
CA ARG B 63 -37.18 89.76 0.77
C ARG B 63 -35.74 89.33 1.02
N PHE B 64 -35.15 88.59 0.07
CA PHE B 64 -33.76 88.21 0.21
C PHE B 64 -32.90 89.45 0.08
N SER B 65 -31.87 89.57 0.92
CA SER B 65 -31.01 90.73 0.83
C SER B 65 -29.61 90.39 1.31
N GLY B 66 -28.62 90.75 0.49
CA GLY B 66 -27.24 90.52 0.82
C GLY B 66 -26.59 91.73 1.48
N SER B 67 -25.42 91.49 2.04
CA SER B 67 -24.66 92.55 2.70
C SER B 67 -23.18 92.15 2.75
N LYS B 68 -22.35 93.08 3.19
CA LYS B 68 -20.91 92.87 3.28
C LYS B 68 -20.38 93.51 4.55
N SER B 69 -20.01 92.68 5.50
CA SER B 69 -19.36 93.15 6.71
C SER B 69 -17.84 93.06 6.60
N GLY B 70 -17.33 92.83 5.40
CA GLY B 70 -15.89 92.69 5.21
C GLY B 70 -15.41 91.26 5.20
N ASN B 71 -15.00 90.77 4.03
CA ASN B 71 -14.41 89.46 3.78
C ASN B 71 -15.46 88.34 3.81
N THR B 72 -16.69 88.63 4.24
CA THR B 72 -17.76 87.64 4.23
C THR B 72 -18.99 88.24 3.58
N ALA B 73 -20.01 87.40 3.38
CA ALA B 73 -21.28 87.84 2.81
C ALA B 73 -22.41 87.39 3.71
N SER B 74 -23.01 88.33 4.43
CA SER B 74 -24.10 88.05 5.35
C SER B 74 -25.40 88.03 4.54
N LEU B 75 -25.81 86.85 4.09
CA LEU B 75 -27.07 86.73 3.38
C LEU B 75 -28.24 86.82 4.36
N THR B 76 -29.13 87.78 4.14
CA THR B 76 -30.26 88.00 5.02
C THR B 76 -31.56 87.61 4.33
N ILE B 77 -32.54 87.16 5.11
CA ILE B 77 -33.85 86.77 4.59
C ILE B 77 -34.92 87.24 5.56
N SER B 78 -35.72 88.20 5.14
CA SER B 78 -36.81 88.70 5.97
C SER B 78 -38.13 88.10 5.51
N GLY B 79 -39.09 88.04 6.43
CA GLY B 79 -40.40 87.49 6.13
C GLY B 79 -40.36 86.08 5.61
N LEU B 80 -39.72 85.19 6.35
CA LEU B 80 -39.50 83.81 5.92
C LEU B 80 -40.81 83.11 5.61
N GLN B 81 -40.89 82.51 4.42
CA GLN B 81 -42.06 81.78 3.97
C GLN B 81 -41.75 80.30 3.88
N ALA B 82 -42.80 79.48 3.97
CA ALA B 82 -42.64 78.04 3.95
C ALA B 82 -42.00 77.54 2.66
N GLU B 83 -42.05 78.32 1.59
CA GLU B 83 -41.42 77.96 0.34
C GLU B 83 -39.89 77.94 0.45
N ASP B 84 -39.33 78.54 1.49
CA ASP B 84 -37.90 78.76 1.56
C ASP B 84 -37.10 77.57 2.09
N ASP B 85 -37.76 76.49 2.49
CA ASP B 85 -37.03 75.30 2.94
C ASP B 85 -36.22 74.74 1.77
N ALA B 86 -34.90 74.87 1.83
CA ALA B 86 -34.04 74.51 0.71
C ALA B 86 -32.59 74.62 1.18
N TYR B 87 -31.67 74.33 0.27
CA TYR B 87 -30.25 74.49 0.53
C TYR B 87 -29.73 75.78 -0.06
N TYR B 88 -28.66 76.29 0.55
CA TYR B 88 -28.07 77.56 0.17
C TYR B 88 -26.55 77.39 0.15
N TYR B 89 -25.92 78.01 -0.83
CA TYR B 89 -24.48 77.90 -1.04
C TYR B 89 -23.91 79.27 -1.36
N CYS B 90 -22.62 79.42 -1.08
CA CYS B 90 -21.93 80.64 -1.42
C CYS B 90 -20.81 80.34 -2.42
N ASN B 91 -20.42 81.38 -3.14
CA ASN B 91 -19.55 81.26 -4.31
C ASN B 91 -18.79 82.56 -4.50
N SER B 92 -17.47 82.48 -4.68
CA SER B 92 -16.70 83.70 -4.82
C SER B 92 -15.41 83.42 -5.61
N TYR B 93 -15.10 84.28 -6.58
CA TYR B 93 -13.92 84.02 -7.39
C TYR B 93 -12.68 84.06 -6.51
N THR B 94 -11.73 83.15 -6.76
CA THR B 94 -10.42 83.30 -6.15
C THR B 94 -9.46 83.83 -7.21
N THR B 95 -8.16 83.79 -6.92
CA THR B 95 -7.16 84.29 -7.86
C THR B 95 -7.10 83.43 -9.12
N SER B 96 -7.17 82.10 -8.95
CA SER B 96 -7.10 81.19 -10.09
C SER B 96 -8.43 80.63 -10.56
N SER B 97 -9.42 80.45 -9.69
CA SER B 97 -10.64 79.78 -10.15
C SER B 97 -11.76 79.95 -9.13
N VAL B 98 -12.99 79.87 -9.65
CA VAL B 98 -14.19 79.94 -8.84
C VAL B 98 -14.10 78.94 -7.68
N VAL B 99 -14.49 79.37 -6.48
CA VAL B 99 -14.57 78.48 -5.34
C VAL B 99 -15.98 78.57 -4.76
N PHE B 100 -16.38 77.53 -4.05
CA PHE B 100 -17.72 77.42 -3.49
C PHE B 100 -17.62 77.34 -1.97
N GLY B 101 -18.76 77.49 -1.31
CA GLY B 101 -18.80 77.36 0.13
C GLY B 101 -19.05 75.94 0.57
N GLY B 102 -18.79 75.70 1.87
CA GLY B 102 -18.99 74.37 2.42
C GLY B 102 -20.43 73.92 2.48
N GLY B 103 -21.36 74.80 2.13
CA GLY B 103 -22.78 74.55 2.09
C GLY B 103 -23.47 74.93 3.38
N THR B 104 -24.74 75.34 3.24
CA THR B 104 -25.60 75.61 4.39
C THR B 104 -27.01 75.16 4.03
N LYS B 105 -27.69 74.58 5.01
CA LYS B 105 -29.05 74.08 4.84
C LYS B 105 -29.98 74.93 5.67
N LEU B 106 -31.11 75.32 5.08
CA LEU B 106 -32.11 76.14 5.76
C LEU B 106 -33.43 75.39 5.74
N THR B 107 -33.91 74.98 6.92
CA THR B 107 -35.18 74.29 7.05
C THR B 107 -36.15 75.12 7.88
N VAL B 108 -37.35 75.34 7.34
CA VAL B 108 -38.35 76.21 7.97
C VAL B 108 -39.27 75.36 8.84
N LEU B 109 -39.38 75.72 10.12
CA LEU B 109 -40.23 74.96 11.02
C LEU B 109 -40.90 75.88 12.04
N ILE C 2 24.33 -0.23 -73.14
CA ILE C 2 24.15 1.18 -73.49
C ILE C 2 24.67 1.41 -74.90
N THR C 3 23.97 2.25 -75.66
CA THR C 3 24.30 2.52 -77.05
C THR C 3 23.86 3.94 -77.41
N LEU C 4 24.65 4.58 -78.24
CA LEU C 4 24.32 5.89 -78.81
C LEU C 4 24.63 5.84 -80.29
N LYS C 5 23.96 6.68 -81.08
CA LYS C 5 24.17 6.68 -82.52
C LYS C 5 23.93 8.05 -83.11
N GLU C 6 24.89 8.55 -83.88
CA GLU C 6 24.77 9.83 -84.57
C GLU C 6 24.24 9.61 -85.99
N SER C 7 23.64 10.66 -86.55
CA SER C 7 23.17 10.61 -87.92
C SER C 7 22.98 12.03 -88.46
N GLY C 8 22.91 12.13 -89.79
CA GLY C 8 22.71 13.40 -90.45
C GLY C 8 23.31 13.47 -91.84
N PRO C 9 23.35 14.67 -92.43
CA PRO C 9 23.93 14.82 -93.77
C PRO C 9 25.45 14.66 -93.76
N THR C 10 25.94 13.88 -94.73
CA THR C 10 27.38 13.69 -94.85
C THR C 10 28.04 14.81 -95.64
N LEU C 11 27.30 15.46 -96.52
CA LEU C 11 27.80 16.53 -97.37
C LEU C 11 26.98 17.79 -97.12
N VAL C 12 27.64 18.94 -97.21
CA VAL C 12 27.00 20.22 -96.93
C VAL C 12 27.71 21.32 -97.68
N LYS C 13 26.99 22.41 -97.97
CA LYS C 13 27.49 23.52 -98.74
C LYS C 13 27.88 24.68 -97.82
N PRO C 14 28.67 25.64 -98.31
CA PRO C 14 29.03 26.78 -97.48
C PRO C 14 27.82 27.55 -96.97
N THR C 15 27.93 28.04 -95.74
CA THR C 15 26.90 28.85 -95.09
C THR C 15 25.53 28.18 -95.14
N GLN C 16 25.43 27.02 -94.49
CA GLN C 16 24.19 26.24 -94.47
C GLN C 16 23.97 25.74 -93.05
N THR C 17 22.75 25.33 -92.74
CA THR C 17 22.42 24.82 -91.41
C THR C 17 22.60 23.30 -91.40
N LEU C 18 23.65 22.86 -90.71
CA LEU C 18 23.95 21.45 -90.56
C LEU C 18 23.19 20.93 -89.36
N THR C 19 22.56 19.76 -89.52
CA THR C 19 21.75 19.19 -88.48
C THR C 19 22.24 17.78 -88.22
N LEU C 20 22.20 17.38 -86.96
CA LEU C 20 22.61 16.03 -86.58
C LEU C 20 21.69 15.56 -85.47
N THR C 21 21.35 14.28 -85.53
CA THR C 21 20.46 13.63 -84.59
C THR C 21 21.19 12.45 -83.97
N CYS C 22 21.29 12.44 -82.65
CA CYS C 22 21.96 11.38 -81.91
C CYS C 22 20.91 10.58 -81.16
N THR C 23 20.71 9.33 -81.57
CA THR C 23 19.75 8.44 -80.95
C THR C 23 20.46 7.45 -80.04
N PHE C 24 19.99 7.32 -78.81
CA PHE C 24 20.62 6.45 -77.84
C PHE C 24 19.62 5.44 -77.33
N SER C 25 20.14 4.39 -76.69
CA SER C 25 19.30 3.35 -76.12
C SER C 25 20.01 2.76 -74.92
N GLY C 26 19.23 2.44 -73.88
CA GLY C 26 19.77 1.88 -72.65
C GLY C 26 19.71 2.85 -71.47
N PHE C 27 19.73 4.14 -71.73
CA PHE C 27 19.67 5.15 -70.68
C PHE C 27 18.84 6.33 -71.15
N SER C 28 18.52 7.23 -70.23
CA SER C 28 17.78 8.44 -70.56
C SER C 28 18.48 9.66 -69.97
N LEU C 29 17.87 10.82 -70.21
CA LEU C 29 18.33 12.10 -69.69
C LEU C 29 17.43 12.62 -68.58
N SER C 30 16.90 11.73 -67.76
CA SER C 30 15.98 12.09 -66.69
C SER C 30 16.58 11.99 -65.30
N THR C 31 17.57 11.12 -65.11
CA THR C 31 18.19 10.96 -63.80
C THR C 31 19.15 12.11 -63.52
N GLY C 32 19.41 12.34 -62.25
CA GLY C 32 20.29 13.44 -61.89
C GLY C 32 21.73 13.18 -62.27
N GLY C 33 22.45 14.27 -62.52
CA GLY C 33 23.86 14.23 -62.88
C GLY C 33 24.14 13.90 -64.33
N VAL C 34 23.30 13.07 -64.95
CA VAL C 34 23.56 12.62 -66.32
C VAL C 34 23.34 13.76 -67.29
N SER C 35 24.23 13.86 -68.28
CA SER C 35 24.09 14.85 -69.34
C SER C 35 24.69 14.25 -70.60
N VAL C 36 24.49 14.94 -71.71
CA VAL C 36 25.01 14.49 -73.00
C VAL C 36 25.54 15.71 -73.75
N GLY C 37 26.76 15.58 -74.26
CA GLY C 37 27.40 16.67 -74.97
C GLY C 37 27.89 16.20 -76.33
N TRP C 38 28.33 17.17 -77.11
CA TRP C 38 28.86 16.89 -78.44
C TRP C 38 30.32 17.32 -78.47
N ILE C 39 31.09 16.63 -79.30
CA ILE C 39 32.51 16.85 -79.43
C ILE C 39 32.82 16.63 -80.90
N ARG C 40 33.77 17.39 -81.43
CA ARG C 40 34.20 17.17 -82.79
C ARG C 40 35.71 16.97 -82.81
N GLN C 41 36.17 16.35 -83.87
CA GLN C 41 37.59 16.14 -84.07
C GLN C 41 37.87 16.26 -85.56
N PRO C 42 38.61 17.26 -85.99
CA PRO C 42 38.99 17.34 -87.40
C PRO C 42 39.89 16.18 -87.79
N PRO C 43 39.97 15.85 -89.07
CA PRO C 43 40.75 14.68 -89.50
C PRO C 43 42.22 14.83 -89.13
N GLY C 44 42.70 13.88 -88.32
CA GLY C 44 44.08 13.89 -87.92
C GLY C 44 44.42 14.93 -86.89
N LYS C 45 43.41 15.52 -86.25
CA LYS C 45 43.62 16.56 -85.25
C LYS C 45 43.08 16.09 -83.91
N ALA C 46 43.15 16.98 -82.93
CA ALA C 46 42.74 16.72 -81.57
C ALA C 46 41.25 17.00 -81.41
N LEU C 47 40.68 16.51 -80.31
CA LEU C 47 39.27 16.77 -80.07
C LEU C 47 39.07 18.23 -79.67
N GLU C 48 37.79 18.62 -79.57
CA GLU C 48 37.39 19.94 -79.08
C GLU C 48 35.98 19.82 -78.56
N TRP C 49 35.61 20.75 -77.68
CA TRP C 49 34.26 20.78 -77.16
C TRP C 49 33.33 21.54 -78.10
N LEU C 50 32.02 21.29 -77.94
CA LEU C 50 31.02 21.97 -78.75
C LEU C 50 29.92 22.55 -77.89
N ALA C 51 29.20 21.69 -77.16
CA ALA C 51 28.12 22.14 -76.29
C ALA C 51 27.84 21.07 -75.26
N LEU C 52 26.90 21.36 -74.36
CA LEU C 52 26.45 20.38 -73.38
C LEU C 52 25.04 20.73 -72.93
N ILE C 53 24.19 19.71 -72.80
CA ILE C 53 22.81 19.88 -72.37
C ILE C 53 22.57 18.99 -71.16
N TYR C 54 22.37 19.59 -69.99
CA TYR C 54 22.16 18.80 -68.79
C TYR C 54 20.79 18.13 -68.83
N TRP C 55 20.51 17.33 -67.82
CA TRP C 55 19.25 16.58 -67.79
C TRP C 55 18.10 17.45 -67.30
N ASP C 56 18.41 18.54 -66.63
CA ASP C 56 17.45 19.50 -66.09
C ASP C 56 17.15 20.62 -67.06
N ASP C 57 17.69 20.54 -68.29
CA ASP C 57 17.51 21.52 -69.35
C ASP C 57 18.38 22.74 -69.05
N ASP C 58 19.46 22.53 -68.30
CA ASP C 58 20.52 23.51 -68.16
C ASP C 58 21.55 23.22 -69.23
N LYS C 59 21.78 24.19 -70.11
CA LYS C 59 22.55 23.97 -71.33
C LYS C 59 23.89 24.70 -71.26
N ARG C 60 24.87 24.14 -71.96
CA ARG C 60 26.21 24.70 -72.02
C ARG C 60 26.69 24.63 -73.45
N TYR C 61 27.43 25.65 -73.87
CA TYR C 61 27.99 25.72 -75.21
C TYR C 61 29.48 26.02 -75.11
N SER C 62 30.19 25.86 -76.22
CA SER C 62 31.58 26.20 -76.24
C SER C 62 31.74 27.72 -76.21
N PRO C 63 32.68 28.24 -75.42
CA PRO C 63 32.79 29.70 -75.28
C PRO C 63 33.05 30.42 -76.59
N SER C 64 34.02 29.96 -77.38
CA SER C 64 34.44 30.68 -78.58
C SER C 64 33.33 30.75 -79.62
N LEU C 65 32.57 29.67 -79.80
CA LEU C 65 31.60 29.55 -80.87
C LEU C 65 30.16 29.49 -80.38
N GLU C 66 29.87 30.16 -79.26
CA GLU C 66 28.52 30.17 -78.70
C GLU C 66 27.64 31.16 -79.47
N SER C 67 26.46 31.45 -78.92
CA SER C 67 25.45 32.32 -79.52
C SER C 67 24.96 31.77 -80.85
N ARG C 68 25.01 30.46 -80.97
CA ARG C 68 24.56 29.70 -82.14
C ARG C 68 24.49 28.25 -81.71
N LEU C 69 24.32 27.36 -82.69
CA LEU C 69 24.25 25.91 -82.49
C LEU C 69 23.42 25.54 -81.26
N THR C 70 22.19 26.04 -81.24
CA THR C 70 21.28 25.73 -80.14
C THR C 70 21.05 24.21 -80.08
N ILE C 71 21.57 23.57 -79.05
CA ILE C 71 21.41 22.13 -78.88
C ILE C 71 20.13 21.86 -78.10
N THR C 72 19.20 21.19 -78.73
CA THR C 72 17.95 20.80 -78.10
C THR C 72 17.97 19.28 -77.98
N LYS C 73 16.94 18.71 -77.36
CA LYS C 73 16.90 17.27 -77.17
C LYS C 73 15.48 16.84 -76.91
N ASP C 74 15.27 15.52 -76.98
CA ASP C 74 13.97 14.95 -76.65
C ASP C 74 14.22 13.58 -76.04
N THR C 75 14.01 13.47 -74.73
CA THR C 75 14.33 12.25 -73.99
C THR C 75 13.22 11.23 -74.12
N SER C 76 12.10 11.59 -74.76
CA SER C 76 10.98 10.68 -74.94
C SER C 76 11.31 9.63 -76.00
N LYS C 77 11.81 10.08 -77.15
CA LYS C 77 12.25 9.18 -78.21
C LYS C 77 13.75 8.96 -78.14
N ASN C 78 14.38 9.41 -77.05
CA ASN C 78 15.82 9.29 -76.82
C ASN C 78 16.62 9.86 -78.00
N LEU C 79 16.47 11.17 -78.17
CA LEU C 79 17.18 11.87 -79.24
C LEU C 79 17.69 13.21 -78.74
N VAL C 80 18.93 13.54 -79.11
CA VAL C 80 19.50 14.84 -78.84
C VAL C 80 19.83 15.42 -80.20
N VAL C 81 19.66 16.73 -80.36
CA VAL C 81 19.90 17.34 -81.66
C VAL C 81 20.81 18.55 -81.49
N LEU C 82 21.87 18.60 -82.28
CA LEU C 82 22.73 19.76 -82.35
C LEU C 82 22.68 20.26 -83.79
N THR C 83 22.53 21.56 -83.96
CA THR C 83 22.41 22.17 -85.28
C THR C 83 23.29 23.41 -85.30
N LEU C 84 24.28 23.46 -86.18
CA LEU C 84 25.21 24.58 -86.27
C LEU C 84 25.18 25.15 -87.68
N THR C 85 24.87 26.45 -87.76
CA THR C 85 24.70 27.21 -88.98
C THR C 85 26.02 27.84 -89.42
N ASN C 86 25.95 28.60 -90.52
CA ASN C 86 27.09 29.33 -91.07
C ASN C 86 28.28 28.40 -91.31
N MET C 87 28.09 27.52 -92.29
CA MET C 87 29.14 26.58 -92.67
C MET C 87 30.36 27.31 -93.21
N ASP C 88 31.52 26.93 -92.69
CA ASP C 88 32.82 27.38 -93.15
C ASP C 88 33.62 26.14 -93.55
N PRO C 89 34.59 26.27 -94.46
CA PRO C 89 35.48 25.13 -94.76
C PRO C 89 36.26 24.60 -93.56
N VAL C 90 36.30 25.33 -92.45
CA VAL C 90 36.94 24.80 -91.24
C VAL C 90 36.07 23.71 -90.61
N ASP C 91 34.77 23.76 -90.84
CA ASP C 91 33.81 22.89 -90.16
C ASP C 91 33.81 21.45 -90.67
N THR C 92 34.79 21.07 -91.48
CA THR C 92 34.86 19.70 -92.00
C THR C 92 35.57 18.84 -90.95
N ALA C 93 34.79 18.09 -90.17
CA ALA C 93 35.38 17.28 -89.11
C ALA C 93 34.42 16.17 -88.70
N THR C 94 34.92 15.28 -87.85
CA THR C 94 34.13 14.21 -87.25
C THR C 94 33.31 14.78 -86.11
N TYR C 95 32.21 14.10 -85.78
CA TYR C 95 31.33 14.61 -84.74
C TYR C 95 30.82 13.46 -83.90
N TYR C 96 30.96 13.58 -82.58
CA TYR C 96 30.50 12.54 -81.66
C TYR C 96 29.57 13.13 -80.62
N CYS C 97 28.61 12.30 -80.23
CA CYS C 97 27.60 12.64 -79.23
C CYS C 97 27.81 11.65 -78.09
N ALA C 98 28.41 12.13 -77.00
CA ALA C 98 28.72 11.27 -75.87
C ALA C 98 27.95 11.70 -74.63
N HIS C 99 27.64 10.71 -73.78
CA HIS C 99 26.93 10.98 -72.54
C HIS C 99 27.98 11.33 -71.50
N LYS C 100 27.77 12.43 -70.80
CA LYS C 100 28.72 12.94 -69.81
C LYS C 100 28.21 12.79 -68.39
N THR C 101 29.02 12.20 -67.52
CA THR C 101 28.83 12.26 -66.08
C THR C 101 29.86 13.20 -65.45
N ILE C 102 29.62 13.53 -64.19
CA ILE C 102 30.47 14.48 -63.47
C ILE C 102 31.89 13.95 -63.25
N PRO C 103 32.12 12.71 -62.72
CA PRO C 103 33.52 12.27 -62.60
C PRO C 103 34.05 11.58 -63.84
N THR C 104 33.22 10.69 -64.39
CA THR C 104 33.55 9.90 -65.58
C THR C 104 33.19 10.67 -66.84
N ILE C 105 34.04 11.64 -67.19
CA ILE C 105 33.78 12.51 -68.33
C ILE C 105 33.70 11.68 -69.60
N PHE C 106 32.58 11.81 -70.32
CA PHE C 106 32.37 11.14 -71.60
C PHE C 106 32.59 9.62 -71.50
N ASP C 107 31.71 8.98 -70.74
CA ASP C 107 31.81 7.53 -70.56
C ASP C 107 31.10 6.73 -71.63
N TYR C 108 30.20 7.34 -72.39
CA TYR C 108 29.46 6.65 -73.45
C TYR C 108 29.53 7.49 -74.71
N TRP C 109 30.42 7.13 -75.63
CA TRP C 109 30.60 7.84 -76.89
C TRP C 109 29.82 7.14 -78.00
N GLY C 110 29.55 7.88 -79.07
CA GLY C 110 28.84 7.35 -80.20
C GLY C 110 29.73 6.82 -81.30
N GLN C 111 29.27 6.98 -82.54
CA GLN C 111 29.97 6.54 -83.74
C GLN C 111 30.79 7.65 -84.41
N GLY C 112 30.12 8.76 -84.74
CA GLY C 112 30.76 9.88 -85.41
C GLY C 112 30.48 9.93 -86.90
N THR C 113 30.18 11.13 -87.41
CA THR C 113 29.86 11.33 -88.81
C THR C 113 30.80 12.34 -89.45
N LEU C 114 31.43 11.93 -90.56
CA LEU C 114 32.31 12.78 -91.34
C LEU C 114 31.52 13.71 -92.24
N VAL C 115 31.81 15.01 -92.20
CA VAL C 115 31.10 16.01 -92.98
C VAL C 115 32.11 16.87 -93.75
N THR C 116 31.77 17.18 -94.99
CA THR C 116 32.62 17.95 -95.90
C THR C 116 31.97 19.28 -96.21
N VAL C 117 32.81 20.31 -96.38
CA VAL C 117 32.35 21.67 -96.68
C VAL C 117 33.09 22.11 -97.94
N SER C 118 32.46 21.97 -99.10
CA SER C 118 33.03 22.36 -100.37
C SER C 118 31.95 22.23 -101.44
N SER C 119 32.25 22.77 -102.62
CA SER C 119 31.36 22.62 -103.77
C SER C 119 31.43 21.21 -104.34
N SER D 2 47.90 24.71 -75.54
CA SER D 2 48.11 25.79 -74.58
C SER D 2 47.50 25.45 -73.23
N ALA D 3 46.32 24.84 -73.26
CA ALA D 3 45.62 24.48 -72.04
C ALA D 3 46.14 23.16 -71.47
N LEU D 4 46.19 22.12 -72.29
CA LEU D 4 46.90 20.90 -71.94
C LEU D 4 48.05 20.70 -72.92
N THR D 5 48.78 19.60 -72.77
CA THR D 5 49.93 19.36 -73.63
C THR D 5 50.25 17.87 -73.63
N GLN D 6 50.45 17.30 -74.82
CA GLN D 6 50.77 15.90 -74.91
C GLN D 6 51.96 15.70 -75.84
N PRO D 7 52.84 14.74 -75.55
CA PRO D 7 53.98 14.48 -76.43
C PRO D 7 53.57 13.86 -77.76
N ALA D 8 54.50 13.97 -78.73
CA ALA D 8 54.23 13.47 -80.07
C ALA D 8 54.08 11.96 -80.06
N SER D 9 55.12 11.24 -79.65
CA SER D 9 55.09 9.79 -79.67
C SER D 9 56.18 9.21 -78.78
N VAL D 10 56.03 7.92 -78.47
CA VAL D 10 57.00 7.14 -77.72
C VAL D 10 57.01 5.75 -78.37
N SER D 11 58.15 5.07 -78.30
CA SER D 11 58.26 3.72 -78.87
C SER D 11 59.06 2.83 -77.92
N GLY D 12 58.37 1.91 -77.27
CA GLY D 12 58.97 0.97 -76.33
C GLY D 12 58.97 -0.45 -76.86
N SER D 13 60.06 -1.16 -76.62
CA SER D 13 60.19 -2.54 -77.07
C SER D 13 59.11 -3.42 -76.45
N PRO D 14 58.63 -4.43 -77.18
CA PRO D 14 57.47 -5.19 -76.71
C PRO D 14 57.81 -6.05 -75.51
N GLY D 15 57.04 -5.88 -74.43
CA GLY D 15 57.24 -6.61 -73.19
C GLY D 15 57.84 -5.79 -72.07
N GLN D 16 58.06 -4.50 -72.28
CA GLN D 16 58.65 -3.61 -71.27
C GLN D 16 57.58 -2.61 -70.83
N SER D 17 57.98 -1.68 -69.98
CA SER D 17 57.07 -0.67 -69.46
C SER D 17 57.37 0.69 -70.08
N ILE D 18 56.36 1.55 -70.03
CA ILE D 18 56.43 2.92 -70.58
C ILE D 18 55.43 3.77 -69.82
N THR D 19 55.81 5.01 -69.56
CA THR D 19 54.95 5.98 -68.90
C THR D 19 54.73 7.14 -69.85
N ILE D 20 53.52 7.70 -69.84
CA ILE D 20 53.19 8.84 -70.70
C ILE D 20 52.70 9.97 -69.81
N SER D 21 53.08 11.20 -70.17
CA SER D 21 52.75 12.39 -69.43
C SER D 21 51.79 13.27 -70.21
N CYS D 22 50.84 13.87 -69.51
CA CYS D 22 49.91 14.84 -70.08
C CYS D 22 50.08 16.14 -69.32
N THR D 23 51.17 16.84 -69.60
CA THR D 23 51.43 18.08 -68.90
C THR D 23 50.37 19.10 -69.29
N ALA D 24 49.93 19.89 -68.31
CA ALA D 24 48.95 20.91 -68.65
C ALA D 24 49.59 22.09 -69.35
N THR D 25 50.76 22.53 -68.88
CA THR D 25 51.44 23.70 -69.42
C THR D 25 50.47 24.87 -69.51
N SER D 26 49.69 25.04 -68.45
CA SER D 26 48.75 26.12 -68.31
C SER D 26 48.37 26.20 -66.84
N SER D 27 48.49 27.39 -66.27
CA SER D 27 48.16 27.63 -64.88
C SER D 27 46.64 27.70 -64.70
N ASP D 28 46.21 27.42 -63.48
CA ASP D 28 44.81 27.52 -63.08
C ASP D 28 43.91 26.68 -63.99
N VAL D 29 44.14 25.37 -63.96
CA VAL D 29 43.21 24.38 -64.51
C VAL D 29 42.23 23.98 -63.40
N GLY D 30 42.27 24.69 -62.28
CA GLY D 30 41.41 24.38 -61.16
C GLY D 30 42.12 23.61 -60.06
N ALA D 31 41.45 22.61 -59.48
CA ALA D 31 42.06 21.80 -58.44
C ALA D 31 42.88 20.65 -58.99
N TYR D 32 42.74 20.34 -60.27
CA TYR D 32 43.46 19.27 -60.95
C TYR D 32 43.41 17.96 -60.16
N GLN D 33 42.19 17.48 -59.97
CA GLN D 33 41.92 16.30 -59.16
C GLN D 33 41.36 15.16 -59.99
N TYR D 34 40.52 15.49 -60.97
CA TYR D 34 39.94 14.53 -61.90
C TYR D 34 40.71 14.71 -63.20
N VAL D 35 41.47 13.68 -63.60
CA VAL D 35 42.24 13.74 -64.83
C VAL D 35 42.06 12.41 -65.53
N SER D 36 41.33 12.41 -66.65
CA SER D 36 41.03 11.21 -67.41
C SER D 36 41.90 11.10 -68.66
N TRP D 37 42.10 9.86 -69.08
CA TRP D 37 42.84 9.49 -70.27
C TRP D 37 41.91 8.69 -71.14
N TYR D 38 41.97 8.93 -72.44
CA TYR D 38 41.12 8.23 -73.39
C TYR D 38 41.99 7.57 -74.45
N GLN D 39 41.55 6.39 -74.85
CA GLN D 39 42.20 5.60 -75.87
C GLN D 39 41.49 5.81 -77.20
N GLN D 40 42.22 6.40 -78.15
CA GLN D 40 41.74 6.67 -79.50
C GLN D 40 42.26 5.58 -80.41
N TYR D 41 41.34 4.87 -81.06
CA TYR D 41 41.70 3.80 -81.95
C TYR D 41 42.06 4.39 -83.31
N PRO D 42 42.64 3.59 -84.23
CA PRO D 42 42.92 4.14 -85.56
C PRO D 42 41.68 4.30 -86.43
N GLY D 43 40.86 5.31 -86.15
CA GLY D 43 39.67 5.55 -86.94
C GLY D 43 38.48 4.79 -86.41
N LYS D 44 38.27 4.83 -85.10
CA LYS D 44 37.18 4.15 -84.43
C LYS D 44 36.71 5.04 -83.29
N ALA D 45 35.58 4.69 -82.70
CA ALA D 45 35.04 5.50 -81.62
C ALA D 45 35.91 5.35 -80.38
N PRO D 46 36.35 6.44 -79.76
CA PRO D 46 37.20 6.34 -78.58
C PRO D 46 36.57 5.54 -77.46
N LYS D 47 37.39 4.76 -76.77
CA LYS D 47 36.97 3.95 -75.64
C LYS D 47 37.63 4.51 -74.39
N LEU D 48 36.86 4.64 -73.31
CA LEU D 48 37.44 5.16 -72.08
C LEU D 48 38.46 4.15 -71.55
N MET D 49 39.69 4.61 -71.35
CA MET D 49 40.70 3.71 -70.81
C MET D 49 40.86 3.89 -69.31
N ILE D 50 41.16 5.10 -68.85
CA ILE D 50 41.20 5.40 -67.43
C ILE D 50 40.62 6.79 -67.17
N TYR D 51 40.00 6.91 -66.00
CA TYR D 51 39.48 8.16 -65.47
C TYR D 51 39.92 8.17 -64.01
N GLU D 52 39.92 9.34 -63.37
CA GLU D 52 40.39 9.41 -61.99
C GLU D 52 41.80 8.83 -61.96
N VAL D 53 42.70 9.50 -62.70
CA VAL D 53 44.07 9.10 -63.01
C VAL D 53 44.59 7.92 -62.17
N SER D 54 44.56 8.00 -60.84
CA SER D 54 45.14 6.86 -60.15
C SER D 54 44.20 5.65 -60.16
N LYS D 55 42.94 5.85 -60.53
CA LYS D 55 41.94 4.81 -60.71
C LYS D 55 42.02 4.25 -62.13
N ARG D 56 41.24 3.20 -62.36
CA ARG D 56 41.12 2.57 -63.66
C ARG D 56 39.80 1.81 -63.65
N PRO D 57 38.99 1.92 -64.69
CA PRO D 57 37.70 1.22 -64.70
C PRO D 57 37.86 -0.28 -64.94
N SER D 58 37.11 -1.05 -64.15
CA SER D 58 37.12 -2.50 -64.27
C SER D 58 36.55 -2.92 -65.62
N GLY D 59 37.31 -3.73 -66.36
CA GLY D 59 36.88 -4.18 -67.67
C GLY D 59 38.01 -4.13 -68.67
N VAL D 60 39.10 -3.49 -68.27
CA VAL D 60 40.29 -3.34 -69.12
C VAL D 60 41.46 -4.07 -68.49
N SER D 61 42.62 -4.02 -69.15
CA SER D 61 43.79 -4.76 -68.74
C SER D 61 44.34 -4.24 -67.42
N ASN D 62 45.44 -4.85 -66.97
CA ASN D 62 46.08 -4.49 -65.72
C ASN D 62 47.43 -3.80 -65.95
N ARG D 63 47.67 -3.27 -67.14
CA ARG D 63 48.95 -2.61 -67.40
C ARG D 63 48.86 -1.10 -67.32
N PHE D 64 47.73 -0.51 -67.71
CA PHE D 64 47.59 0.94 -67.59
C PHE D 64 47.48 1.34 -66.12
N SER D 65 48.22 2.38 -65.74
CA SER D 65 48.20 2.90 -64.39
C SER D 65 48.60 4.37 -64.41
N GLY D 66 47.80 5.22 -63.79
CA GLY D 66 48.10 6.64 -63.74
C GLY D 66 48.83 7.07 -62.48
N SER D 67 49.37 8.28 -62.55
CA SER D 67 50.09 8.92 -61.46
C SER D 67 50.09 10.42 -61.73
N LYS D 68 50.57 11.21 -60.77
CA LYS D 68 50.58 12.65 -60.93
C LYS D 68 51.84 13.23 -60.31
N SER D 69 52.75 13.70 -61.16
CA SER D 69 53.97 14.37 -60.71
C SER D 69 53.83 15.88 -60.63
N GLY D 70 52.60 16.40 -60.66
CA GLY D 70 52.37 17.83 -60.63
C GLY D 70 52.16 18.44 -62.00
N ASN D 71 50.92 18.85 -62.28
CA ASN D 71 50.46 19.53 -63.50
C ASN D 71 50.37 18.54 -64.66
N THR D 72 50.87 17.32 -64.51
CA THR D 72 50.78 16.28 -65.51
C THR D 72 50.30 14.99 -64.85
N ALA D 73 50.01 14.00 -65.68
CA ALA D 73 49.58 12.69 -65.20
C ALA D 73 50.44 11.63 -65.87
N SER D 74 51.35 11.03 -65.11
CA SER D 74 52.23 10.02 -65.69
C SER D 74 51.51 8.68 -65.70
N LEU D 75 50.83 8.42 -66.81
CA LEU D 75 50.15 7.15 -67.04
C LEU D 75 51.17 6.08 -67.44
N THR D 76 51.20 4.96 -66.71
CA THR D 76 52.19 3.93 -66.95
C THR D 76 51.52 2.71 -67.58
N ILE D 77 52.30 1.97 -68.38
CA ILE D 77 51.83 0.79 -69.10
C ILE D 77 52.94 -0.26 -69.01
N SER D 78 52.67 -1.38 -68.32
CA SER D 78 53.64 -2.45 -68.18
C SER D 78 53.38 -3.60 -69.14
N GLY D 79 54.45 -4.35 -69.44
CA GLY D 79 54.38 -5.49 -70.34
C GLY D 79 53.85 -5.20 -71.72
N LEU D 80 54.47 -4.24 -72.41
CA LEU D 80 53.95 -3.77 -73.69
C LEU D 80 53.83 -4.90 -74.71
N GLN D 81 52.64 -5.04 -75.28
CA GLN D 81 52.34 -6.02 -76.31
C GLN D 81 51.99 -5.26 -77.59
N ALA D 82 52.14 -5.95 -78.73
CA ALA D 82 51.87 -5.32 -80.02
C ALA D 82 50.44 -4.81 -80.14
N GLU D 83 49.51 -5.31 -79.32
CA GLU D 83 48.13 -4.83 -79.38
C GLU D 83 47.96 -3.37 -78.94
N ASP D 84 48.95 -2.78 -78.29
CA ASP D 84 48.78 -1.47 -77.67
C ASP D 84 48.95 -0.30 -78.64
N ASP D 85 49.29 -0.55 -79.89
CA ASP D 85 49.42 0.50 -80.90
C ASP D 85 48.12 1.26 -81.18
N ALA D 86 48.05 2.53 -80.78
CA ALA D 86 46.81 3.30 -80.89
C ALA D 86 47.13 4.77 -80.58
N TYR D 87 46.10 5.61 -80.64
CA TYR D 87 46.19 7.01 -80.30
C TYR D 87 45.68 7.25 -78.88
N TYR D 88 46.20 8.28 -78.22
CA TYR D 88 45.82 8.56 -76.83
C TYR D 88 45.64 10.04 -76.56
N TYR D 89 44.63 10.35 -75.74
CA TYR D 89 44.26 11.71 -75.37
C TYR D 89 44.01 11.77 -73.88
N CYS D 90 44.20 12.94 -73.30
CA CYS D 90 43.92 13.21 -71.90
C CYS D 90 42.87 14.30 -71.78
N ASN D 91 42.20 14.32 -70.63
CA ASN D 91 41.01 15.15 -70.45
C ASN D 91 40.85 15.48 -68.98
N SER D 92 40.75 16.78 -68.66
CA SER D 92 40.58 17.24 -67.29
C SER D 92 39.98 18.64 -67.31
N TYR D 93 38.97 18.86 -66.47
CA TYR D 93 38.28 20.15 -66.42
C TYR D 93 39.22 21.26 -66.00
N THR D 94 39.00 22.45 -66.57
CA THR D 94 39.65 23.64 -66.07
C THR D 94 38.63 24.35 -65.19
N THR D 95 38.91 25.61 -64.84
CA THR D 95 37.98 26.35 -63.99
C THR D 95 36.65 26.60 -64.70
N SER D 96 36.68 26.88 -65.99
CA SER D 96 35.46 27.19 -66.74
C SER D 96 34.88 26.02 -67.54
N SER D 97 35.70 25.10 -68.05
CA SER D 97 35.13 24.06 -68.90
C SER D 97 36.14 22.95 -69.11
N VAL D 98 35.61 21.75 -69.36
CA VAL D 98 36.44 20.59 -69.66
C VAL D 98 37.40 20.93 -70.81
N VAL D 99 38.66 20.53 -70.66
CA VAL D 99 39.67 20.74 -71.68
C VAL D 99 40.30 19.40 -72.06
N PHE D 100 40.88 19.37 -73.26
CA PHE D 100 41.47 18.18 -73.86
C PHE D 100 42.96 18.37 -74.09
N GLY D 101 43.63 17.25 -74.36
CA GLY D 101 45.04 17.26 -74.70
C GLY D 101 45.31 17.42 -76.18
N GLY D 102 46.57 17.77 -76.48
CA GLY D 102 47.06 17.95 -77.83
C GLY D 102 47.17 16.67 -78.64
N GLY D 103 46.89 15.52 -78.04
CA GLY D 103 46.95 14.21 -78.69
C GLY D 103 48.28 13.52 -78.47
N THR D 104 48.23 12.20 -78.44
CA THR D 104 49.43 11.37 -78.32
C THR D 104 49.29 10.12 -79.15
N LYS D 105 50.41 9.69 -79.72
CA LYS D 105 50.49 8.50 -80.53
C LYS D 105 51.31 7.47 -79.79
N LEU D 106 50.82 6.23 -79.75
CA LEU D 106 51.51 5.13 -79.11
C LEU D 106 51.68 4.03 -80.15
N THR D 107 52.92 3.79 -80.54
CA THR D 107 53.28 2.74 -81.48
C THR D 107 54.19 1.75 -80.78
N VAL D 108 53.85 0.47 -80.88
CA VAL D 108 54.54 -0.58 -80.16
C VAL D 108 55.64 -1.11 -81.07
N LEU D 109 56.87 -1.08 -80.59
CA LEU D 109 58.01 -1.54 -81.38
C LEU D 109 59.07 -2.21 -80.50
N GLU E 1 44.45 28.18 -44.97
CA GLU E 1 45.49 29.20 -45.07
C GLU E 1 46.27 29.10 -46.37
N ILE E 2 45.77 29.80 -47.38
CA ILE E 2 46.42 29.84 -48.68
C ILE E 2 47.44 30.97 -48.64
N VAL E 3 48.69 30.68 -48.97
CA VAL E 3 49.75 31.67 -48.85
C VAL E 3 49.88 32.40 -50.17
N MET E 4 49.75 33.72 -50.11
CA MET E 4 49.86 34.58 -51.27
C MET E 4 51.22 35.25 -51.26
N THR E 5 51.80 35.40 -52.45
CA THR E 5 53.10 36.03 -52.58
C THR E 5 52.95 37.12 -53.63
N GLN E 6 53.18 38.36 -53.22
CA GLN E 6 53.03 39.50 -54.11
C GLN E 6 54.40 39.84 -54.71
N SER E 7 54.37 40.60 -55.81
CA SER E 7 55.62 40.94 -56.48
C SER E 7 55.37 42.10 -57.43
N PRO E 8 56.35 42.99 -57.60
CA PRO E 8 57.54 43.04 -56.74
C PRO E 8 57.22 43.61 -55.36
N ALA E 9 58.24 43.75 -54.50
CA ALA E 9 57.99 44.38 -53.20
C ALA E 9 57.78 45.87 -53.37
N THR E 10 58.63 46.51 -54.17
CA THR E 10 58.56 47.93 -54.42
C THR E 10 58.60 48.14 -55.93
N LEU E 11 58.15 49.30 -56.39
CA LEU E 11 58.10 49.56 -57.83
C LEU E 11 58.06 51.06 -58.09
N SER E 12 58.96 51.55 -58.94
CA SER E 12 59.01 52.96 -59.32
C SER E 12 59.03 53.05 -60.84
N VAL E 13 57.91 53.48 -61.42
CA VAL E 13 57.75 53.57 -62.87
C VAL E 13 57.40 55.01 -63.23
N SER E 14 57.90 55.45 -64.39
CA SER E 14 57.60 56.79 -64.88
C SER E 14 56.08 56.98 -65.02
N PRO E 15 55.58 58.20 -64.84
CA PRO E 15 54.13 58.43 -64.96
C PRO E 15 53.60 58.10 -66.34
N GLY E 16 52.36 57.63 -66.38
CA GLY E 16 51.62 57.49 -67.62
C GLY E 16 51.73 56.14 -68.31
N GLU E 17 52.55 55.23 -67.82
CA GLU E 17 52.75 53.96 -68.48
C GLU E 17 52.02 52.87 -67.70
N ARG E 18 52.15 51.63 -68.15
CA ARG E 18 51.52 50.53 -67.44
C ARG E 18 52.45 49.92 -66.40
N ALA E 19 51.83 49.27 -65.41
CA ALA E 19 52.54 48.48 -64.42
C ALA E 19 51.71 47.24 -64.13
N THR E 20 52.39 46.11 -63.98
CA THR E 20 51.71 44.83 -63.83
C THR E 20 52.32 44.14 -62.62
N LEU E 21 51.49 43.82 -61.64
CA LEU E 21 51.95 43.15 -60.43
C LEU E 21 51.15 41.88 -60.22
N SER E 22 51.85 40.77 -60.00
CA SER E 22 51.26 39.46 -59.83
C SER E 22 51.35 39.04 -58.37
N CYS E 23 50.30 38.38 -57.90
CA CYS E 23 50.32 37.76 -56.57
C CYS E 23 49.83 36.33 -56.71
N ARG E 24 50.60 35.40 -56.15
CA ARG E 24 50.47 33.98 -56.41
C ARG E 24 49.98 33.26 -55.17
N ALA E 25 48.94 32.44 -55.33
CA ALA E 25 48.38 31.66 -54.25
C ALA E 25 48.99 30.26 -54.24
N SER E 26 48.70 29.54 -53.15
CA SER E 26 49.19 28.17 -53.00
C SER E 26 48.11 27.11 -53.08
N GLN E 27 46.83 27.48 -53.10
CA GLN E 27 45.74 26.53 -53.22
C GLN E 27 44.69 27.12 -54.15
N SER E 28 43.50 26.51 -54.18
CA SER E 28 42.44 26.97 -55.08
C SER E 28 41.74 28.17 -54.47
N VAL E 29 41.92 29.33 -55.11
CA VAL E 29 41.27 30.57 -54.75
C VAL E 29 40.27 31.00 -55.82
N SER E 30 39.94 30.09 -56.74
CA SER E 30 39.05 30.31 -57.89
C SER E 30 38.82 31.79 -58.21
N SER E 31 37.71 32.37 -57.76
CA SER E 31 37.45 33.77 -58.03
C SER E 31 37.27 34.58 -56.75
N ASP E 32 37.81 34.10 -55.63
CA ASP E 32 37.67 34.78 -54.35
C ASP E 32 38.89 35.65 -54.10
N LEU E 33 38.79 36.93 -54.40
CA LEU E 33 39.91 37.83 -54.19
C LEU E 33 39.39 39.25 -54.02
N ALA E 34 40.32 40.16 -53.75
CA ALA E 34 40.09 41.59 -53.76
C ALA E 34 41.45 42.26 -53.70
N TRP E 35 41.48 43.55 -54.03
CA TRP E 35 42.72 44.31 -54.00
C TRP E 35 42.50 45.60 -53.24
N TYR E 36 43.39 45.87 -52.29
CA TYR E 36 43.29 47.06 -51.47
C TYR E 36 44.52 47.91 -51.70
N GLN E 37 44.32 49.20 -51.85
CA GLN E 37 45.43 50.14 -51.96
C GLN E 37 45.37 51.04 -50.75
N GLN E 38 46.27 50.82 -49.80
CA GLN E 38 46.27 51.55 -48.53
C GLN E 38 47.34 52.64 -48.63
N LYS E 39 46.94 53.78 -49.18
CA LYS E 39 47.87 54.90 -49.25
C LYS E 39 48.37 55.24 -47.85
N PRO E 40 49.67 55.51 -47.69
CA PRO E 40 50.24 55.58 -46.34
C PRO E 40 49.66 56.69 -45.50
N GLY E 41 48.96 56.33 -44.43
CA GLY E 41 48.45 57.32 -43.52
C GLY E 41 46.99 57.17 -43.11
N GLN E 42 46.28 56.22 -43.71
CA GLN E 42 44.87 56.05 -43.38
C GLN E 42 44.45 54.62 -43.69
N ALA E 43 43.15 54.36 -43.59
CA ALA E 43 42.62 53.03 -43.76
C ALA E 43 42.79 52.56 -45.20
N PRO E 44 42.76 51.25 -45.45
CA PRO E 44 42.91 50.74 -46.81
C PRO E 44 41.71 51.12 -47.67
N ARG E 45 41.87 50.91 -48.98
CA ARG E 45 40.81 51.19 -49.93
C ARG E 45 40.72 50.03 -50.91
N LEU E 46 39.51 49.50 -51.09
CA LEU E 46 39.31 48.37 -51.98
C LEU E 46 39.36 48.87 -53.42
N LEU E 47 40.13 48.17 -54.27
CA LEU E 47 40.20 48.56 -55.67
C LEU E 47 39.41 47.61 -56.56
N ILE E 48 39.71 46.32 -56.49
CA ILE E 48 39.15 45.33 -57.40
C ILE E 48 38.85 44.08 -56.59
N TYR E 49 37.60 43.63 -56.62
CA TYR E 49 37.19 42.48 -55.82
C TYR E 49 36.89 41.29 -56.74
N GLY E 50 36.49 40.18 -56.12
CA GLY E 50 36.25 38.95 -56.85
C GLY E 50 37.44 38.55 -57.68
N ALA E 51 37.22 38.37 -58.99
CA ALA E 51 38.31 38.00 -59.89
C ALA E 51 38.92 39.25 -60.52
N SER E 52 38.08 40.11 -61.10
CA SER E 52 38.58 41.31 -61.76
C SER E 52 37.60 42.47 -61.66
N THR E 53 36.53 42.35 -60.88
CA THR E 53 35.53 43.40 -60.77
C THR E 53 36.09 44.60 -60.01
N ARG E 54 35.97 45.78 -60.60
CA ARG E 54 36.53 47.00 -60.05
C ARG E 54 35.59 47.58 -59.00
N ALA E 55 36.09 47.76 -57.78
CA ALA E 55 35.29 48.37 -56.72
C ALA E 55 34.76 49.74 -57.15
N THR E 56 33.62 50.11 -56.58
CA THR E 56 32.98 51.38 -56.91
C THR E 56 33.96 52.54 -56.78
N GLY E 57 33.83 53.51 -57.68
CA GLY E 57 34.67 54.69 -57.67
C GLY E 57 36.05 54.47 -58.26
N ILE E 58 36.67 53.35 -57.89
CA ILE E 58 38.02 52.97 -58.30
C ILE E 58 38.24 53.23 -59.79
N PRO E 59 39.15 54.12 -60.14
CA PRO E 59 39.38 54.47 -61.55
C PRO E 59 39.54 53.24 -62.43
N ALA E 60 38.88 53.26 -63.59
CA ALA E 60 39.01 52.18 -64.56
C ALA E 60 40.46 51.96 -64.96
N ARG E 61 41.34 52.92 -64.66
CA ARG E 61 42.76 52.83 -64.96
C ARG E 61 43.40 51.58 -64.37
N PHE E 62 42.74 50.95 -63.42
CA PHE E 62 43.22 49.72 -62.80
C PHE E 62 42.54 48.54 -63.48
N SER E 63 43.26 47.42 -63.50
CA SER E 63 42.70 46.19 -64.07
C SER E 63 43.27 45.02 -63.30
N GLY E 64 42.36 44.17 -62.82
CA GLY E 64 42.72 42.98 -62.08
C GLY E 64 42.53 41.76 -62.96
N SER E 65 43.28 40.71 -62.67
CA SER E 65 43.16 39.49 -63.44
C SER E 65 43.65 38.33 -62.60
N GLY E 66 43.39 37.13 -63.10
CA GLY E 66 43.80 35.89 -62.47
C GLY E 66 42.63 35.20 -61.79
N SER E 67 42.85 33.94 -61.46
CA SER E 67 41.84 33.08 -60.86
C SER E 67 42.50 31.77 -60.52
N GLY E 68 41.97 31.07 -59.52
CA GLY E 68 42.57 29.80 -59.18
C GLY E 68 43.67 29.91 -58.17
N THR E 69 44.92 29.91 -58.63
CA THR E 69 46.08 30.05 -57.75
C THR E 69 46.97 31.23 -58.12
N GLU E 70 46.62 32.01 -59.14
CA GLU E 70 47.47 33.07 -59.67
C GLU E 70 46.61 34.29 -59.97
N PHE E 71 47.08 35.46 -59.55
CA PHE E 71 46.32 36.68 -59.79
C PHE E 71 47.29 37.81 -60.14
N THR E 72 46.74 38.86 -60.76
CA THR E 72 47.54 39.98 -61.26
C THR E 72 46.74 41.27 -61.16
N LEU E 73 47.43 42.36 -60.81
CA LEU E 73 46.87 43.70 -60.84
C LEU E 73 47.61 44.51 -61.90
N THR E 74 46.86 45.30 -62.67
CA THR E 74 47.43 46.07 -63.77
C THR E 74 46.85 47.48 -63.79
N ILE E 75 47.72 48.47 -63.96
CA ILE E 75 47.36 49.89 -64.02
C ILE E 75 47.70 50.43 -65.39
N SER E 76 46.74 51.15 -65.99
CA SER E 76 46.92 51.63 -67.37
C SER E 76 47.96 52.74 -67.43
N SER E 77 47.74 53.84 -66.72
CA SER E 77 48.59 55.03 -66.79
C SER E 77 48.70 55.63 -65.38
N LEU E 78 49.81 55.35 -64.70
CA LEU E 78 50.02 55.85 -63.35
C LEU E 78 50.16 57.37 -63.33
N GLN E 79 49.33 58.04 -62.53
CA GLN E 79 49.57 59.44 -62.22
C GLN E 79 50.36 59.56 -60.92
N SER E 80 50.83 60.77 -60.65
CA SER E 80 51.80 60.98 -59.57
C SER E 80 51.28 60.53 -58.20
N GLU E 81 49.96 60.58 -57.99
CA GLU E 81 49.40 60.29 -56.68
C GLU E 81 49.10 58.81 -56.46
N ASP E 82 49.33 57.96 -57.46
CA ASP E 82 49.03 56.54 -57.34
C ASP E 82 49.96 55.84 -56.35
N SER E 83 51.02 56.51 -55.90
CA SER E 83 52.00 55.90 -55.00
C SER E 83 51.35 55.49 -53.68
N ALA E 84 51.35 54.20 -53.41
CA ALA E 84 50.73 53.61 -52.23
C ALA E 84 51.14 52.14 -52.17
N VAL E 85 50.59 51.43 -51.18
CA VAL E 85 50.82 50.00 -51.01
C VAL E 85 49.57 49.25 -51.46
N TYR E 86 49.77 48.06 -52.01
CA TYR E 86 48.67 47.26 -52.54
C TYR E 86 48.73 45.85 -51.97
N TYR E 87 47.55 45.30 -51.67
CA TYR E 87 47.41 43.95 -51.12
C TYR E 87 46.27 43.24 -51.83
N CYS E 88 46.47 41.97 -52.15
CA CYS E 88 45.40 41.16 -52.73
C CYS E 88 44.86 40.26 -51.63
N GLN E 89 43.58 40.43 -51.31
CA GLN E 89 42.92 39.72 -50.22
C GLN E 89 41.97 38.67 -50.77
N GLN E 90 42.13 37.44 -50.30
CA GLN E 90 41.28 36.32 -50.68
C GLN E 90 40.26 36.05 -49.58
N TYR E 91 39.16 35.41 -49.96
CA TYR E 91 38.06 35.21 -49.03
C TYR E 91 37.34 33.90 -49.32
N ASN E 92 38.08 32.81 -49.40
CA ASN E 92 37.47 31.53 -49.69
C ASN E 92 36.84 30.92 -48.45
N ASN E 93 36.95 31.60 -47.31
CA ASN E 93 36.55 31.06 -46.02
C ASN E 93 35.71 32.03 -45.21
N TRP E 94 34.98 32.95 -45.87
CA TRP E 94 34.21 34.04 -45.23
C TRP E 94 33.84 33.77 -43.78
N PRO E 95 33.18 32.66 -43.44
CA PRO E 95 32.83 32.40 -42.05
C PRO E 95 34.11 32.37 -41.24
N PRO E 96 34.27 33.26 -40.26
CA PRO E 96 35.41 34.19 -40.24
C PRO E 96 36.66 33.73 -40.98
N GLY E 97 37.19 34.61 -41.83
CA GLY E 97 38.43 34.34 -42.52
C GLY E 97 38.80 35.34 -43.59
N TYR E 98 40.11 35.53 -43.76
CA TYR E 98 40.76 36.41 -44.73
C TYR E 98 42.24 36.09 -44.74
N THR E 99 42.86 36.26 -45.90
CA THR E 99 44.30 36.07 -46.03
C THR E 99 44.86 37.08 -47.02
N PHE E 100 45.78 37.90 -46.52
CA PHE E 100 46.35 39.03 -47.21
C PHE E 100 47.62 38.59 -47.91
N GLY E 101 48.27 39.53 -48.60
CA GLY E 101 49.52 39.26 -49.26
C GLY E 101 50.66 39.95 -48.54
N GLN E 102 51.81 39.98 -49.19
CA GLN E 102 52.96 40.64 -48.59
C GLN E 102 52.99 42.14 -48.89
N GLY E 103 52.10 42.62 -49.75
CA GLY E 103 52.06 44.02 -50.05
C GLY E 103 53.06 44.39 -51.13
N THR E 104 52.76 45.51 -51.80
CA THR E 104 53.62 45.99 -52.86
C THR E 104 53.69 47.50 -52.73
N LYS E 105 54.90 48.05 -52.82
CA LYS E 105 55.11 49.48 -52.70
C LYS E 105 55.28 50.05 -54.09
N LEU E 106 54.37 50.94 -54.49
CA LEU E 106 54.43 51.52 -55.82
C LEU E 106 54.66 53.01 -55.70
N GLU E 107 55.66 53.52 -56.41
CA GLU E 107 55.99 54.94 -56.40
C GLU E 107 56.27 55.35 -57.84
N ILE E 108 56.67 56.62 -58.02
CA ILE E 108 56.89 57.15 -59.36
C ILE E 108 58.13 58.04 -59.37
N LYS E 109 59.05 57.75 -60.28
CA LYS E 109 60.21 58.61 -60.55
C LYS E 109 60.95 59.11 -59.30
N GLU F 1 29.76 60.95 -42.86
CA GLU F 1 29.78 59.77 -43.71
C GLU F 1 29.65 58.49 -42.87
N VAL F 2 29.23 57.40 -43.50
CA VAL F 2 29.18 56.12 -42.81
C VAL F 2 30.58 55.78 -42.31
N GLN F 3 30.70 55.56 -41.01
CA GLN F 3 32.03 55.44 -40.45
C GLN F 3 31.96 54.82 -39.06
N LEU F 4 33.10 54.32 -38.60
CA LEU F 4 33.30 53.87 -37.24
C LEU F 4 34.62 54.45 -36.75
N VAL F 5 34.57 55.22 -35.66
CA VAL F 5 35.74 55.88 -35.09
C VAL F 5 36.08 55.20 -33.78
N GLU F 6 37.37 55.06 -33.51
CA GLU F 6 37.86 54.22 -32.42
C GLU F 6 38.60 55.04 -31.37
N SER F 7 38.73 54.46 -30.18
CA SER F 7 39.41 55.10 -29.08
C SER F 7 39.92 54.03 -28.13
N GLY F 8 40.73 54.45 -27.15
CA GLY F 8 41.38 53.54 -26.23
C GLY F 8 42.85 53.26 -26.49
N GLY F 9 43.36 53.63 -27.66
CA GLY F 9 44.76 53.36 -27.96
C GLY F 9 45.70 54.06 -26.99
N GLY F 10 46.78 53.39 -26.65
CA GLY F 10 47.74 53.97 -25.71
C GLY F 10 48.84 52.99 -25.32
N LEU F 11 49.26 53.09 -24.06
CA LEU F 11 50.34 52.30 -23.49
C LEU F 11 49.87 51.70 -22.17
N VAL F 12 50.27 50.45 -21.92
CA VAL F 12 49.92 49.76 -20.69
C VAL F 12 51.07 48.84 -20.32
N GLN F 13 51.28 48.66 -19.01
CA GLN F 13 52.38 47.83 -18.53
C GLN F 13 52.02 46.36 -18.76
N PRO F 14 53.00 45.49 -18.99
CA PRO F 14 52.68 44.09 -19.25
C PRO F 14 51.82 43.49 -18.15
N GLY F 15 51.05 42.46 -18.50
CA GLY F 15 50.09 41.86 -17.60
C GLY F 15 48.87 42.71 -17.33
N GLY F 16 48.92 43.99 -17.68
CA GLY F 16 47.79 44.87 -17.46
C GLY F 16 46.66 44.61 -18.45
N SER F 17 45.57 45.35 -18.25
CA SER F 17 44.39 45.25 -19.09
C SER F 17 44.18 46.56 -19.86
N LEU F 18 43.21 46.51 -20.76
CA LEU F 18 42.82 47.65 -21.58
C LEU F 18 41.50 47.31 -22.23
N ARG F 19 40.82 48.32 -22.77
CA ARG F 19 39.59 48.09 -23.50
C ARG F 19 39.54 49.08 -24.65
N LEU F 20 39.44 48.55 -25.85
CA LEU F 20 39.32 49.36 -27.05
C LEU F 20 37.85 49.52 -27.38
N SER F 21 37.47 50.70 -27.82
CA SER F 21 36.09 51.01 -28.08
C SER F 21 35.93 51.53 -29.50
N CYS F 22 34.78 51.22 -30.09
CA CYS F 22 34.53 51.51 -31.50
C CYS F 22 33.12 52.07 -31.60
N ALA F 23 33.01 53.29 -32.08
CA ALA F 23 31.73 53.98 -32.24
C ALA F 23 31.39 54.13 -33.71
N ALA F 24 30.10 54.12 -34.02
CA ALA F 24 29.63 54.14 -35.40
C ALA F 24 28.63 55.28 -35.57
N SER F 25 28.28 55.56 -36.82
CA SER F 25 27.40 56.69 -37.12
C SER F 25 26.72 56.47 -38.45
N GLU F 26 25.43 56.87 -38.51
CA GLU F 26 24.61 56.79 -39.72
C GLU F 26 24.38 55.35 -40.17
N ILE F 27 24.97 54.40 -39.46
CA ILE F 27 24.78 52.99 -39.79
C ILE F 27 24.78 52.20 -38.48
N THR F 28 24.01 51.13 -38.45
CA THR F 28 23.96 50.31 -37.26
C THR F 28 25.08 49.27 -37.30
N VAL F 29 25.41 48.75 -36.13
CA VAL F 29 26.43 47.72 -35.99
C VAL F 29 25.82 46.39 -35.58
N SER F 30 24.83 46.42 -34.69
CA SER F 30 24.17 45.19 -34.24
C SER F 30 23.78 44.30 -35.41
N ARG F 31 23.26 44.89 -36.49
CA ARG F 31 22.80 44.12 -37.64
C ARG F 31 23.82 44.13 -38.76
N ASN F 32 25.06 44.54 -38.49
CA ASN F 32 26.11 44.58 -39.48
C ASN F 32 27.24 43.69 -38.98
N TYR F 33 27.77 42.86 -39.88
CA TYR F 33 28.91 42.03 -39.49
C TYR F 33 30.09 42.90 -39.11
N MET F 34 30.48 42.82 -37.84
CA MET F 34 31.60 43.58 -37.30
C MET F 34 32.80 42.67 -37.12
N SER F 35 33.98 43.23 -37.34
CA SER F 35 35.22 42.46 -37.27
C SER F 35 36.36 43.35 -36.82
N TRP F 36 37.06 42.98 -35.75
CA TRP F 36 38.24 43.73 -35.34
C TRP F 36 39.49 43.12 -35.93
N VAL F 37 40.28 43.96 -36.59
CA VAL F 37 41.53 43.57 -37.22
C VAL F 37 42.62 44.40 -36.55
N ARG F 38 43.86 43.94 -36.68
CA ARG F 38 44.98 44.69 -36.12
C ARG F 38 46.18 44.60 -37.06
N GLN F 39 47.14 45.48 -36.83
CA GLN F 39 48.31 45.63 -37.68
C GLN F 39 49.54 45.85 -36.83
N ALA F 40 50.53 44.99 -36.99
CA ALA F 40 51.82 45.22 -36.36
C ALA F 40 52.54 46.33 -37.10
N PRO F 41 53.31 47.18 -36.40
CA PRO F 41 53.98 48.30 -37.06
C PRO F 41 54.83 47.88 -38.25
N GLY F 42 54.43 48.34 -39.45
CA GLY F 42 55.15 48.06 -40.66
C GLY F 42 54.71 46.83 -41.42
N LYS F 43 53.87 45.99 -40.83
CA LYS F 43 53.46 44.73 -41.44
C LYS F 43 52.06 44.85 -42.03
N GLY F 44 51.55 43.73 -42.53
CA GLY F 44 50.23 43.64 -43.12
C GLY F 44 49.10 43.71 -42.11
N LEU F 45 47.97 43.08 -42.42
CA LEU F 45 46.81 43.07 -41.56
C LEU F 45 46.44 41.63 -41.23
N GLU F 46 45.62 41.48 -40.18
CA GLU F 46 45.18 40.15 -39.75
C GLU F 46 43.81 40.23 -39.10
N TRP F 47 42.90 39.35 -39.50
CA TRP F 47 41.62 39.25 -38.83
C TRP F 47 41.85 38.79 -37.39
N VAL F 48 41.42 39.61 -36.44
CA VAL F 48 41.62 39.34 -35.02
C VAL F 48 40.37 38.74 -34.38
N SER F 49 39.21 39.34 -34.62
CA SER F 49 38.00 38.88 -33.95
C SER F 49 36.79 39.34 -34.76
N VAL F 50 35.63 38.76 -34.44
CA VAL F 50 34.39 39.05 -35.14
C VAL F 50 33.22 38.81 -34.19
N MET F 51 32.20 39.64 -34.32
CA MET F 51 30.94 39.39 -33.64
C MET F 51 29.86 39.40 -34.71
N PHE F 52 28.91 38.47 -34.61
CA PHE F 52 27.93 38.33 -35.67
C PHE F 52 26.74 39.26 -35.46
N ALA F 53 25.69 39.06 -36.25
CA ALA F 53 24.44 39.81 -36.13
C ALA F 53 23.41 39.11 -35.25
N GLY F 54 23.69 37.88 -34.83
CA GLY F 54 22.84 37.17 -33.89
C GLY F 54 23.45 37.10 -32.51
N GLY F 55 24.72 37.48 -32.40
CA GLY F 55 25.43 37.49 -31.13
C GLY F 55 26.58 36.50 -31.07
N SER F 56 26.57 35.50 -31.94
CA SER F 56 27.61 34.47 -31.96
C SER F 56 28.95 35.06 -32.34
N THR F 57 29.86 35.16 -31.37
CA THR F 57 31.15 35.80 -31.60
C THR F 57 32.22 34.78 -31.89
N PHE F 58 33.37 35.27 -32.36
CA PHE F 58 34.54 34.45 -32.62
C PHE F 58 35.79 35.31 -32.49
N TYR F 59 36.91 34.66 -32.18
CA TYR F 59 38.17 35.34 -31.98
C TYR F 59 39.26 34.51 -32.66
N ALA F 60 40.35 35.17 -33.03
CA ALA F 60 41.48 34.44 -33.55
C ALA F 60 42.12 33.64 -32.42
N ASP F 61 43.00 32.69 -32.78
CA ASP F 61 43.63 31.88 -31.75
C ASP F 61 44.66 32.69 -31.00
N SER F 62 45.38 33.57 -31.71
CA SER F 62 46.42 34.38 -31.09
C SER F 62 45.85 35.25 -29.99
N VAL F 63 44.57 35.63 -30.10
CA VAL F 63 43.91 36.46 -29.11
C VAL F 63 42.79 35.72 -28.39
N LYS F 64 42.70 34.40 -28.58
CA LYS F 64 41.64 33.64 -27.92
C LYS F 64 41.89 33.60 -26.41
N GLY F 65 40.81 33.76 -25.65
CA GLY F 65 40.87 33.68 -24.21
C GLY F 65 41.31 34.95 -23.52
N ARG F 66 41.78 35.95 -24.25
CA ARG F 66 42.27 37.18 -23.66
C ARG F 66 41.49 38.41 -24.11
N PHE F 67 40.96 38.41 -25.33
CA PHE F 67 40.28 39.58 -25.85
C PHE F 67 38.79 39.24 -25.98
N THR F 68 37.95 40.26 -25.83
CA THR F 68 36.51 40.06 -25.79
C THR F 68 35.82 41.19 -26.53
N ILE F 69 35.08 40.84 -27.57
CA ILE F 69 34.38 41.81 -28.40
C ILE F 69 32.96 41.95 -27.88
N SER F 70 32.43 43.17 -27.93
CA SER F 70 31.06 43.43 -27.52
C SER F 70 30.57 44.66 -28.26
N ARG F 71 29.26 44.89 -28.23
CA ARG F 71 28.71 46.01 -28.98
C ARG F 71 27.43 46.51 -28.33
N ASP F 72 27.39 47.82 -28.10
CA ASP F 72 26.20 48.53 -27.59
C ASP F 72 25.32 48.84 -28.78
N ASN F 73 24.42 47.90 -29.10
CA ASN F 73 23.54 48.06 -30.25
C ASN F 73 22.69 49.32 -30.14
N SER F 74 22.27 49.66 -28.92
CA SER F 74 21.37 50.79 -28.72
C SER F 74 21.92 52.08 -29.33
N LYS F 75 23.25 52.27 -29.28
CA LYS F 75 23.87 53.48 -29.80
C LYS F 75 24.91 53.20 -30.89
N ASN F 76 24.85 52.04 -31.54
CA ASN F 76 25.63 51.80 -32.76
C ASN F 76 27.13 51.92 -32.48
N THR F 77 27.63 51.03 -31.64
CA THR F 77 29.05 51.07 -31.30
C THR F 77 29.53 49.68 -30.93
N LEU F 78 30.85 49.50 -31.04
CA LEU F 78 31.52 48.23 -30.81
C LEU F 78 32.59 48.40 -29.73
N TYR F 79 32.98 47.30 -29.10
CA TYR F 79 33.99 47.35 -28.06
C TYR F 79 34.84 46.08 -28.06
N LEU F 80 36.07 46.23 -27.56
CA LEU F 80 36.98 45.11 -27.42
C LEU F 80 37.77 45.31 -26.13
N GLN F 81 37.55 44.44 -25.14
CA GLN F 81 38.30 44.46 -23.90
C GLN F 81 39.55 43.61 -24.06
N MET F 82 40.69 44.14 -23.62
CA MET F 82 41.97 43.43 -23.66
C MET F 82 42.55 43.30 -22.26
N ASN F 83 43.31 42.23 -22.03
CA ASN F 83 44.03 42.09 -20.78
C ASN F 83 45.38 41.42 -21.05
N SER F 84 46.26 41.49 -20.07
CA SER F 84 47.58 40.85 -20.13
C SER F 84 48.30 41.18 -21.43
N LEU F 85 48.35 42.47 -21.76
CA LEU F 85 49.04 42.87 -22.98
C LEU F 85 50.52 42.57 -22.83
N ARG F 86 51.03 41.67 -23.66
CA ARG F 86 52.43 41.28 -23.69
C ARG F 86 53.14 41.91 -24.89
N ALA F 87 54.42 41.56 -25.04
CA ALA F 87 55.25 42.18 -26.05
C ALA F 87 54.70 41.96 -27.46
N GLU F 88 53.94 40.88 -27.66
CA GLU F 88 53.44 40.57 -29.00
C GLU F 88 52.31 41.52 -29.38
N ASP F 89 51.43 41.83 -28.43
CA ASP F 89 50.19 42.52 -28.74
C ASP F 89 50.43 43.95 -29.17
N THR F 90 51.70 44.36 -29.24
CA THR F 90 52.04 45.70 -29.71
C THR F 90 51.74 45.77 -31.20
N ALA F 91 50.65 46.46 -31.52
CA ALA F 91 50.13 46.54 -32.87
C ALA F 91 49.14 47.69 -32.92
N VAL F 92 48.74 48.05 -34.13
CA VAL F 92 47.69 49.04 -34.35
C VAL F 92 46.41 48.26 -34.59
N TYR F 93 45.35 48.61 -33.87
CA TYR F 93 44.12 47.85 -33.88
C TYR F 93 43.07 48.63 -34.64
N TYR F 94 42.38 47.96 -35.55
CA TYR F 94 41.40 48.58 -36.42
C TYR F 94 40.02 47.95 -36.22
N CYS F 95 39.00 48.76 -36.40
CA CYS F 95 37.62 48.30 -36.32
C CYS F 95 37.09 48.27 -37.75
N ALA F 96 36.40 47.18 -38.11
CA ALA F 96 36.03 47.05 -39.50
C ALA F 96 34.72 46.30 -39.64
N ARG F 97 34.04 46.57 -40.75
CA ARG F 97 32.80 45.91 -41.12
C ARG F 97 33.12 45.21 -42.44
N ASP F 98 33.32 43.90 -42.39
CA ASP F 98 33.74 43.16 -43.57
C ASP F 98 32.49 42.51 -44.14
N LEU F 99 32.31 42.64 -45.46
CA LEU F 99 31.15 42.05 -46.11
C LEU F 99 31.43 40.74 -46.81
N GLY F 100 32.56 40.60 -47.50
CA GLY F 100 32.94 39.32 -48.09
C GLY F 100 32.61 39.28 -49.58
N VAL F 101 31.89 38.25 -50.00
CA VAL F 101 31.56 38.05 -51.41
C VAL F 101 30.74 39.21 -51.97
N VAL F 102 29.92 39.85 -51.14
CA VAL F 102 29.15 41.00 -51.61
C VAL F 102 29.84 42.32 -51.27
N GLY F 103 30.91 42.62 -51.98
CA GLY F 103 31.63 43.84 -51.67
C GLY F 103 32.71 43.58 -50.64
N ALA F 104 33.98 43.72 -50.99
CA ALA F 104 34.93 43.37 -49.95
C ALA F 104 35.04 44.52 -48.95
N THR F 105 35.70 44.27 -47.81
CA THR F 105 35.79 45.26 -46.75
C THR F 105 36.12 46.64 -47.28
N ASP F 106 35.36 47.64 -46.84
CA ASP F 106 35.53 49.00 -47.32
C ASP F 106 35.73 49.96 -46.15
N TYR F 107 34.72 50.07 -45.29
CA TYR F 107 34.78 51.01 -44.18
C TYR F 107 35.62 50.42 -43.05
N TRP F 108 36.67 51.14 -42.71
CA TRP F 108 37.68 50.73 -41.74
C TRP F 108 37.80 51.83 -40.72
N GLY F 109 38.60 51.59 -39.69
CA GLY F 109 38.70 52.60 -38.66
C GLY F 109 40.04 53.30 -38.75
N GLN F 110 40.11 54.52 -38.21
CA GLN F 110 41.37 55.26 -38.20
C GLN F 110 42.46 54.51 -37.45
N GLY F 111 42.10 53.56 -36.60
CA GLY F 111 43.06 52.81 -35.82
C GLY F 111 43.34 53.44 -34.47
N THR F 112 44.05 52.67 -33.65
CA THR F 112 44.43 53.05 -32.29
C THR F 112 45.67 52.23 -31.94
N LEU F 113 46.76 52.89 -31.57
CA LEU F 113 47.97 52.16 -31.24
C LEU F 113 47.86 51.55 -29.86
N VAL F 114 48.38 50.33 -29.72
CA VAL F 114 48.43 49.63 -28.44
C VAL F 114 49.84 49.06 -28.34
N THR F 115 50.69 49.70 -27.55
CA THR F 115 52.02 49.19 -27.26
C THR F 115 52.09 48.91 -25.77
N VAL F 116 53.14 48.21 -25.34
CA VAL F 116 53.31 47.82 -23.96
C VAL F 116 54.51 48.57 -23.41
N SER F 117 54.68 48.51 -22.08
CA SER F 117 55.82 49.17 -21.43
C SER F 117 57.13 48.76 -22.07
N SER F 118 57.29 47.48 -22.38
CA SER F 118 58.52 46.98 -22.99
C SER F 118 58.27 45.70 -23.78
N ALA G 27 -39.07 11.69 -30.43
CA ALA G 27 -39.84 10.55 -29.93
C ALA G 27 -39.01 9.70 -28.99
N TYR G 28 -39.53 8.52 -28.65
CA TYR G 28 -38.83 7.62 -27.76
C TYR G 28 -39.24 6.18 -28.06
N THR G 29 -38.34 5.26 -27.73
CA THR G 29 -38.62 3.84 -27.87
C THR G 29 -37.60 3.08 -27.04
N ASN G 30 -38.09 2.12 -26.27
CA ASN G 30 -37.20 1.34 -25.42
C ASN G 30 -36.31 0.46 -26.30
N SER G 31 -35.03 0.41 -25.94
CA SER G 31 -34.11 -0.47 -26.65
C SER G 31 -34.18 -1.83 -25.97
N PHE G 32 -34.48 -2.86 -26.73
CA PHE G 32 -34.57 -4.19 -26.14
C PHE G 32 -33.18 -4.76 -25.95
N THR G 33 -33.06 -6.07 -25.85
CA THR G 33 -31.78 -6.70 -25.57
C THR G 33 -30.93 -6.66 -26.83
N ARG G 34 -30.34 -5.50 -27.05
CA ARG G 34 -29.52 -5.23 -28.23
C ARG G 34 -28.28 -4.49 -27.74
N GLY G 35 -27.31 -4.29 -28.63
CA GLY G 35 -26.16 -3.50 -28.28
C GLY G 35 -25.01 -4.22 -27.62
N VAL G 36 -25.15 -5.50 -27.27
CA VAL G 36 -24.04 -6.22 -26.66
C VAL G 36 -22.96 -6.51 -27.70
N TYR G 37 -21.70 -6.47 -27.27
CA TYR G 37 -20.60 -6.70 -28.20
C TYR G 37 -19.48 -7.47 -27.51
N TYR G 38 -18.64 -8.10 -28.34
CA TYR G 38 -17.49 -8.84 -27.84
C TYR G 38 -16.44 -7.90 -27.30
N PRO G 39 -16.14 -7.90 -26.03
CA PRO G 39 -15.26 -6.87 -25.47
C PRO G 39 -13.77 -7.17 -25.54
N ASP G 40 -13.35 -8.43 -25.61
CA ASP G 40 -11.94 -8.76 -25.43
C ASP G 40 -11.32 -9.64 -26.52
N LYS G 41 -12.05 -9.94 -27.58
CA LYS G 41 -11.55 -10.77 -28.70
C LYS G 41 -10.84 -12.03 -28.23
N VAL G 42 -11.32 -12.61 -27.13
CA VAL G 42 -10.76 -13.84 -26.59
C VAL G 42 -11.80 -14.95 -26.68
N PHE G 43 -11.40 -16.10 -27.19
CA PHE G 43 -12.32 -17.20 -27.38
C PHE G 43 -12.59 -17.89 -26.06
N ARG G 44 -13.84 -18.26 -25.84
CA ARG G 44 -14.25 -19.04 -24.68
C ARG G 44 -15.37 -19.95 -25.16
N SER G 45 -15.45 -21.17 -24.65
CA SER G 45 -16.39 -22.12 -25.18
C SER G 45 -17.31 -22.62 -24.09
N SER G 46 -18.62 -22.56 -24.36
CA SER G 46 -19.67 -23.10 -23.50
C SER G 46 -19.43 -22.73 -22.03
N VAL G 47 -19.36 -21.43 -21.76
CA VAL G 47 -19.08 -20.95 -20.42
C VAL G 47 -19.71 -19.59 -20.23
N LEU G 48 -19.95 -19.23 -18.97
CA LEU G 48 -20.53 -17.95 -18.60
C LEU G 48 -19.44 -17.03 -18.06
N HIS G 49 -19.49 -15.77 -18.44
CA HIS G 49 -18.49 -14.82 -17.99
C HIS G 49 -19.14 -13.50 -17.65
N SER G 50 -18.72 -12.91 -16.53
CA SER G 50 -19.23 -11.62 -16.09
C SER G 50 -18.15 -10.56 -16.28
N THR G 51 -18.53 -9.45 -16.90
CA THR G 51 -17.58 -8.39 -17.23
C THR G 51 -18.18 -7.03 -16.89
N GLN G 52 -17.35 -6.14 -16.36
CA GLN G 52 -17.74 -4.76 -16.07
C GLN G 52 -17.22 -3.83 -17.15
N ASP G 53 -18.13 -3.29 -17.97
CA ASP G 53 -17.73 -2.41 -19.07
C ASP G 53 -18.90 -1.49 -19.39
N LEU G 54 -18.69 -0.62 -20.37
CA LEU G 54 -19.69 0.36 -20.76
C LEU G 54 -20.71 -0.29 -21.68
N PHE G 55 -21.89 -0.58 -21.18
CA PHE G 55 -22.92 -1.20 -21.99
C PHE G 55 -24.15 -0.30 -22.09
N LEU G 56 -25.08 -0.73 -22.94
CA LEU G 56 -26.37 -0.08 -23.07
C LEU G 56 -27.37 -0.79 -22.18
N PRO G 57 -27.84 -0.17 -21.10
CA PRO G 57 -28.79 -0.84 -20.23
C PRO G 57 -30.01 -1.30 -21.00
N PHE G 58 -30.49 -2.49 -20.67
CA PHE G 58 -31.62 -3.06 -21.37
C PHE G 58 -32.89 -2.26 -21.11
N PHE G 59 -33.80 -2.31 -22.07
CA PHE G 59 -35.12 -1.69 -21.96
C PHE G 59 -35.04 -0.19 -21.73
N SER G 60 -33.97 0.45 -22.19
CA SER G 60 -33.88 1.89 -22.07
C SER G 60 -34.38 2.58 -23.33
N ASN G 61 -34.94 3.76 -23.14
CA ASN G 61 -35.49 4.53 -24.24
C ASN G 61 -34.38 5.22 -25.02
N VAL G 62 -34.58 5.38 -26.32
CA VAL G 62 -33.58 6.00 -27.19
C VAL G 62 -34.25 7.06 -28.05
N THR G 63 -33.52 8.16 -28.28
CA THR G 63 -34.02 9.23 -29.11
C THR G 63 -34.13 8.75 -30.55
N TRP G 64 -35.15 9.22 -31.24
CA TRP G 64 -35.44 8.76 -32.58
C TRP G 64 -35.44 9.96 -33.51
N PHE G 65 -34.78 9.85 -34.64
CA PHE G 65 -34.71 10.95 -35.59
C PHE G 65 -35.04 10.42 -36.98
N HIS G 66 -35.43 11.33 -37.87
CA HIS G 66 -35.82 10.91 -39.21
C HIS G 66 -34.87 11.45 -40.26
N ALA G 67 -34.71 10.67 -41.33
CA ALA G 67 -33.82 11.02 -42.42
C ALA G 67 -34.64 11.42 -43.64
N ILE G 68 -35.41 12.49 -43.52
CA ILE G 68 -36.16 13.00 -44.65
C ILE G 68 -35.48 14.30 -45.08
N HIS G 69 -35.55 15.32 -44.23
CA HIS G 69 -34.83 16.56 -44.41
C HIS G 69 -34.79 17.21 -43.04
N VAL G 70 -33.72 17.97 -42.82
CA VAL G 70 -33.49 18.74 -41.59
C VAL G 70 -34.27 18.28 -40.37
N ASP G 80 -28.97 20.30 -41.17
CA ASP G 80 -30.13 19.41 -41.19
C ASP G 80 -30.28 18.64 -39.88
N ASN G 81 -29.16 18.19 -39.32
CA ASN G 81 -29.21 17.40 -38.11
C ASN G 81 -28.42 18.10 -37.02
N PRO G 82 -28.95 18.20 -35.81
CA PRO G 82 -28.24 18.89 -34.73
C PRO G 82 -27.10 18.06 -34.17
N VAL G 83 -26.18 18.75 -33.53
CA VAL G 83 -25.02 18.10 -32.95
C VAL G 83 -25.42 17.48 -31.62
N LEU G 84 -24.89 16.29 -31.34
CA LEU G 84 -25.21 15.59 -30.12
C LEU G 84 -23.93 15.34 -29.36
N PRO G 85 -23.88 15.59 -28.06
CA PRO G 85 -22.62 15.40 -27.34
C PRO G 85 -22.29 13.93 -27.18
N PHE G 86 -21.00 13.66 -27.03
CA PHE G 86 -20.50 12.31 -26.81
C PHE G 86 -20.13 12.16 -25.34
N ASN G 87 -21.13 11.88 -24.51
CA ASN G 87 -20.90 11.86 -23.07
C ASN G 87 -19.86 10.80 -22.73
N ASP G 88 -20.16 9.55 -23.01
CA ASP G 88 -19.24 8.47 -22.69
C ASP G 88 -19.18 7.38 -23.74
N GLY G 89 -20.07 7.38 -24.73
CA GLY G 89 -20.14 6.30 -25.69
C GLY G 89 -21.52 6.26 -26.32
N VAL G 90 -21.58 6.00 -27.62
CA VAL G 90 -22.81 6.13 -28.38
C VAL G 90 -23.15 4.82 -29.05
N TYR G 91 -24.41 4.46 -29.04
CA TYR G 91 -24.87 3.27 -29.75
C TYR G 91 -25.66 3.79 -30.93
N PHE G 92 -25.09 3.70 -32.11
CA PHE G 92 -25.65 4.29 -33.32
C PHE G 92 -26.17 3.17 -34.19
N ALA G 93 -27.48 3.06 -34.32
CA ALA G 93 -28.10 2.09 -35.19
C ALA G 93 -28.80 2.81 -36.33
N SER G 94 -28.84 2.17 -37.49
CA SER G 94 -29.49 2.80 -38.63
C SER G 94 -30.18 1.75 -39.47
N THR G 95 -31.46 2.00 -39.77
CA THR G 95 -32.24 1.15 -40.65
C THR G 95 -32.58 1.93 -41.92
N GLU G 96 -31.96 1.55 -43.03
CA GLU G 96 -32.16 2.27 -44.28
C GLU G 96 -31.96 1.30 -45.43
N LYS G 97 -32.43 1.70 -46.61
CA LYS G 97 -32.29 0.84 -47.79
C LYS G 97 -31.85 1.60 -49.03
N SER G 98 -31.23 2.77 -48.88
CA SER G 98 -30.79 3.53 -50.04
C SER G 98 -29.42 4.18 -49.89
N ASN G 99 -28.67 3.85 -48.84
CA ASN G 99 -27.37 4.46 -48.58
C ASN G 99 -27.47 5.98 -48.51
N ILE G 100 -28.50 6.47 -47.82
CA ILE G 100 -28.68 7.91 -47.72
C ILE G 100 -27.78 8.45 -46.64
N ILE G 101 -27.49 7.64 -45.62
CA ILE G 101 -26.60 8.00 -44.54
C ILE G 101 -25.25 7.38 -44.88
N ARG G 102 -24.21 8.21 -44.93
CA ARG G 102 -22.97 7.76 -45.51
C ARG G 102 -21.74 8.03 -44.66
N GLY G 103 -21.88 8.67 -43.50
CA GLY G 103 -20.70 8.95 -42.73
C GLY G 103 -21.01 9.66 -41.43
N TRP G 104 -19.92 10.04 -40.75
CA TRP G 104 -19.97 10.69 -39.46
C TRP G 104 -18.88 11.75 -39.40
N ILE G 105 -18.99 12.64 -38.42
CA ILE G 105 -17.94 13.63 -38.15
C ILE G 105 -17.90 13.83 -36.64
N PHE G 106 -16.70 13.76 -36.07
CA PHE G 106 -16.55 13.88 -34.64
C PHE G 106 -15.50 14.93 -34.33
N GLY G 107 -15.42 15.31 -33.07
CA GLY G 107 -14.43 16.28 -32.66
C GLY G 107 -14.99 17.16 -31.56
N THR G 108 -14.13 18.06 -31.11
CA THR G 108 -14.56 19.05 -30.12
C THR G 108 -15.20 20.25 -30.80
N THR G 109 -15.05 20.40 -32.11
CA THR G 109 -15.68 21.47 -32.86
C THR G 109 -15.55 21.17 -34.34
N LEU G 110 -16.48 21.70 -35.14
CA LEU G 110 -16.44 21.52 -36.58
C LEU G 110 -15.52 22.51 -37.28
N ASP G 111 -15.04 23.53 -36.58
CA ASP G 111 -14.16 24.51 -37.17
C ASP G 111 -12.74 23.97 -37.23
N SER G 112 -11.88 24.68 -37.95
CA SER G 112 -10.51 24.24 -38.08
C SER G 112 -9.67 24.58 -36.85
N LYS G 113 -10.30 25.09 -35.79
CA LYS G 113 -9.59 25.47 -34.57
C LYS G 113 -9.01 24.28 -33.83
N THR G 114 -9.36 23.05 -34.21
CA THR G 114 -8.85 21.86 -33.56
C THR G 114 -8.74 20.74 -34.58
N GLN G 115 -7.83 19.80 -34.35
CA GLN G 115 -7.61 18.71 -35.29
C GLN G 115 -8.77 17.74 -35.16
N SER G 116 -9.91 18.15 -35.73
CA SER G 116 -11.10 17.32 -35.71
C SER G 116 -10.91 16.04 -36.50
N LEU G 117 -11.92 15.18 -36.43
CA LEU G 117 -11.85 13.86 -37.03
C LEU G 117 -13.02 13.71 -38.00
N LEU G 118 -12.81 12.92 -39.04
CA LEU G 118 -13.83 12.69 -40.05
C LEU G 118 -13.86 11.22 -40.40
N ILE G 119 -15.06 10.67 -40.54
CA ILE G 119 -15.25 9.31 -41.01
C ILE G 119 -16.32 9.32 -42.08
N VAL G 120 -15.97 8.91 -43.30
CA VAL G 120 -16.89 8.97 -44.42
C VAL G 120 -16.88 7.65 -45.15
N ASN G 121 -18.03 7.00 -45.25
CA ASN G 121 -18.11 5.79 -46.03
C ASN G 121 -18.42 6.19 -47.47
N ASN G 122 -18.35 5.23 -48.38
CA ASN G 122 -18.59 5.53 -49.79
C ASN G 122 -18.86 4.24 -50.54
N ALA G 123 -19.22 4.41 -51.82
CA ALA G 123 -19.48 3.25 -52.67
C ALA G 123 -18.23 2.46 -52.96
N THR G 124 -17.06 3.06 -52.81
CA THR G 124 -15.80 2.41 -53.13
C THR G 124 -15.03 1.94 -51.91
N ASN G 125 -15.00 2.74 -50.85
CA ASN G 125 -14.13 2.43 -49.72
C ASN G 125 -14.50 3.33 -48.55
N VAL G 126 -13.90 3.05 -47.40
CA VAL G 126 -14.00 3.91 -46.24
C VAL G 126 -12.79 4.82 -46.23
N VAL G 127 -13.01 6.07 -45.86
CA VAL G 127 -11.95 7.04 -45.72
C VAL G 127 -11.98 7.59 -44.30
N ILE G 128 -10.94 7.34 -43.54
CA ILE G 128 -10.83 7.83 -42.18
C ILE G 128 -9.73 8.88 -42.16
N LYS G 129 -10.02 10.03 -41.56
CA LYS G 129 -9.11 11.14 -41.62
C LYS G 129 -9.18 11.92 -40.32
N VAL G 130 -8.05 12.52 -39.94
CA VAL G 130 -8.00 13.47 -38.83
C VAL G 130 -7.21 14.68 -39.36
N CYS G 131 -7.93 15.68 -39.87
CA CYS G 131 -7.22 16.73 -40.59
C CYS G 131 -7.67 18.15 -40.28
N GLU G 132 -8.51 18.37 -39.27
CA GLU G 132 -8.90 19.72 -38.85
C GLU G 132 -9.51 20.55 -39.98
N PHE G 133 -10.21 19.93 -40.91
CA PHE G 133 -10.82 20.71 -41.98
C PHE G 133 -12.04 21.42 -41.42
N GLN G 134 -12.10 22.73 -41.53
CA GLN G 134 -13.26 23.46 -41.03
C GLN G 134 -14.46 23.18 -41.92
N PHE G 135 -15.59 22.87 -41.29
CA PHE G 135 -16.82 22.52 -41.97
C PHE G 135 -17.79 23.70 -41.94
N CYS G 136 -18.86 23.56 -42.72
CA CYS G 136 -19.89 24.57 -42.74
C CYS G 136 -20.80 24.39 -41.53
N ASN G 137 -21.81 25.26 -41.42
CA ASN G 137 -22.75 25.14 -40.32
C ASN G 137 -23.44 23.79 -40.33
N ASP G 138 -23.57 23.18 -41.50
CA ASP G 138 -24.16 21.88 -41.68
C ASP G 138 -23.28 21.05 -42.60
N PRO G 139 -23.25 19.74 -42.43
CA PRO G 139 -22.50 18.90 -43.37
C PRO G 139 -23.09 19.01 -44.76
N PHE G 140 -22.22 19.24 -45.74
CA PHE G 140 -22.72 19.41 -47.10
C PHE G 140 -23.38 18.12 -47.56
N LEU G 141 -24.48 18.27 -48.30
CA LEU G 141 -25.16 17.13 -48.89
C LEU G 141 -24.88 17.16 -50.39
N ASP G 142 -24.02 16.25 -50.85
CA ASP G 142 -23.66 16.18 -52.26
C ASP G 142 -24.84 15.83 -53.16
N PHE G 157 -19.75 19.19 -56.87
CA PHE G 157 -20.52 19.23 -55.63
C PHE G 157 -20.25 17.99 -54.78
N ARG G 158 -18.97 17.62 -54.68
CA ARG G 158 -18.57 16.45 -53.91
C ARG G 158 -18.05 16.77 -52.51
N VAL G 159 -17.59 18.00 -52.26
CA VAL G 159 -17.00 18.36 -50.97
C VAL G 159 -17.29 19.83 -50.66
N TYR G 160 -17.37 20.13 -49.36
CA TYR G 160 -17.52 21.51 -48.91
C TYR G 160 -16.96 21.62 -47.49
N SER G 161 -15.74 22.14 -47.38
CA SER G 161 -15.07 22.29 -46.09
C SER G 161 -13.84 23.17 -46.31
N SER G 162 -13.30 23.69 -45.21
CA SER G 162 -12.14 24.56 -45.30
C SER G 162 -10.84 23.74 -45.32
N ALA G 163 -9.71 24.44 -45.22
CA ALA G 163 -8.39 23.84 -45.25
C ALA G 163 -8.17 22.83 -44.12
N ASN G 164 -7.13 22.02 -44.28
CA ASN G 164 -6.80 20.92 -43.38
C ASN G 164 -5.32 20.92 -43.05
N ASN G 165 -4.98 20.30 -41.92
CA ASN G 165 -3.60 20.09 -41.47
C ASN G 165 -3.40 18.65 -41.04
N CYS G 166 -3.84 17.74 -41.89
CA CYS G 166 -4.01 16.33 -41.56
C CYS G 166 -2.78 15.73 -40.89
N THR G 167 -3.02 14.84 -39.92
CA THR G 167 -1.97 14.05 -39.31
C THR G 167 -2.09 12.54 -39.52
N PHE G 168 -3.28 12.03 -39.86
CA PHE G 168 -3.44 10.60 -40.08
C PHE G 168 -4.54 10.36 -41.09
N GLU G 169 -4.36 9.32 -41.90
CA GLU G 169 -5.35 8.94 -42.90
C GLU G 169 -5.29 7.44 -43.11
N TYR G 170 -6.42 6.86 -43.49
CA TYR G 170 -6.57 5.42 -43.58
C TYR G 170 -7.69 5.12 -44.57
N VAL G 171 -7.63 3.94 -45.18
CA VAL G 171 -8.61 3.53 -46.17
C VAL G 171 -8.78 2.03 -46.11
N SER G 172 -9.99 1.56 -46.41
CA SER G 172 -10.29 0.13 -46.44
C SER G 172 -11.64 -0.06 -47.13
N GLN G 173 -12.06 -1.32 -47.23
CA GLN G 173 -13.29 -1.67 -47.94
C GLN G 173 -14.51 -0.99 -47.30
N PRO G 174 -15.56 -0.77 -48.08
CA PRO G 174 -16.73 -0.04 -47.55
C PRO G 174 -17.57 -0.91 -46.63
N PHE G 175 -18.36 -0.24 -45.79
CA PHE G 175 -19.32 -0.90 -44.90
C PHE G 175 -20.68 -1.16 -45.56
N LEU G 176 -20.71 -1.75 -46.75
CA LEU G 176 -21.98 -1.94 -47.44
C LEU G 176 -22.11 -3.33 -48.03
N LYS G 187 -33.58 -3.92 -45.82
CA LYS G 187 -33.68 -5.10 -44.96
C LYS G 187 -32.39 -5.28 -44.17
N ASN G 188 -31.33 -4.63 -44.60
CA ASN G 188 -30.05 -4.72 -43.90
C ASN G 188 -30.01 -3.66 -42.81
N LEU G 189 -29.92 -4.12 -41.57
CA LEU G 189 -29.83 -3.24 -40.41
C LEU G 189 -28.36 -3.06 -40.04
N ARG G 190 -27.81 -1.89 -40.31
CA ARG G 190 -26.43 -1.60 -39.96
C ARG G 190 -26.41 -1.01 -38.55
N GLU G 191 -25.55 -1.59 -37.70
CA GLU G 191 -25.44 -1.20 -36.30
C GLU G 191 -24.01 -0.80 -35.97
N PHE G 192 -23.86 0.18 -35.09
CA PHE G 192 -22.54 0.69 -34.74
C PHE G 192 -22.48 1.04 -33.27
N VAL G 193 -21.31 0.80 -32.66
CA VAL G 193 -21.02 1.21 -31.31
C VAL G 193 -19.69 1.95 -31.36
N PHE G 194 -19.66 3.19 -30.89
CA PHE G 194 -18.45 3.98 -30.94
C PHE G 194 -17.93 4.25 -29.54
N LYS G 195 -16.67 3.91 -29.29
CA LYS G 195 -16.08 4.07 -27.98
C LYS G 195 -14.68 4.61 -28.15
N ASN G 196 -14.28 5.52 -27.26
CA ASN G 196 -12.94 6.10 -27.34
C ASN G 196 -12.51 6.44 -25.93
N ILE G 197 -11.71 5.58 -25.31
CA ILE G 197 -11.35 5.70 -23.90
C ILE G 197 -9.85 5.78 -23.69
N ASP G 198 -9.10 4.82 -24.24
CA ASP G 198 -7.69 4.64 -23.91
C ASP G 198 -6.79 5.29 -24.94
N GLY G 199 -7.16 6.43 -25.48
CA GLY G 199 -6.34 6.98 -26.54
C GLY G 199 -6.64 6.33 -27.87
N TYR G 200 -7.55 5.38 -27.88
CA TYR G 200 -7.98 4.68 -29.09
C TYR G 200 -9.48 4.87 -29.27
N PHE G 201 -9.89 4.92 -30.53
CA PHE G 201 -11.29 5.00 -30.90
C PHE G 201 -11.66 3.71 -31.63
N LYS G 202 -12.67 3.01 -31.13
CA LYS G 202 -12.98 1.67 -31.57
C LYS G 202 -14.38 1.60 -32.18
N ILE G 203 -14.53 0.77 -33.20
CA ILE G 203 -15.79 0.60 -33.91
C ILE G 203 -16.19 -0.86 -33.90
N TYR G 204 -17.45 -1.12 -33.59
CA TYR G 204 -18.04 -2.45 -33.70
C TYR G 204 -19.26 -2.35 -34.60
N SER G 205 -19.62 -3.45 -35.25
CA SER G 205 -20.68 -3.36 -36.24
C SER G 205 -21.31 -4.72 -36.47
N LYS G 206 -22.47 -4.69 -37.12
CA LYS G 206 -23.21 -5.89 -37.47
C LYS G 206 -24.27 -5.54 -38.51
N HIS G 207 -24.48 -6.44 -39.46
CA HIS G 207 -25.44 -6.25 -40.54
C HIS G 207 -26.47 -7.36 -40.45
N THR G 208 -27.73 -6.99 -40.26
CA THR G 208 -28.74 -7.99 -39.98
C THR G 208 -29.96 -7.86 -40.88
N PRO G 209 -30.61 -8.98 -41.19
CA PRO G 209 -31.88 -8.94 -41.92
C PRO G 209 -32.94 -8.18 -41.14
N ILE G 210 -34.04 -7.90 -41.84
CA ILE G 210 -35.18 -7.21 -41.24
C ILE G 210 -36.47 -7.77 -41.82
N ASP G 215 -38.00 -0.20 -36.73
CA ASP G 215 -38.04 -0.31 -35.27
C ASP G 215 -36.98 -1.27 -34.79
N LEU G 216 -36.66 -1.21 -33.52
CA LEU G 216 -35.66 -2.14 -33.01
C LEU G 216 -36.26 -3.53 -32.85
N PRO G 217 -35.65 -4.56 -33.40
CA PRO G 217 -36.18 -5.92 -33.25
C PRO G 217 -35.85 -6.49 -31.88
N GLN G 218 -36.62 -7.48 -31.48
CA GLN G 218 -36.36 -8.16 -30.21
C GLN G 218 -35.26 -9.20 -30.30
N GLY G 219 -34.72 -9.48 -31.49
CA GLY G 219 -33.74 -10.53 -31.62
C GLY G 219 -32.42 -10.17 -30.97
N PHE G 220 -31.77 -11.18 -30.41
CA PHE G 220 -30.47 -11.01 -29.78
C PHE G 220 -29.36 -11.19 -30.82
N SER G 221 -28.35 -10.32 -30.76
CA SER G 221 -27.23 -10.40 -31.70
C SER G 221 -26.07 -9.56 -31.20
N ALA G 222 -24.87 -10.13 -31.19
CA ALA G 222 -23.71 -9.45 -30.66
C ALA G 222 -22.93 -8.72 -31.75
N LEU G 223 -22.33 -7.60 -31.38
CA LEU G 223 -21.50 -6.81 -32.30
C LEU G 223 -20.06 -7.29 -32.29
N GLU G 224 -19.42 -7.23 -33.46
CA GLU G 224 -18.05 -7.67 -33.60
C GLU G 224 -17.08 -6.51 -33.76
N PRO G 225 -15.89 -6.61 -33.19
CA PRO G 225 -14.89 -5.54 -33.29
C PRO G 225 -14.46 -5.32 -34.72
N LEU G 226 -14.67 -4.11 -35.23
CA LEU G 226 -14.31 -3.85 -36.60
C LEU G 226 -12.92 -3.24 -36.73
N VAL G 227 -12.67 -2.12 -36.07
CA VAL G 227 -11.38 -1.44 -36.16
C VAL G 227 -11.06 -0.80 -34.82
N ASP G 228 -9.78 -0.77 -34.47
CA ASP G 228 -9.30 -0.11 -33.26
C ASP G 228 -8.26 0.93 -33.66
N LEU G 229 -8.64 2.14 -33.75
CA LEU G 229 -7.64 3.05 -34.25
C LEU G 229 -6.87 3.68 -33.10
N PRO G 230 -5.58 3.98 -33.30
CA PRO G 230 -4.75 4.56 -32.23
C PRO G 230 -4.81 6.06 -32.09
N ILE G 231 -5.52 6.77 -32.97
CA ILE G 231 -5.57 8.24 -32.89
C ILE G 231 -6.11 8.68 -31.55
N GLY G 232 -5.44 9.66 -30.95
CA GLY G 232 -5.83 10.14 -29.64
C GLY G 232 -6.60 11.44 -29.60
N ILE G 233 -7.36 11.76 -30.65
CA ILE G 233 -8.13 12.99 -30.69
C ILE G 233 -9.22 12.94 -29.62
N ASN G 234 -9.46 14.08 -28.96
CA ASN G 234 -10.48 14.21 -27.94
C ASN G 234 -11.85 14.38 -28.59
N ILE G 235 -12.62 13.30 -28.67
CA ILE G 235 -13.96 13.36 -29.25
C ILE G 235 -14.93 13.81 -28.17
N THR G 236 -15.69 14.89 -28.45
CA THR G 236 -16.68 15.34 -27.49
C THR G 236 -18.06 15.52 -28.10
N ARG G 237 -18.12 15.80 -29.39
CA ARG G 237 -19.39 15.95 -30.09
C ARG G 237 -19.37 15.14 -31.38
N PHE G 238 -20.57 14.83 -31.86
CA PHE G 238 -20.67 14.01 -33.05
C PHE G 238 -21.92 14.38 -33.84
N GLN G 239 -21.86 14.14 -35.13
CA GLN G 239 -22.91 14.46 -36.08
C GLN G 239 -23.01 13.34 -37.09
N THR G 240 -23.99 13.42 -37.97
CA THR G 240 -24.19 12.40 -38.98
C THR G 240 -23.97 13.02 -40.36
N LEU G 241 -23.77 12.17 -41.36
CA LEU G 241 -23.57 12.60 -42.74
C LEU G 241 -24.61 11.93 -43.64
N LEU G 242 -25.26 12.74 -44.46
CA LEU G 242 -26.32 12.28 -45.36
C LEU G 242 -25.88 12.44 -46.81
N ALA G 243 -26.70 11.90 -47.72
CA ALA G 243 -26.44 12.03 -49.15
C ALA G 243 -27.75 12.04 -49.92
N LEU G 244 -27.66 12.44 -51.18
CA LEU G 244 -28.80 12.47 -52.09
C LEU G 244 -28.32 12.75 -53.52
N HIS G 245 -29.05 12.18 -54.47
CA HIS G 245 -28.74 12.35 -55.89
C HIS G 245 -29.31 13.64 -56.45
N ARG G 246 -28.46 14.41 -57.15
CA ARG G 246 -28.87 15.61 -57.88
C ARG G 246 -29.63 16.57 -56.96
N SER G 247 -29.04 16.84 -55.81
CA SER G 247 -29.59 17.71 -54.78
C SER G 247 -28.86 19.03 -54.77
N TYR G 248 -29.59 20.11 -54.47
CA TYR G 248 -28.92 21.39 -54.40
C TYR G 248 -28.02 21.40 -53.17
N LEU G 249 -27.01 22.26 -53.21
CA LEU G 249 -26.01 22.28 -52.15
C LEU G 249 -25.65 23.71 -51.79
N THR G 250 -25.65 24.00 -50.49
CA THR G 250 -25.24 25.32 -50.01
C THR G 250 -24.46 25.14 -48.73
N PRO G 251 -23.50 26.04 -48.45
CA PRO G 251 -22.80 25.96 -47.15
C PRO G 251 -23.74 26.09 -45.98
N GLY G 252 -24.80 26.89 -46.11
CA GLY G 252 -25.80 27.06 -45.09
C GLY G 252 -27.17 27.02 -45.72
N ASP G 253 -28.12 26.33 -45.09
CA ASP G 253 -29.45 26.23 -45.65
C ASP G 253 -30.47 26.20 -44.52
N SER G 254 -31.71 26.50 -44.89
CA SER G 254 -32.83 26.51 -43.95
C SER G 254 -33.32 25.08 -43.76
N SER G 255 -34.48 24.92 -43.13
CA SER G 255 -35.00 23.59 -42.88
C SER G 255 -35.72 23.01 -44.10
N SER G 256 -35.63 23.68 -45.25
CA SER G 256 -36.27 23.15 -46.46
C SER G 256 -35.56 21.91 -46.95
N GLY G 257 -34.22 21.96 -47.02
CA GLY G 257 -33.52 20.77 -47.47
C GLY G 257 -33.82 20.42 -48.91
N TRP G 258 -33.57 19.15 -49.22
CA TRP G 258 -33.81 18.56 -50.52
C TRP G 258 -34.51 17.23 -50.30
N THR G 259 -35.24 16.78 -51.31
CA THR G 259 -35.98 15.55 -51.15
C THR G 259 -35.03 14.38 -50.95
N ALA G 260 -35.49 13.38 -50.20
CA ALA G 260 -34.72 12.18 -49.94
C ALA G 260 -35.68 11.08 -49.52
N GLY G 261 -35.18 9.85 -49.55
CA GLY G 261 -36.00 8.73 -49.16
C GLY G 261 -36.31 8.72 -47.68
N ALA G 262 -37.39 8.04 -47.33
CA ALA G 262 -37.76 7.88 -45.93
C ALA G 262 -36.74 7.00 -45.23
N ALA G 263 -36.18 7.51 -44.14
CA ALA G 263 -35.19 6.76 -43.39
C ALA G 263 -35.09 7.35 -41.98
N ALA G 264 -34.44 6.60 -41.10
CA ALA G 264 -34.34 7.02 -39.71
C ALA G 264 -33.14 6.35 -39.07
N TYR G 265 -32.67 6.96 -37.98
CA TYR G 265 -31.52 6.47 -37.24
C TYR G 265 -31.77 6.72 -35.76
N TYR G 266 -31.40 5.75 -34.93
CA TYR G 266 -31.58 5.82 -33.49
C TYR G 266 -30.25 6.06 -32.80
N VAL G 267 -30.31 6.63 -31.60
CA VAL G 267 -29.11 6.93 -30.83
C VAL G 267 -29.30 6.45 -29.40
N GLY G 268 -28.30 5.79 -28.85
CA GLY G 268 -28.33 5.35 -27.47
C GLY G 268 -27.00 5.60 -26.78
N TYR G 269 -27.06 5.75 -25.46
CA TYR G 269 -25.89 6.06 -24.64
C TYR G 269 -25.48 4.90 -23.76
N LEU G 270 -24.19 4.59 -23.78
CA LEU G 270 -23.60 3.53 -22.98
C LEU G 270 -23.40 3.96 -21.53
N GLN G 271 -23.37 2.98 -20.64
CA GLN G 271 -23.19 3.25 -19.21
C GLN G 271 -22.31 2.18 -18.59
N PRO G 272 -21.59 2.53 -17.52
CA PRO G 272 -20.78 1.52 -16.82
C PRO G 272 -21.69 0.53 -16.10
N ARG G 273 -21.63 -0.73 -16.54
CA ARG G 273 -22.48 -1.78 -15.99
C ARG G 273 -21.69 -3.06 -15.85
N THR G 274 -22.26 -4.00 -15.10
CA THR G 274 -21.75 -5.34 -14.95
C THR G 274 -22.67 -6.29 -15.71
N PHE G 275 -22.12 -6.98 -16.71
CA PHE G 275 -22.92 -7.83 -17.57
C PHE G 275 -22.48 -9.28 -17.45
N LEU G 276 -23.45 -10.17 -17.49
CA LEU G 276 -23.19 -11.61 -17.52
C LEU G 276 -23.36 -12.10 -18.95
N LEU G 277 -22.26 -12.46 -19.59
CA LEU G 277 -22.26 -12.87 -20.99
C LEU G 277 -22.23 -14.39 -21.08
N LYS G 278 -23.00 -14.94 -22.00
CA LYS G 278 -23.04 -16.38 -22.22
C LYS G 278 -22.42 -16.72 -23.56
N TYR G 279 -21.35 -17.50 -23.53
CA TYR G 279 -20.71 -17.97 -24.75
C TYR G 279 -21.19 -19.37 -25.08
N ASN G 280 -21.42 -19.61 -26.37
CA ASN G 280 -21.82 -20.92 -26.83
C ASN G 280 -20.60 -21.77 -27.15
N GLU G 281 -20.84 -22.97 -27.65
CA GLU G 281 -19.76 -23.89 -27.94
C GLU G 281 -18.89 -23.43 -29.09
N ASN G 282 -19.36 -22.48 -29.90
CA ASN G 282 -18.57 -21.97 -30.99
C ASN G 282 -18.01 -20.59 -30.70
N GLY G 283 -18.16 -20.10 -29.48
CA GLY G 283 -17.55 -18.84 -29.15
C GLY G 283 -18.38 -17.63 -29.51
N THR G 284 -19.68 -17.79 -29.69
CA THR G 284 -20.56 -16.66 -30.03
C THR G 284 -21.54 -16.41 -28.88
N ILE G 285 -21.79 -15.14 -28.63
CA ILE G 285 -22.69 -14.73 -27.57
C ILE G 285 -24.13 -14.94 -27.99
N THR G 286 -24.89 -15.65 -27.16
CA THR G 286 -26.31 -15.85 -27.45
C THR G 286 -27.22 -15.16 -26.45
N ASP G 287 -26.78 -14.94 -25.21
CA ASP G 287 -27.63 -14.26 -24.25
C ASP G 287 -26.76 -13.44 -23.31
N ALA G 288 -27.41 -12.51 -22.62
CA ALA G 288 -26.73 -11.65 -21.67
C ALA G 288 -27.73 -11.22 -20.62
N VAL G 289 -27.25 -10.94 -19.41
CA VAL G 289 -28.10 -10.54 -18.31
C VAL G 289 -27.53 -9.28 -17.68
N ASP G 290 -28.35 -8.26 -17.54
CA ASP G 290 -27.92 -7.05 -16.87
C ASP G 290 -27.94 -7.27 -15.37
N CYS G 291 -26.77 -7.19 -14.75
CA CYS G 291 -26.64 -7.54 -13.34
C CYS G 291 -27.40 -6.59 -12.42
N ALA G 292 -27.76 -5.39 -12.88
CA ALA G 292 -28.37 -4.41 -11.99
C ALA G 292 -29.73 -3.93 -12.49
N LEU G 293 -30.46 -4.76 -13.23
CA LEU G 293 -31.74 -4.32 -13.76
C LEU G 293 -32.84 -4.47 -12.72
N ASP G 294 -33.11 -5.68 -12.31
CA ASP G 294 -34.17 -5.93 -11.35
C ASP G 294 -33.68 -7.03 -10.42
N PRO G 295 -34.39 -7.31 -9.32
CA PRO G 295 -33.87 -8.33 -8.40
C PRO G 295 -33.70 -9.70 -9.02
N LEU G 296 -34.59 -10.13 -9.90
CA LEU G 296 -34.42 -11.46 -10.47
C LEU G 296 -33.16 -11.52 -11.33
N SER G 297 -32.94 -10.48 -12.12
CA SER G 297 -31.73 -10.44 -12.92
C SER G 297 -30.51 -10.39 -12.02
N GLU G 298 -30.60 -9.65 -10.92
CA GLU G 298 -29.44 -9.57 -10.05
C GLU G 298 -29.14 -10.91 -9.41
N THR G 299 -30.17 -11.68 -9.07
CA THR G 299 -29.92 -12.99 -8.50
C THR G 299 -29.27 -13.91 -9.52
N LYS G 300 -29.75 -13.88 -10.77
CA LYS G 300 -29.05 -14.65 -11.79
C LYS G 300 -27.60 -14.23 -11.86
N CYS G 301 -27.35 -12.94 -11.78
CA CYS G 301 -25.98 -12.45 -11.91
C CYS G 301 -25.11 -12.93 -10.77
N THR G 302 -25.67 -13.13 -9.58
CA THR G 302 -24.81 -13.63 -8.52
C THR G 302 -24.56 -15.13 -8.68
N LEU G 303 -25.63 -15.91 -8.87
CA LEU G 303 -25.42 -17.35 -8.91
C LEU G 303 -24.76 -17.83 -10.19
N LYS G 304 -24.57 -16.97 -11.18
CA LYS G 304 -23.96 -17.38 -12.44
C LYS G 304 -24.69 -18.56 -13.05
N SER G 305 -26.01 -18.43 -13.14
CA SER G 305 -26.83 -19.49 -13.71
C SER G 305 -28.10 -18.89 -14.25
N PHE G 306 -28.44 -19.22 -15.48
CA PHE G 306 -29.65 -18.64 -16.04
C PHE G 306 -30.91 -19.21 -15.42
N THR G 307 -30.83 -20.39 -14.83
CA THR G 307 -31.97 -20.99 -14.15
C THR G 307 -31.64 -21.07 -12.67
N VAL G 308 -32.42 -20.35 -11.86
CA VAL G 308 -32.27 -20.37 -10.41
C VAL G 308 -33.41 -21.19 -9.80
N GLU G 309 -33.07 -22.06 -8.87
CA GLU G 309 -34.07 -22.90 -8.25
C GLU G 309 -34.78 -22.15 -7.15
N LYS G 310 -35.87 -22.75 -6.67
CA LYS G 310 -36.64 -22.15 -5.60
C LYS G 310 -35.79 -21.98 -4.35
N GLY G 311 -35.82 -20.81 -3.75
CA GLY G 311 -35.09 -20.55 -2.53
C GLY G 311 -34.93 -19.06 -2.30
N ILE G 312 -34.16 -18.75 -1.26
CA ILE G 312 -33.89 -17.36 -0.85
C ILE G 312 -32.40 -17.09 -0.95
N TYR G 313 -32.03 -15.97 -1.56
CA TYR G 313 -30.64 -15.63 -1.79
C TYR G 313 -30.43 -14.19 -1.35
N GLN G 314 -29.38 -13.93 -0.59
CA GLN G 314 -29.05 -12.56 -0.19
C GLN G 314 -28.12 -11.92 -1.22
N THR G 315 -28.68 -11.06 -2.07
CA THR G 315 -27.92 -10.54 -3.19
C THR G 315 -27.00 -9.40 -2.80
N SER G 316 -27.50 -8.42 -2.05
CA SER G 316 -26.68 -7.23 -1.78
C SER G 316 -27.16 -6.57 -0.50
N ASN G 317 -26.67 -5.36 -0.25
CA ASN G 317 -27.05 -4.59 0.93
C ASN G 317 -27.42 -3.17 0.53
N PHE G 318 -28.27 -2.55 1.33
CA PHE G 318 -28.66 -1.17 1.10
C PHE G 318 -28.39 -0.37 2.36
N ARG G 319 -28.22 0.93 2.20
CA ARG G 319 -27.96 1.81 3.33
C ARG G 319 -28.42 3.21 2.96
N VAL G 320 -29.36 3.75 3.75
CA VAL G 320 -29.91 5.07 3.45
C VAL G 320 -28.83 6.12 3.54
N GLN G 321 -28.75 6.93 2.55
CA GLN G 321 -27.69 7.92 2.51
C GLN G 321 -28.05 9.18 3.27
N PRO G 322 -27.04 9.91 3.75
CA PRO G 322 -27.30 11.19 4.44
C PRO G 322 -27.81 12.23 3.46
N THR G 323 -28.82 12.97 3.89
CA THR G 323 -29.43 14.00 3.07
C THR G 323 -28.82 15.39 3.27
N GLU G 324 -28.02 15.60 4.30
CA GLU G 324 -27.49 16.93 4.58
C GLU G 324 -26.22 16.81 5.41
N SER G 325 -25.47 17.91 5.48
CA SER G 325 -24.30 18.02 6.33
C SER G 325 -24.41 19.30 7.14
N ILE G 326 -24.17 19.22 8.45
CA ILE G 326 -24.30 20.37 9.34
C ILE G 326 -23.09 20.49 10.25
N VAL G 327 -22.73 21.73 10.56
CA VAL G 327 -21.63 22.06 11.46
C VAL G 327 -22.17 22.95 12.56
N ARG G 328 -21.61 22.80 13.77
CA ARG G 328 -22.08 23.53 14.92
C ARG G 328 -20.91 24.23 15.59
N PHE G 329 -21.17 25.40 16.16
CA PHE G 329 -20.15 26.25 16.78
C PHE G 329 -20.64 27.15 17.91
N PRO G 330 -20.00 27.14 19.10
CA PRO G 330 -20.50 27.90 20.25
C PRO G 330 -21.01 29.31 19.93
N ASN G 331 -21.88 29.86 20.78
CA ASN G 331 -22.36 31.25 20.61
C ASN G 331 -21.17 32.19 20.79
N ILE G 332 -20.07 31.94 20.07
CA ILE G 332 -18.82 32.75 20.22
C ILE G 332 -19.18 34.24 20.25
N THR G 333 -18.50 35.01 21.09
CA THR G 333 -18.82 36.46 21.24
C THR G 333 -17.59 37.23 21.72
N ASN G 334 -16.40 36.65 21.58
CA ASN G 334 -15.16 37.39 21.96
C ASN G 334 -14.91 38.45 20.88
N LEU G 335 -15.68 39.54 20.93
CA LEU G 335 -15.49 40.64 19.95
C LEU G 335 -14.34 41.53 20.44
N CYS G 336 -13.14 41.32 19.92
CA CYS G 336 -11.96 42.06 20.41
C CYS G 336 -12.07 43.55 20.15
N PRO G 337 -11.19 44.39 20.74
CA PRO G 337 -11.14 45.80 20.38
C PRO G 337 -10.77 46.03 18.92
N PHE G 338 -11.78 46.12 18.07
CA PHE G 338 -11.59 46.57 16.70
C PHE G 338 -12.19 47.95 16.46
N ASP G 339 -13.33 48.24 17.05
CA ASP G 339 -13.94 49.57 16.98
C ASP G 339 -13.29 50.55 17.96
N GLU G 340 -12.13 50.18 18.51
CA GLU G 340 -11.38 51.05 19.42
C GLU G 340 -10.00 51.33 18.86
N VAL G 341 -9.74 50.87 17.64
CA VAL G 341 -8.52 51.19 16.91
C VAL G 341 -8.86 51.95 15.64
N PHE G 342 -10.14 51.96 15.27
CA PHE G 342 -10.65 52.57 14.05
C PHE G 342 -11.55 53.76 14.36
N ASN G 343 -12.04 53.85 15.60
CA ASN G 343 -12.89 54.93 16.05
C ASN G 343 -12.19 55.79 17.09
N ALA G 344 -10.86 55.77 17.11
CA ALA G 344 -10.11 56.57 18.08
C ALA G 344 -10.36 58.06 17.84
N THR G 345 -10.54 58.80 18.93
CA THR G 345 -10.77 60.24 18.81
C THR G 345 -9.56 60.96 18.24
N ARG G 346 -8.39 60.75 18.84
CA ARG G 346 -7.18 61.44 18.42
C ARG G 346 -6.09 60.41 18.13
N PHE G 347 -5.45 60.55 16.98
CA PHE G 347 -4.39 59.62 16.59
C PHE G 347 -3.04 60.17 17.02
N ALA G 348 -2.10 59.26 17.23
CA ALA G 348 -0.75 59.58 17.64
C ALA G 348 0.07 60.06 16.45
N SER G 349 1.28 60.53 16.73
CA SER G 349 2.07 61.02 15.61
C SER G 349 2.72 59.80 14.95
N VAL G 350 3.37 60.02 13.80
CA VAL G 350 3.96 58.90 13.07
C VAL G 350 5.03 58.23 13.91
N TYR G 351 5.82 59.01 14.61
CA TYR G 351 6.93 58.52 15.41
C TYR G 351 6.52 58.18 16.84
N ALA G 352 5.23 58.25 17.16
CA ALA G 352 4.79 57.98 18.52
C ALA G 352 3.51 57.14 18.52
N TRP G 353 3.44 56.17 17.61
CA TRP G 353 2.26 55.33 17.49
C TRP G 353 1.91 54.66 18.82
N ASN G 354 0.60 54.44 19.01
CA ASN G 354 0.02 53.92 20.24
C ASN G 354 -0.14 52.40 20.11
N ARG G 355 0.90 51.67 20.47
CA ARG G 355 0.89 50.22 20.35
C ARG G 355 -0.15 49.59 21.26
N LYS G 356 -0.73 48.50 20.77
CA LYS G 356 -1.76 47.74 21.46
C LYS G 356 -1.67 46.32 20.92
N ARG G 357 -2.16 45.36 21.69
CA ARG G 357 -2.28 44.00 21.19
C ARG G 357 -3.74 43.57 21.22
N ILE G 358 -4.14 42.78 20.22
CA ILE G 358 -5.51 42.30 20.11
C ILE G 358 -5.41 40.80 19.88
N SER G 359 -5.58 40.04 20.95
CA SER G 359 -5.57 38.59 20.94
C SER G 359 -6.76 38.10 21.74
N ASN G 360 -6.82 36.78 21.91
CA ASN G 360 -7.84 36.08 22.69
C ASN G 360 -9.24 36.58 22.33
N CYS G 361 -9.61 36.39 21.06
CA CYS G 361 -10.93 36.80 20.66
C CYS G 361 -11.31 36.11 19.36
N VAL G 362 -12.63 35.93 19.16
CA VAL G 362 -13.13 35.44 17.88
C VAL G 362 -13.25 36.65 16.96
N ALA G 363 -12.24 36.83 16.12
CA ALA G 363 -12.00 38.07 15.41
C ALA G 363 -12.69 38.05 14.05
N ASP G 364 -13.51 39.05 13.79
CA ASP G 364 -14.17 39.17 12.49
C ASP G 364 -13.50 40.34 11.79
N TYR G 365 -12.68 40.02 10.81
CA TYR G 365 -11.96 41.07 10.10
C TYR G 365 -12.81 41.70 9.02
N SER G 366 -14.11 41.41 9.00
CA SER G 366 -15.02 41.99 8.04
C SER G 366 -15.99 42.98 8.69
N VAL G 367 -15.82 43.24 9.98
CA VAL G 367 -16.57 44.33 10.62
C VAL G 367 -15.96 45.64 10.18
N LEU G 368 -14.72 45.59 9.70
CA LEU G 368 -14.04 46.76 9.18
C LEU G 368 -14.84 47.36 8.02
N TYR G 369 -15.32 46.51 7.12
CA TYR G 369 -15.79 46.97 5.83
C TYR G 369 -17.04 47.83 5.94
N ASN G 370 -17.77 47.72 7.04
CA ASN G 370 -18.91 48.60 7.27
C ASN G 370 -18.53 49.94 7.86
N PHE G 371 -17.24 50.22 8.04
CA PHE G 371 -16.85 51.48 8.69
C PHE G 371 -16.85 52.62 7.69
N ALA G 372 -16.01 52.53 6.65
CA ALA G 372 -15.68 53.71 5.86
C ALA G 372 -15.26 53.26 4.45
N PRO G 373 -14.97 54.19 3.52
CA PRO G 373 -14.55 53.75 2.18
C PRO G 373 -13.20 53.06 2.15
N PHE G 374 -12.42 53.14 3.23
CA PHE G 374 -11.12 52.48 3.32
C PHE G 374 -10.24 52.84 2.12
N PHE G 375 -9.84 54.11 2.13
CA PHE G 375 -9.02 54.65 1.04
C PHE G 375 -7.80 53.77 0.76
N ALA G 376 -7.03 53.46 1.80
CA ALA G 376 -5.83 52.63 1.66
C ALA G 376 -6.10 51.34 2.41
N PHE G 377 -6.26 50.25 1.65
CA PHE G 377 -6.46 48.94 2.26
C PHE G 377 -5.86 47.90 1.31
N LYS G 378 -4.70 47.40 1.69
CA LYS G 378 -3.94 46.38 0.98
C LYS G 378 -3.26 45.56 2.05
N CYS G 379 -3.33 44.23 1.97
CA CYS G 379 -2.79 43.43 3.06
C CYS G 379 -1.55 42.68 2.59
N TYR G 380 -0.55 42.62 3.47
CA TYR G 380 0.74 42.00 3.19
C TYR G 380 0.89 40.70 3.98
N GLY G 381 1.30 39.64 3.28
CA GLY G 381 1.54 38.38 3.93
C GLY G 381 0.31 37.53 4.09
N VAL G 382 -0.86 38.12 3.87
CA VAL G 382 -2.18 37.50 4.06
C VAL G 382 -3.14 38.26 3.17
N SER G 383 -4.03 37.53 2.54
CA SER G 383 -4.94 38.19 1.63
C SER G 383 -6.06 38.87 2.42
N PRO G 384 -6.52 40.04 1.96
CA PRO G 384 -7.60 40.72 2.68
C PRO G 384 -8.88 39.93 2.64
N THR G 385 -9.12 39.23 1.53
CA THR G 385 -10.32 38.40 1.40
C THR G 385 -10.30 37.28 2.44
N LYS G 386 -9.15 36.62 2.58
CA LYS G 386 -9.00 35.50 3.50
C LYS G 386 -8.42 35.93 4.84
N LEU G 387 -8.75 37.14 5.29
CA LEU G 387 -8.25 37.62 6.56
C LEU G 387 -9.13 37.16 7.71
N ASN G 388 -10.43 37.40 7.58
CA ASN G 388 -11.38 37.15 8.67
C ASN G 388 -11.26 35.72 9.22
N ASP G 389 -10.82 34.77 8.41
CA ASP G 389 -10.75 33.39 8.86
C ASP G 389 -9.40 33.01 9.48
N LEU G 390 -8.29 33.49 8.92
CA LEU G 390 -6.98 33.05 9.36
C LEU G 390 -6.74 33.47 10.81
N CYS G 391 -5.85 32.74 11.49
CA CYS G 391 -5.57 32.97 12.90
C CYS G 391 -4.12 33.41 13.08
N PHE G 392 -3.88 34.10 14.20
CA PHE G 392 -2.62 34.81 14.41
C PHE G 392 -2.16 34.63 15.84
N THR G 393 -0.88 34.91 16.07
CA THR G 393 -0.32 34.80 17.42
C THR G 393 -0.69 36.00 18.26
N ASN G 394 -0.22 37.17 17.85
CA ASN G 394 -0.44 38.43 18.55
C ASN G 394 -0.61 39.52 17.52
N VAL G 395 -1.69 40.28 17.65
CA VAL G 395 -2.03 41.30 16.67
C VAL G 395 -1.76 42.63 17.32
N TYR G 396 -0.78 43.34 16.79
CA TYR G 396 -0.37 44.64 17.29
C TYR G 396 -0.99 45.72 16.40
N ALA G 397 -1.31 46.85 17.01
CA ALA G 397 -1.96 47.93 16.29
C ALA G 397 -1.25 49.24 16.59
N ASP G 398 -0.86 49.93 15.53
CA ASP G 398 -0.15 51.20 15.62
C ASP G 398 -1.02 52.23 14.92
N SER G 399 -1.36 53.29 15.63
CA SER G 399 -2.28 54.29 15.11
C SER G 399 -1.54 55.62 15.08
N PHE G 400 -1.63 56.31 13.95
CA PHE G 400 -1.00 57.61 13.81
C PHE G 400 -1.55 58.33 12.59
N VAL G 401 -0.96 59.49 12.28
CA VAL G 401 -1.41 60.35 11.20
C VAL G 401 -0.20 60.88 10.44
N ILE G 402 -0.31 60.90 9.11
CA ILE G 402 0.75 61.39 8.25
C ILE G 402 0.11 62.34 7.24
N ARG G 403 0.92 62.84 6.32
CA ARG G 403 0.44 63.69 5.25
C ARG G 403 -0.09 62.83 4.11
N GLY G 404 -0.54 63.49 3.05
CA GLY G 404 -1.17 62.79 1.96
C GLY G 404 -0.21 61.98 1.10
N ASN G 405 0.81 62.64 0.57
CA ASN G 405 1.72 62.01 -0.38
C ASN G 405 2.80 61.16 0.27
N GLU G 406 2.67 60.82 1.56
CA GLU G 406 3.69 60.04 2.23
C GLU G 406 3.18 58.68 2.72
N VAL G 407 1.93 58.34 2.43
CA VAL G 407 1.37 57.06 2.87
C VAL G 407 2.04 55.90 2.15
N SER G 408 2.61 56.13 0.97
CA SER G 408 3.30 55.07 0.24
C SER G 408 4.55 54.56 0.93
N GLN G 409 5.12 55.33 1.88
CA GLN G 409 6.38 54.92 2.47
C GLN G 409 6.20 53.87 3.54
N ILE G 410 4.97 53.62 3.96
CA ILE G 410 4.67 52.58 4.95
C ILE G 410 4.42 51.28 4.19
N ALA G 411 5.49 50.56 3.90
CA ALA G 411 5.44 49.32 3.15
C ALA G 411 6.66 48.50 3.51
N PRO G 412 6.62 47.18 3.31
CA PRO G 412 7.76 46.33 3.70
C PRO G 412 8.98 46.65 2.85
N GLY G 413 10.05 47.08 3.51
CA GLY G 413 11.32 47.29 2.84
C GLY G 413 11.43 48.60 2.11
N GLN G 414 10.53 49.55 2.35
CA GLN G 414 10.48 50.79 1.60
C GLN G 414 11.17 51.91 2.37
N THR G 415 12.06 52.62 1.67
CA THR G 415 12.86 53.69 2.22
C THR G 415 12.25 55.04 1.84
N GLY G 416 12.44 56.02 2.71
CA GLY G 416 11.90 57.34 2.48
C GLY G 416 12.37 58.33 3.52
N ASN G 417 11.46 59.15 4.04
CA ASN G 417 11.78 60.05 5.13
C ASN G 417 10.98 59.77 6.39
N ILE G 418 9.77 59.25 6.27
CA ILE G 418 9.03 58.78 7.44
C ILE G 418 9.29 57.31 7.69
N ALA G 419 9.67 56.55 6.66
CA ALA G 419 9.91 55.13 6.80
C ALA G 419 11.32 54.85 7.30
N ASP G 420 12.29 55.62 6.82
CA ASP G 420 13.69 55.44 7.17
C ASP G 420 14.10 56.22 8.41
N TYR G 421 13.33 57.22 8.84
CA TYR G 421 13.73 58.04 9.96
C TYR G 421 12.94 57.80 11.24
N ASN G 422 11.61 57.69 11.19
CA ASN G 422 10.84 57.55 12.42
C ASN G 422 9.80 56.43 12.48
N TYR G 423 9.59 55.65 11.42
CA TYR G 423 8.71 54.49 11.56
C TYR G 423 9.01 53.48 10.46
N LYS G 424 9.41 52.27 10.82
CA LYS G 424 9.87 51.28 9.87
C LYS G 424 9.26 49.93 10.21
N LEU G 425 8.70 49.25 9.22
CA LEU G 425 8.11 47.93 9.39
C LEU G 425 8.90 46.92 8.56
N PRO G 426 8.95 45.65 8.98
CA PRO G 426 9.92 44.72 8.38
C PRO G 426 9.62 44.44 6.93
N ASP G 427 10.53 43.71 6.29
CA ASP G 427 10.30 43.28 4.92
C ASP G 427 9.51 41.99 4.90
N ASP G 428 9.68 41.17 5.94
CA ASP G 428 8.92 39.95 6.14
C ASP G 428 7.70 40.20 7.01
N PHE G 429 7.16 41.42 6.92
CA PHE G 429 6.05 41.85 7.73
C PHE G 429 4.79 41.05 7.42
N THR G 430 4.08 40.67 8.47
CA THR G 430 2.80 40.00 8.31
C THR G 430 1.80 40.75 9.15
N GLY G 431 0.73 41.17 8.49
CA GLY G 431 -0.24 42.09 9.00
C GLY G 431 -0.62 42.95 7.82
N CYS G 432 -1.02 44.20 8.06
CA CYS G 432 -1.17 45.18 6.99
C CYS G 432 -1.53 46.54 7.54
N VAL G 433 -1.54 47.52 6.64
CA VAL G 433 -1.67 48.93 6.97
C VAL G 433 -2.95 49.44 6.33
N ILE G 434 -3.62 50.36 7.02
CA ILE G 434 -4.92 50.88 6.59
C ILE G 434 -4.93 52.39 6.83
N ALA G 435 -5.02 53.17 5.76
CA ALA G 435 -4.98 54.61 5.84
C ALA G 435 -6.22 55.19 5.15
N TRP G 436 -6.91 56.08 5.86
CA TRP G 436 -8.13 56.71 5.37
C TRP G 436 -8.05 58.20 5.65
N ASN G 437 -8.14 59.01 4.58
CA ASN G 437 -8.08 60.46 4.69
C ASN G 437 -9.03 60.96 5.77
N SER G 438 -8.48 61.70 6.73
CA SER G 438 -9.29 62.31 7.78
C SER G 438 -8.75 63.73 7.97
N ASN G 439 -9.40 64.69 7.32
CA ASN G 439 -9.06 66.09 7.49
C ASN G 439 -10.27 66.85 8.00
N LYS G 440 -11.30 66.13 8.44
CA LYS G 440 -12.43 66.73 9.15
C LYS G 440 -12.20 66.77 10.65
N LEU G 441 -11.24 65.99 11.15
CA LEU G 441 -10.96 65.96 12.58
C LEU G 441 -9.49 66.21 12.88
N ASP G 442 -8.67 66.45 11.87
CA ASP G 442 -7.24 66.58 12.07
C ASP G 442 -6.62 67.82 11.46
N SER G 443 -7.22 68.45 10.47
CA SER G 443 -6.64 69.62 9.84
C SER G 443 -7.40 70.86 10.29
N LYS G 444 -6.70 71.79 10.94
CA LYS G 444 -7.28 73.05 11.39
C LYS G 444 -6.73 74.22 10.60
N VAL G 445 -7.47 75.33 10.60
CA VAL G 445 -7.09 76.53 9.87
C VAL G 445 -5.97 77.25 10.64
N GLY G 446 -4.79 77.27 10.05
CA GLY G 446 -3.61 77.87 10.63
C GLY G 446 -2.47 76.89 10.81
N GLY G 447 -2.74 75.60 10.75
CA GLY G 447 -1.69 74.61 10.90
C GLY G 447 -1.83 73.81 12.17
N ASN G 448 -2.12 72.52 12.04
CA ASN G 448 -2.25 71.68 13.21
C ASN G 448 -0.85 71.20 13.55
N TYR G 449 -0.19 71.91 14.47
CA TYR G 449 1.15 71.53 14.89
C TYR G 449 1.09 70.57 16.08
N ASN G 450 0.51 69.41 15.78
CA ASN G 450 0.36 68.32 16.73
C ASN G 450 0.93 67.03 16.20
N TYR G 451 0.99 66.86 14.88
CA TYR G 451 1.60 65.69 14.26
C TYR G 451 2.92 66.15 13.67
N ARG G 452 4.00 65.48 14.06
CA ARG G 452 5.34 65.79 13.62
C ARG G 452 5.94 64.56 12.95
N TYR G 453 7.17 64.70 12.45
CA TYR G 453 7.83 63.61 11.75
C TYR G 453 9.31 63.87 11.75
N ARG G 454 10.08 62.86 12.15
CA ARG G 454 11.53 62.98 12.12
C ARG G 454 12.00 63.20 10.70
N LEU G 455 12.59 64.38 10.45
CA LEU G 455 13.14 64.75 9.16
C LEU G 455 14.63 64.54 9.10
N PHE G 456 15.32 64.65 10.23
CA PHE G 456 16.76 64.47 10.33
C PHE G 456 17.04 63.42 11.38
N ARG G 457 18.07 62.62 11.18
CA ARG G 457 18.43 61.59 12.15
C ARG G 457 19.85 61.16 11.86
N LYS G 458 20.29 60.05 12.47
CA LYS G 458 21.63 59.54 12.27
C LYS G 458 21.66 58.37 11.29
N SER G 459 20.81 57.37 11.50
CA SER G 459 20.73 56.21 10.63
C SER G 459 19.26 55.78 10.51
N ASN G 460 19.04 54.66 9.84
CA ASN G 460 17.72 54.08 9.69
C ASN G 460 17.29 53.42 11.00
N LEU G 461 16.01 53.09 11.10
CA LEU G 461 15.48 52.46 12.30
C LEU G 461 15.06 51.02 11.99
N LYS G 462 15.03 50.21 13.04
CA LYS G 462 14.65 48.82 12.93
C LYS G 462 13.11 48.71 12.86
N PRO G 463 12.61 47.55 12.42
CA PRO G 463 11.15 47.39 12.33
C PRO G 463 10.47 47.59 13.68
N PHE G 464 9.34 48.32 13.66
CA PHE G 464 8.56 48.60 14.86
C PHE G 464 9.41 49.28 15.92
N GLU G 465 10.22 50.24 15.48
CA GLU G 465 11.09 51.02 16.34
C GLU G 465 10.47 52.41 16.43
N ARG G 466 9.99 52.75 17.61
CA ARG G 466 9.32 54.02 17.83
C ARG G 466 10.22 54.88 18.71
N ASP G 467 10.39 56.13 18.32
CA ASP G 467 11.21 57.05 19.08
C ASP G 467 10.48 58.37 19.26
N ILE G 468 10.69 58.97 20.41
CA ILE G 468 9.99 60.18 20.81
C ILE G 468 10.91 61.36 21.01
N SER G 469 12.21 61.14 21.17
CA SER G 469 13.19 62.18 21.46
C SER G 469 12.98 63.41 20.58
N THR G 470 12.99 64.58 21.22
CA THR G 470 12.78 65.85 20.56
C THR G 470 13.92 66.81 20.89
N GLU G 471 15.13 66.27 21.04
CA GLU G 471 16.30 67.11 21.25
C GLU G 471 16.64 67.87 19.97
N ILE G 472 17.43 68.91 20.11
CA ILE G 472 17.89 69.67 18.96
C ILE G 472 19.05 68.93 18.31
N TYR G 473 18.93 68.68 17.00
CA TYR G 473 19.91 67.88 16.29
C TYR G 473 21.27 68.56 16.32
N GLN G 474 22.32 67.76 16.13
CA GLN G 474 23.68 68.27 16.17
C GLN G 474 23.94 69.20 14.98
N ALA G 475 25.15 69.75 14.94
CA ALA G 475 25.64 70.53 13.82
C ALA G 475 27.07 70.14 13.50
N GLY G 476 27.35 68.84 13.49
CA GLY G 476 28.67 68.36 13.15
C GLY G 476 29.58 68.64 14.32
N ASN G 477 29.88 69.92 14.54
CA ASN G 477 30.50 70.37 15.77
C ASN G 477 29.42 70.49 16.85
N LYS G 478 29.79 71.00 18.02
CA LYS G 478 28.85 71.28 19.09
C LYS G 478 27.70 72.16 18.59
N PRO G 479 26.45 71.68 18.66
CA PRO G 479 25.36 72.34 17.93
C PRO G 479 24.95 73.64 18.60
N CYS G 480 23.87 74.24 18.12
CA CYS G 480 23.31 75.44 18.75
C CYS G 480 22.32 75.06 19.84
N ASN G 481 22.82 74.32 20.84
CA ASN G 481 21.97 73.84 21.94
C ASN G 481 21.12 74.97 22.50
N GLY G 482 19.81 74.88 22.27
CA GLY G 482 18.90 75.88 22.76
C GLY G 482 19.03 77.23 22.10
N VAL G 483 19.62 77.29 20.91
CA VAL G 483 19.75 78.54 20.17
C VAL G 483 19.72 78.22 18.68
N ALA G 484 19.83 79.24 17.83
CA ALA G 484 19.84 79.15 16.38
C ALA G 484 21.23 79.46 15.83
N GLY G 485 21.41 79.20 14.54
CA GLY G 485 22.69 79.49 13.89
C GLY G 485 22.88 78.86 12.52
N VAL G 486 24.11 78.45 12.19
CA VAL G 486 24.41 78.05 10.82
C VAL G 486 23.62 76.80 10.38
N ASN G 487 23.91 75.62 10.95
CA ASN G 487 23.11 74.45 10.61
C ASN G 487 22.77 73.63 11.87
N CYS G 488 21.85 74.15 12.67
CA CYS G 488 21.30 73.44 13.83
C CYS G 488 19.83 73.22 13.51
N TYR G 489 19.54 72.10 12.88
CA TYR G 489 18.21 71.84 12.33
C TYR G 489 17.58 70.73 13.16
N PHE G 490 16.50 71.07 13.84
CA PHE G 490 15.72 70.11 14.63
C PHE G 490 15.39 68.90 13.77
N PRO G 491 15.31 67.70 14.36
CA PRO G 491 15.11 66.50 13.55
C PRO G 491 13.65 66.31 13.21
N LEU G 492 12.78 66.73 14.12
CA LEU G 492 11.34 66.62 13.92
C LEU G 492 10.80 67.92 13.33
N GLN G 493 9.77 67.79 12.51
CA GLN G 493 9.12 68.94 11.91
C GLN G 493 7.62 68.68 11.88
N SER G 494 6.84 69.68 12.26
CA SER G 494 5.41 69.45 12.30
C SER G 494 4.83 69.56 10.90
N TYR G 495 3.74 68.82 10.68
CA TYR G 495 3.07 68.86 9.39
C TYR G 495 2.28 70.16 9.24
N GLY G 496 1.49 70.52 10.24
CA GLY G 496 0.73 71.75 10.19
C GLY G 496 -0.34 71.70 9.13
N PHE G 497 -1.33 70.85 9.35
CA PHE G 497 -2.43 70.67 8.41
C PHE G 497 -3.44 71.80 8.54
N ARG G 498 -3.97 72.23 7.40
CA ARG G 498 -5.00 73.24 7.34
C ARG G 498 -6.00 72.83 6.27
N PRO G 499 -7.23 73.35 6.33
CA PRO G 499 -8.26 72.93 5.38
C PRO G 499 -8.16 73.61 4.02
N THR G 500 -7.04 74.25 3.72
CA THR G 500 -6.78 74.81 2.40
C THR G 500 -5.72 74.01 1.68
N TYR G 501 -5.13 73.02 2.36
CA TYR G 501 -4.15 72.14 1.75
C TYR G 501 -4.81 71.24 0.71
N GLY G 502 -4.06 70.94 -0.33
CA GLY G 502 -4.49 69.96 -1.30
C GLY G 502 -4.55 68.58 -0.68
N VAL G 503 -5.17 67.65 -1.39
CA VAL G 503 -5.35 66.31 -0.85
C VAL G 503 -4.00 65.67 -0.57
N GLY G 504 -2.93 66.14 -1.23
CA GLY G 504 -1.61 65.64 -0.95
C GLY G 504 -1.04 66.12 0.36
N HIS G 505 -1.58 67.22 0.89
CA HIS G 505 -1.10 67.82 2.13
C HIS G 505 -2.12 67.67 3.25
N GLN G 506 -3.06 66.81 3.10
CA GLN G 506 -4.06 66.63 4.12
C GLN G 506 -3.68 65.52 5.09
N PRO G 507 -4.17 65.61 6.32
CA PRO G 507 -3.87 64.56 7.31
C PRO G 507 -4.57 63.27 6.96
N TYR G 508 -3.90 62.17 7.28
CA TYR G 508 -4.43 60.84 7.01
C TYR G 508 -4.27 60.00 8.27
N ARG G 509 -5.36 59.41 8.72
CA ARG G 509 -5.29 58.50 9.85
C ARG G 509 -4.92 57.14 9.31
N VAL G 510 -4.12 56.41 10.07
CA VAL G 510 -3.52 55.18 9.59
C VAL G 510 -3.37 54.25 10.77
N VAL G 511 -3.71 52.98 10.53
CA VAL G 511 -3.56 51.94 11.52
C VAL G 511 -2.75 50.83 10.89
N VAL G 512 -1.79 50.31 11.63
CA VAL G 512 -0.92 49.26 11.14
C VAL G 512 -1.13 48.07 12.05
N LEU G 513 -1.49 46.94 11.45
CA LEU G 513 -1.72 45.72 12.18
C LEU G 513 -0.56 44.79 11.91
N SER G 514 0.06 44.29 12.96
CA SER G 514 1.19 43.38 12.83
C SER G 514 0.73 42.02 13.31
N PHE G 515 0.78 41.04 12.42
CA PHE G 515 0.31 39.71 12.77
C PHE G 515 1.53 38.85 13.07
N GLU G 516 1.25 37.63 13.50
CA GLU G 516 2.24 36.60 13.58
C GLU G 516 1.61 35.28 13.17
N LEU G 517 2.36 34.52 12.39
CA LEU G 517 1.89 33.29 11.79
C LEU G 517 2.77 32.13 12.17
N LEU G 518 3.95 32.41 12.68
CA LEU G 518 4.93 31.41 13.12
C LEU G 518 4.53 31.03 14.54
N HIS G 519 4.30 29.75 14.79
CA HIS G 519 3.88 29.30 16.11
C HIS G 519 2.64 30.04 16.59
N ALA G 520 1.54 29.87 15.84
CA ALA G 520 0.62 30.81 16.46
C ALA G 520 -0.36 30.10 17.39
N PRO G 521 -0.56 30.63 18.60
CA PRO G 521 -1.59 30.10 19.48
C PRO G 521 -2.91 30.76 19.14
N ALA G 522 -3.66 30.20 18.18
CA ALA G 522 -4.80 30.91 17.63
C ALA G 522 -5.65 31.53 18.72
N THR G 523 -5.65 32.85 18.76
CA THR G 523 -6.28 33.61 19.83
C THR G 523 -7.16 34.70 19.27
N VAL G 524 -6.84 35.15 18.06
CA VAL G 524 -7.57 36.22 17.40
C VAL G 524 -7.85 35.83 15.95
N CYS G 525 -9.09 35.33 15.72
CA CYS G 525 -9.50 34.88 14.37
C CYS G 525 -10.81 34.10 14.43
N GLY G 526 -11.14 33.37 13.35
CA GLY G 526 -12.31 32.48 13.36
C GLY G 526 -13.65 33.15 13.56
N PRO G 527 -14.50 33.28 12.52
CA PRO G 527 -15.84 33.81 12.70
C PRO G 527 -16.82 32.65 12.97
N LYS G 528 -16.40 31.41 12.70
CA LYS G 528 -17.28 30.21 12.91
C LYS G 528 -18.43 30.22 11.88
N LYS G 529 -19.40 29.31 12.05
CA LYS G 529 -20.56 29.23 11.12
C LYS G 529 -21.48 28.10 11.58
N SER G 530 -22.23 28.30 12.66
CA SER G 530 -23.07 27.21 13.21
C SER G 530 -24.24 26.85 12.30
N THR G 531 -24.00 26.14 11.20
CA THR G 531 -25.11 25.67 10.38
C THR G 531 -26.31 25.30 11.24
N ASN G 532 -27.43 26.01 11.04
CA ASN G 532 -28.66 25.76 11.77
C ASN G 532 -28.98 24.27 11.87
N LEU G 533 -29.45 23.87 13.05
CA LEU G 533 -29.58 22.46 13.40
C LEU G 533 -30.75 21.79 12.70
N VAL G 534 -30.54 20.52 12.31
CA VAL G 534 -31.57 19.67 11.71
C VAL G 534 -31.71 18.42 12.55
N LYS G 535 -32.95 17.99 12.78
CA LYS G 535 -33.21 16.82 13.60
C LYS G 535 -34.00 15.75 12.85
N ASN G 536 -33.86 14.51 13.33
CA ASN G 536 -34.59 13.33 12.86
C ASN G 536 -34.25 12.88 11.45
N LYS G 537 -33.10 13.25 10.91
CA LYS G 537 -32.70 12.73 9.61
C LYS G 537 -31.23 12.37 9.72
N CYS G 538 -30.83 11.23 9.15
CA CYS G 538 -29.42 10.88 9.21
C CYS G 538 -28.65 11.90 8.37
N VAL G 539 -27.80 12.65 9.05
CA VAL G 539 -27.15 13.85 8.53
C VAL G 539 -25.68 13.80 8.91
N ASN G 540 -24.85 14.39 8.06
CA ASN G 540 -23.44 14.52 8.41
C ASN G 540 -23.28 15.67 9.38
N PHE G 541 -22.68 15.40 10.53
CA PHE G 541 -22.55 16.42 11.57
C PHE G 541 -21.08 16.66 11.87
N ASN G 542 -20.77 17.88 12.27
CA ASN G 542 -19.45 18.26 12.74
C ASN G 542 -19.61 19.15 13.95
N PHE G 543 -19.62 18.55 15.14
CA PHE G 543 -19.81 19.32 16.35
C PHE G 543 -18.44 19.68 16.88
N ASN G 544 -18.01 20.90 16.58
CA ASN G 544 -16.76 21.44 17.11
C ASN G 544 -15.56 20.53 16.86
N GLY G 545 -15.60 19.79 15.75
CA GLY G 545 -14.57 18.86 15.39
C GLY G 545 -15.02 17.41 15.38
N LEU G 546 -16.05 17.07 16.15
CA LEU G 546 -16.53 15.70 16.15
C LEU G 546 -17.35 15.49 14.89
N THR G 547 -16.87 14.66 13.99
CA THR G 547 -17.54 14.40 12.72
C THR G 547 -18.15 13.00 12.70
N GLY G 548 -19.37 12.90 12.20
CA GLY G 548 -20.00 11.59 12.09
C GLY G 548 -21.30 11.69 11.32
N THR G 549 -21.98 10.56 11.26
CA THR G 549 -23.26 10.44 10.58
C THR G 549 -24.23 9.67 11.46
N GLY G 550 -25.50 9.99 11.34
CA GLY G 550 -26.50 9.31 12.14
C GLY G 550 -27.75 10.16 12.28
N VAL G 551 -28.71 9.59 12.99
CA VAL G 551 -29.97 10.27 13.26
C VAL G 551 -29.88 10.94 14.63
N LEU G 552 -30.35 12.17 14.70
CA LEU G 552 -30.29 12.95 15.92
C LEU G 552 -31.67 12.90 16.57
N THR G 553 -31.71 12.60 17.87
CA THR G 553 -32.96 12.45 18.58
C THR G 553 -32.85 13.16 19.93
N GLU G 554 -33.98 13.62 20.44
CA GLU G 554 -34.00 14.24 21.76
C GLU G 554 -33.53 13.26 22.82
N SER G 555 -32.56 13.71 23.60
CA SER G 555 -31.90 12.92 24.63
C SER G 555 -32.73 12.89 25.91
N ASN G 556 -32.48 11.87 26.73
CA ASN G 556 -33.10 11.78 28.05
C ASN G 556 -32.05 11.58 29.14
N LYS G 557 -30.77 11.70 28.82
CA LYS G 557 -29.69 11.48 29.78
C LYS G 557 -29.09 12.79 30.26
N LYS G 558 -28.75 12.82 31.55
CA LYS G 558 -28.27 14.03 32.23
C LYS G 558 -26.75 14.14 32.08
N PHE G 559 -26.29 14.91 31.11
CA PHE G 559 -24.87 15.20 31.02
C PHE G 559 -24.44 16.11 32.15
N LEU G 560 -23.30 15.81 32.74
CA LEU G 560 -22.75 16.70 33.76
C LEU G 560 -22.23 17.97 33.09
N PRO G 561 -22.29 19.10 33.81
CA PRO G 561 -22.03 20.40 33.17
C PRO G 561 -20.66 20.52 32.54
N PHE G 562 -19.72 19.69 32.92
CA PHE G 562 -18.39 19.73 32.36
C PHE G 562 -18.19 18.72 31.24
N GLN G 563 -19.21 17.94 30.91
CA GLN G 563 -19.09 16.92 29.89
C GLN G 563 -19.59 17.43 28.55
N GLN G 564 -18.93 16.97 27.49
CA GLN G 564 -19.22 17.38 26.12
C GLN G 564 -19.52 16.22 25.20
N PHE G 565 -19.25 14.99 25.63
CA PHE G 565 -19.38 13.81 24.78
C PHE G 565 -20.12 12.73 25.53
N GLY G 566 -20.68 11.80 24.80
CA GLY G 566 -21.28 10.61 25.39
C GLY G 566 -20.84 9.38 24.64
N ARG G 567 -20.58 8.32 25.40
CA ARG G 567 -20.07 7.10 24.80
C ARG G 567 -20.74 5.88 25.40
N ASP G 568 -21.02 4.91 24.56
CA ASP G 568 -21.42 3.59 24.98
C ASP G 568 -20.17 2.73 25.09
N ILE G 569 -20.37 1.42 25.26
CA ILE G 569 -19.23 0.50 25.30
C ILE G 569 -18.50 0.58 23.97
N ALA G 570 -17.18 0.41 24.02
CA ALA G 570 -16.33 0.38 22.85
C ALA G 570 -16.24 1.75 22.17
N ASP G 571 -16.22 2.79 22.99
CA ASP G 571 -15.96 4.17 22.55
C ASP G 571 -16.88 4.65 21.43
N THR G 572 -18.04 4.05 21.25
CA THR G 572 -18.95 4.50 20.21
C THR G 572 -19.61 5.78 20.68
N THR G 573 -19.37 6.88 19.97
CA THR G 573 -19.93 8.17 20.37
C THR G 573 -21.45 8.13 20.29
N ASP G 574 -22.10 8.12 21.44
CA ASP G 574 -23.55 8.02 21.48
C ASP G 574 -24.28 9.34 21.58
N ALA G 575 -23.69 10.39 22.14
CA ALA G 575 -24.44 11.62 22.30
C ALA G 575 -23.51 12.83 22.33
N VAL G 576 -24.11 14.01 22.13
CA VAL G 576 -23.38 15.28 22.10
C VAL G 576 -24.31 16.40 22.55
N ARG G 577 -23.71 17.41 23.19
CA ARG G 577 -24.41 18.61 23.65
C ARG G 577 -24.17 19.79 22.72
N ASP G 578 -25.22 20.56 22.49
CA ASP G 578 -25.12 21.67 21.53
C ASP G 578 -24.20 22.76 22.06
N PRO G 579 -23.25 23.24 21.26
CA PRO G 579 -22.43 24.38 21.68
C PRO G 579 -23.17 25.69 21.65
N GLN G 580 -24.41 25.71 21.16
CA GLN G 580 -25.21 26.94 21.11
C GLN G 580 -26.31 26.94 22.16
N THR G 581 -27.16 25.92 22.19
CA THR G 581 -28.24 25.84 23.16
C THR G 581 -28.00 24.83 24.27
N LEU G 582 -26.88 24.11 24.23
CA LEU G 582 -26.47 23.22 25.31
C LEU G 582 -27.43 22.06 25.49
N GLU G 583 -28.27 21.78 24.50
CA GLU G 583 -29.14 20.62 24.57
C GLU G 583 -28.38 19.35 24.21
N ILE G 584 -28.71 18.28 24.92
CA ILE G 584 -28.11 16.97 24.69
C ILE G 584 -28.84 16.25 23.57
N LEU G 585 -28.10 15.63 22.64
CA LEU G 585 -28.71 14.91 21.53
C LEU G 585 -28.13 13.51 21.41
N ASP G 586 -29.00 12.58 21.06
CA ASP G 586 -28.65 11.18 20.85
C ASP G 586 -28.31 10.92 19.39
N ILE G 587 -27.28 10.10 19.17
CA ILE G 587 -26.84 9.76 17.82
C ILE G 587 -27.02 8.26 17.60
N THR G 588 -27.74 7.91 16.53
CA THR G 588 -27.90 6.52 16.12
C THR G 588 -27.60 6.42 14.63
N PRO G 589 -26.78 5.46 14.21
CA PRO G 589 -26.45 5.35 12.77
C PRO G 589 -27.70 5.02 11.98
N CYS G 590 -27.90 5.74 10.87
CA CYS G 590 -29.12 5.50 10.11
C CYS G 590 -29.17 4.07 9.59
N SER G 591 -30.40 3.63 9.35
CA SER G 591 -30.73 2.25 9.04
C SER G 591 -29.94 1.69 7.87
N PHE G 592 -29.55 0.43 8.03
CA PHE G 592 -28.83 -0.33 7.02
C PHE G 592 -29.15 -1.80 7.24
N GLY G 593 -28.91 -2.61 6.24
CA GLY G 593 -29.19 -4.03 6.38
C GLY G 593 -29.05 -4.76 5.07
N GLY G 594 -29.20 -6.08 5.18
CA GLY G 594 -29.12 -6.96 4.03
C GLY G 594 -30.47 -7.16 3.37
N VAL G 595 -30.43 -7.50 2.08
CA VAL G 595 -31.63 -7.71 1.28
C VAL G 595 -31.58 -9.10 0.67
N SER G 596 -32.70 -9.79 0.70
CA SER G 596 -32.79 -11.13 0.16
C SER G 596 -33.91 -11.20 -0.87
N VAL G 597 -33.77 -12.12 -1.82
CA VAL G 597 -34.73 -12.29 -2.90
C VAL G 597 -35.45 -13.62 -2.70
N ILE G 598 -36.77 -13.59 -2.78
CA ILE G 598 -37.56 -14.80 -2.72
C ILE G 598 -38.03 -15.16 -4.12
N THR G 599 -37.68 -16.34 -4.60
CA THR G 599 -38.10 -16.71 -5.94
C THR G 599 -38.56 -18.16 -5.95
N PRO G 600 -39.68 -18.45 -6.61
CA PRO G 600 -40.15 -19.83 -6.70
C PRO G 600 -39.50 -20.63 -7.81
N GLY G 601 -38.47 -20.10 -8.45
CA GLY G 601 -37.78 -20.79 -9.51
C GLY G 601 -38.07 -20.16 -10.85
N THR G 602 -37.04 -19.92 -11.66
CA THR G 602 -37.25 -19.34 -12.98
C THR G 602 -38.16 -20.21 -13.80
N ASN G 603 -38.03 -21.52 -13.65
CA ASN G 603 -38.77 -22.43 -14.49
C ASN G 603 -40.21 -22.59 -14.01
N THR G 604 -40.53 -22.16 -12.80
CA THR G 604 -41.92 -22.11 -12.34
C THR G 604 -42.59 -20.80 -12.74
N SER G 605 -41.95 -19.68 -12.46
CA SER G 605 -42.49 -18.36 -12.79
C SER G 605 -41.41 -17.32 -12.53
N ASN G 606 -41.54 -16.18 -13.19
CA ASN G 606 -40.58 -15.12 -13.02
C ASN G 606 -40.89 -14.18 -11.87
N GLN G 607 -42.03 -14.32 -11.21
CA GLN G 607 -42.35 -13.43 -10.11
C GLN G 607 -41.31 -13.50 -9.01
N VAL G 608 -41.21 -12.42 -8.24
CA VAL G 608 -40.16 -12.30 -7.23
C VAL G 608 -40.66 -11.45 -6.08
N ALA G 609 -40.23 -11.79 -4.87
CA ALA G 609 -40.50 -11.00 -3.69
C ALA G 609 -39.19 -10.60 -3.03
N VAL G 610 -39.18 -9.42 -2.42
CA VAL G 610 -37.96 -8.84 -1.87
C VAL G 610 -38.11 -8.71 -0.37
N LEU G 611 -37.08 -9.13 0.36
CA LEU G 611 -37.08 -9.05 1.81
C LEU G 611 -35.95 -8.15 2.29
N TYR G 612 -36.29 -7.01 2.86
CA TYR G 612 -35.31 -6.16 3.52
C TYR G 612 -35.20 -6.63 4.96
N GLN G 613 -34.03 -7.14 5.34
CA GLN G 613 -33.96 -7.87 6.60
C GLN G 613 -34.01 -6.98 7.83
N GLY G 614 -32.98 -6.18 8.05
CA GLY G 614 -32.92 -5.41 9.26
C GLY G 614 -33.46 -4.00 9.19
N VAL G 615 -34.72 -3.79 8.80
CA VAL G 615 -35.25 -2.45 8.67
C VAL G 615 -36.76 -2.51 8.73
N ASN G 616 -37.39 -1.37 9.04
CA ASN G 616 -38.82 -1.22 8.92
C ASN G 616 -39.11 -0.37 7.68
N CYS G 617 -40.12 -0.77 6.91
CA CYS G 617 -40.43 -0.07 5.65
C CYS G 617 -40.75 1.39 5.83
N THR G 618 -40.91 1.89 7.05
CA THR G 618 -41.23 3.30 7.15
C THR G 618 -40.12 4.15 6.56
N GLU G 619 -38.96 3.55 6.31
CA GLU G 619 -37.80 4.20 5.72
C GLU G 619 -37.22 3.31 4.62
N VAL G 620 -38.09 2.61 3.90
CA VAL G 620 -37.64 1.73 2.82
C VAL G 620 -36.95 2.47 1.67
N ASN G 641 -47.27 -5.03 -2.91
CA ASN G 641 -47.84 -4.96 -1.57
C ASN G 641 -46.74 -4.89 -0.52
N VAL G 642 -47.11 -4.50 0.70
CA VAL G 642 -46.16 -4.34 1.78
C VAL G 642 -46.64 -5.10 3.01
N PHE G 643 -45.71 -5.72 3.71
CA PHE G 643 -46.00 -6.47 4.92
C PHE G 643 -44.84 -6.34 5.89
N GLN G 644 -45.16 -6.29 7.17
CA GLN G 644 -44.17 -6.16 8.23
C GLN G 644 -44.04 -7.48 8.99
N THR G 645 -42.81 -7.86 9.34
CA THR G 645 -42.58 -9.07 10.11
C THR G 645 -41.55 -8.78 11.19
N ARG G 646 -41.49 -9.68 12.18
CA ARG G 646 -40.47 -9.55 13.21
C ARG G 646 -39.07 -9.73 12.66
N ALA G 647 -38.94 -10.35 11.49
CA ALA G 647 -37.65 -10.53 10.85
C ALA G 647 -37.26 -9.36 9.97
N GLY G 648 -38.21 -8.50 9.69
CA GLY G 648 -38.06 -7.31 8.89
C GLY G 648 -39.33 -7.12 8.09
N CYS G 649 -39.31 -6.13 7.21
CA CYS G 649 -40.49 -5.81 6.42
C CYS G 649 -40.36 -6.44 5.04
N LEU G 650 -41.40 -7.15 4.63
CA LEU G 650 -41.46 -7.95 3.42
C LEU G 650 -42.31 -7.27 2.37
N ILE G 651 -41.77 -7.15 1.15
CA ILE G 651 -42.44 -6.50 0.03
C ILE G 651 -42.62 -7.49 -1.11
N GLY G 652 -43.79 -7.45 -1.73
CA GLY G 652 -44.10 -8.28 -2.86
C GLY G 652 -44.92 -9.52 -2.59
N ALA G 653 -45.35 -9.73 -1.36
CA ALA G 653 -46.18 -10.90 -1.04
C ALA G 653 -47.27 -10.47 -0.08
N GLU G 654 -48.44 -11.05 -0.22
CA GLU G 654 -49.58 -10.70 0.63
C GLU G 654 -49.73 -11.71 1.75
N TYR G 655 -50.01 -11.22 2.95
CA TYR G 655 -50.11 -12.07 4.12
C TYR G 655 -51.47 -12.77 4.16
N VAL G 656 -51.44 -14.07 4.32
CA VAL G 656 -52.68 -14.84 4.42
C VAL G 656 -52.75 -15.50 5.78
N ASN G 657 -53.97 -15.64 6.29
CA ASN G 657 -54.16 -16.25 7.60
C ASN G 657 -54.04 -17.76 7.59
N SER G 658 -54.06 -18.38 6.42
CA SER G 658 -54.00 -19.83 6.38
C SER G 658 -52.60 -20.31 6.71
N SER G 659 -52.52 -21.43 7.42
CA SER G 659 -51.25 -22.01 7.81
C SER G 659 -50.97 -23.28 7.01
N TYR G 660 -49.74 -23.43 6.55
CA TYR G 660 -49.33 -24.57 5.74
C TYR G 660 -48.00 -25.12 6.22
N GLU G 661 -47.68 -26.30 5.72
CA GLU G 661 -46.37 -26.90 5.92
C GLU G 661 -45.33 -26.10 5.16
N CYS G 662 -44.32 -25.60 5.85
CA CYS G 662 -43.42 -24.61 5.27
C CYS G 662 -42.34 -25.23 4.42
N ASP G 663 -42.03 -24.54 3.33
CA ASP G 663 -41.00 -24.95 2.39
C ASP G 663 -39.94 -23.87 2.15
N ILE G 664 -40.31 -22.60 2.19
CA ILE G 664 -39.32 -21.53 2.06
C ILE G 664 -39.21 -20.79 3.39
N PRO G 665 -38.15 -21.04 4.16
CA PRO G 665 -38.02 -20.42 5.48
C PRO G 665 -37.65 -18.96 5.34
N ILE G 666 -38.47 -18.09 5.91
CA ILE G 666 -38.19 -16.66 5.93
C ILE G 666 -37.54 -16.23 7.23
N GLY G 667 -38.09 -16.63 8.35
CA GLY G 667 -37.53 -16.32 9.65
C GLY G 667 -38.67 -15.95 10.57
N ALA G 668 -38.46 -16.16 11.87
CA ALA G 668 -39.44 -15.80 12.87
C ALA G 668 -40.79 -16.46 12.60
N GLY G 669 -40.76 -17.71 12.17
CA GLY G 669 -41.99 -18.41 11.94
C GLY G 669 -42.76 -18.09 10.68
N ILE G 670 -42.25 -17.21 9.82
CA ILE G 670 -42.96 -16.83 8.61
C ILE G 670 -42.35 -17.57 7.44
N CYS G 671 -43.18 -17.93 6.47
CA CYS G 671 -42.71 -18.68 5.31
C CYS G 671 -43.32 -18.08 4.06
N ALA G 672 -43.00 -18.68 2.91
CA ALA G 672 -43.57 -18.23 1.66
C ALA G 672 -43.71 -19.41 0.71
N SER G 673 -44.64 -19.28 -0.23
CA SER G 673 -44.85 -20.33 -1.22
C SER G 673 -45.65 -19.75 -2.38
N TYR G 674 -45.68 -20.49 -3.48
CA TYR G 674 -46.46 -20.05 -4.64
C TYR G 674 -47.91 -20.42 -4.41
N GLN G 675 -48.79 -19.41 -4.41
CA GLN G 675 -50.18 -19.64 -4.07
C GLN G 675 -50.88 -20.58 -5.05
N THR G 676 -50.98 -20.18 -6.31
CA THR G 676 -51.68 -20.94 -7.35
C THR G 676 -53.14 -21.12 -6.99
N GLN G 690 -50.48 -18.42 -8.75
CA GLN G 690 -50.50 -17.20 -9.54
C GLN G 690 -50.07 -16.02 -8.71
N SER G 691 -49.67 -16.26 -7.47
CA SER G 691 -49.24 -15.20 -6.57
C SER G 691 -48.35 -15.79 -5.50
N ILE G 692 -47.58 -14.93 -4.84
CA ILE G 692 -46.70 -15.33 -3.75
C ILE G 692 -47.36 -14.96 -2.43
N ILE G 693 -47.61 -15.97 -1.59
CA ILE G 693 -48.29 -15.78 -0.31
C ILE G 693 -47.33 -16.10 0.83
N ALA G 694 -47.32 -15.25 1.84
CA ALA G 694 -46.60 -15.48 3.08
C ALA G 694 -47.57 -15.89 4.17
N TYR G 695 -47.17 -16.82 5.04
CA TYR G 695 -48.09 -17.31 6.04
C TYR G 695 -47.28 -17.85 7.20
N THR G 696 -47.96 -18.06 8.33
CA THR G 696 -47.33 -18.66 9.50
C THR G 696 -47.31 -20.18 9.39
N MET G 697 -46.24 -20.79 9.89
CA MET G 697 -46.03 -22.23 9.78
C MET G 697 -47.10 -23.01 10.53
N SER G 698 -47.39 -24.20 10.02
CA SER G 698 -48.23 -25.16 10.72
C SER G 698 -47.37 -26.31 11.18
N LEU G 699 -47.42 -26.63 12.46
CA LEU G 699 -46.60 -27.70 13.00
C LEU G 699 -47.25 -29.07 12.87
N GLY G 700 -48.17 -29.22 11.93
CA GLY G 700 -48.83 -30.49 11.73
C GLY G 700 -50.24 -30.49 12.29
N ALA G 701 -50.94 -31.58 12.04
CA ALA G 701 -52.32 -31.71 12.50
C ALA G 701 -52.35 -32.03 13.99
N GLU G 702 -53.45 -31.68 14.63
CA GLU G 702 -53.62 -31.96 16.05
C GLU G 702 -54.36 -33.27 16.21
N ASN G 703 -53.77 -34.18 16.97
CA ASN G 703 -54.36 -35.49 17.21
C ASN G 703 -54.54 -35.67 18.70
N SER G 704 -55.78 -35.56 19.16
CA SER G 704 -56.10 -35.70 20.57
C SER G 704 -56.39 -37.16 20.88
N VAL G 705 -55.32 -37.92 21.14
CA VAL G 705 -55.50 -39.33 21.45
C VAL G 705 -56.40 -39.48 22.65
N ALA G 706 -57.36 -40.38 22.55
CA ALA G 706 -58.36 -40.57 23.61
C ALA G 706 -57.74 -41.32 24.77
N TYR G 707 -57.25 -40.58 25.76
CA TYR G 707 -56.74 -41.22 26.95
C TYR G 707 -57.86 -41.65 27.86
N SER G 708 -57.61 -42.68 28.65
CA SER G 708 -58.60 -43.14 29.61
C SER G 708 -57.87 -44.01 30.60
N ASN G 709 -58.39 -44.10 31.80
CA ASN G 709 -57.68 -44.93 32.75
C ASN G 709 -57.86 -46.42 32.50
N ASN G 710 -58.71 -46.86 31.55
CA ASN G 710 -58.82 -48.30 31.40
C ASN G 710 -58.93 -48.80 29.96
N SER G 711 -58.58 -48.00 28.96
CA SER G 711 -58.72 -48.43 27.57
C SER G 711 -57.35 -48.68 26.93
N ILE G 712 -57.30 -49.66 26.03
CA ILE G 712 -56.07 -50.03 25.33
C ILE G 712 -56.32 -50.18 23.85
N ALA G 713 -55.39 -49.68 23.04
CA ALA G 713 -55.41 -49.86 21.59
C ALA G 713 -54.30 -50.79 21.15
N ILE G 714 -54.66 -51.88 20.47
CA ILE G 714 -53.68 -52.90 20.04
C ILE G 714 -53.73 -53.09 18.54
N PRO G 715 -52.59 -53.23 17.86
CA PRO G 715 -52.60 -53.38 16.41
C PRO G 715 -52.94 -54.80 16.00
N THR G 716 -53.73 -54.93 14.94
CA THR G 716 -54.02 -56.24 14.37
C THR G 716 -53.29 -56.53 13.08
N ASN G 717 -52.59 -55.57 12.51
CA ASN G 717 -51.85 -55.85 11.29
C ASN G 717 -50.60 -54.98 11.29
N PHE G 718 -49.75 -55.19 10.30
CA PHE G 718 -48.49 -54.49 10.26
C PHE G 718 -48.14 -54.16 8.83
N THR G 719 -47.03 -53.48 8.66
CA THR G 719 -46.51 -53.17 7.35
C THR G 719 -45.03 -52.93 7.49
N ILE G 720 -44.23 -53.59 6.67
CA ILE G 720 -42.79 -53.46 6.72
C ILE G 720 -42.33 -52.59 5.57
N SER G 721 -41.54 -51.59 5.87
CA SER G 721 -41.13 -50.61 4.88
C SER G 721 -39.61 -50.61 4.74
N VAL G 722 -39.14 -49.89 3.73
CA VAL G 722 -37.71 -49.77 3.44
C VAL G 722 -37.36 -48.29 3.39
N THR G 723 -36.36 -47.89 4.17
CA THR G 723 -35.95 -46.51 4.21
C THR G 723 -34.49 -46.37 3.82
N THR G 724 -34.19 -45.36 3.01
CA THR G 724 -32.84 -45.13 2.52
C THR G 724 -32.15 -44.04 3.31
N GLU G 725 -30.99 -44.35 3.86
CA GLU G 725 -30.18 -43.38 4.59
C GLU G 725 -28.82 -43.26 3.90
N ILE G 726 -28.39 -42.02 3.64
CA ILE G 726 -27.15 -41.76 2.91
C ILE G 726 -26.12 -41.15 3.85
N LEU G 727 -24.86 -41.52 3.68
CA LEU G 727 -23.78 -41.01 4.51
C LEU G 727 -22.49 -40.83 3.72
N PRO G 728 -21.86 -39.66 3.79
CA PRO G 728 -20.59 -39.48 3.10
C PRO G 728 -19.48 -40.16 3.89
N VAL G 729 -18.51 -40.71 3.17
CA VAL G 729 -17.44 -41.45 3.84
C VAL G 729 -16.07 -40.83 3.60
N SER G 730 -15.86 -40.19 2.47
CA SER G 730 -14.52 -39.70 2.18
C SER G 730 -14.57 -38.59 1.15
N MET G 731 -13.42 -37.96 0.96
CA MET G 731 -13.30 -36.87 0.01
C MET G 731 -12.04 -37.08 -0.83
N THR G 732 -11.85 -36.20 -1.82
CA THR G 732 -10.72 -36.33 -2.72
C THR G 732 -9.43 -36.03 -1.97
N LYS G 733 -8.45 -36.92 -2.11
CA LYS G 733 -7.15 -36.68 -1.50
C LYS G 733 -6.36 -35.72 -2.36
N THR G 734 -5.83 -34.65 -1.75
CA THR G 734 -5.14 -33.62 -2.52
C THR G 734 -3.73 -33.43 -2.02
N SER G 735 -2.80 -33.23 -2.95
CA SER G 735 -1.43 -32.87 -2.63
C SER G 735 -1.04 -31.61 -3.41
N VAL G 736 -0.22 -30.78 -2.79
CA VAL G 736 0.14 -29.48 -3.35
C VAL G 736 1.65 -29.31 -3.34
N ASP G 737 2.18 -28.73 -4.41
CA ASP G 737 3.58 -28.35 -4.51
C ASP G 737 3.72 -26.87 -4.17
N CYS G 738 4.39 -26.57 -3.07
CA CYS G 738 4.43 -25.20 -2.58
C CYS G 738 5.04 -24.24 -3.60
N THR G 739 6.31 -24.47 -3.95
CA THR G 739 7.01 -23.52 -4.81
C THR G 739 6.32 -23.33 -6.15
N MET G 740 5.82 -24.42 -6.74
CA MET G 740 5.16 -24.29 -8.04
C MET G 740 3.98 -23.35 -7.95
N TYR G 741 3.07 -23.62 -7.01
CA TYR G 741 1.94 -22.72 -6.86
C TYR G 741 2.38 -21.31 -6.56
N ILE G 742 3.45 -21.15 -5.79
CA ILE G 742 3.82 -19.81 -5.38
C ILE G 742 4.33 -18.99 -6.56
N CYS G 743 5.42 -19.43 -7.18
CA CYS G 743 5.96 -18.59 -8.23
C CYS G 743 6.55 -19.37 -9.40
N GLY G 744 5.84 -20.39 -9.86
CA GLY G 744 6.10 -20.97 -11.17
C GLY G 744 7.55 -21.00 -11.64
N ASP G 745 8.44 -21.55 -10.82
CA ASP G 745 9.83 -21.79 -11.21
C ASP G 745 10.55 -20.50 -11.62
N SER G 746 10.71 -19.60 -10.65
CA SER G 746 11.50 -18.40 -10.80
C SER G 746 12.62 -18.47 -9.76
N THR G 747 13.86 -18.33 -10.20
CA THR G 747 14.97 -18.47 -9.28
C THR G 747 14.96 -17.36 -8.23
N GLU G 748 14.77 -16.11 -8.67
CA GLU G 748 14.76 -15.02 -7.70
C GLU G 748 13.64 -15.20 -6.70
N CYS G 749 12.53 -15.80 -7.13
CA CYS G 749 11.45 -15.98 -6.19
C CYS G 749 11.76 -17.08 -5.20
N SER G 750 12.48 -18.12 -5.63
CA SER G 750 12.85 -19.12 -4.64
C SER G 750 13.82 -18.52 -3.64
N ASN G 751 14.73 -17.68 -4.14
CA ASN G 751 15.65 -16.99 -3.26
C ASN G 751 14.93 -16.16 -2.24
N LEU G 752 13.77 -15.62 -2.59
CA LEU G 752 13.03 -14.84 -1.61
C LEU G 752 12.10 -15.68 -0.75
N LEU G 753 11.64 -16.83 -1.27
CA LEU G 753 10.76 -17.67 -0.48
C LEU G 753 11.54 -18.35 0.63
N LEU G 754 12.84 -18.56 0.40
CA LEU G 754 13.69 -19.12 1.43
C LEU G 754 13.70 -18.28 2.71
N GLN G 755 13.23 -17.03 2.64
CA GLN G 755 13.28 -16.20 3.83
C GLN G 755 12.10 -16.39 4.75
N TYR G 756 11.08 -17.14 4.34
CA TYR G 756 9.92 -17.28 5.20
C TYR G 756 9.97 -18.49 6.11
N GLY G 757 10.77 -19.51 5.79
CA GLY G 757 10.94 -20.65 6.66
C GLY G 757 10.43 -21.92 6.00
N SER G 758 9.82 -22.77 6.81
CA SER G 758 9.38 -24.11 6.40
C SER G 758 7.86 -24.19 6.33
N PHE G 759 7.20 -23.08 5.98
CA PHE G 759 5.74 -23.10 5.88
C PHE G 759 5.24 -24.13 4.90
N CYS G 760 5.84 -24.20 3.71
CA CYS G 760 5.32 -25.15 2.75
C CYS G 760 5.53 -26.57 3.24
N THR G 761 6.64 -26.82 3.91
CA THR G 761 6.87 -28.14 4.49
C THR G 761 5.76 -28.50 5.46
N GLN G 762 5.44 -27.56 6.35
CA GLN G 762 4.43 -27.83 7.37
C GLN G 762 3.09 -28.13 6.73
N LEU G 763 2.69 -27.33 5.76
CA LEU G 763 1.40 -27.59 5.15
C LEU G 763 1.42 -28.92 4.41
N LYS G 764 2.52 -29.22 3.73
CA LYS G 764 2.59 -30.48 3.02
C LYS G 764 2.40 -31.65 3.97
N ARG G 765 3.02 -31.56 5.14
CA ARG G 765 2.83 -32.62 6.12
C ARG G 765 1.36 -32.73 6.50
N ALA G 766 0.71 -31.59 6.70
CA ALA G 766 -0.69 -31.64 7.09
C ALA G 766 -1.53 -32.34 6.03
N LEU G 767 -1.28 -32.01 4.78
CA LEU G 767 -2.09 -32.60 3.71
C LEU G 767 -1.85 -34.09 3.58
N THR G 768 -0.59 -34.52 3.72
CA THR G 768 -0.34 -35.95 3.67
C THR G 768 -1.10 -36.66 4.79
N GLY G 769 -1.16 -36.02 5.96
CA GLY G 769 -1.95 -36.59 7.03
C GLY G 769 -3.39 -36.75 6.65
N ILE G 770 -3.94 -35.74 5.97
CA ILE G 770 -5.33 -35.84 5.52
C ILE G 770 -5.52 -37.00 4.56
N ALA G 771 -4.59 -37.17 3.63
CA ALA G 771 -4.76 -38.23 2.64
C ALA G 771 -4.77 -39.60 3.32
N VAL G 772 -3.79 -39.84 4.18
CA VAL G 772 -3.77 -41.13 4.84
C VAL G 772 -5.03 -41.30 5.66
N GLU G 773 -5.57 -40.19 6.15
CA GLU G 773 -6.79 -40.28 6.94
C GLU G 773 -7.94 -40.77 6.10
N GLN G 774 -8.04 -40.26 4.87
CA GLN G 774 -9.13 -40.69 4.00
C GLN G 774 -9.05 -42.18 3.73
N ASP G 775 -7.86 -42.66 3.43
CA ASP G 775 -7.75 -44.11 3.18
C ASP G 775 -8.15 -44.90 4.41
N LYS G 776 -7.71 -44.46 5.58
CA LYS G 776 -8.08 -45.21 6.77
C LYS G 776 -9.58 -45.17 6.99
N ASN G 777 -10.24 -44.08 6.64
CA ASN G 777 -11.68 -44.02 6.83
C ASN G 777 -12.36 -45.09 6.00
N THR G 778 -12.03 -45.16 4.71
CA THR G 778 -12.64 -46.20 3.90
C THR G 778 -12.34 -47.58 4.49
N GLN G 779 -11.11 -47.78 4.95
CA GLN G 779 -10.74 -49.05 5.52
C GLN G 779 -11.66 -49.41 6.68
N GLU G 780 -11.77 -48.48 7.63
CA GLU G 780 -12.56 -48.72 8.82
C GLU G 780 -14.02 -48.98 8.50
N VAL G 781 -14.56 -48.33 7.49
CA VAL G 781 -15.97 -48.54 7.23
C VAL G 781 -16.19 -49.88 6.56
N PHE G 782 -15.48 -50.15 5.48
CA PHE G 782 -15.86 -51.30 4.68
C PHE G 782 -15.17 -52.59 5.05
N ALA G 783 -13.89 -52.54 5.40
CA ALA G 783 -13.10 -53.75 5.64
C ALA G 783 -13.33 -54.36 7.01
N GLN G 784 -14.60 -54.62 7.31
CA GLN G 784 -14.85 -55.28 8.60
C GLN G 784 -14.87 -56.79 8.51
N VAL G 785 -15.40 -57.35 7.45
CA VAL G 785 -15.43 -58.79 7.31
C VAL G 785 -14.07 -59.28 6.83
N LYS G 786 -13.68 -60.46 7.30
CA LYS G 786 -12.37 -61.01 6.96
C LYS G 786 -12.37 -61.89 5.72
N GLN G 787 -13.43 -62.66 5.49
CA GLN G 787 -13.47 -63.58 4.36
C GLN G 787 -14.52 -63.17 3.34
N ILE G 788 -14.16 -63.27 2.06
CA ILE G 788 -15.04 -62.89 0.96
C ILE G 788 -16.03 -64.02 0.72
N TYR G 789 -17.25 -63.87 1.22
CA TYR G 789 -18.28 -64.88 1.03
C TYR G 789 -18.89 -64.81 -0.35
N LYS G 790 -19.00 -65.94 -1.02
CA LYS G 790 -19.59 -65.99 -2.34
C LYS G 790 -21.07 -66.35 -2.22
N THR G 791 -21.85 -65.83 -3.12
CA THR G 791 -23.28 -66.10 -3.17
C THR G 791 -23.54 -67.47 -3.81
N PRO G 792 -24.45 -68.26 -3.27
CA PRO G 792 -24.75 -69.56 -3.88
C PRO G 792 -25.38 -69.36 -5.25
N PRO G 793 -25.31 -70.37 -6.13
CA PRO G 793 -25.86 -70.17 -7.48
C PRO G 793 -27.38 -70.20 -7.54
N ILE G 794 -28.03 -71.13 -6.85
CA ILE G 794 -29.49 -71.18 -6.86
C ILE G 794 -29.97 -70.06 -5.93
N LYS G 795 -30.37 -68.94 -6.52
CA LYS G 795 -30.71 -67.74 -5.77
C LYS G 795 -32.18 -67.72 -5.35
N TYR G 796 -32.59 -68.74 -4.62
CA TYR G 796 -33.94 -68.84 -4.08
C TYR G 796 -33.92 -68.75 -2.56
N PHE G 797 -34.57 -67.72 -2.02
CA PHE G 797 -34.60 -67.45 -0.59
C PHE G 797 -36.02 -67.37 -0.05
N GLY G 798 -36.90 -68.25 -0.48
CA GLY G 798 -38.23 -68.23 0.09
C GLY G 798 -39.08 -67.04 -0.33
N GLY G 799 -39.12 -66.76 -1.63
CA GLY G 799 -39.94 -65.70 -2.14
C GLY G 799 -39.31 -64.33 -2.14
N PHE G 800 -38.32 -64.08 -1.31
CA PHE G 800 -37.71 -62.78 -1.26
C PHE G 800 -36.90 -62.54 -2.54
N ASN G 801 -36.95 -61.32 -3.05
CA ASN G 801 -36.29 -60.98 -4.32
C ASN G 801 -35.18 -59.98 -4.11
N PHE G 802 -33.96 -60.47 -3.95
CA PHE G 802 -32.81 -59.60 -3.79
C PHE G 802 -32.15 -59.24 -5.11
N SER G 803 -32.83 -59.47 -6.23
CA SER G 803 -32.21 -59.21 -7.51
C SER G 803 -31.79 -57.75 -7.65
N GLN G 804 -32.50 -56.85 -7.00
CA GLN G 804 -32.16 -55.44 -7.13
C GLN G 804 -30.89 -55.06 -6.39
N ILE G 805 -30.43 -55.89 -5.45
CA ILE G 805 -29.26 -55.54 -4.66
C ILE G 805 -28.05 -56.42 -4.91
N LEU G 806 -28.23 -57.64 -5.40
CA LEU G 806 -27.10 -58.51 -5.66
C LEU G 806 -26.35 -58.02 -6.90
N PRO G 807 -25.07 -58.35 -7.00
CA PRO G 807 -24.30 -57.89 -8.16
C PRO G 807 -24.84 -58.47 -9.46
N ASP G 808 -24.75 -57.69 -10.52
CA ASP G 808 -25.25 -58.07 -11.83
C ASP G 808 -24.18 -58.78 -12.63
N PRO G 809 -24.30 -60.07 -12.91
CA PRO G 809 -23.29 -60.76 -13.72
C PRO G 809 -23.24 -60.28 -15.16
N SER G 810 -24.31 -59.65 -15.66
CA SER G 810 -24.33 -59.22 -17.05
C SER G 810 -23.32 -58.10 -17.30
N LYS G 811 -23.46 -56.99 -16.61
CA LYS G 811 -22.57 -55.87 -16.81
C LYS G 811 -21.17 -56.23 -16.35
N PRO G 812 -20.13 -55.68 -16.99
CA PRO G 812 -18.77 -56.03 -16.59
C PRO G 812 -18.39 -55.49 -15.22
N SER G 813 -18.91 -54.34 -14.83
CA SER G 813 -18.54 -53.80 -13.53
C SER G 813 -19.13 -54.61 -12.39
N LYS G 814 -20.12 -55.45 -12.68
CA LYS G 814 -20.70 -56.36 -11.70
C LYS G 814 -21.32 -55.63 -10.51
N ARG G 815 -21.92 -54.48 -10.77
CA ARG G 815 -22.61 -53.73 -9.74
C ARG G 815 -24.10 -54.01 -9.84
N SER G 816 -24.76 -53.98 -8.69
CA SER G 816 -26.20 -54.17 -8.69
C SER G 816 -26.85 -53.05 -9.48
N PRO G 817 -28.11 -53.24 -9.90
CA PRO G 817 -28.77 -52.13 -10.61
C PRO G 817 -28.90 -50.88 -9.78
N ILE G 818 -29.17 -51.02 -8.48
CA ILE G 818 -29.26 -49.84 -7.63
C ILE G 818 -27.93 -49.13 -7.61
N GLU G 819 -26.84 -49.88 -7.59
CA GLU G 819 -25.52 -49.29 -7.60
C GLU G 819 -25.27 -48.50 -8.88
N ASP G 820 -25.72 -49.05 -10.02
CA ASP G 820 -25.59 -48.33 -11.28
C ASP G 820 -26.43 -47.07 -11.25
N LEU G 821 -27.64 -47.16 -10.73
CA LEU G 821 -28.48 -45.98 -10.63
C LEU G 821 -27.77 -44.91 -9.82
N LEU G 822 -27.08 -45.33 -8.76
CA LEU G 822 -26.31 -44.39 -7.96
C LEU G 822 -25.19 -43.77 -8.79
N PHE G 823 -24.52 -44.58 -9.59
CA PHE G 823 -23.41 -44.04 -10.38
C PHE G 823 -23.90 -43.03 -11.40
N ASN G 824 -25.09 -43.21 -11.92
CA ASN G 824 -25.57 -42.26 -12.91
C ASN G 824 -26.21 -41.04 -12.27
N LYS G 825 -26.78 -41.20 -11.08
CA LYS G 825 -27.50 -40.10 -10.46
C LYS G 825 -26.57 -38.98 -10.04
N VAL G 826 -25.33 -39.30 -9.69
CA VAL G 826 -24.39 -38.30 -9.23
C VAL G 826 -23.25 -38.21 -10.23
N THR G 827 -22.87 -36.99 -10.58
CA THR G 827 -21.79 -36.73 -11.51
C THR G 827 -21.01 -35.52 -10.99
N LEU G 828 -19.87 -35.26 -11.60
CA LEU G 828 -19.04 -34.13 -11.20
C LEU G 828 -19.70 -32.80 -11.52
N PHE G 855 -2.52 -27.96 -14.68
CA PHE G 855 -2.72 -27.45 -13.33
C PHE G 855 -1.52 -26.60 -12.92
N ASN G 856 -1.52 -26.15 -11.67
CA ASN G 856 -0.42 -25.32 -11.21
C ASN G 856 0.24 -25.91 -9.96
N GLY G 857 0.53 -27.21 -10.00
CA GLY G 857 1.23 -27.84 -8.87
C GLY G 857 0.23 -28.38 -7.88
N LEU G 858 -0.91 -28.84 -8.38
CA LEU G 858 -1.97 -29.35 -7.48
C LEU G 858 -2.44 -30.68 -8.03
N THR G 859 -2.20 -31.77 -7.29
CA THR G 859 -2.53 -33.11 -7.83
C THR G 859 -3.63 -33.76 -7.00
N VAL G 860 -4.35 -34.71 -7.60
CA VAL G 860 -5.39 -35.46 -6.84
C VAL G 860 -5.00 -36.93 -6.83
N LEU G 861 -4.06 -37.30 -5.96
CA LEU G 861 -3.63 -38.72 -5.88
C LEU G 861 -4.87 -39.60 -5.89
N PRO G 862 -4.83 -40.80 -6.50
CA PRO G 862 -6.00 -41.62 -6.60
C PRO G 862 -6.34 -42.27 -5.25
N PRO G 863 -7.47 -43.00 -5.14
CA PRO G 863 -7.79 -43.69 -3.89
C PRO G 863 -6.87 -44.90 -3.77
N LEU G 864 -6.96 -45.64 -2.67
CA LEU G 864 -6.16 -46.90 -2.59
C LEU G 864 -7.08 -48.04 -3.01
N LEU G 865 -8.28 -48.09 -2.44
CA LEU G 865 -9.23 -49.12 -2.86
C LEU G 865 -9.94 -48.66 -4.13
N THR G 866 -9.82 -49.43 -5.20
CA THR G 866 -10.53 -49.02 -6.39
C THR G 866 -12.01 -49.26 -6.18
N ASP G 867 -12.82 -48.69 -7.06
CA ASP G 867 -14.26 -48.87 -6.91
C ASP G 867 -14.65 -50.34 -6.99
N GLU G 868 -13.98 -51.09 -7.85
CA GLU G 868 -14.33 -52.50 -8.00
C GLU G 868 -14.15 -53.25 -6.69
N MET G 869 -13.06 -52.98 -5.98
CA MET G 869 -12.82 -53.73 -4.75
C MET G 869 -13.85 -53.38 -3.69
N ILE G 870 -14.29 -52.12 -3.67
CA ILE G 870 -15.32 -51.75 -2.73
C ILE G 870 -16.60 -52.49 -3.04
N ALA G 871 -16.92 -52.61 -4.33
CA ALA G 871 -18.12 -53.35 -4.68
C ALA G 871 -17.97 -54.81 -4.26
N GLN G 872 -16.76 -55.34 -4.35
CA GLN G 872 -16.55 -56.73 -3.93
C GLN G 872 -16.79 -56.88 -2.44
N TYR G 873 -16.30 -55.94 -1.64
CA TYR G 873 -16.55 -56.00 -0.21
C TYR G 873 -18.03 -55.97 0.09
N THR G 874 -18.74 -55.07 -0.58
CA THR G 874 -20.17 -54.96 -0.35
C THR G 874 -20.88 -56.26 -0.69
N SER G 875 -20.51 -56.89 -1.79
CA SER G 875 -21.15 -58.15 -2.15
C SER G 875 -20.87 -59.20 -1.10
N ALA G 876 -19.67 -59.17 -0.53
CA ALA G 876 -19.37 -60.14 0.52
C ALA G 876 -20.28 -59.92 1.71
N LEU G 877 -20.43 -58.67 2.13
CA LEU G 877 -21.28 -58.42 3.30
C LEU G 877 -22.70 -58.87 3.02
N LEU G 878 -23.19 -58.63 1.81
CA LEU G 878 -24.54 -59.06 1.50
C LEU G 878 -24.67 -60.56 1.61
N ALA G 879 -23.71 -61.31 1.07
CA ALA G 879 -23.82 -62.76 1.16
C ALA G 879 -23.81 -63.21 2.60
N GLY G 880 -22.96 -62.59 3.41
CA GLY G 880 -22.89 -62.97 4.80
C GLY G 880 -24.22 -62.77 5.51
N THR G 881 -24.79 -61.58 5.36
CA THR G 881 -26.05 -61.32 6.06
C THR G 881 -27.19 -62.15 5.51
N ILE G 882 -27.09 -62.57 4.25
CA ILE G 882 -28.21 -63.29 3.69
C ILE G 882 -28.19 -64.75 4.12
N THR G 883 -27.01 -65.33 4.31
CA THR G 883 -26.94 -66.75 4.60
C THR G 883 -26.65 -67.09 6.05
N SER G 884 -26.14 -66.16 6.86
CA SER G 884 -25.65 -66.52 8.17
C SER G 884 -26.13 -65.64 9.32
N GLY G 885 -26.92 -64.62 9.07
CA GLY G 885 -27.43 -63.81 10.17
C GLY G 885 -26.37 -63.09 10.97
N TRP G 886 -26.48 -63.14 12.29
CA TRP G 886 -25.51 -62.47 13.15
C TRP G 886 -24.18 -63.20 13.18
N THR G 887 -24.16 -64.49 12.95
CA THR G 887 -23.00 -65.27 13.33
C THR G 887 -21.76 -64.84 12.57
N PHE G 888 -21.90 -64.48 11.30
CA PHE G 888 -20.68 -64.18 10.58
C PHE G 888 -19.98 -62.94 11.10
N GLY G 889 -20.62 -62.21 12.00
CA GLY G 889 -19.94 -61.04 12.55
C GLY G 889 -19.21 -61.31 13.83
N ALA G 890 -19.50 -62.44 14.47
CA ALA G 890 -18.89 -62.83 15.73
C ALA G 890 -17.87 -63.96 15.59
N GLY G 891 -17.75 -64.58 14.42
CA GLY G 891 -16.84 -65.68 14.25
C GLY G 891 -17.15 -66.51 13.03
N PRO G 892 -17.19 -67.83 13.20
CA PRO G 892 -17.43 -68.69 12.04
C PRO G 892 -18.84 -68.53 11.50
N ALA G 893 -18.94 -68.31 10.20
CA ALA G 893 -20.24 -68.13 9.56
C ALA G 893 -21.00 -69.45 9.54
N LEU G 894 -22.19 -69.47 10.14
CA LEU G 894 -23.05 -70.64 10.18
C LEU G 894 -24.23 -70.44 9.26
N GLN G 895 -24.39 -71.30 8.26
CA GLN G 895 -25.50 -71.13 7.34
C GLN G 895 -26.81 -71.45 8.04
N ILE G 896 -27.85 -70.68 7.72
CA ILE G 896 -29.15 -70.87 8.33
C ILE G 896 -30.26 -70.48 7.34
N PRO G 897 -31.31 -71.27 7.22
CA PRO G 897 -32.39 -70.94 6.29
C PRO G 897 -32.94 -69.55 6.57
N PHE G 898 -33.20 -68.80 5.51
CA PHE G 898 -33.60 -67.41 5.68
C PHE G 898 -34.92 -67.18 6.41
N PRO G 899 -35.97 -67.95 6.18
CA PRO G 899 -37.16 -67.75 7.02
C PRO G 899 -36.90 -67.95 8.49
N MET G 900 -36.09 -68.93 8.89
CA MET G 900 -35.83 -69.05 10.31
C MET G 900 -35.04 -67.85 10.82
N GLN G 901 -34.19 -67.28 9.99
CA GLN G 901 -33.46 -66.11 10.47
C GLN G 901 -34.40 -64.97 10.72
N MET G 902 -35.33 -64.73 9.79
CA MET G 902 -36.27 -63.67 10.05
C MET G 902 -37.17 -63.98 11.22
N ALA G 903 -37.45 -65.24 11.50
CA ALA G 903 -38.25 -65.54 12.68
C ALA G 903 -37.51 -65.13 13.93
N TYR G 904 -36.21 -65.46 13.99
CA TYR G 904 -35.37 -64.95 15.07
C TYR G 904 -35.50 -63.44 15.21
N ARG G 905 -35.39 -62.70 14.12
CA ARG G 905 -35.43 -61.25 14.29
C ARG G 905 -36.78 -60.79 14.81
N PHE G 906 -37.87 -61.44 14.34
CA PHE G 906 -39.19 -61.10 14.86
C PHE G 906 -39.22 -61.26 16.36
N ASN G 907 -38.73 -62.38 16.87
CA ASN G 907 -38.58 -62.47 18.32
C ASN G 907 -37.79 -61.28 18.83
N GLY G 908 -36.81 -60.84 18.04
CA GLY G 908 -36.03 -59.71 18.48
C GLY G 908 -36.85 -58.47 18.77
N ILE G 909 -37.94 -58.26 18.05
CA ILE G 909 -38.82 -57.12 18.35
C ILE G 909 -40.06 -57.52 19.15
N GLY G 910 -40.03 -58.66 19.83
CA GLY G 910 -41.13 -58.96 20.71
C GLY G 910 -42.40 -59.54 20.10
N VAL G 911 -42.34 -60.06 18.89
CA VAL G 911 -43.48 -60.72 18.24
C VAL G 911 -43.15 -62.19 18.08
N THR G 912 -44.07 -63.06 18.49
CA THR G 912 -43.78 -64.48 18.44
C THR G 912 -43.61 -64.94 17.00
N GLN G 913 -42.68 -65.87 16.79
CA GLN G 913 -42.30 -66.27 15.44
C GLN G 913 -43.41 -66.96 14.67
N ASN G 914 -44.40 -67.52 15.35
CA ASN G 914 -45.47 -68.14 14.57
C ASN G 914 -46.12 -67.10 13.68
N VAL G 915 -46.07 -65.84 14.07
CA VAL G 915 -46.59 -64.79 13.21
C VAL G 915 -45.85 -64.78 11.89
N LEU G 916 -44.57 -65.10 11.89
CA LEU G 916 -43.89 -65.11 10.61
C LEU G 916 -44.20 -66.38 9.84
N TYR G 917 -44.26 -67.52 10.52
CA TYR G 917 -44.51 -68.72 9.75
C TYR G 917 -45.92 -68.77 9.18
N GLU G 918 -46.86 -68.01 9.74
CA GLU G 918 -48.21 -68.07 9.21
C GLU G 918 -48.47 -67.02 8.13
N ASN G 919 -47.55 -66.11 7.89
CA ASN G 919 -47.80 -65.04 6.93
C ASN G 919 -46.60 -64.84 6.01
N GLN G 920 -45.85 -65.92 5.77
CA GLN G 920 -44.66 -65.83 4.94
C GLN G 920 -44.93 -65.24 3.55
N LYS G 921 -45.97 -65.72 2.87
CA LYS G 921 -46.21 -65.27 1.50
C LYS G 921 -46.49 -63.77 1.46
N LEU G 922 -47.41 -63.31 2.30
CA LEU G 922 -47.77 -61.90 2.31
C LEU G 922 -46.57 -61.03 2.63
N ILE G 923 -45.75 -61.48 3.57
CA ILE G 923 -44.60 -60.69 3.96
C ILE G 923 -43.65 -60.58 2.80
N ALA G 924 -43.48 -61.68 2.07
CA ALA G 924 -42.56 -61.65 0.95
C ALA G 924 -43.03 -60.66 -0.10
N ASN G 925 -44.33 -60.64 -0.37
CA ASN G 925 -44.82 -59.69 -1.35
C ASN G 925 -44.61 -58.26 -0.90
N GLN G 926 -44.84 -57.97 0.39
CA GLN G 926 -44.68 -56.60 0.85
C GLN G 926 -43.23 -56.18 0.71
N PHE G 927 -42.31 -57.07 1.08
CA PHE G 927 -40.91 -56.73 0.99
C PHE G 927 -40.50 -56.51 -0.47
N ASN G 928 -40.97 -57.37 -1.37
CA ASN G 928 -40.60 -57.21 -2.78
C ASN G 928 -41.11 -55.89 -3.33
N SER G 929 -42.37 -55.56 -3.05
CA SER G 929 -42.91 -54.31 -3.55
C SER G 929 -42.13 -53.11 -3.02
N ALA G 930 -41.76 -53.15 -1.74
CA ALA G 930 -41.01 -52.03 -1.20
C ALA G 930 -39.68 -51.89 -1.89
N ILE G 931 -39.01 -53.02 -2.12
CA ILE G 931 -37.72 -52.94 -2.78
C ILE G 931 -37.88 -52.38 -4.17
N GLY G 932 -38.98 -52.71 -4.82
CA GLY G 932 -39.19 -52.21 -6.17
C GLY G 932 -39.42 -50.71 -6.18
N LYS G 933 -40.19 -50.21 -5.21
CA LYS G 933 -40.45 -48.78 -5.21
C LYS G 933 -39.23 -47.98 -4.81
N ILE G 934 -38.24 -48.61 -4.17
CA ILE G 934 -37.05 -47.87 -3.75
C ILE G 934 -36.35 -47.25 -4.96
N GLN G 935 -36.16 -48.03 -6.01
CA GLN G 935 -35.42 -47.52 -7.16
C GLN G 935 -36.16 -46.37 -7.82
N ASP G 936 -37.48 -46.51 -7.96
CA ASP G 936 -38.28 -45.44 -8.53
C ASP G 936 -38.18 -44.19 -7.69
N SER G 937 -38.20 -44.33 -6.36
CA SER G 937 -38.13 -43.16 -5.51
C SER G 937 -36.80 -42.45 -5.69
N LEU G 938 -35.71 -43.21 -5.71
CA LEU G 938 -34.40 -42.58 -5.91
C LEU G 938 -34.31 -41.90 -7.28
N SER G 939 -34.94 -42.48 -8.29
CA SER G 939 -34.81 -41.90 -9.62
C SER G 939 -35.68 -40.66 -9.76
N SER G 940 -36.86 -40.66 -9.16
CA SER G 940 -37.74 -39.50 -9.28
C SER G 940 -37.35 -38.38 -8.34
N THR G 941 -36.74 -38.68 -7.22
CA THR G 941 -36.36 -37.64 -6.29
C THR G 941 -35.27 -36.78 -6.92
N PRO G 942 -35.42 -35.47 -6.94
CA PRO G 942 -34.43 -34.61 -7.59
C PRO G 942 -33.18 -34.35 -6.74
N SER G 943 -33.33 -34.31 -5.42
CA SER G 943 -32.22 -33.95 -4.55
C SER G 943 -32.10 -34.94 -3.40
N ALA G 944 -32.17 -36.23 -3.73
CA ALA G 944 -31.98 -37.25 -2.71
C ALA G 944 -30.52 -37.39 -2.32
N LEU G 945 -29.61 -37.16 -3.27
CA LEU G 945 -28.18 -37.33 -3.09
C LEU G 945 -27.48 -36.03 -2.75
N GLY G 946 -28.15 -35.16 -1.99
CA GLY G 946 -27.59 -33.85 -1.71
C GLY G 946 -26.22 -33.88 -1.06
N LYS G 947 -26.00 -34.81 -0.13
CA LYS G 947 -24.76 -34.76 0.64
C LYS G 947 -23.54 -35.10 -0.21
N LEU G 948 -23.58 -36.20 -0.95
CA LEU G 948 -22.41 -36.57 -1.74
C LEU G 948 -22.11 -35.51 -2.78
N GLN G 949 -23.16 -35.02 -3.43
CA GLN G 949 -23.00 -33.97 -4.42
C GLN G 949 -22.40 -32.74 -3.77
N ASP G 950 -22.77 -32.48 -2.52
CA ASP G 950 -22.27 -31.31 -1.83
C ASP G 950 -20.79 -31.44 -1.54
N VAL G 951 -20.36 -32.64 -1.17
CA VAL G 951 -18.94 -32.85 -0.91
C VAL G 951 -18.14 -32.58 -2.16
N VAL G 952 -18.57 -33.18 -3.27
CA VAL G 952 -17.84 -33.02 -4.52
C VAL G 952 -17.79 -31.56 -4.92
N ASN G 953 -18.93 -30.89 -4.88
CA ASN G 953 -19.00 -29.51 -5.33
C ASN G 953 -18.18 -28.60 -4.44
N HIS G 954 -18.19 -28.84 -3.13
CA HIS G 954 -17.41 -28.00 -2.23
C HIS G 954 -15.95 -28.10 -2.54
N ASN G 955 -15.45 -29.33 -2.70
CA ASN G 955 -14.03 -29.47 -3.00
C ASN G 955 -13.68 -28.79 -4.32
N ALA G 956 -14.50 -29.01 -5.35
CA ALA G 956 -14.20 -28.42 -6.64
C ALA G 956 -14.17 -26.90 -6.54
N GLN G 957 -15.14 -26.31 -5.86
CA GLN G 957 -15.17 -24.86 -5.75
C GLN G 957 -14.00 -24.34 -4.95
N ALA G 958 -13.61 -25.04 -3.88
CA ALA G 958 -12.48 -24.58 -3.09
C ALA G 958 -11.21 -24.55 -3.92
N LEU G 959 -10.92 -25.64 -4.61
CA LEU G 959 -9.71 -25.61 -5.44
C LEU G 959 -9.83 -24.55 -6.53
N ASN G 960 -11.04 -24.38 -7.08
CA ASN G 960 -11.22 -23.39 -8.12
C ASN G 960 -10.87 -22.00 -7.63
N THR G 961 -11.36 -21.64 -6.45
CA THR G 961 -11.02 -20.31 -5.97
C THR G 961 -9.55 -20.20 -5.67
N LEU G 962 -8.93 -21.30 -5.23
CA LEU G 962 -7.50 -21.24 -4.97
C LEU G 962 -6.71 -20.97 -6.23
N VAL G 963 -7.08 -21.59 -7.34
CA VAL G 963 -6.34 -21.34 -8.57
C VAL G 963 -6.67 -19.96 -9.10
N LYS G 964 -7.92 -19.53 -8.93
CA LYS G 964 -8.32 -18.24 -9.47
C LYS G 964 -7.62 -17.10 -8.76
N GLN G 965 -7.32 -17.26 -7.48
CA GLN G 965 -6.68 -16.18 -6.75
C GLN G 965 -5.28 -15.84 -7.26
N LEU G 966 -4.77 -16.58 -8.24
CA LEU G 966 -3.49 -16.19 -8.79
C LEU G 966 -3.60 -14.93 -9.61
N SER G 967 -4.80 -14.62 -10.12
CA SER G 967 -4.95 -13.45 -10.95
C SER G 967 -4.94 -12.17 -10.12
N SER G 968 -5.25 -12.26 -8.84
CA SER G 968 -5.27 -11.05 -8.03
C SER G 968 -3.89 -10.43 -7.96
N LYS G 969 -3.86 -9.11 -7.91
CA LYS G 969 -2.61 -8.38 -7.82
C LYS G 969 -2.13 -8.15 -6.40
N PHE G 970 -3.04 -8.17 -5.42
CA PHE G 970 -2.67 -8.00 -4.03
C PHE G 970 -1.94 -6.69 -3.78
N GLY G 971 -2.15 -5.72 -4.64
CA GLY G 971 -1.50 -4.44 -4.55
C GLY G 971 -0.32 -4.27 -5.48
N ALA G 972 0.18 -5.34 -6.07
CA ALA G 972 1.29 -5.21 -6.99
C ALA G 972 0.81 -4.60 -8.30
N ILE G 973 1.76 -4.02 -9.04
CA ILE G 973 1.42 -3.39 -10.32
C ILE G 973 0.99 -4.39 -11.37
N SER G 974 1.22 -5.68 -11.15
CA SER G 974 0.76 -6.71 -12.09
C SER G 974 0.79 -8.06 -11.39
N SER G 975 0.03 -8.99 -11.94
CA SER G 975 -0.13 -10.28 -11.27
C SER G 975 0.92 -11.29 -11.67
N VAL G 976 1.42 -11.23 -12.89
CA VAL G 976 2.44 -12.17 -13.33
C VAL G 976 3.81 -11.63 -12.94
N LEU G 977 4.65 -12.51 -12.41
CA LEU G 977 5.96 -12.07 -11.94
C LEU G 977 6.87 -11.64 -13.08
N ASN G 978 6.70 -12.22 -14.28
CA ASN G 978 7.64 -11.93 -15.35
C ASN G 978 7.64 -10.46 -15.71
N ASP G 979 6.46 -9.87 -15.87
CA ASP G 979 6.38 -8.45 -16.14
C ASP G 979 6.96 -7.66 -15.00
N ILE G 980 6.65 -8.06 -13.77
CA ILE G 980 7.14 -7.36 -12.59
C ILE G 980 8.65 -7.25 -12.64
N LEU G 981 9.33 -8.35 -12.96
CA LEU G 981 10.78 -8.36 -13.01
C LEU G 981 11.34 -7.82 -14.32
N SER G 982 10.51 -7.61 -15.33
CA SER G 982 11.05 -7.12 -16.61
C SER G 982 11.04 -5.61 -16.65
N ARG G 983 9.90 -4.99 -16.39
CA ARG G 983 9.74 -3.55 -16.55
C ARG G 983 10.04 -2.81 -15.27
N LEU G 984 10.96 -3.33 -14.47
CA LEU G 984 11.35 -2.69 -13.23
C LEU G 984 12.72 -3.17 -12.83
N ASP G 985 13.46 -2.32 -12.15
CA ASP G 985 14.77 -2.70 -11.67
C ASP G 985 14.62 -3.71 -10.54
N PRO G 986 15.64 -4.51 -10.30
CA PRO G 986 15.54 -5.56 -9.26
C PRO G 986 15.25 -5.01 -7.87
N PRO G 987 15.86 -3.88 -7.45
CA PRO G 987 15.58 -3.41 -6.08
C PRO G 987 14.11 -3.17 -5.81
N GLU G 988 13.38 -2.58 -6.76
CA GLU G 988 11.96 -2.38 -6.55
C GLU G 988 11.17 -3.64 -6.86
N ALA G 989 11.67 -4.47 -7.78
CA ALA G 989 10.99 -5.73 -8.05
C ALA G 989 10.95 -6.61 -6.82
N GLU G 990 11.91 -6.46 -5.91
CA GLU G 990 11.87 -7.24 -4.68
C GLU G 990 10.59 -6.96 -3.89
N VAL G 991 10.33 -5.67 -3.63
CA VAL G 991 9.16 -5.34 -2.85
C VAL G 991 7.89 -5.52 -3.65
N GLN G 992 7.98 -5.52 -4.98
CA GLN G 992 6.78 -5.82 -5.73
C GLN G 992 6.48 -7.30 -5.77
N ILE G 993 7.46 -8.15 -5.50
CA ILE G 993 7.21 -9.59 -5.46
C ILE G 993 6.86 -10.05 -4.04
N ASP G 994 7.31 -9.31 -3.04
CA ASP G 994 6.91 -9.59 -1.66
C ASP G 994 5.39 -9.64 -1.51
N ARG G 995 4.67 -8.71 -2.12
CA ARG G 995 3.22 -8.70 -1.97
C ARG G 995 2.62 -9.99 -2.52
N LEU G 996 3.02 -10.36 -3.73
CA LEU G 996 2.48 -11.58 -4.32
C LEU G 996 2.79 -12.78 -3.46
N ILE G 997 4.02 -12.86 -2.97
CA ILE G 997 4.41 -13.98 -2.14
C ILE G 997 3.51 -14.08 -0.93
N THR G 998 3.40 -12.99 -0.17
CA THR G 998 2.63 -13.04 1.06
C THR G 998 1.17 -13.34 0.80
N GLY G 999 0.61 -12.74 -0.26
CA GLY G 999 -0.80 -12.95 -0.52
C GLY G 999 -1.09 -14.39 -0.90
N ARG G 1000 -0.25 -14.96 -1.77
CA ARG G 1000 -0.50 -16.32 -2.20
C ARG G 1000 -0.26 -17.28 -1.05
N LEU G 1001 0.71 -16.97 -0.19
CA LEU G 1001 0.95 -17.82 0.97
C LEU G 1001 -0.22 -17.81 1.93
N GLN G 1002 -0.79 -16.64 2.19
CA GLN G 1002 -1.93 -16.58 3.08
C GLN G 1002 -3.12 -17.30 2.48
N SER G 1003 -3.32 -17.15 1.17
CA SER G 1003 -4.43 -17.84 0.52
C SER G 1003 -4.29 -19.34 0.68
N LEU G 1004 -3.08 -19.84 0.44
CA LEU G 1004 -2.87 -21.27 0.56
C LEU G 1004 -3.08 -21.72 2.00
N GLN G 1005 -2.70 -20.87 2.95
CA GLN G 1005 -2.84 -21.23 4.35
C GLN G 1005 -4.32 -21.38 4.72
N THR G 1006 -5.13 -20.44 4.27
CA THR G 1006 -6.56 -20.56 4.50
C THR G 1006 -7.10 -21.81 3.85
N TYR G 1007 -6.64 -22.11 2.63
CA TYR G 1007 -7.13 -23.31 1.97
C TYR G 1007 -6.84 -24.52 2.83
N VAL G 1008 -5.65 -24.59 3.40
CA VAL G 1008 -5.28 -25.75 4.19
C VAL G 1008 -6.17 -25.86 5.41
N THR G 1009 -6.49 -24.72 6.01
CA THR G 1009 -7.35 -24.78 7.19
C THR G 1009 -8.74 -25.26 6.82
N GLN G 1010 -9.28 -24.76 5.72
CA GLN G 1010 -10.59 -25.21 5.29
C GLN G 1010 -10.59 -26.72 5.08
N GLN G 1011 -9.53 -27.22 4.48
CA GLN G 1011 -9.50 -28.66 4.25
C GLN G 1011 -9.40 -29.43 5.56
N LEU G 1012 -8.68 -28.89 6.55
CA LEU G 1012 -8.60 -29.59 7.82
C LEU G 1012 -9.94 -29.68 8.49
N ILE G 1013 -10.68 -28.57 8.51
CA ILE G 1013 -11.98 -28.58 9.17
C ILE G 1013 -12.92 -29.54 8.48
N ARG G 1014 -12.99 -29.47 7.15
CA ARG G 1014 -13.90 -30.40 6.49
C ARG G 1014 -13.46 -31.82 6.71
N ALA G 1015 -12.16 -32.07 6.83
CA ALA G 1015 -11.71 -33.44 7.03
C ALA G 1015 -12.13 -33.95 8.39
N ALA G 1016 -12.07 -33.08 9.41
CA ALA G 1016 -12.54 -33.50 10.72
C ALA G 1016 -14.02 -33.84 10.69
N GLU G 1017 -14.81 -32.98 10.05
CA GLU G 1017 -16.23 -33.26 9.97
C GLU G 1017 -16.49 -34.59 9.27
N ILE G 1018 -15.80 -34.81 8.16
CA ILE G 1018 -16.07 -36.04 7.42
C ILE G 1018 -15.63 -37.24 8.21
N ARG G 1019 -14.57 -37.12 8.98
CA ARG G 1019 -14.17 -38.26 9.79
C ARG G 1019 -15.22 -38.57 10.84
N ALA G 1020 -15.79 -37.54 11.45
CA ALA G 1020 -16.88 -37.79 12.39
C ALA G 1020 -18.01 -38.55 11.71
N SER G 1021 -18.38 -38.10 10.52
CA SER G 1021 -19.45 -38.79 9.79
C SER G 1021 -19.06 -40.22 9.49
N ALA G 1022 -17.80 -40.44 9.18
CA ALA G 1022 -17.37 -41.79 8.83
C ALA G 1022 -17.43 -42.70 10.04
N ASN G 1023 -17.05 -42.19 11.20
CA ASN G 1023 -17.19 -43.01 12.40
C ASN G 1023 -18.65 -43.35 12.64
N LEU G 1024 -19.54 -42.38 12.44
CA LEU G 1024 -20.95 -42.69 12.57
C LEU G 1024 -21.36 -43.78 11.61
N ALA G 1025 -20.83 -43.72 10.39
CA ALA G 1025 -21.16 -44.73 9.40
C ALA G 1025 -20.67 -46.09 9.86
N ALA G 1026 -19.47 -46.12 10.44
CA ALA G 1026 -18.93 -47.40 10.87
C ALA G 1026 -19.79 -48.00 11.97
N THR G 1027 -20.19 -47.18 12.92
CA THR G 1027 -21.06 -47.68 13.97
C THR G 1027 -22.36 -48.21 13.39
N LYS G 1028 -22.93 -47.49 12.42
CA LYS G 1028 -24.18 -47.95 11.86
C LYS G 1028 -23.99 -49.27 11.15
N MET G 1029 -22.91 -49.40 10.38
CA MET G 1029 -22.58 -50.67 9.77
C MET G 1029 -22.55 -51.79 10.80
N SER G 1030 -21.70 -51.64 11.81
CA SER G 1030 -21.52 -52.70 12.78
C SER G 1030 -22.84 -53.08 13.43
N GLU G 1031 -23.60 -52.10 13.91
CA GLU G 1031 -24.75 -52.47 14.73
C GLU G 1031 -25.96 -52.85 13.91
N CYS G 1032 -26.20 -52.19 12.79
CA CYS G 1032 -27.41 -52.51 12.04
C CYS G 1032 -27.20 -53.64 11.05
N VAL G 1033 -26.03 -53.71 10.40
CA VAL G 1033 -25.86 -54.72 9.36
C VAL G 1033 -25.54 -56.08 9.97
N LEU G 1034 -24.53 -56.13 10.81
CA LEU G 1034 -24.09 -57.39 11.39
C LEU G 1034 -24.95 -57.86 12.53
N GLY G 1035 -26.08 -57.22 12.77
CA GLY G 1035 -26.93 -57.62 13.86
C GLY G 1035 -28.25 -56.91 13.84
N GLN G 1036 -28.89 -56.89 14.99
CA GLN G 1036 -30.19 -56.26 15.16
C GLN G 1036 -30.11 -55.34 16.36
N SER G 1037 -30.52 -54.10 16.20
CA SER G 1037 -30.36 -53.11 17.25
C SER G 1037 -31.72 -52.85 17.89
N LYS G 1038 -31.73 -52.80 19.20
CA LYS G 1038 -32.94 -52.39 19.88
C LYS G 1038 -32.99 -50.90 20.11
N ARG G 1039 -31.97 -50.17 19.70
CA ARG G 1039 -32.00 -48.73 19.89
C ARG G 1039 -33.08 -48.12 19.03
N VAL G 1040 -33.93 -47.30 19.65
CA VAL G 1040 -35.07 -46.73 18.94
C VAL G 1040 -34.58 -45.62 18.02
N ASP G 1041 -34.97 -45.70 16.76
CA ASP G 1041 -34.68 -44.66 15.79
C ASP G 1041 -33.18 -44.45 15.61
N PHE G 1042 -32.44 -45.54 15.63
CA PHE G 1042 -31.04 -45.51 15.24
C PHE G 1042 -30.86 -46.07 13.84
N CYS G 1043 -31.31 -47.29 13.61
CA CYS G 1043 -31.29 -47.90 12.29
C CYS G 1043 -32.63 -47.73 11.59
N GLY G 1044 -33.02 -46.48 11.36
CA GLY G 1044 -34.27 -46.20 10.67
C GLY G 1044 -35.44 -46.02 11.62
N LYS G 1045 -36.50 -45.43 11.09
CA LYS G 1045 -37.69 -45.14 11.89
C LYS G 1045 -38.57 -46.37 12.00
N GLY G 1046 -38.81 -46.83 13.21
CA GLY G 1046 -39.63 -48.00 13.47
C GLY G 1046 -38.83 -49.09 14.14
N TYR G 1047 -39.51 -50.19 14.45
CA TYR G 1047 -38.85 -51.33 15.04
C TYR G 1047 -37.92 -51.95 14.00
N HIS G 1048 -36.63 -51.92 14.27
CA HIS G 1048 -35.63 -52.34 13.29
C HIS G 1048 -35.56 -53.85 13.10
N LEU G 1049 -35.53 -54.28 11.84
CA LEU G 1049 -35.28 -55.69 11.52
C LEU G 1049 -33.87 -55.96 11.02
N MET G 1050 -33.43 -55.32 9.94
CA MET G 1050 -32.09 -55.57 9.43
C MET G 1050 -31.72 -54.46 8.48
N SER G 1051 -30.51 -54.53 7.95
CA SER G 1051 -30.08 -53.46 7.05
C SER G 1051 -29.12 -54.01 6.01
N PHE G 1052 -29.19 -53.45 4.80
CA PHE G 1052 -28.35 -53.84 3.70
C PHE G 1052 -27.55 -52.64 3.21
N PRO G 1053 -26.25 -52.77 3.04
CA PRO G 1053 -25.45 -51.66 2.51
C PRO G 1053 -25.36 -51.72 1.01
N GLN G 1054 -25.23 -50.56 0.40
CA GLN G 1054 -24.97 -50.50 -1.04
C GLN G 1054 -23.92 -49.43 -1.27
N SER G 1055 -22.94 -49.73 -2.10
CA SER G 1055 -21.85 -48.80 -2.33
C SER G 1055 -22.29 -47.58 -3.12
N ALA G 1056 -21.61 -46.47 -2.88
CA ALA G 1056 -21.85 -45.21 -3.56
C ALA G 1056 -20.50 -44.57 -3.83
N PRO G 1057 -20.43 -43.59 -4.75
CA PRO G 1057 -19.13 -42.98 -5.07
C PRO G 1057 -18.34 -42.50 -3.87
N HIS G 1058 -18.98 -41.98 -2.83
CA HIS G 1058 -18.16 -41.57 -1.70
C HIS G 1058 -18.82 -41.91 -0.37
N GLY G 1059 -19.70 -42.89 -0.35
CA GLY G 1059 -20.36 -43.20 0.91
C GLY G 1059 -21.16 -44.46 0.78
N VAL G 1060 -22.05 -44.66 1.75
CA VAL G 1060 -22.89 -45.84 1.76
C VAL G 1060 -24.34 -45.40 1.82
N VAL G 1061 -25.20 -46.29 1.34
CA VAL G 1061 -26.63 -46.07 1.41
C VAL G 1061 -27.25 -47.28 2.09
N PHE G 1062 -27.74 -47.11 3.29
CA PHE G 1062 -28.29 -48.22 4.06
C PHE G 1062 -29.76 -48.39 3.72
N LEU G 1063 -30.13 -49.62 3.42
CA LEU G 1063 -31.54 -49.93 3.17
C LEU G 1063 -32.13 -50.57 4.42
N HIS G 1064 -32.46 -49.72 5.40
CA HIS G 1064 -33.00 -50.26 6.64
C HIS G 1064 -34.37 -50.86 6.40
N VAL G 1065 -34.58 -52.10 6.84
CA VAL G 1065 -35.89 -52.73 6.78
C VAL G 1065 -36.51 -52.63 8.16
N THR G 1066 -37.62 -51.91 8.26
CA THR G 1066 -38.24 -51.62 9.54
C THR G 1066 -39.65 -52.19 9.58
N TYR G 1067 -40.09 -52.56 10.76
CA TYR G 1067 -41.42 -53.09 10.99
C TYR G 1067 -42.30 -52.04 11.66
N VAL G 1068 -43.44 -51.73 11.05
CA VAL G 1068 -44.34 -50.70 11.56
C VAL G 1068 -45.75 -51.27 11.69
N PRO G 1069 -46.37 -51.24 12.87
CA PRO G 1069 -47.75 -51.70 13.01
C PRO G 1069 -48.76 -50.76 12.38
N ALA G 1070 -49.98 -51.27 12.24
CA ALA G 1070 -51.08 -50.49 11.66
C ALA G 1070 -52.40 -51.19 11.97
N GLN G 1071 -53.50 -50.50 11.65
CA GLN G 1071 -54.86 -50.98 11.90
C GLN G 1071 -55.12 -51.31 13.37
N GLU G 1072 -54.97 -50.29 14.20
CA GLU G 1072 -55.14 -50.49 15.63
C GLU G 1072 -56.62 -50.63 15.97
N LYS G 1073 -56.89 -51.09 17.19
CA LYS G 1073 -58.27 -51.30 17.59
C LYS G 1073 -58.39 -51.07 19.10
N ASN G 1074 -59.56 -50.57 19.51
CA ASN G 1074 -59.82 -50.26 20.91
C ASN G 1074 -60.16 -51.50 21.73
N PHE G 1075 -59.79 -51.46 23.01
CA PHE G 1075 -60.09 -52.58 23.89
C PHE G 1075 -60.19 -52.08 25.32
N THR G 1076 -60.88 -52.87 26.15
CA THR G 1076 -60.99 -52.61 27.57
C THR G 1076 -60.07 -53.55 28.33
N THR G 1077 -59.39 -53.03 29.34
CA THR G 1077 -58.37 -53.79 30.05
C THR G 1077 -58.46 -53.61 31.55
N ALA G 1078 -57.79 -54.51 32.26
CA ALA G 1078 -57.66 -54.44 33.72
C ALA G 1078 -56.27 -54.93 34.09
N PRO G 1079 -55.69 -54.41 35.18
CA PRO G 1079 -54.31 -54.77 35.50
C PRO G 1079 -54.15 -56.17 36.07
N ALA G 1080 -55.19 -56.78 36.62
CA ALA G 1080 -55.01 -58.08 37.24
C ALA G 1080 -56.34 -58.77 37.35
N ILE G 1081 -56.30 -60.08 37.53
CA ILE G 1081 -57.53 -60.85 37.70
C ILE G 1081 -57.56 -61.38 39.12
N CYS G 1082 -58.73 -61.35 39.74
CA CYS G 1082 -58.91 -61.90 41.08
C CYS G 1082 -59.71 -63.18 40.95
N HIS G 1083 -59.10 -64.29 41.32
CA HIS G 1083 -59.78 -65.57 41.28
C HIS G 1083 -59.35 -66.37 42.50
N ASP G 1084 -60.33 -66.98 43.16
CA ASP G 1084 -60.08 -67.77 44.35
C ASP G 1084 -59.43 -66.96 45.45
N GLY G 1085 -59.62 -65.65 45.43
CA GLY G 1085 -59.11 -64.78 46.48
C GLY G 1085 -57.66 -64.38 46.32
N LYS G 1086 -56.96 -64.88 45.31
CA LYS G 1086 -55.59 -64.51 45.07
C LYS G 1086 -55.48 -63.83 43.72
N ALA G 1087 -54.50 -62.94 43.59
CA ALA G 1087 -54.36 -62.12 42.40
C ALA G 1087 -53.53 -62.81 41.33
N HIS G 1088 -53.95 -62.65 40.08
CA HIS G 1088 -53.24 -63.18 38.94
C HIS G 1088 -52.72 -62.06 38.05
N PHE G 1089 -51.51 -62.23 37.54
CA PHE G 1089 -50.90 -61.30 36.61
C PHE G 1089 -50.45 -62.06 35.36
N PRO G 1090 -50.37 -61.38 34.22
CA PRO G 1090 -49.99 -62.07 32.99
C PRO G 1090 -48.48 -62.18 32.87
N ARG G 1091 -48.00 -63.34 32.42
CA ARG G 1091 -46.57 -63.52 32.22
C ARG G 1091 -46.04 -62.55 31.17
N GLU G 1092 -46.70 -62.48 30.03
CA GLU G 1092 -46.35 -61.52 28.97
C GLU G 1092 -47.61 -61.05 28.28
N GLY G 1093 -47.75 -59.75 28.14
CA GLY G 1093 -48.90 -59.18 27.50
C GLY G 1093 -49.76 -58.42 28.48
N VAL G 1094 -51.03 -58.22 28.10
CA VAL G 1094 -51.95 -57.43 28.88
C VAL G 1094 -53.27 -58.15 28.91
N PHE G 1095 -53.99 -58.00 30.01
CA PHE G 1095 -55.34 -58.55 30.08
C PHE G 1095 -56.29 -57.66 29.30
N VAL G 1096 -56.81 -58.18 28.20
CA VAL G 1096 -57.68 -57.42 27.33
C VAL G 1096 -59.02 -58.12 27.31
N SER G 1097 -60.08 -57.34 27.52
CA SER G 1097 -61.44 -57.83 27.42
C SER G 1097 -62.10 -57.20 26.22
N ASN G 1098 -62.84 -58.01 25.48
CA ASN G 1098 -63.51 -57.57 24.27
C ASN G 1098 -65.00 -57.31 24.47
N GLY G 1099 -65.37 -56.94 25.68
CA GLY G 1099 -66.75 -56.58 25.94
C GLY G 1099 -67.45 -57.56 26.87
N THR G 1100 -67.20 -58.84 26.66
CA THR G 1100 -67.86 -59.87 27.46
C THR G 1100 -66.93 -60.94 27.96
N HIS G 1101 -65.77 -61.12 27.37
CA HIS G 1101 -64.85 -62.17 27.73
C HIS G 1101 -63.48 -61.57 27.94
N TRP G 1102 -62.70 -62.19 28.79
CA TRP G 1102 -61.35 -61.72 29.06
C TRP G 1102 -60.34 -62.61 28.37
N PHE G 1103 -59.27 -62.01 27.86
CA PHE G 1103 -58.22 -62.74 27.18
C PHE G 1103 -56.88 -62.14 27.53
N VAL G 1104 -55.83 -62.91 27.24
CA VAL G 1104 -54.45 -62.48 27.33
C VAL G 1104 -53.90 -62.39 25.92
N THR G 1105 -53.12 -61.36 25.65
CA THR G 1105 -52.59 -61.22 24.30
C THR G 1105 -51.24 -60.54 24.33
N GLN G 1106 -50.35 -60.98 23.45
CA GLN G 1106 -49.03 -60.36 23.34
C GLN G 1106 -49.19 -58.89 22.99
N ARG G 1107 -48.21 -58.09 23.36
CA ARG G 1107 -48.42 -56.65 23.35
C ARG G 1107 -48.52 -56.08 21.93
N ASN G 1108 -47.65 -56.50 21.02
CA ASN G 1108 -47.56 -55.83 19.73
C ASN G 1108 -48.36 -56.47 18.59
N PHE G 1109 -49.22 -57.43 18.87
CA PHE G 1109 -50.02 -57.99 17.79
C PHE G 1109 -51.18 -58.74 18.41
N TYR G 1110 -52.39 -58.45 17.96
CA TYR G 1110 -53.59 -59.00 18.58
C TYR G 1110 -53.67 -60.49 18.35
N GLU G 1111 -53.58 -61.28 19.42
CA GLU G 1111 -53.70 -62.74 19.33
C GLU G 1111 -54.27 -63.24 20.64
N PRO G 1112 -55.58 -63.15 20.81
CA PRO G 1112 -56.18 -63.49 22.10
C PRO G 1112 -56.05 -64.97 22.41
N GLN G 1113 -55.81 -65.27 23.68
CA GLN G 1113 -55.75 -66.64 24.14
C GLN G 1113 -56.59 -66.80 25.40
N ILE G 1114 -57.01 -68.03 25.65
CA ILE G 1114 -57.75 -68.34 26.87
C ILE G 1114 -56.85 -68.19 28.09
N ILE G 1115 -57.39 -67.59 29.15
CA ILE G 1115 -56.63 -67.41 30.38
C ILE G 1115 -56.51 -68.74 31.10
N THR G 1116 -55.27 -69.21 31.29
CA THR G 1116 -55.01 -70.49 31.92
C THR G 1116 -53.92 -70.31 32.94
N THR G 1117 -53.70 -71.35 33.75
CA THR G 1117 -52.64 -71.31 34.75
C THR G 1117 -51.25 -71.27 34.13
N ASP G 1118 -51.12 -71.55 32.84
CA ASP G 1118 -49.78 -71.60 32.25
C ASP G 1118 -49.22 -70.23 31.93
N ASN G 1119 -50.05 -69.28 31.53
CA ASN G 1119 -49.58 -67.97 31.12
C ASN G 1119 -49.77 -66.89 32.18
N THR G 1120 -49.95 -67.27 33.44
CA THR G 1120 -50.12 -66.31 34.52
C THR G 1120 -49.43 -66.81 35.77
N PHE G 1121 -49.05 -65.88 36.63
CA PHE G 1121 -48.44 -66.24 37.90
C PHE G 1121 -49.14 -65.46 39.01
N VAL G 1122 -49.12 -66.03 40.19
CA VAL G 1122 -49.91 -65.53 41.30
C VAL G 1122 -49.02 -64.78 42.26
N SER G 1123 -49.58 -63.77 42.93
CA SER G 1123 -48.83 -63.06 43.96
C SER G 1123 -49.83 -62.43 44.94
N GLY G 1124 -49.97 -63.05 46.11
CA GLY G 1124 -50.76 -62.48 47.20
C GLY G 1124 -52.26 -62.38 46.96
N ASN G 1125 -52.98 -61.97 48.01
CA ASN G 1125 -54.42 -61.82 47.94
C ASN G 1125 -54.82 -60.65 47.07
N CYS G 1126 -56.10 -60.62 46.69
CA CYS G 1126 -56.59 -59.75 45.63
C CYS G 1126 -57.31 -58.52 46.15
N ASP G 1127 -56.92 -57.97 47.30
CA ASP G 1127 -57.52 -56.73 47.74
C ASP G 1127 -56.60 -55.51 47.71
N VAL G 1128 -55.30 -55.68 47.47
CA VAL G 1128 -54.42 -54.52 47.46
C VAL G 1128 -54.31 -53.90 46.07
N VAL G 1129 -54.42 -54.70 45.02
CA VAL G 1129 -54.26 -54.17 43.67
C VAL G 1129 -55.51 -53.39 43.28
N ILE G 1130 -55.31 -52.31 42.55
CA ILE G 1130 -56.41 -51.45 42.15
C ILE G 1130 -56.91 -51.86 40.77
N GLY G 1131 -58.23 -51.86 40.60
CA GLY G 1131 -58.82 -52.21 39.33
C GLY G 1131 -58.90 -53.68 39.00
N ILE G 1132 -58.75 -54.55 39.99
CA ILE G 1132 -58.80 -55.97 39.70
C ILE G 1132 -60.23 -56.38 39.38
N VAL G 1133 -60.38 -57.38 38.52
CA VAL G 1133 -61.69 -57.86 38.11
C VAL G 1133 -61.77 -59.34 38.37
N ASN G 1134 -62.94 -59.93 38.13
CA ASN G 1134 -63.19 -61.33 38.44
C ASN G 1134 -63.40 -62.14 37.17
N ASN G 1135 -62.86 -63.36 37.16
CA ASN G 1135 -63.12 -64.29 36.07
C ASN G 1135 -62.54 -65.64 36.40
N THR G 1136 -62.98 -66.64 35.65
CA THR G 1136 -62.54 -68.02 35.85
C THR G 1136 -61.14 -68.20 35.28
N VAL G 1137 -60.25 -68.80 36.08
CA VAL G 1137 -58.88 -69.09 35.66
C VAL G 1137 -58.76 -70.60 35.52
N TYR G 1138 -58.86 -71.10 34.29
CA TYR G 1138 -58.89 -72.54 34.07
C TYR G 1138 -57.58 -73.20 34.48
N ASP G 1139 -57.68 -74.41 35.02
CA ASP G 1139 -56.54 -75.24 35.38
C ASP G 1139 -56.49 -76.46 34.48
N PRO G 1140 -55.42 -76.63 33.71
CA PRO G 1140 -55.38 -77.76 32.78
C PRO G 1140 -55.35 -79.13 33.43
N LEU G 1141 -55.07 -79.23 34.73
CA LEU G 1141 -55.01 -80.55 35.34
C LEU G 1141 -56.40 -81.15 35.53
N GLN G 1142 -57.42 -80.31 35.63
CA GLN G 1142 -58.78 -80.81 35.81
C GLN G 1142 -59.28 -81.59 34.60
N PRO G 1143 -59.19 -81.07 33.37
CA PRO G 1143 -59.68 -81.84 32.21
C PRO G 1143 -59.11 -83.24 32.08
N GLU G 1144 -57.90 -83.52 32.57
CA GLU G 1144 -57.39 -84.88 32.43
C GLU G 1144 -58.19 -85.84 33.28
N LEU G 1145 -58.48 -85.47 34.53
CA LEU G 1145 -59.32 -86.26 35.43
C LEU G 1145 -58.85 -87.70 35.56
N ASP G 1146 -57.58 -87.88 35.94
CA ASP G 1146 -57.07 -89.23 36.07
C ASP G 1146 -57.61 -89.87 37.36
N ALA H 27 7.59 15.42 58.21
CA ALA H 27 6.73 14.40 58.82
C ALA H 27 6.16 13.48 57.75
N TYR H 28 5.19 12.64 58.14
CA TYR H 28 4.59 11.72 57.19
C TYR H 28 3.17 11.38 57.60
N THR H 29 2.35 11.04 56.61
CA THR H 29 1.00 10.54 56.80
C THR H 29 0.59 9.88 55.50
N ASN H 30 0.07 8.67 55.59
CA ASN H 30 -0.31 7.94 54.39
C ASN H 30 -1.53 8.58 53.75
N SER H 31 -1.50 8.69 52.43
CA SER H 31 -2.63 9.20 51.68
C SER H 31 -3.53 8.02 51.36
N PHE H 32 -4.78 8.11 51.77
CA PHE H 32 -5.71 7.02 51.53
C PHE H 32 -6.22 7.07 50.09
N THR H 33 -7.38 6.45 49.84
CA THR H 33 -7.92 6.36 48.50
C THR H 33 -8.50 7.73 48.11
N ARG H 34 -7.59 8.62 47.73
CA ARG H 34 -7.91 10.00 47.43
C ARG H 34 -7.13 10.37 46.16
N GLY H 35 -7.39 11.55 45.63
CA GLY H 35 -6.63 12.02 44.50
C GLY H 35 -7.14 11.63 43.12
N VAL H 36 -8.19 10.81 43.02
CA VAL H 36 -8.73 10.46 41.72
C VAL H 36 -9.51 11.64 41.13
N TYR H 37 -9.44 11.79 39.81
CA TYR H 37 -10.13 12.89 39.14
C TYR H 37 -10.64 12.44 37.77
N TYR H 38 -11.62 13.16 37.25
CA TYR H 38 -12.18 12.86 35.93
C TYR H 38 -11.19 13.18 34.83
N PRO H 39 -10.73 12.21 34.07
CA PRO H 39 -9.64 12.48 33.13
C PRO H 39 -10.06 12.93 31.74
N ASP H 40 -11.28 12.62 31.30
CA ASP H 40 -11.61 12.82 29.89
C ASP H 40 -12.92 13.55 29.62
N LYS H 41 -13.60 14.06 30.65
CA LYS H 41 -14.86 14.81 30.53
C LYS H 41 -15.86 14.15 29.57
N VAL H 42 -15.87 12.83 29.52
CA VAL H 42 -16.80 12.10 28.67
C VAL H 42 -17.74 11.30 29.54
N PHE H 43 -19.03 11.40 29.25
CA PHE H 43 -20.03 10.75 30.07
C PHE H 43 -20.11 9.26 29.75
N ARG H 44 -20.23 8.46 30.80
CA ARG H 44 -20.41 7.02 30.69
C ARG H 44 -21.31 6.60 31.83
N SER H 45 -22.17 5.62 31.61
CA SER H 45 -23.14 5.24 32.63
C SER H 45 -22.98 3.76 32.96
N SER H 46 -22.86 3.47 34.25
CA SER H 46 -22.81 2.11 34.77
C SER H 46 -21.83 1.24 33.99
N VAL H 47 -20.56 1.66 33.97
CA VAL H 47 -19.54 0.94 33.23
C VAL H 47 -18.19 1.15 33.91
N LEU H 48 -17.28 0.22 33.66
CA LEU H 48 -15.92 0.27 34.17
C LEU H 48 -14.95 0.63 33.07
N HIS H 49 -13.97 1.45 33.40
CA HIS H 49 -12.98 1.88 32.42
C HIS H 49 -11.59 1.85 33.02
N SER H 50 -10.63 1.35 32.26
CA SER H 50 -9.25 1.26 32.70
C SER H 50 -8.43 2.32 31.98
N THR H 51 -7.66 3.09 32.73
CA THR H 51 -6.89 4.19 32.16
C THR H 51 -5.49 4.20 32.73
N GLN H 52 -4.51 4.46 31.87
CA GLN H 52 -3.12 4.62 32.28
C GLN H 52 -2.76 6.10 32.26
N ASP H 53 -2.57 6.69 33.45
CA ASP H 53 -2.26 8.12 33.52
C ASP H 53 -1.50 8.41 34.81
N LEU H 54 -1.18 9.69 35.00
CA LEU H 54 -0.41 10.15 36.16
C LEU H 54 -1.34 10.32 37.34
N PHE H 55 -1.32 9.38 38.27
CA PHE H 55 -2.18 9.42 39.44
C PHE H 55 -1.36 9.45 40.73
N LEU H 56 -2.07 9.62 41.84
CA LEU H 56 -1.47 9.54 43.16
C LEU H 56 -1.58 8.11 43.67
N PRO H 57 -0.48 7.37 43.78
CA PRO H 57 -0.57 5.98 44.24
C PRO H 57 -1.23 5.91 45.59
N PHE H 58 -2.08 4.91 45.77
CA PHE H 58 -2.82 4.76 47.01
C PHE H 58 -1.92 4.38 48.17
N PHE H 59 -2.37 4.76 49.37
CA PHE H 59 -1.72 4.42 50.62
C PHE H 59 -0.28 4.89 50.71
N SER H 60 0.04 5.96 49.99
CA SER H 60 1.40 6.48 50.08
C SER H 60 1.47 7.60 51.10
N ASN H 61 2.61 7.69 51.76
CA ASN H 61 2.82 8.73 52.76
C ASN H 61 3.14 10.04 52.07
N VAL H 62 2.71 11.15 52.67
CA VAL H 62 2.87 12.46 52.06
C VAL H 62 3.47 13.43 53.07
N THR H 63 4.32 14.32 52.57
CA THR H 63 4.96 15.30 53.44
C THR H 63 3.91 16.25 53.99
N TRP H 64 4.09 16.65 55.24
CA TRP H 64 3.10 17.45 55.95
C TRP H 64 3.76 18.72 56.43
N PHE H 65 3.10 19.86 56.22
CA PHE H 65 3.61 21.14 56.68
C PHE H 65 2.47 21.85 57.40
N HIS H 66 2.84 22.77 58.28
CA HIS H 66 1.85 23.47 59.08
C HIS H 66 1.84 24.95 58.75
N ALA H 67 0.65 25.55 58.89
CA ALA H 67 0.45 26.95 58.53
C ALA H 67 0.32 27.76 59.81
N ILE H 68 1.37 27.75 60.62
CA ILE H 68 1.44 28.56 61.83
C ILE H 68 2.43 29.70 61.58
N HIS H 69 3.69 29.34 61.37
CA HIS H 69 4.73 30.31 61.04
C HIS H 69 5.87 29.55 60.38
N VAL H 70 6.53 30.24 59.45
CA VAL H 70 7.72 29.77 58.73
C VAL H 70 7.96 28.27 58.77
N ASP H 80 9.71 31.97 54.25
CA ASP H 80 9.08 31.28 55.36
C ASP H 80 8.90 29.79 55.04
N ASN H 81 8.51 29.50 53.80
CA ASN H 81 8.24 28.13 53.40
C ASN H 81 9.17 27.79 52.25
N PRO H 82 9.81 26.62 52.26
CA PRO H 82 10.77 26.30 51.20
C PRO H 82 10.08 25.94 49.89
N VAL H 83 10.83 26.15 48.81
CA VAL H 83 10.31 25.87 47.47
C VAL H 83 10.48 24.39 47.19
N LEU H 84 9.51 23.81 46.51
CA LEU H 84 9.53 22.38 46.19
C LEU H 84 9.47 22.18 44.68
N PRO H 85 10.26 21.26 44.15
CA PRO H 85 10.28 21.08 42.70
C PRO H 85 8.97 20.47 42.21
N PHE H 86 8.67 20.72 40.95
CA PHE H 86 7.47 20.19 40.32
C PHE H 86 7.83 19.00 39.42
N ASN H 87 7.98 17.83 40.05
CA ASN H 87 8.47 16.68 39.31
C ASN H 87 7.54 16.34 38.16
N ASP H 88 6.31 15.94 38.47
CA ASP H 88 5.35 15.59 37.44
C ASP H 88 3.92 16.03 37.75
N GLY H 89 3.63 16.46 38.97
CA GLY H 89 2.28 16.81 39.36
C GLY H 89 2.10 16.71 40.86
N VAL H 90 1.39 17.66 41.43
CA VAL H 90 1.27 17.79 42.88
C VAL H 90 -0.20 17.79 43.26
N TYR H 91 -0.52 17.07 44.33
CA TYR H 91 -1.88 17.03 44.85
C TYR H 91 -1.91 17.82 46.14
N PHE H 92 -2.53 18.99 46.09
CA PHE H 92 -2.53 19.94 47.21
C PHE H 92 -3.91 19.95 47.86
N ALA H 93 -4.01 19.42 49.06
CA ALA H 93 -5.24 19.45 49.84
C ALA H 93 -5.06 20.32 51.08
N SER H 94 -6.12 21.02 51.47
CA SER H 94 -6.03 21.88 52.65
C SER H 94 -7.35 21.95 53.38
N THR H 95 -7.31 21.73 54.69
CA THR H 95 -8.46 21.92 55.58
C THR H 95 -8.17 23.11 56.48
N GLU H 96 -8.88 24.21 56.21
CA GLU H 96 -8.66 25.45 56.95
C GLU H 96 -9.98 26.19 57.00
N LYS H 97 -10.06 27.15 57.92
CA LYS H 97 -11.30 27.90 58.09
C LYS H 97 -11.05 29.40 58.26
N SER H 98 -9.92 29.91 57.78
CA SER H 98 -9.65 31.34 57.93
C SER H 98 -9.10 31.98 56.66
N ASN H 99 -9.13 31.28 55.53
CA ASN H 99 -8.63 31.81 54.26
C ASN H 99 -7.20 32.31 54.39
N ILE H 100 -6.36 31.53 55.07
CA ILE H 100 -4.99 31.96 55.33
C ILE H 100 -4.09 31.70 54.13
N ILE H 101 -4.36 30.65 53.37
CA ILE H 101 -3.60 30.34 52.16
C ILE H 101 -4.40 30.86 50.97
N ARG H 102 -3.77 31.68 50.15
CA ARG H 102 -4.52 32.45 49.17
C ARG H 102 -3.99 32.32 47.76
N GLY H 103 -2.90 31.59 47.54
CA GLY H 103 -2.41 31.45 46.19
C GLY H 103 -1.16 30.60 46.12
N TRP H 104 -0.62 30.52 44.92
CA TRP H 104 0.57 29.73 44.62
C TRP H 104 1.39 30.48 43.58
N ILE H 105 2.62 30.03 43.40
CA ILE H 105 3.51 30.55 42.38
C ILE H 105 4.30 29.39 41.83
N PHE H 106 4.39 29.30 40.50
CA PHE H 106 5.10 28.21 39.86
C PHE H 106 6.14 28.79 38.91
N GLY H 107 7.02 27.93 38.45
CA GLY H 107 8.05 28.36 37.51
C GLY H 107 9.34 27.60 37.74
N THR H 108 10.31 27.91 36.90
CA THR H 108 11.63 27.34 37.04
C THR H 108 12.51 28.15 38.00
N THR H 109 12.09 29.36 38.36
CA THR H 109 12.83 30.19 39.29
C THR H 109 11.95 31.34 39.74
N LEU H 110 12.23 31.85 40.94
CA LEU H 110 11.47 32.96 41.48
C LEU H 110 11.94 34.32 40.96
N ASP H 111 13.09 34.37 40.30
CA ASP H 111 13.63 35.61 39.79
C ASP H 111 12.95 35.98 38.48
N SER H 112 13.22 37.20 38.03
CA SER H 112 12.61 37.63 36.78
C SER H 112 13.32 37.06 35.58
N LYS H 113 14.29 36.17 35.79
CA LYS H 113 15.07 35.57 34.73
C LYS H 113 14.25 34.67 33.81
N THR H 114 13.02 34.36 34.16
CA THR H 114 12.18 33.53 33.31
C THR H 114 10.73 33.94 33.54
N GLN H 115 9.89 33.73 32.52
CA GLN H 115 8.49 34.13 32.59
C GLN H 115 7.77 33.13 33.49
N SER H 116 7.99 33.26 34.78
CA SER H 116 7.34 32.39 35.77
C SER H 116 5.84 32.61 35.77
N LEU H 117 5.12 31.85 36.58
CA LEU H 117 3.68 31.85 36.58
C LEU H 117 3.19 32.31 37.94
N LEU H 118 2.05 32.97 37.96
CA LEU H 118 1.47 33.46 39.18
C LEU H 118 -0.02 33.16 39.19
N ILE H 119 -0.51 32.64 40.31
CA ILE H 119 -1.92 32.44 40.55
C ILE H 119 -2.24 32.93 41.95
N VAL H 120 -3.10 33.94 42.05
CA VAL H 120 -3.41 34.55 43.34
C VAL H 120 -4.92 34.66 43.47
N ASN H 121 -5.46 34.04 44.52
CA ASN H 121 -6.87 34.13 44.80
C ASN H 121 -7.13 35.34 45.69
N ASN H 122 -8.40 35.63 45.92
CA ASN H 122 -8.78 36.77 46.74
C ASN H 122 -10.23 36.61 47.15
N ALA H 123 -10.68 37.49 48.04
CA ALA H 123 -12.06 37.43 48.51
C ALA H 123 -13.06 37.74 47.41
N THR H 124 -12.61 38.41 46.34
CA THR H 124 -13.49 38.83 45.27
C THR H 124 -13.37 37.97 44.02
N ASN H 125 -12.16 37.53 43.66
CA ASN H 125 -11.94 36.84 42.41
C ASN H 125 -10.55 36.25 42.42
N VAL H 126 -10.28 35.40 41.44
CA VAL H 126 -8.94 34.90 41.19
C VAL H 126 -8.32 35.75 40.10
N VAL H 127 -7.04 36.07 40.25
CA VAL H 127 -6.29 36.79 39.23
C VAL H 127 -5.06 35.96 38.89
N ILE H 128 -4.99 35.49 37.65
CA ILE H 128 -3.87 34.69 37.17
C ILE H 128 -3.08 35.49 36.15
N LYS H 129 -1.77 35.51 36.30
CA LYS H 129 -0.90 36.31 35.47
C LYS H 129 0.42 35.58 35.26
N VAL H 130 1.03 35.79 34.09
CA VAL H 130 2.35 35.25 33.78
C VAL H 130 3.23 36.37 33.24
N CYS H 131 4.04 36.99 34.11
CA CYS H 131 4.79 38.18 33.74
C CYS H 131 6.24 38.26 34.20
N GLU H 132 6.82 37.19 34.74
CA GLU H 132 8.24 37.16 35.07
C GLU H 132 8.66 38.29 36.01
N PHE H 133 7.78 38.71 36.92
CA PHE H 133 8.16 39.75 37.87
C PHE H 133 9.07 39.12 38.92
N GLN H 134 10.26 39.69 39.11
CA GLN H 134 11.13 39.12 40.13
C GLN H 134 10.51 39.37 41.49
N PHE H 135 10.41 38.32 42.28
CA PHE H 135 9.77 38.34 43.58
C PHE H 135 10.82 38.35 44.67
N CYS H 136 10.37 38.56 45.91
CA CYS H 136 11.31 38.62 47.01
C CYS H 136 11.76 37.20 47.39
N ASN H 137 12.67 37.12 48.36
CA ASN H 137 13.16 35.83 48.82
C ASN H 137 12.02 34.98 49.37
N ASP H 138 10.98 35.62 49.88
CA ASP H 138 9.80 34.99 50.42
C ASP H 138 8.58 35.70 49.88
N PRO H 139 7.46 35.00 49.74
CA PRO H 139 6.23 35.68 49.30
C PRO H 139 5.86 36.72 50.33
N PHE H 140 5.51 37.92 49.86
CA PHE H 140 5.19 38.97 50.80
C PHE H 140 3.99 38.57 51.62
N LEU H 141 4.01 38.94 52.89
CA LEU H 141 2.93 38.65 53.81
C LEU H 141 2.14 39.94 54.00
N ASP H 142 0.91 39.97 53.50
CA ASP H 142 0.07 41.15 53.56
C ASP H 142 -0.20 41.58 55.00
N PHE H 157 1.26 47.11 51.49
CA PHE H 157 1.86 45.78 51.60
C PHE H 157 1.00 44.75 50.87
N ARG H 158 0.51 45.13 49.70
CA ARG H 158 -0.36 44.27 48.90
C ARG H 158 0.35 43.53 47.79
N VAL H 159 1.52 44.01 47.35
CA VAL H 159 2.25 43.40 46.25
C VAL H 159 3.74 43.59 46.50
N TYR H 160 4.53 42.66 45.98
CA TYR H 160 5.99 42.76 46.08
C TYR H 160 6.58 41.97 44.91
N SER H 161 7.03 42.68 43.88
CA SER H 161 7.61 42.05 42.71
C SER H 161 8.32 43.09 41.87
N SER H 162 9.21 42.62 41.01
CA SER H 162 9.98 43.46 40.11
C SER H 162 9.21 43.70 38.82
N ALA H 163 9.88 44.28 37.82
CA ALA H 163 9.27 44.56 36.53
C ALA H 163 8.76 43.27 35.89
N ASN H 164 7.89 43.44 34.89
CA ASN H 164 7.19 42.33 34.28
C ASN H 164 7.20 42.40 32.77
N ASN H 165 6.97 41.24 32.15
CA ASN H 165 6.82 41.09 30.69
C ASN H 165 5.58 40.26 30.39
N CYS H 166 4.47 40.62 31.04
CA CYS H 166 3.29 39.78 31.10
C CYS H 166 2.86 39.34 29.71
N THR H 167 2.47 38.06 29.60
CA THR H 167 1.90 37.52 28.38
C THR H 167 0.47 37.02 28.49
N PHE H 168 -0.01 36.72 29.69
CA PHE H 168 -1.38 36.23 29.82
C PHE H 168 -1.93 36.67 31.17
N GLU H 169 -3.23 36.98 31.19
CA GLU H 169 -3.90 37.40 32.40
C GLU H 169 -5.34 36.94 32.34
N TYR H 170 -5.90 36.63 33.50
CA TYR H 170 -7.21 36.01 33.54
C TYR H 170 -7.81 36.24 34.92
N VAL H 171 -9.14 36.25 34.98
CA VAL H 171 -9.85 36.49 36.22
C VAL H 171 -11.18 35.76 36.18
N SER H 172 -11.63 35.30 37.35
CA SER H 172 -12.91 34.62 37.50
C SER H 172 -13.21 34.55 38.98
N GLN H 173 -14.35 33.94 39.31
CA GLN H 173 -14.81 33.86 40.69
C GLN H 173 -13.76 33.17 41.55
N PRO H 174 -13.75 33.43 42.86
CA PRO H 174 -12.72 32.85 43.71
C PRO H 174 -12.95 31.37 43.96
N PHE H 175 -11.86 30.69 44.30
CA PHE H 175 -11.89 29.27 44.66
C PHE H 175 -12.20 29.04 46.14
N LEU H 176 -13.27 29.63 46.64
CA LEU H 176 -13.56 29.54 48.07
C LEU H 176 -15.03 29.21 48.32
N LYS H 187 -13.15 23.34 58.67
CA LYS H 187 -13.83 22.06 58.51
C LYS H 187 -14.07 21.72 57.05
N ASN H 188 -13.98 22.72 56.18
CA ASN H 188 -14.18 22.50 54.76
C ASN H 188 -12.84 22.11 54.14
N LEU H 189 -12.78 20.93 53.54
CA LEU H 189 -11.57 20.42 52.92
C LEU H 189 -11.55 20.80 51.44
N ARG H 190 -10.71 21.75 51.08
CA ARG H 190 -10.52 22.11 49.69
C ARG H 190 -9.38 21.26 49.14
N GLU H 191 -9.61 20.62 48.01
CA GLU H 191 -8.63 19.73 47.38
C GLU H 191 -8.31 20.23 45.99
N PHE H 192 -7.05 20.09 45.60
CA PHE H 192 -6.60 20.58 44.31
C PHE H 192 -5.58 19.63 43.71
N VAL H 193 -5.61 19.51 42.39
CA VAL H 193 -4.66 18.70 41.64
C VAL H 193 -4.07 19.59 40.57
N PHE H 194 -2.75 19.69 40.54
CA PHE H 194 -2.09 20.56 39.60
C PHE H 194 -1.29 19.73 38.61
N LYS H 195 -1.57 19.94 37.33
CA LYS H 195 -0.95 19.16 36.26
C LYS H 195 -0.62 20.11 35.12
N ASN H 196 0.56 19.92 34.52
CA ASN H 196 0.99 20.75 33.39
C ASN H 196 1.91 19.88 32.53
N ILE H 197 1.37 19.35 31.43
CA ILE H 197 2.10 18.38 30.62
C ILE H 197 2.24 18.84 29.17
N ASP H 198 1.14 19.16 28.51
CA ASP H 198 1.14 19.38 27.06
C ASP H 198 1.20 20.86 26.73
N GLY H 199 1.97 21.63 27.48
CA GLY H 199 1.97 23.05 27.22
C GLY H 199 0.79 23.73 27.88
N TYR H 200 -0.06 22.95 28.54
CA TYR H 200 -1.20 23.44 29.28
C TYR H 200 -1.08 23.02 30.73
N PHE H 201 -1.59 23.85 31.61
CA PHE H 201 -1.63 23.58 33.04
C PHE H 201 -3.07 23.44 33.48
N LYS H 202 -3.39 22.31 34.11
CA LYS H 202 -4.77 21.93 34.37
C LYS H 202 -5.02 21.82 35.86
N ILE H 203 -6.22 22.23 36.28
CA ILE H 203 -6.61 22.20 37.68
C ILE H 203 -7.91 21.43 37.84
N TYR H 204 -7.95 20.56 38.84
CA TYR H 204 -9.17 19.89 39.28
C TYR H 204 -9.37 20.19 40.76
N SER H 205 -10.61 20.15 41.22
CA SER H 205 -10.84 20.60 42.59
C SER H 205 -12.12 20.01 43.17
N LYS H 206 -12.25 20.13 44.48
CA LYS H 206 -13.39 19.68 45.26
C LYS H 206 -13.34 20.30 46.65
N HIS H 207 -14.52 20.65 47.18
CA HIS H 207 -14.66 21.27 48.48
C HIS H 207 -15.52 20.38 49.35
N THR H 208 -14.97 19.89 50.46
CA THR H 208 -15.75 18.91 51.19
C THR H 208 -15.81 19.24 52.67
N PRO H 209 -16.95 18.95 53.31
CA PRO H 209 -17.04 19.05 54.77
C PRO H 209 -16.11 18.08 55.48
N ILE H 210 -15.97 18.28 56.78
CA ILE H 210 -15.17 17.38 57.62
C ILE H 210 -15.83 17.27 58.99
N ASP H 215 -7.17 16.51 59.04
CA ASP H 215 -6.54 15.32 58.49
C ASP H 215 -7.28 14.88 57.23
N LEU H 216 -6.64 14.02 56.45
CA LEU H 216 -7.28 13.54 55.23
C LEU H 216 -8.37 12.53 55.55
N PRO H 217 -9.57 12.70 55.03
CA PRO H 217 -10.64 11.74 55.27
C PRO H 217 -10.47 10.51 54.40
N GLN H 218 -11.10 9.42 54.82
CA GLN H 218 -11.06 8.20 54.03
C GLN H 218 -12.07 8.19 52.89
N GLY H 219 -12.90 9.22 52.78
CA GLY H 219 -13.97 9.20 51.78
C GLY H 219 -13.45 9.31 50.36
N PHE H 220 -14.13 8.61 49.46
CA PHE H 220 -13.82 8.63 48.03
C PHE H 220 -14.59 9.76 47.36
N SER H 221 -13.89 10.51 46.51
CA SER H 221 -14.51 11.60 45.78
C SER H 221 -13.59 12.08 44.66
N ALA H 222 -14.11 12.22 43.45
CA ALA H 222 -13.26 12.58 42.34
C ALA H 222 -13.23 14.08 42.15
N LEU H 223 -12.10 14.58 41.67
CA LEU H 223 -11.93 16.00 41.37
C LEU H 223 -12.42 16.32 39.97
N GLU H 224 -12.98 17.53 39.80
CA GLU H 224 -13.59 17.92 38.55
C GLU H 224 -12.72 18.89 37.77
N PRO H 225 -12.73 18.79 36.44
CA PRO H 225 -11.93 19.70 35.61
C PRO H 225 -12.36 21.14 35.81
N LEU H 226 -11.45 21.95 36.34
CA LEU H 226 -11.76 23.35 36.62
C LEU H 226 -11.30 24.29 35.51
N VAL H 227 -10.01 24.28 35.19
CA VAL H 227 -9.46 25.17 34.18
C VAL H 227 -8.33 24.46 33.43
N ASP H 228 -8.21 24.79 32.15
CA ASP H 228 -7.15 24.28 31.29
C ASP H 228 -6.41 25.48 30.74
N LEU H 229 -5.29 25.82 31.35
CA LEU H 229 -4.67 27.07 30.93
C LEU H 229 -3.67 26.82 29.81
N PRO H 230 -3.53 27.75 28.87
CA PRO H 230 -2.63 27.54 27.73
C PRO H 230 -1.17 27.91 27.88
N ILE H 231 -0.75 28.52 29.00
CA ILE H 231 0.62 28.95 29.13
C ILE H 231 1.57 27.77 29.02
N GLY H 232 2.61 27.92 28.19
CA GLY H 232 3.58 26.85 28.00
C GLY H 232 4.90 27.06 28.71
N ILE H 233 4.88 27.78 29.83
CA ILE H 233 6.12 28.03 30.58
C ILE H 233 6.64 26.72 31.15
N ASN H 234 7.96 26.56 31.13
CA ASN H 234 8.61 25.39 31.69
C ASN H 234 8.65 25.57 33.21
N ILE H 235 7.66 24.99 33.89
CA ILE H 235 7.53 25.08 35.35
C ILE H 235 8.34 23.96 36.00
N THR H 236 9.21 24.33 36.93
CA THR H 236 9.98 23.35 37.68
C THR H 236 9.89 23.49 39.19
N ARG H 237 9.59 24.66 39.72
CA ARG H 237 9.47 24.86 41.16
C ARG H 237 8.17 25.57 41.49
N PHE H 238 7.71 25.40 42.72
CA PHE H 238 6.42 25.98 43.10
C PHE H 238 6.41 26.30 44.58
N GLN H 239 5.57 27.27 44.96
CA GLN H 239 5.46 27.75 46.33
C GLN H 239 4.02 28.08 46.66
N THR H 240 3.78 28.43 47.92
CA THR H 240 2.47 28.80 48.41
C THR H 240 2.47 30.28 48.78
N LEU H 241 1.28 30.86 48.94
CA LEU H 241 1.16 32.28 49.26
C LEU H 241 0.35 32.51 50.53
N LEU H 242 0.90 33.32 51.44
CA LEU H 242 0.25 33.65 52.70
C LEU H 242 -0.07 35.14 52.80
N ALA H 243 -0.87 35.48 53.81
CA ALA H 243 -1.30 36.84 54.09
C ALA H 243 -1.54 36.97 55.59
N LEU H 244 -1.78 38.21 56.05
CA LEU H 244 -2.09 38.41 57.46
C LEU H 244 -2.61 39.82 57.69
N HIS H 245 -3.51 39.95 58.66
CA HIS H 245 -4.12 41.23 59.02
C HIS H 245 -3.21 42.04 59.95
N ARG H 246 -3.00 43.30 59.58
CA ARG H 246 -2.23 44.26 60.38
C ARG H 246 -0.86 43.69 60.74
N SER H 247 -0.20 43.15 59.73
CA SER H 247 1.12 42.57 59.86
C SER H 247 2.16 43.45 59.16
N TYR H 248 3.34 43.53 59.75
CA TYR H 248 4.39 44.27 59.07
C TYR H 248 4.88 43.47 57.88
N LEU H 249 5.51 44.15 56.93
CA LEU H 249 5.97 43.51 55.71
C LEU H 249 7.37 43.96 55.34
N THR H 250 8.24 42.99 55.07
CA THR H 250 9.60 43.21 54.63
C THR H 250 9.91 42.16 53.58
N PRO H 251 10.81 42.46 52.64
CA PRO H 251 11.19 41.45 51.65
C PRO H 251 11.78 40.19 52.25
N GLY H 252 12.53 40.30 53.35
CA GLY H 252 13.10 39.14 53.98
C GLY H 252 13.00 39.10 55.49
N ASP H 253 12.66 37.94 56.04
CA ASP H 253 12.54 37.77 57.48
C ASP H 253 13.00 36.36 57.84
N SER H 254 13.35 36.19 59.11
CA SER H 254 13.81 34.92 59.64
C SER H 254 12.62 34.01 59.93
N SER H 255 12.86 32.95 60.69
CA SER H 255 11.81 31.99 61.01
C SER H 255 10.87 32.47 62.11
N SER H 256 10.99 33.74 62.51
CA SER H 256 10.07 34.28 63.50
C SER H 256 8.67 34.41 62.92
N GLY H 257 8.57 34.94 61.69
CA GLY H 257 7.29 35.06 61.04
C GLY H 257 6.36 36.04 61.73
N TRP H 258 5.07 35.86 61.44
CA TRP H 258 4.00 36.68 62.01
C TRP H 258 2.90 35.73 62.45
N THR H 259 2.09 36.20 63.40
CA THR H 259 1.05 35.35 63.95
C THR H 259 0.04 34.97 62.88
N ALA H 260 -0.54 33.77 63.04
CA ALA H 260 -1.55 33.30 62.11
C ALA H 260 -2.37 32.20 62.78
N GLY H 261 -3.52 31.90 62.19
CA GLY H 261 -4.35 30.84 62.70
C GLY H 261 -3.77 29.48 62.46
N ALA H 262 -4.23 28.51 63.26
CA ALA H 262 -3.79 27.13 63.10
C ALA H 262 -4.33 26.57 61.79
N ALA H 263 -3.45 26.08 60.94
CA ALA H 263 -3.82 25.53 59.65
C ALA H 263 -2.68 24.66 59.12
N ALA H 264 -3.00 23.87 58.10
CA ALA H 264 -2.01 22.95 57.54
C ALA H 264 -2.39 22.58 56.11
N TYR H 265 -1.38 22.13 55.36
CA TYR H 265 -1.54 21.74 53.97
C TYR H 265 -0.65 20.53 53.71
N TYR H 266 -1.16 19.57 52.94
CA TYR H 266 -0.43 18.37 52.60
C TYR H 266 0.00 18.42 51.14
N VAL H 267 1.10 17.73 50.81
CA VAL H 267 1.63 17.71 49.45
C VAL H 267 1.99 16.28 49.06
N GLY H 268 1.59 15.87 47.86
CA GLY H 268 1.94 14.55 47.35
C GLY H 268 2.36 14.61 45.89
N TYR H 269 3.15 13.61 45.49
CA TYR H 269 3.68 13.52 44.13
C TYR H 269 3.01 12.39 43.35
N LEU H 270 2.56 12.70 42.14
CA LEU H 270 1.90 11.81 41.21
C LEU H 270 2.89 10.88 40.50
N GLN H 271 2.35 9.75 40.02
CA GLN H 271 3.11 8.75 39.30
C GLN H 271 2.26 8.15 38.19
N PRO H 272 2.90 7.67 37.11
CA PRO H 272 2.15 6.98 36.04
C PRO H 272 1.65 5.63 36.55
N ARG H 273 0.34 5.44 36.57
CA ARG H 273 -0.26 4.23 37.11
C ARG H 273 -1.41 3.77 36.22
N THR H 274 -1.84 2.54 36.45
CA THR H 274 -3.00 1.96 35.78
C THR H 274 -4.16 1.93 36.75
N PHE H 275 -5.24 2.62 36.42
CA PHE H 275 -6.37 2.77 37.30
C PHE H 275 -7.63 2.19 36.70
N LEU H 276 -8.41 1.50 37.51
CA LEU H 276 -9.72 1.01 37.11
C LEU H 276 -10.80 1.88 37.74
N LEU H 277 -11.46 2.69 36.92
CA LEU H 277 -12.45 3.64 37.40
C LEU H 277 -13.86 3.11 37.18
N LYS H 278 -14.74 3.34 38.15
CA LYS H 278 -16.12 2.92 38.06
C LYS H 278 -17.04 4.14 37.94
N TYR H 279 -17.79 4.21 36.85
CA TYR H 279 -18.75 5.28 36.62
C TYR H 279 -20.15 4.82 37.00
N ASN H 280 -20.91 5.71 37.63
CA ASN H 280 -22.26 5.40 38.07
C ASN H 280 -23.28 5.71 36.99
N GLU H 281 -24.56 5.53 37.33
CA GLU H 281 -25.63 5.75 36.38
C GLU H 281 -25.79 7.21 35.99
N ASN H 282 -25.23 8.12 36.77
CA ASN H 282 -25.33 9.53 36.48
C ASN H 282 -24.03 10.09 35.96
N GLY H 283 -23.05 9.24 35.68
CA GLY H 283 -21.82 9.71 35.08
C GLY H 283 -20.79 10.23 36.06
N THR H 284 -20.87 9.86 37.33
CA THR H 284 -19.90 10.31 38.32
C THR H 284 -19.10 9.10 38.83
N ILE H 285 -17.82 9.35 39.12
CA ILE H 285 -16.95 8.29 39.62
C ILE H 285 -17.28 8.00 41.07
N THR H 286 -17.53 6.73 41.37
CA THR H 286 -17.84 6.35 42.74
C THR H 286 -16.75 5.51 43.39
N ASP H 287 -15.98 4.75 42.62
CA ASP H 287 -14.93 3.92 43.19
C ASP H 287 -13.78 3.82 42.20
N ALA H 288 -12.63 3.40 42.71
CA ALA H 288 -11.45 3.24 41.86
C ALA H 288 -10.58 2.15 42.46
N VAL H 289 -9.84 1.46 41.60
CA VAL H 289 -8.97 0.37 42.01
C VAL H 289 -7.59 0.58 41.42
N ASP H 290 -6.58 0.54 42.28
CA ASP H 290 -5.20 0.64 41.82
C ASP H 290 -4.77 -0.70 41.26
N CYS H 291 -4.52 -0.75 39.95
CA CYS H 291 -4.21 -2.00 39.28
C CYS H 291 -2.90 -2.63 39.73
N ALA H 292 -2.00 -1.86 40.33
CA ALA H 292 -0.68 -2.38 40.66
C ALA H 292 -0.34 -2.25 42.14
N LEU H 293 -1.34 -2.21 43.01
CA LEU H 293 -1.03 -2.10 44.43
C LEU H 293 -0.67 -3.45 45.02
N ASP H 294 -1.60 -4.39 44.96
CA ASP H 294 -1.39 -5.68 45.57
C ASP H 294 -1.97 -6.74 44.65
N PRO H 295 -1.71 -8.02 44.87
CA PRO H 295 -2.23 -9.03 43.94
C PRO H 295 -3.74 -9.06 43.82
N LEU H 296 -4.50 -8.91 44.90
CA LEU H 296 -5.94 -8.96 44.76
C LEU H 296 -6.45 -7.81 43.89
N SER H 297 -5.89 -6.62 44.09
CA SER H 297 -6.27 -5.51 43.25
C SER H 297 -5.91 -5.79 41.81
N GLU H 298 -4.78 -6.44 41.58
CA GLU H 298 -4.39 -6.71 40.20
C GLU H 298 -5.34 -7.69 39.54
N THR H 299 -5.83 -8.67 40.29
CA THR H 299 -6.80 -9.56 39.66
C THR H 299 -8.09 -8.82 39.34
N LYS H 300 -8.54 -7.96 40.26
CA LYS H 300 -9.72 -7.17 39.95
C LYS H 300 -9.51 -6.38 38.68
N CYS H 301 -8.34 -5.76 38.55
CA CYS H 301 -8.05 -4.97 37.37
C CYS H 301 -8.01 -5.82 36.11
N THR H 302 -7.64 -7.09 36.25
CA THR H 302 -7.61 -7.93 35.06
C THR H 302 -9.01 -8.36 34.63
N LEU H 303 -9.76 -8.98 35.54
CA LEU H 303 -11.12 -9.37 35.17
C LEU H 303 -12.06 -8.22 34.91
N LYS H 304 -11.66 -6.98 35.17
CA LYS H 304 -12.54 -5.83 34.99
C LYS H 304 -13.85 -6.03 35.73
N SER H 305 -13.73 -6.40 37.00
CA SER H 305 -14.89 -6.64 37.83
C SER H 305 -14.48 -6.47 39.28
N PHE H 306 -15.27 -5.71 40.03
CA PHE H 306 -14.93 -5.47 41.42
C PHE H 306 -15.10 -6.70 42.29
N THR H 307 -15.92 -7.66 41.88
CA THR H 307 -16.12 -8.88 42.65
C THR H 307 -15.60 -10.07 41.85
N VAL H 308 -14.56 -10.72 42.38
CA VAL H 308 -14.00 -11.92 41.76
C VAL H 308 -14.43 -13.13 42.59
N GLU H 309 -14.87 -14.18 41.90
CA GLU H 309 -15.36 -15.38 42.57
C GLU H 309 -14.21 -16.30 42.94
N LYS H 310 -14.55 -17.31 43.75
CA LYS H 310 -13.57 -18.28 44.20
C LYS H 310 -12.96 -19.00 43.01
N GLY H 311 -11.64 -19.09 42.99
CA GLY H 311 -10.96 -19.78 41.92
C GLY H 311 -9.52 -19.34 41.83
N ILE H 312 -8.87 -19.78 40.76
CA ILE H 312 -7.48 -19.47 40.48
C ILE H 312 -7.40 -18.67 39.19
N TYR H 313 -6.63 -17.58 39.20
CA TYR H 313 -6.54 -16.70 38.05
C TYR H 313 -5.09 -16.43 37.72
N GLN H 314 -4.75 -16.48 36.44
CA GLN H 314 -3.40 -16.19 35.98
C GLN H 314 -3.22 -14.70 35.73
N THR H 315 -2.62 -13.99 36.68
CA THR H 315 -2.60 -12.54 36.57
C THR H 315 -1.46 -12.04 35.68
N SER H 316 -0.23 -12.48 35.90
CA SER H 316 0.87 -11.85 35.17
C SER H 316 2.09 -12.77 35.14
N ASN H 317 3.23 -12.21 34.74
CA ASN H 317 4.50 -12.91 34.71
C ASN H 317 5.57 -12.09 35.41
N PHE H 318 6.56 -12.77 35.94
CA PHE H 318 7.68 -12.13 36.61
C PHE H 318 8.95 -12.61 35.94
N ARG H 319 10.00 -11.80 36.03
CA ARG H 319 11.28 -12.17 35.44
C ARG H 319 12.37 -11.43 36.18
N VAL H 320 13.27 -12.17 36.82
CA VAL H 320 14.33 -11.53 37.59
C VAL H 320 15.17 -10.68 36.67
N GLN H 321 15.45 -9.47 37.10
CA GLN H 321 16.16 -8.54 36.26
C GLN H 321 17.64 -8.81 36.33
N PRO H 322 18.40 -8.43 35.32
CA PRO H 322 19.85 -8.64 35.38
C PRO H 322 20.44 -7.77 36.48
N THR H 323 21.34 -8.36 37.24
CA THR H 323 21.95 -7.67 38.36
C THR H 323 23.22 -6.94 38.00
N GLU H 324 23.79 -7.20 36.83
CA GLU H 324 25.05 -6.59 36.46
C GLU H 324 25.19 -6.61 34.95
N SER H 325 26.11 -5.78 34.45
CA SER H 325 26.46 -5.75 33.04
C SER H 325 27.98 -5.84 32.92
N ILE H 326 28.47 -6.72 32.05
CA ILE H 326 29.89 -6.93 31.89
C ILE H 326 30.25 -6.97 30.41
N VAL H 327 31.45 -6.49 30.10
CA VAL H 327 32.00 -6.55 28.77
C VAL H 327 33.36 -7.23 28.85
N ARG H 328 33.63 -8.12 27.90
CA ARG H 328 34.86 -8.92 27.89
C ARG H 328 35.45 -8.89 26.50
N PHE H 329 36.57 -8.20 26.35
CA PHE H 329 37.25 -8.07 25.07
C PHE H 329 38.75 -8.27 25.16
N PRO H 330 39.39 -8.60 24.02
CA PRO H 330 40.85 -8.77 23.96
C PRO H 330 41.62 -7.49 24.23
N ASN H 331 42.92 -7.54 24.02
CA ASN H 331 43.84 -6.41 24.21
C ASN H 331 44.45 -6.13 22.83
N ILE H 332 43.56 -5.70 21.94
CA ILE H 332 43.87 -5.46 20.53
C ILE H 332 44.74 -4.22 20.38
N THR H 333 44.32 -3.10 20.99
CA THR H 333 44.89 -1.74 20.94
C THR H 333 45.99 -1.46 19.92
N ASN H 334 46.62 -0.27 20.02
CA ASN H 334 47.61 0.23 19.06
C ASN H 334 46.81 0.62 17.82
N LEU H 335 46.84 1.91 17.50
CA LEU H 335 45.99 2.51 16.49
C LEU H 335 46.27 1.99 15.08
N CYS H 336 45.26 2.16 14.23
CA CYS H 336 45.21 1.75 12.84
C CYS H 336 45.95 2.72 11.91
N PRO H 337 46.26 2.28 10.69
CA PRO H 337 46.85 3.20 9.70
C PRO H 337 45.85 4.15 9.07
N PHE H 338 44.64 4.24 9.64
CA PHE H 338 43.59 5.08 9.10
C PHE H 338 44.07 6.51 8.86
N ASP H 339 44.87 7.05 9.78
CA ASP H 339 45.36 8.41 9.58
C ASP H 339 46.14 8.49 8.28
N GLU H 340 46.98 7.50 8.00
CA GLU H 340 47.79 7.54 6.79
C GLU H 340 46.91 7.47 5.54
N VAL H 341 45.92 6.57 5.52
CA VAL H 341 45.08 6.45 4.34
C VAL H 341 44.20 7.69 4.19
N PHE H 342 43.97 8.42 5.28
CA PHE H 342 43.20 9.64 5.19
C PHE H 342 44.03 10.81 4.69
N ASN H 343 45.26 10.92 5.16
CA ASN H 343 46.05 12.11 4.91
C ASN H 343 46.82 12.06 3.60
N ALA H 344 47.14 10.86 3.12
CA ALA H 344 47.97 10.75 1.92
C ALA H 344 47.29 11.45 0.74
N THR H 345 46.09 11.02 0.37
CA THR H 345 45.32 11.60 -0.72
C THR H 345 46.02 11.44 -2.07
N ARG H 346 46.96 10.50 -2.17
CA ARG H 346 47.73 10.26 -3.39
C ARG H 346 46.95 9.54 -4.47
N PHE H 347 45.71 9.14 -4.20
CA PHE H 347 44.89 8.39 -5.16
C PHE H 347 44.35 9.34 -6.22
N ALA H 348 45.28 9.82 -7.05
CA ALA H 348 45.02 10.88 -8.00
C ALA H 348 43.88 10.55 -8.97
N SER H 349 43.55 9.28 -9.14
CA SER H 349 42.48 8.91 -10.05
C SER H 349 41.67 7.76 -9.46
N VAL H 350 40.38 7.76 -9.77
CA VAL H 350 39.48 6.72 -9.29
C VAL H 350 39.79 5.38 -9.95
N TYR H 351 40.17 5.41 -11.24
CA TYR H 351 40.45 4.17 -11.95
C TYR H 351 41.57 3.43 -11.24
N ALA H 352 41.35 2.12 -11.01
CA ALA H 352 42.34 1.27 -10.36
C ALA H 352 42.71 1.83 -8.99
N TRP H 353 41.68 2.09 -8.19
CA TRP H 353 41.84 2.63 -6.85
C TRP H 353 42.27 1.56 -5.87
N ASN H 354 42.65 2.00 -4.68
CA ASN H 354 43.32 1.15 -3.71
C ASN H 354 42.31 0.59 -2.73
N ARG H 355 42.44 -0.69 -2.46
CA ARG H 355 41.67 -1.39 -1.44
C ARG H 355 42.58 -1.67 -0.27
N LYS H 356 42.09 -1.43 0.95
CA LYS H 356 42.89 -1.69 2.13
C LYS H 356 42.11 -2.53 3.13
N ARG H 357 42.85 -3.39 3.81
CA ARG H 357 42.34 -4.26 4.85
C ARG H 357 42.85 -3.77 6.19
N ILE H 358 41.94 -3.58 7.14
CA ILE H 358 42.26 -3.09 8.47
C ILE H 358 41.97 -4.18 9.49
N SER H 359 42.88 -4.34 10.45
CA SER H 359 42.71 -5.36 11.48
C SER H 359 43.74 -5.12 12.58
N ASN H 360 43.47 -5.71 13.74
CA ASN H 360 44.36 -5.71 14.92
C ASN H 360 44.90 -4.31 15.18
N CYS H 361 43.97 -3.34 15.24
CA CYS H 361 44.37 -1.98 15.52
C CYS H 361 43.17 -1.18 16.01
N VAL H 362 43.46 -0.02 16.59
CA VAL H 362 42.43 0.88 17.09
C VAL H 362 41.90 1.74 15.95
N ALA H 363 40.66 1.50 15.54
CA ALA H 363 40.03 2.31 14.50
C ALA H 363 39.40 3.50 15.23
N ASP H 364 40.16 4.58 15.32
CA ASP H 364 39.76 5.74 16.11
C ASP H 364 38.67 6.56 15.46
N TYR H 365 37.45 6.03 15.39
CA TYR H 365 36.35 6.78 14.83
C TYR H 365 36.10 8.08 15.57
N SER H 366 36.66 8.23 16.77
CA SER H 366 36.52 9.52 17.45
C SER H 366 37.32 10.59 16.75
N VAL H 367 38.43 10.24 16.10
CA VAL H 367 39.17 11.21 15.30
C VAL H 367 38.72 11.15 13.84
N LEU H 368 38.49 9.94 13.32
CA LEU H 368 38.11 9.75 11.94
C LEU H 368 36.66 10.18 11.76
N TYR H 369 36.43 11.05 10.76
CA TYR H 369 35.10 11.56 10.42
C TYR H 369 34.61 12.49 11.52
N ASN H 370 35.57 13.08 12.23
CA ASN H 370 35.32 14.01 13.33
C ASN H 370 36.17 15.26 13.14
N PHE H 371 37.36 15.08 12.56
CA PHE H 371 38.33 16.16 12.44
C PHE H 371 37.83 17.24 11.49
N ALA H 372 38.39 18.44 11.64
CA ALA H 372 37.86 19.61 10.95
C ALA H 372 37.93 19.51 9.43
N PRO H 373 39.05 19.13 8.81
CA PRO H 373 39.10 19.13 7.33
C PRO H 373 38.08 18.23 6.67
N PHE H 374 37.44 17.34 7.43
CA PHE H 374 36.51 16.39 6.85
C PHE H 374 35.22 17.11 6.45
N PHE H 375 34.84 17.01 5.17
CA PHE H 375 33.74 17.81 4.65
C PHE H 375 32.38 17.22 4.97
N ALA H 376 32.24 15.90 4.82
CA ALA H 376 30.95 15.26 5.01
C ALA H 376 31.16 13.78 5.27
N PHE H 377 30.20 13.18 5.98
CA PHE H 377 30.21 11.75 6.24
C PHE H 377 28.80 11.32 6.63
N LYS H 378 28.44 10.10 6.26
CA LYS H 378 27.09 9.58 6.47
C LYS H 378 27.17 8.07 6.37
N CYS H 379 26.47 7.37 7.26
CA CYS H 379 26.41 5.92 7.25
C CYS H 379 25.01 5.39 6.96
N TYR H 380 24.99 4.22 6.34
CA TYR H 380 23.79 3.52 5.92
C TYR H 380 23.78 2.15 6.57
N GLY H 381 22.64 1.74 7.10
CA GLY H 381 22.51 0.49 7.79
C GLY H 381 22.89 0.56 9.26
N VAL H 382 23.79 1.48 9.61
CA VAL H 382 24.24 1.68 10.98
C VAL H 382 24.48 3.17 11.16
N SER H 383 24.14 3.71 12.33
CA SER H 383 24.38 5.13 12.50
C SER H 383 25.85 5.36 12.83
N PRO H 384 26.36 6.58 12.65
CA PRO H 384 27.79 6.81 12.87
C PRO H 384 28.26 6.60 14.31
N THR H 385 27.51 7.08 15.30
CA THR H 385 27.97 6.96 16.68
C THR H 385 27.93 5.52 17.14
N LYS H 386 26.84 4.83 16.82
CA LYS H 386 26.73 3.41 17.14
C LYS H 386 27.82 2.63 16.43
N LEU H 387 28.24 3.11 15.26
CA LEU H 387 29.39 2.55 14.58
C LEU H 387 30.65 2.73 15.42
N ASN H 388 30.86 3.94 15.95
CA ASN H 388 32.00 4.17 16.84
C ASN H 388 31.99 3.21 18.03
N ASP H 389 30.81 2.85 18.51
CA ASP H 389 30.77 1.95 19.66
C ASP H 389 30.99 0.49 19.27
N LEU H 390 30.68 0.14 18.03
CA LEU H 390 30.75 -1.24 17.58
C LEU H 390 32.19 -1.64 17.22
N CYS H 391 32.38 -2.95 17.03
CA CYS H 391 33.65 -3.50 16.56
C CYS H 391 33.31 -4.52 15.46
N PHE H 392 34.28 -4.83 14.61
CA PHE H 392 33.96 -5.55 13.37
C PHE H 392 35.05 -6.55 13.03
N THR H 393 34.80 -7.33 11.97
CA THR H 393 35.77 -8.30 11.50
C THR H 393 36.93 -7.62 10.78
N ASN H 394 36.63 -6.95 9.67
CA ASN H 394 37.64 -6.30 8.87
C ASN H 394 36.98 -5.25 7.99
N VAL H 395 37.79 -4.36 7.43
CA VAL H 395 37.33 -3.24 6.63
C VAL H 395 37.90 -3.35 5.22
N TYR H 396 37.04 -3.25 4.22
CA TYR H 396 37.48 -3.08 2.84
C TYR H 396 37.34 -1.60 2.52
N ALA H 397 38.45 -0.88 2.60
CA ALA H 397 38.46 0.56 2.40
C ALA H 397 38.84 0.87 0.96
N ASP H 398 38.03 1.67 0.28
CA ASP H 398 38.29 2.10 -1.07
C ASP H 398 38.56 3.60 -1.07
N SER H 399 39.72 4.00 -1.57
CA SER H 399 40.12 5.39 -1.57
C SER H 399 40.41 5.80 -3.01
N PHE H 400 39.68 6.80 -3.49
CA PHE H 400 39.84 7.31 -4.84
C PHE H 400 39.32 8.74 -4.88
N VAL H 401 39.45 9.37 -6.05
CA VAL H 401 38.94 10.73 -6.25
C VAL H 401 37.92 10.71 -7.38
N ILE H 402 36.84 11.47 -7.18
CA ILE H 402 35.73 11.58 -8.12
C ILE H 402 35.38 13.05 -8.26
N ARG H 403 34.56 13.36 -9.25
CA ARG H 403 34.13 14.74 -9.40
C ARG H 403 32.90 15.01 -8.55
N GLY H 404 32.57 16.30 -8.41
CA GLY H 404 31.42 16.70 -7.61
C GLY H 404 30.09 16.20 -8.12
N ASN H 405 29.96 16.04 -9.43
CA ASN H 405 28.72 15.50 -9.98
C ASN H 405 28.59 14.00 -9.81
N GLU H 406 29.59 13.33 -9.26
CA GLU H 406 29.52 11.90 -9.04
C GLU H 406 29.29 11.52 -7.58
N VAL H 407 29.38 12.48 -6.65
CA VAL H 407 29.21 12.19 -5.23
C VAL H 407 27.82 11.64 -4.95
N SER H 408 26.81 12.08 -5.68
CA SER H 408 25.45 11.57 -5.55
C SER H 408 25.21 10.32 -6.39
N GLN H 409 26.15 9.94 -7.24
CA GLN H 409 25.99 8.77 -8.08
C GLN H 409 26.44 7.47 -7.42
N ILE H 410 27.41 7.53 -6.52
CA ILE H 410 27.89 6.35 -5.80
C ILE H 410 27.00 5.98 -4.62
N ALA H 411 26.01 5.12 -4.88
CA ALA H 411 25.06 4.68 -3.87
C ALA H 411 24.63 3.27 -4.21
N PRO H 412 24.17 2.50 -3.23
CA PRO H 412 23.76 1.11 -3.52
C PRO H 412 22.60 1.12 -4.50
N GLY H 413 22.73 0.35 -5.57
CA GLY H 413 21.67 0.16 -6.52
C GLY H 413 21.59 1.26 -7.56
N GLN H 414 22.37 2.33 -7.39
CA GLN H 414 22.39 3.46 -8.31
C GLN H 414 23.38 3.20 -9.44
N THR H 415 23.04 3.67 -10.64
CA THR H 415 23.91 3.53 -11.79
C THR H 415 24.84 4.73 -11.91
N GLY H 416 25.97 4.51 -12.55
CA GLY H 416 26.98 5.53 -12.72
C GLY H 416 27.91 5.16 -13.87
N ASN H 417 29.13 5.65 -13.81
CA ASN H 417 30.11 5.43 -14.88
C ASN H 417 31.32 4.67 -14.38
N ILE H 418 31.99 5.17 -13.34
CA ILE H 418 33.25 4.61 -12.88
C ILE H 418 32.96 3.38 -12.03
N ALA H 419 31.78 3.34 -11.42
CA ALA H 419 31.35 2.15 -10.70
C ALA H 419 30.71 1.17 -11.66
N ASP H 420 31.01 1.33 -12.94
CA ASP H 420 30.54 0.48 -14.01
C ASP H 420 31.65 0.09 -14.96
N TYR H 421 32.73 0.89 -15.06
CA TYR H 421 33.83 0.58 -15.95
C TYR H 421 35.11 0.10 -15.27
N ASN H 422 35.36 0.45 -14.01
CA ASN H 422 36.55 -0.05 -13.31
C ASN H 422 36.27 -1.00 -12.17
N TYR H 423 35.53 -0.54 -11.15
CA TYR H 423 35.10 -1.33 -10.01
C TYR H 423 33.66 -0.93 -9.70
N LYS H 424 32.89 -1.85 -9.11
CA LYS H 424 31.46 -1.64 -8.90
C LYS H 424 31.12 -1.95 -7.44
N LEU H 425 30.20 -1.09 -6.84
CA LEU H 425 29.76 -1.38 -5.48
C LEU H 425 28.54 -2.30 -5.45
N PRO H 426 28.42 -3.10 -4.40
CA PRO H 426 27.34 -4.10 -4.31
C PRO H 426 25.95 -3.51 -4.10
N ASP H 427 24.94 -4.31 -4.48
CA ASP H 427 23.56 -3.93 -4.27
C ASP H 427 23.08 -4.12 -2.83
N ASP H 428 23.62 -5.08 -2.09
CA ASP H 428 23.28 -5.28 -0.68
C ASP H 428 24.30 -4.65 0.26
N PHE H 429 24.96 -3.58 -0.17
CA PHE H 429 26.02 -2.97 0.62
C PHE H 429 25.50 -2.44 1.95
N THR H 430 26.34 -2.51 2.98
CA THR H 430 26.05 -1.86 4.24
C THR H 430 27.34 -1.31 4.84
N GLY H 431 27.36 0.00 5.07
CA GLY H 431 28.52 0.69 5.61
C GLY H 431 28.34 2.20 5.52
N CYS H 432 29.44 2.91 5.26
CA CYS H 432 29.40 4.35 5.05
C CYS H 432 30.52 4.81 4.14
N VAL H 433 30.32 6.02 3.63
CA VAL H 433 31.19 6.66 2.65
C VAL H 433 31.45 8.07 3.15
N ILE H 434 32.63 8.58 2.83
CA ILE H 434 33.07 9.90 3.26
C ILE H 434 33.67 10.61 2.05
N ALA H 435 33.51 11.92 2.00
CA ALA H 435 33.93 12.70 0.85
C ALA H 435 34.65 13.96 1.30
N TRP H 436 35.79 14.22 0.67
CA TRP H 436 36.57 15.43 0.87
C TRP H 436 36.57 16.24 -0.41
N ASN H 437 36.37 17.55 -0.29
CA ASN H 437 36.57 18.42 -1.44
C ASN H 437 38.06 18.73 -1.50
N SER H 438 38.77 18.04 -2.40
CA SER H 438 40.22 18.15 -2.55
C SER H 438 40.60 18.99 -3.77
N ASN H 439 39.84 20.05 -4.05
CA ASN H 439 40.09 20.84 -5.25
C ASN H 439 41.50 21.42 -5.25
N LYS H 440 41.95 21.94 -4.11
CA LYS H 440 43.24 22.62 -4.07
C LYS H 440 44.40 21.64 -4.11
N LEU H 441 44.13 20.33 -4.17
CA LEU H 441 45.18 19.33 -4.18
C LEU H 441 45.79 19.22 -5.58
N ASP H 442 44.95 19.02 -6.59
CA ASP H 442 45.39 18.79 -7.96
C ASP H 442 44.52 19.63 -8.87
N SER H 443 45.12 20.62 -9.53
CA SER H 443 44.44 21.46 -10.51
C SER H 443 45.47 22.28 -11.27
N TYR H 451 45.14 13.74 -15.93
CA TYR H 451 44.27 13.04 -14.99
C TYR H 451 43.15 12.34 -15.75
N ARG H 452 43.24 11.03 -15.90
CA ARG H 452 42.33 10.31 -16.77
C ARG H 452 41.50 9.30 -15.97
N TYR H 453 40.27 9.10 -16.40
CA TYR H 453 39.36 8.15 -15.77
C TYR H 453 38.39 7.66 -16.83
N ARG H 454 37.35 6.95 -16.42
CA ARG H 454 36.40 6.38 -17.36
C ARG H 454 35.13 7.20 -17.36
N LEU H 455 34.76 7.70 -18.53
CA LEU H 455 33.50 8.40 -18.75
C LEU H 455 32.70 7.75 -19.87
N PHE H 456 33.26 6.74 -20.54
CA PHE H 456 32.58 6.11 -21.66
C PHE H 456 33.06 4.68 -21.87
N ARG H 457 32.12 3.75 -21.85
CA ARG H 457 32.33 2.36 -22.26
C ARG H 457 30.96 1.69 -22.27
N LYS H 458 30.90 0.52 -22.91
CA LYS H 458 29.62 -0.13 -23.16
C LYS H 458 29.22 -1.11 -22.07
N SER H 459 30.08 -2.06 -21.73
CA SER H 459 29.64 -3.13 -20.84
C SER H 459 29.78 -2.70 -19.40
N ASN H 460 28.88 -3.19 -18.56
CA ASN H 460 28.91 -2.92 -17.12
C ASN H 460 29.64 -4.03 -16.38
N LEU H 461 30.10 -3.69 -15.18
CA LEU H 461 30.86 -4.59 -14.34
C LEU H 461 30.12 -4.97 -13.07
N LYS H 462 30.38 -6.19 -12.60
CA LYS H 462 29.74 -6.72 -11.41
C LYS H 462 30.38 -6.07 -10.19
N PRO H 463 29.77 -6.21 -9.01
CA PRO H 463 30.35 -5.55 -7.83
C PRO H 463 31.76 -6.05 -7.55
N PHE H 464 32.69 -5.10 -7.35
CA PHE H 464 34.08 -5.37 -6.97
C PHE H 464 34.78 -6.26 -7.99
N GLU H 465 34.24 -6.36 -9.20
CA GLU H 465 34.87 -7.13 -10.26
C GLU H 465 36.00 -6.37 -10.94
N PRO H 491 37.54 4.73 -24.49
CA PRO H 491 37.24 4.19 -23.17
C PRO H 491 37.64 5.14 -22.05
N LEU H 492 38.91 5.52 -22.01
CA LEU H 492 39.41 6.40 -20.96
C LEU H 492 39.03 7.84 -21.29
N GLN H 493 39.07 8.71 -20.29
CA GLN H 493 38.76 10.11 -20.56
C GLN H 493 39.33 10.98 -19.46
N SER H 494 39.86 12.15 -19.85
CA SER H 494 40.44 13.09 -18.90
C SER H 494 39.36 13.71 -18.03
N TYR H 495 39.65 13.85 -16.74
CA TYR H 495 38.72 14.54 -15.85
C TYR H 495 38.39 15.94 -16.34
N GLY H 496 39.42 16.68 -16.77
CA GLY H 496 39.25 18.10 -17.02
C GLY H 496 39.43 18.92 -15.76
N PHE H 497 40.51 18.66 -15.03
CA PHE H 497 40.77 19.31 -13.75
C PHE H 497 41.14 20.78 -13.93
N VAL H 503 32.21 23.24 -9.20
CA VAL H 503 32.70 22.32 -8.18
C VAL H 503 32.31 20.89 -8.54
N GLY H 504 31.35 20.76 -9.47
CA GLY H 504 30.90 19.44 -9.87
C GLY H 504 31.97 18.61 -10.56
N HIS H 505 32.97 19.25 -11.15
CA HIS H 505 34.04 18.56 -11.85
C HIS H 505 35.39 19.00 -11.30
N GLN H 506 35.50 19.02 -9.99
CA GLN H 506 36.71 19.31 -9.24
C GLN H 506 37.04 18.11 -8.37
N PRO H 507 38.31 17.89 -8.04
CA PRO H 507 38.68 16.63 -7.39
C PRO H 507 38.12 16.54 -5.97
N TYR H 508 37.45 15.43 -5.70
CA TYR H 508 36.98 15.07 -4.36
C TYR H 508 37.67 13.80 -3.90
N ARG H 509 38.37 13.88 -2.77
CA ARG H 509 38.95 12.69 -2.16
C ARG H 509 37.86 11.97 -1.38
N VAL H 510 37.56 10.73 -1.78
CA VAL H 510 36.40 10.01 -1.25
C VAL H 510 36.83 8.62 -0.80
N VAL H 511 36.22 8.14 0.28
CA VAL H 511 36.50 6.82 0.84
C VAL H 511 35.17 6.17 1.20
N VAL H 512 34.99 4.91 0.80
CA VAL H 512 33.80 4.13 1.12
C VAL H 512 34.22 2.90 1.94
N LEU H 513 33.44 2.58 2.95
CA LEU H 513 33.76 1.49 3.87
C LEU H 513 32.68 0.42 3.81
N SER H 514 33.09 -0.84 3.69
CA SER H 514 32.18 -1.98 3.71
C SER H 514 32.53 -2.91 4.86
N PHE H 515 31.55 -3.21 5.71
CA PHE H 515 31.79 -3.97 6.93
C PHE H 515 31.24 -5.40 6.87
N GLU H 516 32.03 -6.33 7.38
CA GLU H 516 31.67 -7.73 7.58
C GLU H 516 31.42 -7.92 9.08
N LEU H 517 30.47 -8.80 9.44
CA LEU H 517 30.15 -8.90 10.86
C LEU H 517 30.05 -10.30 11.46
N LEU H 518 30.01 -11.38 10.67
CA LEU H 518 29.93 -12.73 11.24
C LEU H 518 31.30 -13.30 11.64
N HIS H 519 31.34 -13.94 12.80
CA HIS H 519 32.54 -14.51 13.42
C HIS H 519 33.66 -13.49 13.51
N ALA H 520 33.38 -12.42 14.25
CA ALA H 520 34.25 -11.25 14.26
C ALA H 520 35.24 -11.47 15.39
N PRO H 521 36.50 -11.65 15.11
CA PRO H 521 37.49 -11.54 16.18
C PRO H 521 37.83 -10.06 16.26
N ALA H 522 36.90 -9.33 16.89
CA ALA H 522 36.92 -7.87 16.88
C ALA H 522 38.33 -7.37 17.20
N THR H 523 38.97 -6.76 16.21
CA THR H 523 40.31 -6.23 16.42
C THR H 523 40.46 -4.85 15.81
N VAL H 524 39.39 -4.25 15.31
CA VAL H 524 39.46 -2.95 14.67
C VAL H 524 38.22 -2.16 15.06
N CYS H 525 38.42 -1.17 15.92
CA CYS H 525 37.36 -0.28 16.43
C CYS H 525 38.06 0.78 17.27
N GLY H 526 37.28 1.59 17.98
CA GLY H 526 37.86 2.58 18.85
C GLY H 526 37.80 2.16 20.30
N PRO H 527 36.80 2.64 21.03
CA PRO H 527 36.79 2.46 22.48
C PRO H 527 36.02 1.23 22.94
N LYS H 528 36.56 0.59 23.98
CA LYS H 528 35.97 -0.59 24.61
C LYS H 528 36.94 -1.18 25.62
N LYS H 529 36.55 -1.20 26.88
CA LYS H 529 37.39 -1.70 27.96
C LYS H 529 36.78 -2.96 28.53
N SER H 530 37.63 -3.94 28.86
CA SER H 530 37.12 -5.18 29.41
C SER H 530 36.76 -5.00 30.89
N THR H 531 36.01 -5.96 31.41
CA THR H 531 35.57 -5.91 32.81
C THR H 531 35.75 -7.28 33.45
N ASN H 532 35.98 -7.26 34.76
CA ASN H 532 36.13 -8.50 35.51
C ASN H 532 34.96 -9.44 35.31
N LEU H 533 35.27 -10.74 35.29
CA LEU H 533 34.25 -11.73 35.02
C LEU H 533 33.40 -11.93 36.26
N VAL H 534 32.10 -12.13 36.06
CA VAL H 534 31.17 -12.41 37.14
C VAL H 534 30.50 -13.74 36.85
N LYS H 535 30.35 -14.58 37.86
CA LYS H 535 29.73 -15.87 37.67
C LYS H 535 28.54 -16.03 38.60
N ASN H 536 27.62 -16.90 38.17
CA ASN H 536 26.45 -17.31 38.93
C ASN H 536 25.43 -16.21 39.17
N LYS H 537 25.42 -15.15 38.36
CA LYS H 537 24.45 -14.09 38.57
C LYS H 537 23.86 -13.62 37.24
N CYS H 538 22.59 -13.23 37.28
CA CYS H 538 21.96 -12.68 36.09
C CYS H 538 22.74 -11.45 35.68
N VAL H 539 23.42 -11.53 34.55
CA VAL H 539 24.34 -10.47 34.16
C VAL H 539 24.20 -10.21 32.66
N ASN H 540 24.34 -8.95 32.29
CA ASN H 540 24.46 -8.60 30.88
C ASN H 540 25.91 -8.77 30.44
N PHE H 541 26.14 -9.58 29.42
CA PHE H 541 27.49 -9.86 28.98
C PHE H 541 27.64 -9.44 27.53
N ASN H 542 28.87 -9.08 27.17
CA ASN H 542 29.23 -8.77 25.78
C ASN H 542 30.57 -9.44 25.52
N PHE H 543 30.52 -10.67 25.04
CA PHE H 543 31.72 -11.48 24.81
C PHE H 543 32.14 -11.32 23.36
N ASN H 544 33.14 -10.47 23.13
CA ASN H 544 33.75 -10.32 21.81
C ASN H 544 32.71 -10.01 20.75
N GLY H 545 31.64 -9.32 21.15
CA GLY H 545 30.55 -8.94 20.26
C GLY H 545 29.24 -9.65 20.57
N LEU H 546 29.32 -10.84 21.15
CA LEU H 546 28.12 -11.57 21.51
C LEU H 546 27.55 -11.00 22.80
N THR H 547 26.38 -10.40 22.72
CA THR H 547 25.73 -9.77 23.87
C THR H 547 24.54 -10.62 24.32
N GLY H 548 24.40 -10.79 25.62
CA GLY H 548 23.27 -11.53 26.13
C GLY H 548 23.12 -11.43 27.63
N THR H 549 22.18 -12.19 28.15
CA THR H 549 21.86 -12.25 29.57
C THR H 549 21.70 -13.69 30.01
N GLY H 550 22.06 -13.96 31.25
CA GLY H 550 21.94 -15.30 31.77
C GLY H 550 22.90 -15.52 32.91
N VAL H 551 22.88 -16.73 33.44
CA VAL H 551 23.81 -17.13 34.48
C VAL H 551 24.98 -17.82 33.80
N LEU H 552 26.20 -17.44 34.16
CA LEU H 552 27.39 -17.99 33.55
C LEU H 552 28.03 -19.01 34.46
N THR H 553 28.39 -20.17 33.90
CA THR H 553 28.98 -21.25 34.67
C THR H 553 30.14 -21.86 33.89
N GLU H 554 31.13 -22.36 34.64
CA GLU H 554 32.25 -23.06 34.05
C GLU H 554 31.78 -24.31 33.30
N SER H 555 32.26 -24.46 32.07
CA SER H 555 31.82 -25.57 31.23
C SER H 555 32.52 -26.86 31.63
N ASN H 556 31.88 -27.99 31.29
CA ASN H 556 32.45 -29.30 31.56
C ASN H 556 32.53 -30.16 30.31
N LYS H 557 32.28 -29.58 29.14
CA LYS H 557 32.34 -30.26 27.86
C LYS H 557 33.62 -29.89 27.12
N LYS H 558 34.16 -30.84 26.37
CA LYS H 558 35.47 -30.69 25.75
C LYS H 558 35.35 -29.94 24.43
N PHE H 559 35.57 -28.63 24.46
CA PHE H 559 35.66 -27.83 23.25
C PHE H 559 36.94 -28.13 22.49
N LEU H 560 36.82 -28.27 21.18
CA LEU H 560 38.00 -28.44 20.36
C LEU H 560 38.74 -27.12 20.18
N PRO H 561 40.06 -27.16 20.02
CA PRO H 561 40.86 -25.93 20.06
C PRO H 561 40.51 -24.88 19.01
N PHE H 562 39.83 -25.27 17.94
CA PHE H 562 39.49 -24.32 16.89
C PHE H 562 38.10 -23.75 17.04
N GLN H 563 37.36 -24.14 18.07
CA GLN H 563 36.00 -23.67 18.26
C GLN H 563 35.94 -22.50 19.23
N GLN H 564 35.03 -21.58 18.95
CA GLN H 564 34.86 -20.37 19.73
C GLN H 564 33.45 -20.21 20.28
N PHE H 565 32.48 -20.97 19.79
CA PHE H 565 31.09 -20.82 20.22
C PHE H 565 30.52 -22.19 20.50
N GLY H 566 29.46 -22.20 21.28
CA GLY H 566 28.72 -23.43 21.54
C GLY H 566 27.24 -23.19 21.42
N ARG H 567 26.54 -24.17 20.87
CA ARG H 567 25.12 -24.04 20.61
C ARG H 567 24.41 -25.33 21.01
N ASP H 568 23.24 -25.18 21.58
CA ASP H 568 22.36 -26.31 21.79
C ASP H 568 21.44 -26.43 20.58
N ILE H 569 20.41 -27.26 20.72
CA ILE H 569 19.43 -27.41 19.65
C ILE H 569 18.75 -26.06 19.43
N ALA H 570 18.38 -25.80 18.19
CA ALA H 570 17.64 -24.59 17.83
C ALA H 570 18.48 -23.33 18.00
N ASP H 571 19.77 -23.44 17.66
CA ASP H 571 20.69 -22.31 17.60
C ASP H 571 20.78 -21.51 18.90
N THR H 572 20.41 -22.10 20.02
CA THR H 572 20.53 -21.40 21.29
C THR H 572 22.00 -21.42 21.70
N THR H 573 22.63 -20.25 21.80
CA THR H 573 24.04 -20.19 22.15
C THR H 573 24.22 -20.73 23.56
N ASP H 574 24.81 -21.92 23.69
CA ASP H 574 24.95 -22.55 24.98
C ASP H 574 26.25 -22.26 25.71
N ALA H 575 27.34 -21.94 24.99
CA ALA H 575 28.60 -21.75 25.69
C ALA H 575 29.48 -20.79 24.90
N VAL H 576 30.50 -20.25 25.57
CA VAL H 576 31.40 -19.27 24.97
C VAL H 576 32.75 -19.36 25.67
N ARG H 577 33.80 -19.11 24.90
CA ARG H 577 35.16 -19.03 25.44
C ARG H 577 35.56 -17.57 25.57
N ASP H 578 36.26 -17.27 26.66
CA ASP H 578 36.58 -15.88 26.97
C ASP H 578 37.53 -15.28 25.96
N PRO H 579 37.25 -14.09 25.44
CA PRO H 579 38.22 -13.41 24.56
C PRO H 579 39.41 -12.88 25.33
N GLN H 580 39.41 -12.98 26.65
CA GLN H 580 40.52 -12.51 27.47
C GLN H 580 41.33 -13.66 28.05
N THR H 581 40.72 -14.55 28.81
CA THR H 581 41.43 -15.67 29.40
C THR H 581 41.11 -16.99 28.74
N LEU H 582 40.23 -17.01 27.75
CA LEU H 582 39.93 -18.19 26.96
C LEU H 582 39.27 -19.31 27.74
N GLU H 583 38.71 -19.01 28.90
CA GLU H 583 37.98 -20.02 29.64
C GLU H 583 36.59 -20.20 29.03
N ILE H 584 36.12 -21.45 29.02
CA ILE H 584 34.82 -21.80 28.48
C ILE H 584 33.75 -21.51 29.52
N LEU H 585 32.65 -20.91 29.09
CA LEU H 585 31.58 -20.54 30.00
C LEU H 585 30.23 -21.06 29.50
N ASP H 586 29.42 -21.53 30.43
CA ASP H 586 28.06 -21.98 30.13
C ASP H 586 27.07 -20.84 30.33
N ILE H 587 26.09 -20.74 29.43
CA ILE H 587 25.07 -19.72 29.51
C ILE H 587 23.73 -20.37 29.73
N THR H 588 23.04 -19.98 30.80
CA THR H 588 21.68 -20.41 31.05
C THR H 588 20.83 -19.20 31.40
N PRO H 589 19.67 -19.02 30.77
CA PRO H 589 18.82 -17.87 31.10
C PRO H 589 18.29 -18.03 32.52
N CYS H 590 18.46 -17.00 33.34
CA CYS H 590 17.98 -17.11 34.70
C CYS H 590 16.45 -17.17 34.76
N SER H 591 15.98 -17.70 35.89
CA SER H 591 14.59 -18.07 36.12
C SER H 591 13.59 -16.94 35.85
N PHE H 592 12.48 -17.36 35.27
CA PHE H 592 11.33 -16.52 34.94
C PHE H 592 10.13 -17.44 34.92
N GLY H 593 8.94 -16.87 34.97
CA GLY H 593 7.76 -17.71 34.96
C GLY H 593 6.49 -16.92 35.18
N GLY H 594 5.38 -17.64 35.08
CA GLY H 594 4.08 -17.06 35.26
C GLY H 594 3.63 -17.12 36.71
N VAL H 595 2.77 -16.17 37.08
CA VAL H 595 2.28 -16.04 38.44
C VAL H 595 0.76 -16.04 38.45
N SER H 596 0.19 -16.79 39.36
CA SER H 596 -1.26 -16.89 39.50
C SER H 596 -1.68 -16.55 40.93
N VAL H 597 -2.91 -16.07 41.07
CA VAL H 597 -3.45 -15.63 42.35
C VAL H 597 -4.54 -16.60 42.78
N ILE H 598 -4.47 -17.05 44.02
CA ILE H 598 -5.48 -17.89 44.62
C ILE H 598 -6.34 -17.04 45.54
N THR H 599 -7.65 -17.01 45.30
CA THR H 599 -8.51 -16.19 46.12
C THR H 599 -9.75 -16.97 46.52
N PRO H 600 -10.16 -16.88 47.79
CA PRO H 600 -11.38 -17.57 48.22
C PRO H 600 -12.66 -16.83 47.90
N GLY H 601 -12.59 -15.77 47.10
CA GLY H 601 -13.76 -15.02 46.74
C GLY H 601 -13.79 -13.64 47.36
N THR H 602 -14.11 -12.62 46.56
CA THR H 602 -14.19 -11.27 47.10
C THR H 602 -15.21 -11.20 48.22
N ASN H 603 -16.26 -11.99 48.09
CA ASN H 603 -17.38 -11.94 49.01
C ASN H 603 -17.09 -12.70 50.30
N THR H 604 -16.07 -13.55 50.32
CA THR H 604 -15.68 -14.14 51.59
C THR H 604 -14.65 -13.30 52.33
N SER H 605 -13.56 -12.91 51.68
CA SER H 605 -12.50 -12.17 52.35
C SER H 605 -11.48 -11.70 51.33
N ASN H 606 -10.67 -10.73 51.73
CA ASN H 606 -9.63 -10.23 50.86
C ASN H 606 -8.33 -11.03 50.90
N GLN H 607 -8.20 -12.02 51.78
CA GLN H 607 -6.97 -12.79 51.80
C GLN H 607 -6.74 -13.52 50.48
N VAL H 608 -5.46 -13.76 50.17
CA VAL H 608 -5.05 -14.33 48.89
C VAL H 608 -3.77 -15.12 49.08
N ALA H 609 -3.60 -16.17 48.32
CA ALA H 609 -2.35 -16.90 48.27
C ALA H 609 -1.82 -16.85 46.85
N VAL H 610 -0.51 -16.77 46.70
CA VAL H 610 0.11 -16.52 45.40
C VAL H 610 0.95 -17.72 45.00
N LEU H 611 0.82 -18.14 43.75
CA LEU H 611 1.55 -19.28 43.22
C LEU H 611 2.47 -18.87 42.09
N TYR H 612 3.77 -18.94 42.31
CA TYR H 612 4.75 -18.77 41.25
C TYR H 612 4.96 -20.13 40.62
N GLN H 613 4.57 -20.30 39.36
CA GLN H 613 4.48 -21.65 38.83
C GLN H 613 5.80 -22.34 38.52
N GLY H 614 6.55 -21.87 37.54
CA GLY H 614 7.73 -22.65 37.22
C GLY H 614 9.01 -22.19 37.88
N VAL H 615 9.05 -22.10 39.20
CA VAL H 615 10.24 -21.65 39.90
C VAL H 615 10.15 -22.10 41.34
N ASN H 616 11.28 -22.17 42.02
CA ASN H 616 11.27 -22.34 43.45
C ASN H 616 11.72 -21.00 44.05
N CYS H 617 11.05 -20.60 45.13
CA CYS H 617 11.30 -19.31 45.79
C CYS H 617 12.74 -19.13 46.23
N THR H 618 13.58 -20.15 46.18
CA THR H 618 14.93 -20.00 46.67
C THR H 618 15.68 -18.92 45.91
N GLU H 619 15.12 -18.45 44.80
CA GLU H 619 15.72 -17.43 43.96
C GLU H 619 14.66 -16.41 43.57
N VAL H 620 13.74 -16.14 44.50
CA VAL H 620 12.66 -15.18 44.27
C VAL H 620 13.25 -13.79 44.05
N ASN H 641 4.27 -17.24 54.95
CA ASN H 641 4.83 -18.57 54.95
C ASN H 641 5.16 -19.05 53.53
N VAL H 642 5.97 -20.09 53.44
CA VAL H 642 6.41 -20.62 52.15
C VAL H 642 6.20 -22.12 52.13
N PHE H 643 5.80 -22.64 50.96
CA PHE H 643 5.60 -24.06 50.78
C PHE H 643 6.04 -24.43 49.37
N GLN H 644 6.64 -25.60 49.23
CA GLN H 644 7.11 -26.08 47.94
C GLN H 644 6.26 -27.23 47.45
N THR H 645 5.94 -27.22 46.15
CA THR H 645 5.17 -28.31 45.54
C THR H 645 5.78 -28.65 44.20
N ARG H 646 5.37 -29.80 43.67
CA ARG H 646 5.80 -30.21 42.34
C ARG H 646 5.33 -29.24 41.27
N ALA H 647 4.30 -28.44 41.54
CA ALA H 647 3.83 -27.47 40.58
C ALA H 647 4.55 -26.14 40.69
N GLY H 648 5.27 -25.93 41.76
CA GLY H 648 6.03 -24.74 42.03
C GLY H 648 5.97 -24.41 43.49
N CYS H 649 6.49 -23.24 43.84
CA CYS H 649 6.51 -22.80 45.23
C CYS H 649 5.32 -21.89 45.50
N LEU H 650 4.59 -22.21 46.55
CA LEU H 650 3.36 -21.54 46.94
C LEU H 650 3.61 -20.67 48.15
N ILE H 651 3.20 -19.40 48.08
CA ILE H 651 3.39 -18.42 49.13
C ILE H 651 2.06 -17.91 49.64
N GLY H 652 1.95 -17.81 50.96
CA GLY H 652 0.77 -17.31 51.60
C GLY H 652 -0.19 -18.36 52.13
N ALA H 653 0.17 -19.64 52.04
CA ALA H 653 -0.73 -20.69 52.49
C ALA H 653 0.05 -21.73 53.28
N GLU H 654 -0.59 -22.28 54.30
CA GLU H 654 0.02 -23.26 55.18
C GLU H 654 -0.39 -24.68 54.78
N TYR H 655 0.56 -25.59 54.80
CA TYR H 655 0.32 -26.98 54.43
C TYR H 655 -0.25 -27.79 55.58
N VAL H 656 -1.36 -28.48 55.32
CA VAL H 656 -1.98 -29.38 56.29
C VAL H 656 -1.93 -30.79 55.75
N ASN H 657 -1.79 -31.76 56.65
CA ASN H 657 -1.73 -33.17 56.29
C ASN H 657 -3.09 -33.78 55.99
N SER H 658 -4.18 -33.11 56.33
CA SER H 658 -5.50 -33.68 56.11
C SER H 658 -5.87 -33.67 54.64
N SER H 659 -6.59 -34.70 54.22
CA SER H 659 -7.05 -34.83 52.86
C SER H 659 -8.54 -34.53 52.80
N TYR H 660 -8.94 -33.71 51.83
CA TYR H 660 -10.34 -33.31 51.69
C TYR H 660 -10.75 -33.41 50.24
N GLU H 661 -12.05 -33.30 50.02
CA GLU H 661 -12.61 -33.19 48.67
C GLU H 661 -12.21 -31.86 48.07
N CYS H 662 -11.54 -31.89 46.92
CA CYS H 662 -10.90 -30.69 46.41
C CYS H 662 -11.85 -29.76 45.69
N ASP H 663 -11.62 -28.46 45.88
CA ASP H 663 -12.42 -27.42 45.27
C ASP H 663 -11.61 -26.42 44.46
N ILE H 664 -10.41 -26.09 44.90
CA ILE H 664 -9.56 -25.21 44.09
C ILE H 664 -8.35 -25.99 43.61
N PRO H 665 -8.30 -26.38 42.34
CA PRO H 665 -7.18 -27.18 41.87
C PRO H 665 -5.94 -26.33 41.74
N ILE H 666 -4.88 -26.73 42.42
CA ILE H 666 -3.60 -26.03 42.31
C ILE H 666 -2.72 -26.67 41.26
N GLY H 667 -2.59 -27.97 41.31
CA GLY H 667 -1.82 -28.73 40.35
C GLY H 667 -1.05 -29.81 41.07
N ALA H 668 -0.71 -30.87 40.34
CA ALA H 668 0.07 -31.97 40.89
C ALA H 668 -0.59 -32.55 42.14
N GLY H 669 -1.90 -32.69 42.12
CA GLY H 669 -2.60 -33.28 43.23
C GLY H 669 -2.79 -32.42 44.46
N ILE H 670 -2.35 -31.17 44.43
CA ILE H 670 -2.47 -30.30 45.60
C ILE H 670 -3.63 -29.34 45.38
N CYS H 671 -4.33 -29.01 46.46
CA CYS H 671 -5.48 -28.14 46.38
C CYS H 671 -5.42 -27.12 47.51
N ALA H 672 -6.45 -26.30 47.61
CA ALA H 672 -6.51 -25.28 48.65
C ALA H 672 -7.95 -25.06 49.07
N SER H 673 -8.14 -24.54 50.28
CA SER H 673 -9.47 -24.26 50.79
C SER H 673 -9.36 -23.28 51.95
N TYR H 674 -10.51 -22.71 52.33
CA TYR H 674 -10.59 -21.76 53.42
C TYR H 674 -10.62 -22.51 54.75
N GLN H 675 -9.68 -22.22 55.64
CA GLN H 675 -9.58 -22.96 56.91
C GLN H 675 -10.83 -22.79 57.76
N THR H 676 -11.10 -21.56 58.18
CA THR H 676 -12.24 -21.24 59.05
C THR H 676 -12.12 -21.98 60.38
N GLN H 690 -10.28 -18.84 58.62
CA GLN H 690 -9.45 -17.69 58.93
C GLN H 690 -8.10 -17.79 58.24
N SER H 691 -7.92 -18.84 57.43
CA SER H 691 -6.66 -19.03 56.72
C SER H 691 -6.90 -19.90 55.51
N ILE H 692 -5.96 -19.84 54.57
CA ILE H 692 -6.01 -20.66 53.37
C ILE H 692 -5.04 -21.82 53.55
N ILE H 693 -5.53 -23.04 53.46
CA ILE H 693 -4.72 -24.23 53.68
C ILE H 693 -4.58 -24.99 52.37
N ALA H 694 -3.37 -25.45 52.08
CA ALA H 694 -3.12 -26.31 50.93
C ALA H 694 -2.96 -27.74 51.40
N TYR H 695 -3.49 -28.69 50.62
CA TYR H 695 -3.49 -30.07 51.11
C TYR H 695 -3.54 -31.01 49.91
N THR H 696 -3.26 -32.28 50.18
CA THR H 696 -3.35 -33.31 49.14
C THR H 696 -4.79 -33.77 48.98
N MET H 697 -5.17 -34.06 47.74
CA MET H 697 -6.55 -34.43 47.45
C MET H 697 -6.91 -35.75 48.11
N SER H 698 -8.18 -35.88 48.45
CA SER H 698 -8.74 -37.15 48.91
C SER H 698 -9.65 -37.70 47.85
N LEU H 699 -9.43 -38.93 47.43
CA LEU H 699 -10.25 -39.52 46.39
C LEU H 699 -11.53 -40.13 46.92
N GLY H 700 -11.98 -39.71 48.08
CA GLY H 700 -13.19 -40.26 48.66
C GLY H 700 -12.91 -41.26 49.76
N ALA H 701 -13.99 -41.71 50.39
CA ALA H 701 -13.88 -42.66 51.48
C ALA H 701 -13.61 -44.06 50.95
N GLU H 702 -12.99 -44.88 51.79
CA GLU H 702 -12.70 -46.26 51.44
C GLU H 702 -13.81 -47.17 51.93
N ASN H 703 -14.35 -47.96 51.02
CA ASN H 703 -15.43 -48.88 51.35
C ASN H 703 -14.94 -50.27 50.97
N SER H 704 -14.58 -51.07 51.97
CA SER H 704 -14.07 -52.42 51.76
C SER H 704 -15.20 -53.44 51.79
N VAL H 705 -15.85 -53.61 50.64
CA VAL H 705 -16.95 -54.56 50.56
C VAL H 705 -16.45 -55.96 50.93
N ALA H 706 -17.21 -56.63 51.79
CA ALA H 706 -16.86 -57.96 52.30
C ALA H 706 -17.16 -59.04 51.27
N TYR H 707 -16.16 -59.44 50.50
CA TYR H 707 -16.35 -60.51 49.55
C TYR H 707 -16.28 -61.86 50.25
N SER H 708 -16.96 -62.83 49.68
CA SER H 708 -16.92 -64.19 50.21
C SER H 708 -17.42 -65.12 49.12
N ASN H 709 -16.93 -66.35 49.14
CA ASN H 709 -17.34 -67.24 48.07
C ASN H 709 -18.77 -67.74 48.20
N ASN H 710 -19.51 -67.39 49.26
CA ASN H 710 -20.87 -67.91 49.32
C ASN H 710 -21.90 -66.91 49.83
N SER H 711 -21.59 -65.61 49.87
CA SER H 711 -22.50 -64.63 50.42
C SER H 711 -23.11 -63.75 49.33
N ILE H 712 -24.37 -63.37 49.53
CA ILE H 712 -25.12 -62.53 48.60
C ILE H 712 -25.84 -61.43 49.37
N ALA H 713 -25.79 -60.22 48.80
CA ALA H 713 -26.54 -59.09 49.33
C ALA H 713 -27.65 -58.69 48.37
N ILE H 714 -28.89 -58.67 48.84
CA ILE H 714 -30.03 -58.33 47.99
C ILE H 714 -30.75 -57.12 48.57
N PRO H 715 -31.18 -56.16 47.75
CA PRO H 715 -31.86 -54.98 48.28
C PRO H 715 -33.30 -55.29 48.63
N THR H 716 -33.78 -54.73 49.73
CA THR H 716 -35.17 -54.88 50.11
C THR H 716 -36.04 -53.65 49.86
N ASN H 717 -35.47 -52.51 49.48
CA ASN H 717 -36.29 -51.35 49.21
C ASN H 717 -35.63 -50.54 48.11
N PHE H 718 -36.34 -49.52 47.64
CA PHE H 718 -35.82 -48.74 46.53
C PHE H 718 -36.20 -47.29 46.72
N THR H 719 -35.70 -46.46 45.82
CA THR H 719 -36.02 -45.04 45.80
C THR H 719 -35.83 -44.60 44.36
N ILE H 720 -36.81 -43.92 43.80
CA ILE H 720 -36.72 -43.42 42.44
C ILE H 720 -36.43 -41.93 42.50
N SER H 721 -35.41 -41.50 41.80
CA SER H 721 -34.95 -40.13 41.88
C SER H 721 -35.02 -39.46 40.53
N VAL H 722 -34.80 -38.14 40.53
CA VAL H 722 -34.84 -37.34 39.32
C VAL H 722 -33.55 -36.55 39.19
N THR H 723 -32.87 -36.67 38.06
CA THR H 723 -31.64 -35.95 37.80
C THR H 723 -31.78 -35.08 36.57
N THR H 724 -31.23 -33.87 36.62
CA THR H 724 -31.34 -32.90 35.54
C THR H 724 -30.09 -32.89 34.69
N GLU H 725 -30.26 -33.05 33.39
CA GLU H 725 -29.15 -33.03 32.43
C GLU H 725 -29.36 -31.89 31.45
N ILE H 726 -28.35 -31.06 31.25
CA ILE H 726 -28.44 -29.87 30.41
C ILE H 726 -27.60 -30.05 29.15
N LEU H 727 -28.10 -29.52 28.02
CA LEU H 727 -27.39 -29.60 26.77
C LEU H 727 -27.63 -28.38 25.90
N PRO H 728 -26.61 -27.71 25.41
CA PRO H 728 -26.81 -26.63 24.46
C PRO H 728 -27.10 -27.19 23.08
N VAL H 729 -27.95 -26.49 22.33
CA VAL H 729 -28.37 -26.99 21.03
C VAL H 729 -27.98 -26.05 19.90
N SER H 730 -27.89 -24.76 20.16
CA SER H 730 -27.63 -23.84 19.07
C SER H 730 -27.04 -22.55 19.58
N MET H 731 -26.62 -21.72 18.64
CA MET H 731 -26.02 -20.43 18.95
C MET H 731 -26.65 -19.37 18.08
N THR H 732 -26.28 -18.13 18.36
CA THR H 732 -26.86 -17.00 17.64
C THR H 732 -26.40 -17.03 16.19
N LYS H 733 -27.34 -16.89 15.26
CA LYS H 733 -26.95 -16.83 13.86
C LYS H 733 -26.44 -15.44 13.56
N THR H 734 -25.27 -15.34 12.96
CA THR H 734 -24.64 -14.05 12.71
C THR H 734 -24.37 -13.87 11.23
N SER H 735 -24.59 -12.66 10.74
CA SER H 735 -24.21 -12.28 9.40
C SER H 735 -23.40 -11.00 9.44
N VAL H 736 -22.44 -10.88 8.55
CA VAL H 736 -21.52 -9.75 8.52
C VAL H 736 -21.49 -9.17 7.12
N ASP H 737 -21.44 -7.84 7.04
CA ASP H 737 -21.26 -7.13 5.78
C ASP H 737 -19.79 -6.78 5.63
N CYS H 738 -19.15 -7.38 4.63
CA CYS H 738 -17.70 -7.26 4.49
C CYS H 738 -17.27 -5.81 4.31
N THR H 739 -17.71 -5.18 3.22
CA THR H 739 -17.21 -3.85 2.88
C THR H 739 -17.53 -2.82 3.96
N MET H 740 -18.73 -2.88 4.53
CA MET H 740 -19.08 -1.92 5.56
C MET H 740 -18.12 -2.01 6.73
N TYR H 741 -17.94 -3.22 7.26
CA TYR H 741 -17.00 -3.38 8.35
C TYR H 741 -15.61 -2.93 7.94
N ILE H 742 -15.25 -3.12 6.68
CA ILE H 742 -13.88 -2.83 6.29
C ILE H 742 -13.62 -1.34 6.34
N CYS H 743 -14.33 -0.56 5.51
CA CYS H 743 -14.00 0.85 5.49
C CYS H 743 -15.21 1.76 5.31
N GLY H 744 -16.30 1.48 6.02
CA GLY H 744 -17.36 2.46 6.22
C GLY H 744 -17.69 3.41 5.08
N ASP H 745 -17.97 2.87 3.90
CA ASP H 745 -18.43 3.64 2.75
C ASP H 745 -17.43 4.73 2.34
N SER H 746 -16.25 4.28 1.92
CA SER H 746 -15.22 5.15 1.33
C SER H 746 -14.97 4.63 -0.08
N THR H 747 -15.08 5.52 -1.06
CA THR H 747 -14.93 5.06 -2.44
C THR H 747 -13.52 4.56 -2.72
N GLU H 748 -12.51 5.33 -2.32
CA GLU H 748 -11.13 4.92 -2.60
C GLU H 748 -10.80 3.58 -1.95
N CYS H 749 -11.37 3.32 -0.78
CA CYS H 749 -11.06 2.06 -0.13
C CYS H 749 -11.75 0.90 -0.80
N SER H 750 -12.96 1.10 -1.31
CA SER H 750 -13.58 0.01 -2.04
C SER H 750 -12.84 -0.25 -3.34
N ASN H 751 -12.43 0.83 -4.01
CA ASN H 751 -11.65 0.71 -5.22
C ASN H 751 -10.36 -0.06 -4.97
N LEU H 752 -9.81 0.06 -3.78
CA LEU H 752 -8.58 -0.65 -3.47
C LEU H 752 -8.84 -2.06 -2.98
N LEU H 753 -9.97 -2.30 -2.34
CA LEU H 753 -10.26 -3.64 -1.86
C LEU H 753 -10.65 -4.54 -3.01
N LEU H 754 -11.21 -3.97 -4.07
CA LEU H 754 -11.54 -4.77 -5.25
C LEU H 754 -10.34 -5.52 -5.80
N GLN H 755 -9.13 -5.16 -5.43
CA GLN H 755 -7.97 -5.84 -5.97
C GLN H 755 -7.59 -7.07 -5.18
N TYR H 756 -8.25 -7.35 -4.06
CA TYR H 756 -7.80 -8.44 -3.22
C TYR H 756 -8.44 -9.76 -3.56
N GLY H 757 -9.58 -9.75 -4.27
CA GLY H 757 -10.20 -10.97 -4.71
C GLY H 757 -11.57 -11.15 -4.10
N SER H 758 -11.91 -12.40 -3.81
CA SER H 758 -13.24 -12.79 -3.35
C SER H 758 -13.23 -13.23 -1.89
N PHE H 759 -12.36 -12.65 -1.08
CA PHE H 759 -12.31 -13.04 0.32
C PHE H 759 -13.63 -12.82 1.04
N CYS H 760 -14.23 -11.63 0.90
CA CYS H 760 -15.46 -11.43 1.64
C CYS H 760 -16.58 -12.32 1.11
N THR H 761 -16.62 -12.56 -0.19
CA THR H 761 -17.63 -13.47 -0.72
C THR H 761 -17.51 -14.82 -0.03
N GLN H 762 -16.29 -15.33 0.06
CA GLN H 762 -16.06 -16.61 0.70
C GLN H 762 -16.54 -16.58 2.13
N LEU H 763 -16.24 -15.50 2.85
CA LEU H 763 -16.63 -15.41 4.24
C LEU H 763 -18.14 -15.43 4.36
N LYS H 764 -18.81 -14.69 3.49
CA LYS H 764 -20.26 -14.65 3.52
C LYS H 764 -20.83 -16.03 3.30
N ARG H 765 -20.22 -16.77 2.38
CA ARG H 765 -20.67 -18.13 2.13
C ARG H 765 -20.55 -18.98 3.38
N ALA H 766 -19.42 -18.86 4.08
CA ALA H 766 -19.22 -19.68 5.27
C ALA H 766 -20.26 -19.35 6.33
N LEU H 767 -20.54 -18.06 6.52
CA LEU H 767 -21.46 -17.69 7.58
C LEU H 767 -22.87 -18.13 7.26
N THR H 768 -23.29 -18.02 6.00
CA THR H 768 -24.61 -18.51 5.67
C THR H 768 -24.71 -20.01 5.93
N GLY H 769 -23.63 -20.74 5.65
CA GLY H 769 -23.65 -22.15 5.94
C GLY H 769 -23.85 -22.41 7.42
N ILE H 770 -23.16 -21.63 8.26
CA ILE H 770 -23.33 -21.80 9.70
C ILE H 770 -24.77 -21.53 10.11
N ALA H 771 -25.36 -20.47 9.58
CA ALA H 771 -26.70 -20.12 10.02
C ALA H 771 -27.69 -21.22 9.66
N VAL H 772 -27.69 -21.66 8.41
CA VAL H 772 -28.64 -22.70 8.05
C VAL H 772 -28.37 -23.95 8.86
N GLU H 773 -27.11 -24.18 9.22
CA GLU H 773 -26.83 -25.36 10.03
C GLU H 773 -27.47 -25.25 11.40
N GLN H 774 -27.44 -24.06 12.00
CA GLN H 774 -28.08 -23.89 13.29
C GLN H 774 -29.56 -24.21 13.20
N ASP H 775 -30.19 -23.70 12.16
CA ASP H 775 -31.62 -23.96 12.00
C ASP H 775 -31.86 -25.45 11.88
N LYS H 776 -31.05 -26.14 11.08
CA LYS H 776 -31.26 -27.57 10.94
C LYS H 776 -31.05 -28.28 12.26
N ASN H 777 -30.14 -27.79 13.10
CA ASN H 777 -29.92 -28.44 14.37
C ASN H 777 -31.19 -28.43 15.19
N THR H 778 -31.81 -27.26 15.30
CA THR H 778 -33.07 -27.22 16.02
C THR H 778 -34.07 -28.18 15.40
N GLN H 779 -34.12 -28.23 14.07
CA GLN H 779 -35.07 -29.10 13.40
C GLN H 779 -34.89 -30.55 13.81
N GLU H 780 -33.68 -31.06 13.65
CA GLU H 780 -33.41 -32.46 13.98
C GLU H 780 -33.64 -32.77 15.44
N VAL H 781 -33.39 -31.82 16.34
CA VAL H 781 -33.56 -32.13 17.74
C VAL H 781 -35.03 -32.20 18.10
N PHE H 782 -35.79 -31.16 17.78
CA PHE H 782 -37.13 -31.06 18.31
C PHE H 782 -38.20 -31.64 17.40
N ALA H 783 -38.09 -31.44 16.09
CA ALA H 783 -39.16 -31.83 15.17
C ALA H 783 -39.12 -33.32 14.85
N GLN H 784 -39.17 -34.13 15.90
CA GLN H 784 -39.18 -35.56 15.66
C GLN H 784 -40.58 -36.12 15.52
N VAL H 785 -41.52 -35.61 16.28
CA VAL H 785 -42.90 -36.08 16.20
C VAL H 785 -43.60 -35.42 15.03
N LYS H 786 -44.51 -36.16 14.40
CA LYS H 786 -45.18 -35.64 13.22
C LYS H 786 -46.48 -34.90 13.56
N GLN H 787 -47.24 -35.37 14.52
CA GLN H 787 -48.51 -34.77 14.89
C GLN H 787 -48.48 -34.19 16.29
N ILE H 788 -49.07 -33.01 16.46
CA ILE H 788 -49.09 -32.33 17.75
C ILE H 788 -50.18 -32.97 18.60
N TYR H 789 -49.78 -33.82 19.53
CA TYR H 789 -50.73 -34.51 20.41
C TYR H 789 -51.25 -33.57 21.49
N LYS H 790 -52.56 -33.57 21.70
CA LYS H 790 -53.16 -32.72 22.71
C LYS H 790 -53.34 -33.49 24.01
N THR H 791 -53.20 -32.78 25.11
CA THR H 791 -53.36 -33.33 26.45
C THR H 791 -54.83 -33.44 26.81
N PRO H 792 -55.27 -34.55 27.39
CA PRO H 792 -56.66 -34.68 27.79
C PRO H 792 -57.00 -33.70 28.88
N PRO H 793 -58.28 -33.36 29.06
CA PRO H 793 -58.62 -32.37 30.08
C PRO H 793 -58.56 -32.90 31.50
N ILE H 794 -59.07 -34.11 31.74
CA ILE H 794 -59.03 -34.69 33.09
C ILE H 794 -57.60 -35.16 33.33
N LYS H 795 -56.83 -34.36 34.06
CA LYS H 795 -55.41 -34.62 34.27
C LYS H 795 -55.19 -35.52 35.49
N TYR H 796 -55.82 -36.69 35.47
CA TYR H 796 -55.64 -37.68 36.53
C TYR H 796 -54.94 -38.91 35.98
N PHE H 797 -53.76 -39.21 36.52
CA PHE H 797 -52.93 -40.31 36.04
C PHE H 797 -52.57 -41.26 37.17
N GLY H 798 -53.51 -41.57 38.05
CA GLY H 798 -53.19 -42.52 39.08
C GLY H 798 -52.25 -41.97 40.13
N GLY H 799 -52.51 -40.77 40.62
CA GLY H 799 -51.72 -40.17 41.66
C GLY H 799 -50.50 -39.40 41.20
N PHE H 800 -50.00 -39.66 40.02
CA PHE H 800 -48.82 -38.92 39.59
C PHE H 800 -49.19 -37.48 39.30
N ASN H 801 -48.31 -36.56 39.68
CA ASN H 801 -48.56 -35.12 39.56
C ASN H 801 -47.61 -34.48 38.57
N PHE H 802 -48.03 -34.37 37.32
CA PHE H 802 -47.19 -33.75 36.31
C PHE H 802 -47.40 -32.25 36.20
N SER H 803 -48.05 -31.62 37.17
CA SER H 803 -48.35 -30.20 37.05
C SER H 803 -47.10 -29.36 36.90
N GLN H 804 -45.98 -29.81 37.46
CA GLN H 804 -44.79 -28.99 37.41
C GLN H 804 -44.18 -28.94 36.02
N ILE H 805 -44.54 -29.85 35.13
CA ILE H 805 -43.95 -29.91 33.81
C ILE H 805 -44.92 -29.61 32.67
N LEU H 806 -46.21 -29.78 32.85
CA LEU H 806 -47.14 -29.48 31.78
C LEU H 806 -47.28 -27.97 31.61
N PRO H 807 -47.67 -27.52 30.42
CA PRO H 807 -47.76 -26.08 30.19
C PRO H 807 -48.85 -25.44 31.05
N ASP H 808 -48.58 -24.21 31.46
CA ASP H 808 -49.51 -23.44 32.30
C ASP H 808 -50.44 -22.62 31.42
N PRO H 809 -51.74 -22.93 31.39
CA PRO H 809 -52.65 -22.14 30.53
C PRO H 809 -52.83 -20.71 30.99
N SER H 810 -52.49 -20.38 32.24
CA SER H 810 -52.71 -19.03 32.74
C SER H 810 -51.83 -18.03 32.01
N LYS H 811 -50.51 -18.21 32.05
CA LYS H 811 -49.63 -17.28 31.40
C LYS H 811 -49.81 -17.33 29.90
N PRO H 812 -49.64 -16.20 29.21
CA PRO H 812 -49.81 -16.21 27.75
C PRO H 812 -48.71 -16.99 27.05
N SER H 813 -47.51 -17.01 27.61
CA SER H 813 -46.42 -17.71 26.96
C SER H 813 -46.64 -19.21 26.92
N LYS H 814 -47.55 -19.72 27.73
CA LYS H 814 -47.92 -21.13 27.70
C LYS H 814 -46.74 -22.03 28.03
N ARG H 815 -45.86 -21.57 28.91
CA ARG H 815 -44.72 -22.35 29.33
C ARG H 815 -45.00 -22.98 30.68
N SER H 816 -44.46 -24.17 30.88
CA SER H 816 -44.58 -24.83 32.16
C SER H 816 -43.91 -24.00 33.24
N PRO H 817 -44.22 -24.24 34.52
CA PRO H 817 -43.55 -23.47 35.56
C PRO H 817 -42.05 -23.67 35.60
N ILE H 818 -41.58 -24.90 35.39
CA ILE H 818 -40.14 -25.13 35.38
C ILE H 818 -39.52 -24.37 34.23
N GLU H 819 -40.22 -24.33 33.11
CA GLU H 819 -39.73 -23.59 31.96
C GLU H 819 -39.61 -22.12 32.29
N ASP H 820 -40.57 -21.60 33.05
CA ASP H 820 -40.52 -20.20 33.47
C ASP H 820 -39.30 -19.96 34.34
N LEU H 821 -39.05 -20.87 35.28
CA LEU H 821 -37.87 -20.74 36.11
C LEU H 821 -36.61 -20.72 35.25
N LEU H 822 -36.59 -21.55 34.21
CA LEU H 822 -35.46 -21.58 33.31
C LEU H 822 -35.28 -20.25 32.60
N PHE H 823 -36.38 -19.66 32.14
CA PHE H 823 -36.28 -18.41 31.42
C PHE H 823 -35.79 -17.30 32.32
N ASN H 824 -36.13 -17.35 33.60
CA ASN H 824 -35.69 -16.27 34.46
C ASN H 824 -34.28 -16.50 34.97
N LYS H 825 -33.86 -17.77 35.06
CA LYS H 825 -32.55 -18.05 35.64
C LYS H 825 -31.42 -17.56 34.76
N VAL H 826 -31.64 -17.51 33.44
CA VAL H 826 -30.60 -17.12 32.50
C VAL H 826 -31.03 -15.84 31.81
N THR H 827 -30.11 -14.88 31.72
CA THR H 827 -30.33 -13.61 31.06
C THR H 827 -29.08 -13.24 30.29
N LEU H 828 -29.19 -12.19 29.48
CA LEU H 828 -28.06 -11.73 28.68
C LEU H 828 -26.96 -11.12 29.54
N PHE H 855 -24.76 -0.77 15.15
CA PHE H 855 -23.72 -1.74 14.89
C PHE H 855 -22.83 -1.24 13.78
N ASN H 856 -21.87 -2.06 13.36
CA ASN H 856 -20.98 -1.67 12.28
C ASN H 856 -20.99 -2.68 11.15
N GLY H 857 -22.18 -3.11 10.75
CA GLY H 857 -22.32 -4.10 9.71
C GLY H 857 -22.52 -5.50 10.23
N LEU H 858 -22.73 -5.63 11.53
CA LEU H 858 -22.83 -6.98 12.13
C LEU H 858 -24.25 -7.20 12.64
N THR H 859 -25.08 -7.87 11.86
CA THR H 859 -26.49 -8.10 12.27
C THR H 859 -26.58 -9.42 13.05
N VAL H 860 -27.76 -9.74 13.57
CA VAL H 860 -27.95 -11.05 14.26
C VAL H 860 -29.28 -11.64 13.78
N LEU H 861 -29.35 -12.00 12.49
CA LEU H 861 -30.59 -12.55 11.89
C LEU H 861 -31.34 -13.41 12.93
N PRO H 862 -32.69 -13.37 12.97
CA PRO H 862 -33.44 -14.09 13.98
C PRO H 862 -33.50 -15.59 13.74
N PRO H 863 -34.00 -16.40 14.70
CA PRO H 863 -34.12 -17.84 14.52
C PRO H 863 -35.23 -18.13 13.52
N LEU H 864 -35.50 -19.41 13.27
CA LEU H 864 -36.64 -19.74 12.38
C LEU H 864 -37.79 -20.24 13.24
N LEU H 865 -37.50 -21.11 14.20
CA LEU H 865 -38.56 -21.54 15.11
C LEU H 865 -38.62 -20.60 16.30
N THR H 866 -39.76 -19.94 16.49
CA THR H 866 -39.85 -19.05 17.63
C THR H 866 -39.98 -19.85 18.91
N ASP H 867 -39.81 -19.16 20.04
CA ASP H 867 -39.88 -19.82 21.33
C ASP H 867 -41.22 -20.50 21.55
N GLU H 868 -42.30 -19.86 21.11
CA GLU H 868 -43.62 -20.42 21.31
C GLU H 868 -43.75 -21.77 20.62
N MET H 869 -43.26 -21.87 19.39
CA MET H 869 -43.41 -23.11 18.67
C MET H 869 -42.55 -24.21 19.29
N ILE H 870 -41.38 -23.85 19.81
CA ILE H 870 -40.56 -24.87 20.45
C ILE H 870 -41.27 -25.40 21.68
N ALA H 871 -41.90 -24.51 22.44
CA ALA H 871 -42.64 -24.98 23.60
C ALA H 871 -43.79 -25.86 23.18
N GLN H 872 -44.40 -25.55 22.04
CA GLN H 872 -45.48 -26.41 21.56
C GLN H 872 -44.97 -27.79 21.22
N TYR H 873 -43.81 -27.86 20.58
CA TYR H 873 -43.25 -29.17 20.25
C TYR H 873 -42.98 -29.97 21.52
N THR H 874 -42.41 -29.30 22.52
CA THR H 874 -42.10 -29.99 23.76
C THR H 874 -43.37 -30.52 24.42
N SER H 875 -44.42 -29.71 24.42
CA SER H 875 -45.67 -30.18 25.00
C SER H 875 -46.21 -31.38 24.22
N ALA H 876 -46.02 -31.38 22.91
CA ALA H 876 -46.46 -32.53 22.13
C ALA H 876 -45.74 -33.77 22.58
N LEU H 877 -44.41 -33.68 22.75
CA LEU H 877 -43.68 -34.86 23.21
C LEU H 877 -44.17 -35.31 24.57
N LEU H 878 -44.43 -34.36 25.47
CA LEU H 878 -44.89 -34.75 26.80
C LEU H 878 -46.20 -35.50 26.71
N ALA H 879 -47.16 -34.99 25.96
CA ALA H 879 -48.42 -35.69 25.87
C ALA H 879 -48.24 -37.07 25.27
N GLY H 880 -47.40 -37.17 24.25
CA GLY H 880 -47.15 -38.47 23.64
C GLY H 880 -46.59 -39.46 24.62
N THR H 881 -45.53 -39.07 25.34
CA THR H 881 -44.89 -39.99 26.27
C THR H 881 -45.79 -40.29 27.46
N ILE H 882 -46.71 -39.40 27.81
CA ILE H 882 -47.54 -39.69 28.97
C ILE H 882 -48.69 -40.62 28.62
N THR H 883 -49.21 -40.54 27.41
CA THR H 883 -50.40 -41.32 27.10
C THR H 883 -50.12 -42.57 26.28
N SER H 884 -48.97 -42.67 25.63
CA SER H 884 -48.75 -43.76 24.69
C SER H 884 -47.42 -44.49 24.81
N GLY H 885 -46.53 -44.10 25.71
CA GLY H 885 -45.28 -44.84 25.85
C GLY H 885 -44.43 -44.80 24.60
N TRP H 886 -43.88 -45.95 24.19
CA TRP H 886 -43.05 -45.98 23.00
C TRP H 886 -43.86 -45.87 21.72
N THR H 887 -45.13 -46.24 21.73
CA THR H 887 -45.79 -46.48 20.46
C THR H 887 -45.83 -45.23 19.62
N PHE H 888 -45.96 -44.06 20.23
CA PHE H 888 -46.04 -42.89 19.38
C PHE H 888 -44.74 -42.63 18.65
N GLY H 889 -43.67 -43.33 18.99
CA GLY H 889 -42.41 -43.11 18.30
C GLY H 889 -42.17 -44.07 17.17
N ALA H 890 -42.93 -45.15 17.12
CA ALA H 890 -42.80 -46.16 16.08
C ALA H 890 -43.92 -46.12 15.05
N GLY H 891 -44.95 -45.31 15.27
CA GLY H 891 -46.07 -45.23 14.36
C GLY H 891 -47.27 -44.62 15.03
N PRO H 892 -48.43 -45.23 14.86
CA PRO H 892 -49.64 -44.67 15.45
C PRO H 892 -49.62 -44.78 16.97
N ALA H 893 -49.89 -43.67 17.64
CA ALA H 893 -49.90 -43.63 19.10
C ALA H 893 -51.09 -44.39 19.65
N LEU H 894 -50.83 -45.39 20.48
CA LEU H 894 -51.88 -46.19 21.11
C LEU H 894 -51.99 -45.80 22.59
N GLN H 895 -53.18 -45.39 23.01
CA GLN H 895 -53.39 -44.98 24.39
C GLN H 895 -53.31 -46.15 25.34
N ILE H 896 -52.74 -45.92 26.51
CA ILE H 896 -52.56 -46.96 27.52
C ILE H 896 -52.63 -46.37 28.92
N PRO H 897 -53.31 -47.02 29.86
CA PRO H 897 -53.35 -46.50 31.22
C PRO H 897 -51.94 -46.32 31.74
N PHE H 898 -51.71 -45.20 32.44
CA PHE H 898 -50.35 -44.90 32.86
C PHE H 898 -49.73 -45.90 33.83
N PRO H 899 -50.44 -46.44 34.82
CA PRO H 899 -49.81 -47.48 35.62
C PRO H 899 -49.38 -48.70 34.81
N MET H 900 -50.15 -49.11 33.81
CA MET H 900 -49.67 -50.23 33.03
C MET H 900 -48.42 -49.87 32.26
N GLN H 901 -48.29 -48.62 31.84
CA GLN H 901 -47.06 -48.26 31.15
C GLN H 901 -45.88 -48.37 32.10
N MET H 902 -46.05 -47.88 33.31
CA MET H 902 -44.93 -48.02 34.22
C MET H 902 -44.67 -49.48 34.56
N ALA H 903 -45.68 -50.33 34.54
CA ALA H 903 -45.43 -51.75 34.80
C ALA H 903 -44.57 -52.35 33.70
N TYR H 904 -44.91 -52.06 32.44
CA TYR H 904 -44.02 -52.43 31.36
C TYR H 904 -42.59 -51.97 31.58
N ARG H 905 -42.41 -50.70 31.95
CA ARG H 905 -41.01 -50.27 32.10
C ARG H 905 -40.34 -51.02 33.24
N PHE H 906 -41.08 -51.32 34.30
CA PHE H 906 -40.50 -52.14 35.37
C PHE H 906 -40.00 -53.45 34.81
N ASN H 907 -40.81 -54.15 34.02
CA ASN H 907 -40.28 -55.33 33.35
C ASN H 907 -39.01 -54.99 32.61
N GLY H 908 -38.96 -53.81 32.02
CA GLY H 908 -37.77 -53.45 31.28
C GLY H 908 -36.51 -53.44 32.13
N ILE H 909 -36.62 -53.09 33.40
CA ILE H 909 -35.43 -53.13 34.26
C ILE H 909 -35.36 -54.39 35.11
N GLY H 910 -36.05 -55.45 34.71
CA GLY H 910 -35.87 -56.71 35.40
C GLY H 910 -36.59 -56.87 36.72
N VAL H 911 -37.60 -56.05 37.01
CA VAL H 911 -38.41 -56.20 38.21
C VAL H 911 -39.84 -56.53 37.80
N THR H 912 -40.39 -57.58 38.39
CA THR H 912 -41.72 -58.03 38.03
C THR H 912 -42.79 -57.01 38.42
N GLN H 913 -43.82 -56.93 37.58
CA GLN H 913 -44.84 -55.91 37.69
C GLN H 913 -45.68 -56.00 38.96
N ASN H 914 -45.76 -57.18 39.57
CA ASN H 914 -46.51 -57.24 40.81
C ASN H 914 -45.89 -56.32 41.83
N VAL H 915 -44.57 -56.12 41.75
CA VAL H 915 -43.96 -55.20 42.68
C VAL H 915 -44.53 -53.81 42.51
N LEU H 916 -44.92 -53.43 41.29
CA LEU H 916 -45.48 -52.10 41.13
C LEU H 916 -46.92 -52.01 41.58
N TYR H 917 -47.73 -53.01 41.29
CA TYR H 917 -49.13 -52.81 41.67
C TYR H 917 -49.32 -52.81 43.17
N GLU H 918 -48.39 -53.35 43.92
CA GLU H 918 -48.52 -53.41 45.36
C GLU H 918 -47.92 -52.20 46.07
N ASN H 919 -47.25 -51.32 45.36
CA ASN H 919 -46.63 -50.16 45.99
C ASN H 919 -46.94 -48.90 45.21
N GLN H 920 -48.07 -48.90 44.52
CA GLN H 920 -48.48 -47.75 43.73
C GLN H 920 -48.51 -46.47 44.55
N LYS H 921 -49.12 -46.52 45.74
CA LYS H 921 -49.26 -45.30 46.53
C LYS H 921 -47.90 -44.73 46.91
N LEU H 922 -47.04 -45.57 47.48
CA LEU H 922 -45.74 -45.11 47.91
C LEU H 922 -44.92 -44.60 46.73
N ILE H 923 -45.00 -45.28 45.60
CA ILE H 923 -44.21 -44.89 44.45
C ILE H 923 -44.66 -43.53 43.97
N ALA H 924 -45.97 -43.32 43.94
CA ALA H 924 -46.48 -42.05 43.49
C ALA H 924 -46.02 -40.93 44.41
N ASN H 925 -46.06 -41.17 45.72
CA ASN H 925 -45.59 -40.13 46.63
C ASN H 925 -44.12 -39.82 46.42
N GLN H 926 -43.31 -40.86 46.22
CA GLN H 926 -41.89 -40.62 46.04
C GLN H 926 -41.64 -39.82 44.78
N PHE H 927 -42.36 -40.16 43.71
CA PHE H 927 -42.19 -39.43 42.47
C PHE H 927 -42.60 -37.98 42.62
N ASN H 928 -43.72 -37.72 43.29
CA ASN H 928 -44.16 -36.35 43.46
C ASN H 928 -43.16 -35.56 44.27
N SER H 929 -42.66 -36.14 45.36
CA SER H 929 -41.69 -35.44 46.19
C SER H 929 -40.42 -35.12 45.41
N ALA H 930 -39.96 -36.07 44.60
CA ALA H 930 -38.75 -35.80 43.83
C ALA H 930 -38.97 -34.67 42.86
N ILE H 931 -40.13 -34.68 42.18
CA ILE H 931 -40.37 -33.61 41.22
C ILE H 931 -40.43 -32.29 41.94
N GLY H 932 -40.95 -32.29 43.16
CA GLY H 932 -41.02 -31.05 43.90
C GLY H 932 -39.65 -30.53 44.27
N LYS H 933 -38.76 -31.44 44.64
CA LYS H 933 -37.42 -30.98 45.02
C LYS H 933 -36.60 -30.53 43.81
N ILE H 934 -36.98 -30.96 42.60
CA ILE H 934 -36.22 -30.54 41.42
C ILE H 934 -36.21 -29.03 41.27
N GLN H 935 -37.38 -28.41 41.39
CA GLN H 935 -37.44 -26.97 41.17
C GLN H 935 -36.63 -26.24 42.21
N ASP H 936 -36.74 -26.67 43.48
CA ASP H 936 -35.95 -26.04 44.52
C ASP H 936 -34.47 -26.17 44.22
N SER H 937 -34.05 -27.34 43.72
CA SER H 937 -32.63 -27.51 43.40
C SER H 937 -32.20 -26.53 42.32
N LEU H 938 -33.02 -26.40 41.28
CA LEU H 938 -32.67 -25.46 40.21
C LEU H 938 -32.59 -24.04 40.74
N SER H 939 -33.47 -23.70 41.68
CA SER H 939 -33.50 -22.33 42.17
C SER H 939 -32.36 -22.03 43.12
N SER H 940 -31.97 -23.01 43.93
CA SER H 940 -30.90 -22.77 44.89
C SER H 940 -29.52 -22.84 44.24
N THR H 941 -29.39 -23.62 43.17
CA THR H 941 -28.10 -23.74 42.53
C THR H 941 -27.72 -22.41 41.89
N PRO H 942 -26.54 -21.88 42.16
CA PRO H 942 -26.16 -20.59 41.59
C PRO H 942 -25.67 -20.69 40.16
N SER H 943 -25.01 -21.79 39.83
CA SER H 943 -24.39 -21.96 38.53
C SER H 943 -24.70 -23.33 37.95
N ALA H 944 -25.96 -23.72 38.02
CA ALA H 944 -26.36 -25.00 37.43
C ALA H 944 -26.40 -24.90 35.90
N LEU H 945 -26.69 -23.72 35.38
CA LEU H 945 -26.82 -23.47 33.95
C LEU H 945 -25.55 -22.91 33.35
N GLY H 946 -24.40 -23.37 33.84
CA GLY H 946 -23.15 -22.82 33.36
C GLY H 946 -22.95 -22.92 31.86
N LYS H 947 -23.41 -24.02 31.26
CA LYS H 947 -23.11 -24.24 29.84
C LYS H 947 -23.79 -23.20 28.95
N LEU H 948 -25.10 -23.00 29.11
CA LEU H 948 -25.78 -22.05 28.25
C LEU H 948 -25.22 -20.66 28.43
N GLN H 949 -24.97 -20.28 29.69
CA GLN H 949 -24.40 -18.97 29.96
C GLN H 949 -23.06 -18.84 29.28
N ASP H 950 -22.29 -19.91 29.26
CA ASP H 950 -20.98 -19.86 28.64
C ASP H 950 -21.09 -19.69 27.13
N VAL H 951 -22.06 -20.36 26.52
CA VAL H 951 -22.24 -20.18 25.08
C VAL H 951 -22.52 -18.73 24.77
N VAL H 952 -23.45 -18.14 25.52
CA VAL H 952 -23.83 -16.76 25.28
C VAL H 952 -22.62 -15.85 25.48
N ASN H 953 -21.87 -16.08 26.56
CA ASN H 953 -20.75 -15.20 26.85
C ASN H 953 -19.65 -15.34 25.81
N HIS H 954 -19.40 -16.55 25.33
CA HIS H 954 -18.36 -16.72 24.32
C HIS H 954 -18.71 -15.96 23.07
N ASN H 955 -19.96 -16.12 22.60
CA ASN H 955 -20.33 -15.40 21.39
C ASN H 955 -20.27 -13.90 21.61
N ALA H 956 -20.80 -13.43 22.74
CA ALA H 956 -20.82 -12.00 23.01
C ALA H 956 -19.42 -11.43 23.03
N GLN H 957 -18.50 -12.10 23.70
CA GLN H 957 -17.14 -11.60 23.75
C GLN H 957 -16.50 -11.60 22.39
N ALA H 958 -16.78 -12.63 21.58
CA ALA H 958 -16.19 -12.65 20.26
C ALA H 958 -16.60 -11.41 19.48
N LEU H 959 -17.90 -11.10 19.48
CA LEU H 959 -18.31 -9.90 18.77
C LEU H 959 -17.72 -8.66 19.39
N ASN H 960 -17.66 -8.61 20.72
CA ASN H 960 -17.18 -7.40 21.37
C ASN H 960 -15.73 -7.12 20.99
N THR H 961 -14.88 -8.14 21.06
CA THR H 961 -13.49 -7.93 20.71
C THR H 961 -13.36 -7.60 19.24
N LEU H 962 -14.23 -8.19 18.41
CA LEU H 962 -14.17 -7.85 16.99
C LEU H 962 -14.45 -6.39 16.77
N VAL H 963 -15.40 -5.84 17.53
CA VAL H 963 -15.72 -4.43 17.35
C VAL H 963 -14.58 -3.57 17.87
N LYS H 964 -13.96 -3.97 18.99
CA LYS H 964 -12.91 -3.14 19.55
C LYS H 964 -11.69 -3.14 18.67
N GLN H 965 -11.43 -4.24 17.97
CA GLN H 965 -10.22 -4.34 17.17
C GLN H 965 -10.22 -3.33 16.03
N LEU H 966 -11.29 -2.56 15.88
CA LEU H 966 -11.29 -1.52 14.87
C LEU H 966 -10.39 -0.36 15.24
N SER H 967 -10.11 -0.17 16.53
CA SER H 967 -9.31 0.96 16.97
C SER H 967 -7.83 0.77 16.69
N SER H 968 -7.36 -0.45 16.50
CA SER H 968 -5.94 -0.68 16.30
C SER H 968 -5.45 0.03 15.04
N LYS H 969 -4.20 0.47 15.08
CA LYS H 969 -3.59 1.13 13.95
C LYS H 969 -2.96 0.18 12.96
N PHE H 970 -2.57 -1.02 13.40
CA PHE H 970 -1.99 -2.01 12.50
C PHE H 970 -0.76 -1.49 11.78
N GLY H 971 -0.08 -0.50 12.35
CA GLY H 971 1.08 0.07 11.73
C GLY H 971 0.81 1.36 11.00
N ALA H 972 -0.45 1.69 10.76
CA ALA H 972 -0.75 2.95 10.10
C ALA H 972 -0.52 4.11 11.05
N ILE H 973 -0.32 5.29 10.46
CA ILE H 973 -0.06 6.48 11.26
C ILE H 973 -1.28 6.91 12.06
N SER H 974 -2.46 6.40 11.74
CA SER H 974 -3.67 6.72 12.48
C SER H 974 -4.74 5.70 12.14
N SER H 975 -5.73 5.60 13.01
CA SER H 975 -6.73 4.55 12.86
C SER H 975 -7.93 4.95 12.01
N VAL H 976 -8.30 6.23 11.96
CA VAL H 976 -9.46 6.62 11.16
C VAL H 976 -9.02 6.85 9.72
N LEU H 977 -9.79 6.31 8.78
CA LEU H 977 -9.45 6.41 7.37
C LEU H 977 -9.59 7.81 6.82
N ASN H 978 -10.58 8.56 7.30
CA ASN H 978 -10.83 9.88 6.72
C ASN H 978 -9.65 10.81 6.94
N ASP H 979 -9.09 10.82 8.16
CA ASP H 979 -7.94 11.65 8.42
C ASP H 979 -6.80 11.25 7.49
N ILE H 980 -6.62 9.94 7.28
CA ILE H 980 -5.60 9.47 6.35
C ILE H 980 -5.82 10.13 5.00
N LEU H 981 -7.07 10.22 4.58
CA LEU H 981 -7.36 10.81 3.28
C LEU H 981 -7.29 12.33 3.30
N SER H 982 -7.24 12.95 4.48
CA SER H 982 -7.17 14.41 4.54
C SER H 982 -5.73 14.91 4.55
N ARG H 983 -4.94 14.44 5.50
CA ARG H 983 -3.61 14.97 5.76
C ARG H 983 -2.51 14.22 5.02
N LEU H 984 -2.80 13.70 3.82
CA LEU H 984 -1.76 13.01 3.07
C LEU H 984 -2.09 13.03 1.59
N ASP H 985 -1.03 13.04 0.77
CA ASP H 985 -1.23 12.99 -0.66
C ASP H 985 -1.70 11.59 -1.04
N PRO H 986 -2.36 11.46 -2.18
CA PRO H 986 -2.92 10.15 -2.55
C PRO H 986 -1.86 9.07 -2.70
N PRO H 987 -0.68 9.35 -3.30
CA PRO H 987 0.29 8.25 -3.48
C PRO H 987 0.71 7.59 -2.18
N GLU H 988 0.99 8.36 -1.14
CA GLU H 988 1.37 7.75 0.13
C GLU H 988 0.16 7.29 0.93
N ALA H 989 -0.96 7.99 0.82
CA ALA H 989 -2.16 7.55 1.52
C ALA H 989 -2.58 6.17 1.04
N GLU H 990 -2.27 5.83 -0.21
CA GLU H 990 -2.59 4.50 -0.72
C GLU H 990 -1.89 3.43 0.12
N VAL H 991 -0.58 3.56 0.30
CA VAL H 991 0.11 2.54 1.05
C VAL H 991 -0.21 2.64 2.53
N GLN H 992 -0.68 3.80 2.98
CA GLN H 992 -1.09 3.88 4.37
C GLN H 992 -2.47 3.27 4.60
N ILE H 993 -3.26 3.11 3.53
CA ILE H 993 -4.55 2.47 3.65
C ILE H 993 -4.43 0.97 3.41
N ASP H 994 -3.41 0.56 2.68
CA ASP H 994 -3.11 -0.86 2.53
C ASP H 994 -2.99 -1.56 3.87
N ARG H 995 -2.29 -0.92 4.82
CA ARG H 995 -2.05 -1.58 6.10
C ARG H 995 -3.35 -1.85 6.82
N LEU H 996 -4.21 -0.83 6.93
CA LEU H 996 -5.47 -1.02 7.63
C LEU H 996 -6.32 -2.07 6.94
N ILE H 997 -6.35 -2.03 5.61
CA ILE H 997 -7.15 -3.01 4.89
C ILE H 997 -6.70 -4.42 5.28
N THR H 998 -5.40 -4.69 5.18
CA THR H 998 -4.94 -6.03 5.46
C THR H 998 -5.20 -6.41 6.91
N GLY H 999 -5.02 -5.47 7.82
CA GLY H 999 -5.19 -5.80 9.23
C GLY H 999 -6.62 -6.15 9.56
N ARG H 1000 -7.55 -5.34 9.08
CA ARG H 1000 -8.94 -5.65 9.38
C ARG H 1000 -9.40 -6.91 8.68
N LEU H 1001 -8.85 -7.18 7.49
CA LEU H 1001 -9.21 -8.43 6.85
C LEU H 1001 -8.73 -9.61 7.67
N GLN H 1002 -7.53 -9.51 8.23
CA GLN H 1002 -7.04 -10.59 9.07
C GLN H 1002 -7.91 -10.77 10.29
N SER H 1003 -8.35 -9.66 10.90
CA SER H 1003 -9.18 -9.78 12.08
C SER H 1003 -10.46 -10.52 11.75
N LEU H 1004 -11.10 -10.13 10.65
CA LEU H 1004 -12.34 -10.77 10.28
C LEU H 1004 -12.11 -12.24 9.97
N GLN H 1005 -10.98 -12.56 9.39
CA GLN H 1005 -10.68 -13.95 9.06
C GLN H 1005 -10.56 -14.79 10.31
N THR H 1006 -9.88 -14.25 11.32
CA THR H 1006 -9.77 -14.97 12.57
C THR H 1006 -11.12 -15.18 13.19
N TYR H 1007 -11.97 -14.15 13.18
CA TYR H 1007 -13.29 -14.29 13.77
C TYR H 1007 -14.08 -15.40 13.10
N VAL H 1008 -14.06 -15.44 11.77
CA VAL H 1008 -14.87 -16.46 11.12
C VAL H 1008 -14.31 -17.84 11.42
N THR H 1009 -12.99 -17.97 11.52
CA THR H 1009 -12.45 -19.28 11.82
C THR H 1009 -12.89 -19.75 13.20
N GLN H 1010 -12.84 -18.85 14.18
CA GLN H 1010 -13.29 -19.20 15.52
C GLN H 1010 -14.74 -19.64 15.49
N GLN H 1011 -15.56 -18.95 14.71
CA GLN H 1011 -16.96 -19.33 14.68
C GLN H 1011 -17.13 -20.69 14.04
N LEU H 1012 -16.32 -21.03 13.05
CA LEU H 1012 -16.46 -22.35 12.46
C LEU H 1012 -16.15 -23.44 13.48
N ILE H 1013 -15.09 -23.24 14.26
CA ILE H 1013 -14.73 -24.26 15.23
C ILE H 1013 -15.85 -24.42 16.26
N ARG H 1014 -16.34 -23.31 16.80
CA ARG H 1014 -17.40 -23.46 17.79
C ARG H 1014 -18.64 -24.08 17.17
N ALA H 1015 -18.90 -23.81 15.90
CA ALA H 1015 -20.08 -24.40 15.31
C ALA H 1015 -19.94 -25.90 15.20
N ALA H 1016 -18.72 -26.37 14.95
CA ALA H 1016 -18.49 -27.80 14.97
C ALA H 1016 -18.79 -28.37 16.34
N GLU H 1017 -18.33 -27.68 17.38
CA GLU H 1017 -18.58 -28.16 18.74
C GLU H 1017 -20.07 -28.28 19.01
N ILE H 1018 -20.81 -27.24 18.65
CA ILE H 1018 -22.23 -27.22 18.95
C ILE H 1018 -22.96 -28.27 18.13
N ARG H 1019 -22.52 -28.51 16.89
CA ARG H 1019 -23.21 -29.54 16.14
C ARG H 1019 -23.00 -30.90 16.76
N ALA H 1020 -21.78 -31.17 17.25
CA ALA H 1020 -21.57 -32.43 17.95
C ALA H 1020 -22.51 -32.54 19.13
N SER H 1021 -22.63 -31.46 19.90
CA SER H 1021 -23.53 -31.49 21.04
C SER H 1021 -24.96 -31.73 20.62
N ALA H 1022 -25.37 -31.13 19.52
CA ALA H 1022 -26.75 -31.27 19.09
C ALA H 1022 -27.03 -32.69 18.64
N ASN H 1023 -26.08 -33.31 17.96
CA ASN H 1023 -26.25 -34.71 17.61
C ASN H 1023 -26.39 -35.57 18.85
N LEU H 1024 -25.57 -35.29 19.86
CA LEU H 1024 -25.71 -36.04 21.10
C LEU H 1024 -27.09 -35.85 21.69
N ALA H 1025 -27.59 -34.61 21.67
CA ALA H 1025 -28.89 -34.34 22.25
C ALA H 1025 -29.98 -35.07 21.48
N ALA H 1026 -29.87 -35.10 20.16
CA ALA H 1026 -30.89 -35.76 19.39
C ALA H 1026 -30.91 -37.25 19.70
N THR H 1027 -29.72 -37.85 19.79
CA THR H 1027 -29.67 -39.25 20.16
C THR H 1027 -30.30 -39.48 21.52
N LYS H 1028 -30.04 -38.59 22.47
CA LYS H 1028 -30.61 -38.78 23.80
C LYS H 1028 -32.13 -38.65 23.75
N MET H 1029 -32.63 -37.64 23.05
CA MET H 1029 -34.06 -37.52 22.85
C MET H 1029 -34.65 -38.82 22.33
N SER H 1030 -34.17 -39.27 21.17
CA SER H 1030 -34.74 -40.45 20.56
C SER H 1030 -34.69 -41.64 21.51
N GLU H 1031 -33.54 -41.89 22.13
CA GLU H 1031 -33.40 -43.16 22.84
C GLU H 1031 -34.00 -43.12 24.24
N CYS H 1032 -33.87 -42.02 24.97
CA CYS H 1032 -34.37 -41.98 26.32
C CYS H 1032 -35.81 -41.50 26.37
N VAL H 1033 -36.18 -40.53 25.53
CA VAL H 1033 -37.53 -39.98 25.65
C VAL H 1033 -38.54 -40.89 24.99
N LEU H 1034 -38.31 -41.25 23.73
CA LEU H 1034 -39.26 -42.07 23.01
C LEU H 1034 -39.14 -43.53 23.36
N GLY H 1035 -38.37 -43.86 24.39
CA GLY H 1035 -38.22 -45.24 24.75
C GLY H 1035 -37.46 -45.40 26.04
N GLN H 1036 -36.93 -46.60 26.22
CA GLN H 1036 -36.18 -46.97 27.41
C GLN H 1036 -34.87 -47.58 26.98
N SER H 1037 -33.78 -47.13 27.56
CA SER H 1037 -32.47 -47.55 27.12
C SER H 1037 -31.87 -48.55 28.09
N LYS H 1038 -31.29 -49.60 27.55
CA LYS H 1038 -30.56 -50.53 28.39
C LYS H 1038 -29.10 -50.14 28.51
N ARG H 1039 -28.67 -49.08 27.84
CA ARG H 1039 -27.29 -48.65 27.99
C ARG H 1039 -27.10 -48.14 29.40
N VAL H 1040 -26.10 -48.65 30.09
CA VAL H 1040 -25.93 -48.31 31.49
C VAL H 1040 -25.35 -46.91 31.61
N ASP H 1041 -25.98 -46.08 32.41
CA ASP H 1041 -25.47 -44.76 32.73
C ASP H 1041 -25.35 -43.89 31.48
N PHE H 1042 -26.33 -44.02 30.59
CA PHE H 1042 -26.50 -43.08 29.49
C PHE H 1042 -27.64 -42.11 29.78
N CYS H 1043 -28.83 -42.65 30.06
CA CYS H 1043 -29.99 -41.83 30.40
C CYS H 1043 -30.12 -41.70 31.92
N GLY H 1044 -29.11 -41.08 32.52
CA GLY H 1044 -29.08 -40.84 33.95
C GLY H 1044 -28.37 -41.95 34.70
N LYS H 1045 -27.94 -41.64 35.92
CA LYS H 1045 -27.19 -42.62 36.70
C LYS H 1045 -28.16 -43.57 37.38
N GLY H 1046 -28.06 -44.85 37.04
CA GLY H 1046 -28.95 -45.85 37.59
C GLY H 1046 -29.77 -46.51 36.51
N TYR H 1047 -30.59 -47.45 36.94
CA TYR H 1047 -31.47 -48.14 36.00
C TYR H 1047 -32.51 -47.16 35.48
N HIS H 1048 -32.47 -46.88 34.19
CA HIS H 1048 -33.31 -45.86 33.59
C HIS H 1048 -34.77 -46.30 33.39
N LEU H 1049 -35.71 -45.44 33.78
CA LEU H 1049 -37.12 -45.67 33.51
C LEU H 1049 -37.67 -44.87 32.33
N MET H 1050 -37.57 -43.54 32.37
CA MET H 1050 -38.06 -42.71 31.28
C MET H 1050 -37.45 -41.33 31.43
N SER H 1051 -37.79 -40.44 30.50
CA SER H 1051 -37.22 -39.11 30.57
C SER H 1051 -38.21 -38.09 30.01
N PHE H 1052 -38.19 -36.89 30.56
CA PHE H 1052 -39.08 -35.83 30.13
C PHE H 1052 -38.25 -34.66 29.63
N PRO H 1053 -38.58 -34.10 28.46
CA PRO H 1053 -37.83 -32.96 27.94
C PRO H 1053 -38.41 -31.64 28.42
N GLN H 1054 -37.54 -30.65 28.56
CA GLN H 1054 -37.99 -29.30 28.88
C GLN H 1054 -37.19 -28.30 28.06
N SER H 1055 -37.88 -27.33 27.48
CA SER H 1055 -37.21 -26.33 26.67
C SER H 1055 -36.37 -25.38 27.50
N ALA H 1056 -35.35 -24.84 26.88
CA ALA H 1056 -34.47 -23.84 27.46
C ALA H 1056 -34.18 -22.81 26.38
N PRO H 1057 -33.68 -21.63 26.75
CA PRO H 1057 -33.44 -20.61 25.72
C PRO H 1057 -32.60 -21.10 24.55
N HIS H 1058 -31.62 -21.95 24.79
CA HIS H 1058 -30.79 -22.43 23.70
C HIS H 1058 -30.48 -23.90 23.82
N GLY H 1059 -31.29 -24.66 24.54
CA GLY H 1059 -30.96 -26.05 24.71
C GLY H 1059 -32.11 -26.81 25.33
N VAL H 1060 -31.80 -28.01 25.80
CA VAL H 1060 -32.81 -28.85 26.42
C VAL H 1060 -32.36 -29.23 27.82
N VAL H 1061 -33.34 -29.53 28.65
CA VAL H 1061 -33.09 -29.98 30.01
C VAL H 1061 -33.87 -31.26 30.22
N PHE H 1062 -33.17 -32.37 30.33
CA PHE H 1062 -33.79 -33.66 30.51
C PHE H 1062 -34.00 -34.00 31.97
N LEU H 1063 -35.21 -34.42 32.30
CA LEU H 1063 -35.57 -34.89 33.63
C LEU H 1063 -35.57 -36.42 33.63
N HIS H 1064 -34.39 -37.01 33.75
CA HIS H 1064 -34.32 -38.47 33.78
C HIS H 1064 -34.94 -39.00 35.05
N VAL H 1065 -35.85 -39.96 34.93
CA VAL H 1065 -36.41 -40.64 36.09
C VAL H 1065 -35.72 -41.98 36.23
N THR H 1066 -35.02 -42.17 37.33
CA THR H 1066 -34.18 -43.34 37.53
C THR H 1066 -34.62 -44.13 38.76
N TYR H 1067 -34.42 -45.44 38.71
CA TYR H 1067 -34.72 -46.36 39.80
C TYR H 1067 -33.43 -46.77 40.47
N VAL H 1068 -33.32 -46.56 41.79
CA VAL H 1068 -32.11 -46.89 42.53
C VAL H 1068 -32.45 -47.71 43.77
N PRO H 1069 -31.89 -48.92 43.91
CA PRO H 1069 -32.12 -49.72 45.13
C PRO H 1069 -31.41 -49.19 46.36
N ALA H 1070 -31.82 -49.69 47.52
CA ALA H 1070 -31.22 -49.34 48.81
C ALA H 1070 -31.72 -50.31 49.86
N GLN H 1071 -31.13 -50.23 51.05
CA GLN H 1071 -31.47 -51.08 52.19
C GLN H 1071 -31.24 -52.57 51.91
N GLU H 1072 -30.00 -52.91 51.62
CA GLU H 1072 -29.62 -54.27 51.29
C GLU H 1072 -29.55 -55.15 52.53
N LYS H 1073 -29.48 -56.45 52.30
CA LYS H 1073 -29.40 -57.42 53.38
C LYS H 1073 -28.58 -58.61 52.90
N ASN H 1074 -27.83 -59.20 53.82
CA ASN H 1074 -26.97 -60.34 53.54
C ASN H 1074 -27.71 -61.68 53.53
N PHE H 1075 -27.20 -62.60 52.72
CA PHE H 1075 -27.81 -63.91 52.61
C PHE H 1075 -26.72 -64.92 52.23
N THR H 1076 -26.99 -66.18 52.50
CA THR H 1076 -26.11 -67.27 52.09
C THR H 1076 -26.72 -68.03 50.92
N THR H 1077 -25.90 -68.36 49.93
CA THR H 1077 -26.38 -68.95 48.69
C THR H 1077 -25.48 -70.09 48.24
N ALA H 1078 -26.01 -70.86 47.30
CA ALA H 1078 -25.29 -71.94 46.65
C ALA H 1078 -25.68 -71.92 45.18
N PRO H 1079 -24.79 -72.31 44.29
CA PRO H 1079 -25.09 -72.20 42.86
C PRO H 1079 -26.12 -73.18 42.38
N ALA H 1080 -26.37 -74.26 43.10
CA ALA H 1080 -27.33 -75.22 42.59
C ALA H 1080 -27.85 -76.04 43.75
N ILE H 1081 -28.99 -76.69 43.54
CA ILE H 1081 -29.56 -77.55 44.55
C ILE H 1081 -29.54 -78.97 44.05
N CYS H 1082 -29.17 -79.92 44.92
CA CYS H 1082 -29.12 -81.33 44.55
C CYS H 1082 -30.29 -82.05 45.18
N HIS H 1083 -31.14 -82.61 44.34
CA HIS H 1083 -32.28 -83.38 44.79
C HIS H 1083 -32.39 -84.58 43.88
N ASP H 1084 -32.62 -85.76 44.46
CA ASP H 1084 -32.71 -86.98 43.68
C ASP H 1084 -31.46 -87.24 42.87
N GLY H 1085 -30.33 -86.69 43.28
CA GLY H 1085 -29.09 -86.95 42.61
C GLY H 1085 -28.85 -86.10 41.39
N LYS H 1086 -29.79 -85.25 41.01
CA LYS H 1086 -29.63 -84.41 39.84
C LYS H 1086 -29.61 -82.95 40.28
N ALA H 1087 -28.91 -82.13 39.52
CA ALA H 1087 -28.71 -80.74 39.88
C ALA H 1087 -29.86 -79.89 39.37
N HIS H 1088 -30.29 -78.95 40.20
CA HIS H 1088 -31.32 -78.00 39.85
C HIS H 1088 -30.74 -76.60 39.83
N PHE H 1089 -31.14 -75.82 38.85
CA PHE H 1089 -30.78 -74.43 38.70
C PHE H 1089 -32.04 -73.58 38.61
N PRO H 1090 -31.97 -72.31 38.98
CA PRO H 1090 -33.17 -71.49 38.96
C PRO H 1090 -33.44 -70.97 37.55
N ARG H 1091 -34.71 -70.98 37.14
CA ARG H 1091 -35.02 -70.41 35.83
C ARG H 1091 -34.69 -68.94 35.83
N GLU H 1092 -35.12 -68.22 36.86
CA GLU H 1092 -34.70 -66.85 37.02
C GLU H 1092 -34.61 -66.54 38.50
N GLY H 1093 -33.51 -65.93 38.90
CA GLY H 1093 -33.28 -65.57 40.27
C GLY H 1093 -32.13 -66.34 40.89
N VAL H 1094 -32.11 -66.37 42.21
CA VAL H 1094 -31.00 -66.95 42.93
C VAL H 1094 -31.55 -67.80 44.06
N PHE H 1095 -30.84 -68.88 44.36
CA PHE H 1095 -31.15 -69.68 45.54
C PHE H 1095 -30.56 -68.97 46.76
N VAL H 1096 -31.42 -68.45 47.62
CA VAL H 1096 -30.98 -67.70 48.78
C VAL H 1096 -31.45 -68.42 50.01
N SER H 1097 -30.54 -68.61 50.97
CA SER H 1097 -30.84 -69.23 52.24
C SER H 1097 -30.76 -68.21 53.35
N ASN H 1098 -31.73 -68.28 54.26
CA ASN H 1098 -31.76 -67.36 55.38
C ASN H 1098 -31.29 -68.03 56.66
N GLY H 1099 -30.45 -69.04 56.54
CA GLY H 1099 -29.89 -69.70 57.70
C GLY H 1099 -30.39 -71.12 57.88
N THR H 1100 -31.68 -71.33 57.62
CA THR H 1100 -32.27 -72.64 57.80
C THR H 1100 -33.14 -73.10 56.64
N HIS H 1101 -33.62 -72.20 55.81
CA HIS H 1101 -34.48 -72.55 54.70
C HIS H 1101 -33.95 -71.92 53.44
N TRP H 1102 -34.18 -72.58 52.32
CA TRP H 1102 -33.73 -72.09 51.03
C TRP H 1102 -34.92 -71.58 50.23
N PHE H 1103 -34.70 -70.50 49.48
CA PHE H 1103 -35.74 -69.88 48.70
C PHE H 1103 -35.17 -69.42 47.37
N VAL H 1104 -36.07 -69.10 46.44
CA VAL H 1104 -35.74 -68.51 45.16
C VAL H 1104 -36.24 -67.08 45.17
N THR H 1105 -35.45 -66.17 44.63
CA THR H 1105 -35.86 -64.77 44.63
C THR H 1105 -35.32 -64.06 43.41
N GLN H 1106 -36.12 -63.18 42.84
CA GLN H 1106 -35.67 -62.38 41.72
C GLN H 1106 -34.47 -61.55 42.15
N ARG H 1107 -33.63 -61.19 41.18
CA ARG H 1107 -32.32 -60.68 41.55
C ARG H 1107 -32.38 -59.32 42.23
N ASN H 1108 -33.18 -58.38 41.72
CA ASN H 1108 -33.10 -57.02 42.23
C ASN H 1108 -34.09 -56.65 43.31
N PHE H 1109 -34.83 -57.58 43.88
CA PHE H 1109 -35.75 -57.20 44.95
C PHE H 1109 -36.17 -58.44 45.70
N TYR H 1110 -36.04 -58.41 47.01
CA TYR H 1110 -36.25 -59.60 47.82
C TYR H 1110 -37.72 -59.98 47.84
N GLU H 1111 -38.04 -61.15 47.28
CA GLU H 1111 -39.41 -61.69 47.32
C GLU H 1111 -39.35 -63.20 47.32
N PRO H 1112 -39.06 -63.80 48.47
CA PRO H 1112 -38.79 -65.23 48.51
C PRO H 1112 -40.00 -66.08 48.19
N GLN H 1113 -39.77 -67.16 47.45
CA GLN H 1113 -40.80 -68.14 47.12
C GLN H 1113 -40.25 -69.53 47.35
N ILE H 1114 -41.15 -70.47 47.57
CA ILE H 1114 -40.76 -71.86 47.75
C ILE H 1114 -40.18 -72.45 46.46
N ILE H 1115 -39.12 -73.22 46.62
CA ILE H 1115 -38.43 -73.87 45.51
C ILE H 1115 -39.29 -74.99 44.96
N THR H 1116 -39.69 -74.88 43.71
CA THR H 1116 -40.57 -75.88 43.13
C THR H 1116 -40.06 -76.27 41.75
N THR H 1117 -40.66 -77.32 41.20
CA THR H 1117 -40.26 -77.80 39.89
C THR H 1117 -40.58 -76.85 38.76
N ASP H 1118 -41.43 -75.84 38.98
CA ASP H 1118 -41.79 -74.98 37.86
C ASP H 1118 -40.74 -73.91 37.56
N ASN H 1119 -40.07 -73.39 38.58
CA ASN H 1119 -39.12 -72.31 38.39
C ASN H 1119 -37.66 -72.77 38.43
N THR H 1120 -37.42 -74.06 38.22
CA THR H 1120 -36.07 -74.60 38.18
C THR H 1120 -35.98 -75.66 37.10
N PHE H 1121 -34.78 -75.85 36.57
CA PHE H 1121 -34.58 -76.84 35.53
C PHE H 1121 -33.36 -77.69 35.85
N VAL H 1122 -33.36 -78.89 35.30
CA VAL H 1122 -32.41 -79.92 35.66
C VAL H 1122 -31.34 -80.04 34.57
N SER H 1123 -30.13 -80.41 34.96
CA SER H 1123 -29.06 -80.68 34.00
C SER H 1123 -28.06 -81.64 34.62
N GLY H 1124 -28.14 -82.90 34.23
CA GLY H 1124 -27.15 -83.90 34.65
C GLY H 1124 -27.17 -84.18 36.14
N ASN H 1125 -26.35 -85.15 36.52
CA ASN H 1125 -26.23 -85.53 37.92
C ASN H 1125 -25.55 -84.43 38.72
N CYS H 1126 -25.67 -84.54 40.05
CA CYS H 1126 -25.36 -83.43 40.94
C CYS H 1126 -23.99 -83.55 41.60
N ASP H 1127 -23.00 -84.12 40.91
CA ASP H 1127 -21.65 -84.14 41.47
C ASP H 1127 -20.62 -83.30 40.72
N VAL H 1128 -20.94 -82.74 39.56
CA VAL H 1128 -19.92 -82.00 38.83
C VAL H 1128 -19.84 -80.54 39.25
N VAL H 1129 -20.97 -79.94 39.63
CA VAL H 1129 -20.97 -78.53 40.00
C VAL H 1129 -20.35 -78.40 41.39
N ILE H 1130 -19.63 -77.34 41.60
CA ILE H 1130 -18.98 -77.14 42.89
C ILE H 1130 -19.88 -76.30 43.77
N GLY H 1131 -19.95 -76.66 45.05
CA GLY H 1131 -20.79 -75.96 45.98
C GLY H 1131 -22.25 -76.31 45.98
N ILE H 1132 -22.63 -77.45 45.39
CA ILE H 1132 -24.02 -77.82 45.42
C ILE H 1132 -24.41 -78.25 46.83
N VAL H 1133 -25.66 -78.03 47.19
CA VAL H 1133 -26.17 -78.37 48.50
C VAL H 1133 -27.41 -79.23 48.30
N ASN H 1134 -27.98 -79.71 49.39
CA ASN H 1134 -29.10 -80.64 49.35
C ASN H 1134 -30.35 -79.98 49.90
N ASN H 1135 -31.48 -80.26 49.27
CA ASN H 1135 -32.76 -79.75 49.79
C ASN H 1135 -33.91 -80.39 49.05
N THR H 1136 -35.07 -80.33 49.66
CA THR H 1136 -36.28 -80.90 49.08
C THR H 1136 -36.84 -79.90 48.08
N VAL H 1137 -37.13 -80.38 46.87
CA VAL H 1137 -37.77 -79.56 45.86
C VAL H 1137 -39.17 -80.10 45.62
N TYR H 1138 -40.16 -79.52 46.28
CA TYR H 1138 -41.52 -80.04 46.21
C TYR H 1138 -42.08 -79.90 44.81
N ASP H 1139 -42.87 -80.89 44.39
CA ASP H 1139 -43.58 -80.84 43.13
C ASP H 1139 -45.08 -80.76 43.39
N PRO H 1140 -45.74 -79.69 42.97
CA PRO H 1140 -47.16 -79.50 43.34
C PRO H 1140 -48.12 -80.53 42.78
N LEU H 1141 -47.74 -81.31 41.78
CA LEU H 1141 -48.70 -82.25 41.21
C LEU H 1141 -48.92 -83.46 42.11
N GLN H 1142 -47.93 -83.83 42.92
CA GLN H 1142 -48.10 -85.00 43.78
C GLN H 1142 -49.14 -84.80 44.87
N PRO H 1143 -49.10 -83.74 45.69
CA PRO H 1143 -50.10 -83.59 46.75
C PRO H 1143 -51.55 -83.63 46.30
N GLU H 1144 -51.85 -83.21 45.06
CA GLU H 1144 -53.23 -83.25 44.63
C GLU H 1144 -53.70 -84.70 44.45
N LEU H 1145 -52.85 -85.55 43.87
CA LEU H 1145 -53.15 -86.96 43.69
C LEU H 1145 -54.45 -87.16 42.90
N ASP H 1146 -54.52 -86.54 41.73
CA ASP H 1146 -55.69 -86.65 40.88
C ASP H 1146 -55.76 -88.01 40.19
N ALA I 27 45.10 -42.30 -14.62
CA ALA I 27 44.29 -43.39 -14.09
C ALA I 27 43.06 -42.84 -13.37
N TYR I 28 42.36 -43.70 -12.64
CA TYR I 28 41.17 -43.28 -11.91
C TYR I 28 40.98 -44.17 -10.69
N THR I 29 40.32 -43.59 -9.69
CA THR I 29 39.97 -44.31 -8.46
C THR I 29 38.86 -43.55 -7.75
N ASN I 30 37.84 -44.29 -7.34
CA ASN I 30 36.71 -43.66 -6.66
C ASN I 30 37.13 -43.17 -5.29
N SER I 31 36.71 -41.96 -4.95
CA SER I 31 36.96 -41.40 -3.63
C SER I 31 35.82 -41.82 -2.73
N PHE I 32 36.15 -42.47 -1.63
CA PHE I 32 35.10 -42.93 -0.73
C PHE I 32 34.62 -41.78 0.14
N THR I 33 34.03 -42.10 1.29
CA THR I 33 33.44 -41.09 2.16
C THR I 33 34.55 -40.34 2.88
N ARG I 34 35.13 -39.38 2.18
CA ARG I 34 36.25 -38.61 2.68
C ARG I 34 36.02 -37.15 2.33
N GLY I 35 36.88 -36.28 2.86
CA GLY I 35 36.83 -34.87 2.51
C GLY I 35 35.94 -34.00 3.36
N VAL I 36 35.18 -34.55 4.30
CA VAL I 36 34.31 -33.71 5.12
C VAL I 36 35.15 -32.87 6.09
N TYR I 37 34.68 -31.65 6.36
CA TYR I 37 35.42 -30.76 7.23
C TYR I 37 34.45 -29.93 8.07
N TYR I 38 34.96 -29.44 9.18
CA TYR I 38 34.20 -28.58 10.07
C TYR I 38 34.01 -27.21 9.44
N PRO I 39 32.80 -26.80 9.09
CA PRO I 39 32.63 -25.57 8.31
C PRO I 39 32.52 -24.28 9.10
N ASP I 40 32.11 -24.32 10.37
CA ASP I 40 31.78 -23.09 11.08
C ASP I 40 32.42 -22.97 12.45
N LYS I 41 33.29 -23.90 12.82
CA LYS I 41 33.98 -23.91 14.12
C LYS I 41 33.01 -23.67 15.29
N VAL I 42 31.80 -24.17 15.18
CA VAL I 42 30.83 -24.06 16.27
C VAL I 42 30.52 -25.45 16.77
N PHE I 43 30.63 -25.64 18.06
CA PHE I 43 30.44 -26.96 18.64
C PHE I 43 28.97 -27.31 18.74
N ARG I 44 28.66 -28.56 18.45
CA ARG I 44 27.32 -29.10 18.62
C ARG I 44 27.48 -30.53 19.11
N SER I 45 26.59 -30.97 19.97
CA SER I 45 26.75 -32.26 20.61
C SER I 45 25.52 -33.11 20.36
N SER I 46 25.74 -34.34 19.91
CA SER I 46 24.69 -35.36 19.73
C SER I 46 23.49 -34.76 19.01
N VAL I 47 23.73 -34.25 17.80
CA VAL I 47 22.70 -33.61 17.01
C VAL I 47 23.04 -33.76 15.54
N LEU I 48 22.02 -33.69 14.69
CA LEU I 48 22.21 -33.77 13.25
C LEU I 48 22.04 -32.39 12.65
N HIS I 49 22.90 -32.06 11.70
CA HIS I 49 22.85 -30.74 11.10
C HIS I 49 23.08 -30.87 9.60
N SER I 50 22.28 -30.15 8.82
CA SER I 50 22.37 -30.16 7.37
C SER I 50 22.94 -28.85 6.87
N THR I 51 23.96 -28.92 6.03
CA THR I 51 24.65 -27.74 5.54
C THR I 51 24.89 -27.85 4.04
N GLN I 52 24.72 -26.74 3.33
CA GLN I 52 24.98 -26.64 1.90
C GLN I 52 26.30 -25.92 1.64
N ASP I 53 27.30 -26.65 1.16
CA ASP I 53 28.62 -26.06 0.92
C ASP I 53 29.33 -26.85 -0.17
N LEU I 54 30.55 -26.42 -0.51
CA LEU I 54 31.34 -27.05 -1.56
C LEU I 54 32.07 -28.26 -0.98
N PHE I 55 31.57 -29.45 -1.29
CA PHE I 55 32.15 -30.68 -0.78
C PHE I 55 32.62 -31.59 -1.89
N LEU I 56 33.27 -32.68 -1.47
CA LEU I 56 33.67 -33.74 -2.38
C LEU I 56 32.57 -34.79 -2.43
N PRO I 57 31.85 -34.91 -3.54
CA PRO I 57 30.79 -35.92 -3.62
C PRO I 57 31.33 -37.32 -3.36
N PHE I 58 30.55 -38.12 -2.63
CA PHE I 58 31.00 -39.46 -2.30
C PHE I 58 31.09 -40.33 -3.54
N PHE I 59 31.97 -41.34 -3.47
CA PHE I 59 32.14 -42.32 -4.53
C PHE I 59 32.52 -41.69 -5.86
N SER I 60 33.19 -40.55 -5.84
CA SER I 60 33.60 -39.96 -7.11
C SER I 60 35.01 -40.41 -7.42
N ASN I 61 35.28 -40.62 -8.70
CA ASN I 61 36.59 -41.07 -9.12
C ASN I 61 37.55 -39.89 -9.18
N VAL I 62 38.81 -40.15 -8.84
CA VAL I 62 39.81 -39.10 -8.82
C VAL I 62 41.06 -39.59 -9.54
N THR I 63 41.71 -38.67 -10.25
CA THR I 63 42.92 -39.00 -10.97
C THR I 63 44.04 -39.35 -10.00
N TRP I 64 44.87 -40.30 -10.41
CA TRP I 64 45.91 -40.84 -9.58
C TRP I 64 47.24 -40.65 -10.30
N PHE I 65 48.24 -40.17 -9.59
CA PHE I 65 49.54 -39.92 -10.17
C PHE I 65 50.60 -40.49 -9.25
N HIS I 66 51.77 -40.79 -9.82
CA HIS I 66 52.85 -41.40 -9.05
C HIS I 66 54.05 -40.46 -8.94
N ALA I 67 54.80 -40.64 -7.87
CA ALA I 67 55.95 -39.78 -7.57
C ALA I 67 57.22 -40.56 -7.86
N ILE I 68 57.43 -40.93 -9.13
CA ILE I 68 58.67 -41.59 -9.54
C ILE I 68 59.51 -40.59 -10.32
N HIS I 69 59.03 -40.20 -11.51
CA HIS I 69 59.66 -39.15 -12.29
C HIS I 69 58.65 -38.66 -13.30
N VAL I 70 58.76 -37.37 -13.61
CA VAL I 70 57.98 -36.67 -14.64
C VAL I 70 56.73 -37.37 -15.13
N ASP I 80 57.99 -31.03 -15.86
CA ASP I 80 58.02 -32.39 -15.32
C ASP I 80 56.65 -32.81 -14.80
N ASN I 81 55.97 -31.88 -14.13
CA ASN I 81 54.68 -32.15 -13.53
C ASN I 81 53.67 -31.19 -14.14
N PRO I 82 52.49 -31.66 -14.56
CA PRO I 82 51.55 -30.75 -15.23
C PRO I 82 50.85 -29.80 -14.28
N VAL I 83 50.48 -28.66 -14.85
CA VAL I 83 49.75 -27.64 -14.10
C VAL I 83 48.28 -27.99 -14.15
N LEU I 84 47.58 -27.79 -13.06
CA LEU I 84 46.16 -28.08 -13.02
C LEU I 84 45.39 -26.84 -12.60
N PRO I 85 44.30 -26.52 -13.29
CA PRO I 85 43.55 -25.31 -12.93
C PRO I 85 42.81 -25.53 -11.62
N PHE I 86 42.52 -24.43 -10.94
CA PHE I 86 41.75 -24.48 -9.70
C PHE I 86 40.33 -24.04 -9.98
N ASN I 87 39.54 -24.97 -10.52
CA ASN I 87 38.19 -24.62 -10.96
C ASN I 87 37.35 -24.12 -9.81
N ASP I 88 37.15 -24.97 -8.80
CA ASP I 88 36.32 -24.59 -7.67
C ASP I 88 36.81 -25.06 -6.32
N GLY I 89 37.81 -25.95 -6.26
CA GLY I 89 38.24 -26.50 -5.00
C GLY I 89 38.92 -27.83 -5.19
N VAL I 90 40.01 -28.06 -4.45
CA VAL I 90 40.87 -29.22 -4.65
C VAL I 90 41.00 -29.99 -3.35
N TYR I 91 40.94 -31.30 -3.45
CA TYR I 91 41.17 -32.17 -2.31
C TYR I 91 42.50 -32.83 -2.57
N PHE I 92 43.52 -32.43 -1.83
CA PHE I 92 44.90 -32.87 -2.07
C PHE I 92 45.29 -33.88 -1.01
N ALA I 93 45.40 -35.13 -1.40
CA ALA I 93 45.90 -36.15 -0.49
C ALA I 93 47.24 -36.67 -1.00
N SER I 94 48.11 -37.01 -0.06
CA SER I 94 49.41 -37.55 -0.42
C SER I 94 49.79 -38.59 0.61
N THR I 95 50.17 -39.78 0.15
CA THR I 95 50.65 -40.84 1.02
C THR I 95 52.13 -41.07 0.73
N GLU I 96 52.98 -40.64 1.66
CA GLU I 96 54.41 -40.73 1.46
C GLU I 96 55.08 -40.88 2.82
N LYS I 97 56.33 -41.32 2.80
CA LYS I 97 57.07 -41.53 4.03
C LYS I 97 58.49 -41.00 3.94
N SER I 98 58.75 -40.03 3.06
CA SER I 98 60.09 -39.51 2.90
C SER I 98 60.14 -37.99 2.80
N ASN I 99 59.05 -37.29 3.07
CA ASN I 99 59.01 -35.83 2.99
C ASN I 99 59.41 -35.36 1.58
N ILE I 100 58.87 -36.05 0.56
CA ILE I 100 59.23 -35.72 -0.81
C ILE I 100 58.45 -34.54 -1.36
N ILE I 101 57.21 -34.35 -0.92
CA ILE I 101 56.39 -33.22 -1.35
C ILE I 101 56.45 -32.15 -0.27
N ARG I 102 56.82 -30.94 -0.66
CA ARG I 102 57.18 -29.92 0.29
C ARG I 102 56.47 -28.59 0.11
N GLY I 103 55.64 -28.44 -0.91
CA GLY I 103 54.94 -27.18 -1.07
C GLY I 103 54.06 -27.18 -2.29
N TRP I 104 53.47 -26.02 -2.55
CA TRP I 104 52.57 -25.81 -3.67
C TRP I 104 52.82 -24.41 -4.21
N ILE I 105 52.29 -24.16 -5.40
CA ILE I 105 52.34 -22.83 -6.00
C ILE I 105 51.04 -22.56 -6.73
N PHE I 106 50.45 -21.41 -6.49
CA PHE I 106 49.18 -21.05 -7.08
C PHE I 106 49.29 -19.71 -7.80
N GLY I 107 48.24 -19.40 -8.55
CA GLY I 107 48.16 -18.15 -9.28
C GLY I 107 47.37 -18.39 -10.55
N THR I 108 47.13 -17.29 -11.28
CA THR I 108 46.42 -17.40 -12.54
C THR I 108 47.33 -17.70 -13.72
N THR I 109 48.65 -17.56 -13.56
CA THR I 109 49.60 -17.83 -14.63
C THR I 109 50.99 -17.90 -14.03
N LEU I 110 51.88 -18.61 -14.72
CA LEU I 110 53.25 -18.79 -14.24
C LEU I 110 54.15 -17.60 -14.53
N ASP I 111 53.74 -16.66 -15.37
CA ASP I 111 54.57 -15.52 -15.68
C ASP I 111 54.48 -14.47 -14.57
N SER I 112 55.37 -13.50 -14.63
CA SER I 112 55.37 -12.43 -13.64
C SER I 112 54.29 -11.40 -13.92
N LYS I 113 53.44 -11.65 -14.91
CA LYS I 113 52.36 -10.76 -15.30
C LYS I 113 51.27 -10.65 -14.26
N THR I 114 51.28 -11.48 -13.22
CA THR I 114 50.22 -11.43 -12.21
C THR I 114 50.77 -11.82 -10.85
N GLN I 115 50.12 -11.31 -9.81
CA GLN I 115 50.58 -11.51 -8.43
C GLN I 115 50.25 -12.95 -8.03
N SER I 116 51.06 -13.87 -8.52
CA SER I 116 50.90 -15.28 -8.18
C SER I 116 51.15 -15.49 -6.69
N LEU I 117 50.94 -16.72 -6.25
CA LEU I 117 50.99 -17.07 -4.84
C LEU I 117 52.07 -18.12 -4.62
N LEU I 118 52.67 -18.08 -3.44
CA LEU I 118 53.73 -19.03 -3.11
C LEU I 118 53.47 -19.56 -1.71
N ILE I 119 53.50 -20.88 -1.57
CA ILE I 119 53.44 -21.53 -0.26
C ILE I 119 54.44 -22.66 -0.25
N VAL I 120 55.43 -22.57 0.65
CA VAL I 120 56.51 -23.54 0.67
C VAL I 120 56.72 -23.98 2.12
N ASN I 121 56.62 -25.28 2.36
CA ASN I 121 56.88 -25.78 3.70
C ASN I 121 58.37 -26.07 3.83
N ASN I 122 58.79 -26.37 5.05
CA ASN I 122 60.19 -26.65 5.31
C ASN I 122 60.31 -27.36 6.64
N ALA I 123 61.52 -27.84 6.94
CA ALA I 123 61.76 -28.53 8.20
C ALA I 123 61.65 -27.58 9.37
N THR I 124 61.77 -26.28 9.12
CA THR I 124 61.76 -25.26 10.16
C THR I 124 60.44 -24.51 10.22
N ASN I 125 59.84 -24.21 9.07
CA ASN I 125 58.65 -23.37 9.03
C ASN I 125 58.05 -23.42 7.63
N VAL I 126 56.82 -22.91 7.54
CA VAL I 126 56.14 -22.73 6.25
C VAL I 126 56.33 -21.29 5.83
N VAL I 127 56.51 -21.07 4.53
CA VAL I 127 56.65 -19.73 3.97
C VAL I 127 55.58 -19.51 2.91
N ILE I 128 54.70 -18.55 3.16
CA ILE I 128 53.62 -18.20 2.25
C ILE I 128 53.90 -16.82 1.65
N LYS I 129 53.77 -16.70 0.34
CA LYS I 129 54.17 -15.48 -0.35
C LYS I 129 53.23 -15.21 -1.52
N VAL I 130 53.01 -13.92 -1.80
CA VAL I 130 52.30 -13.47 -2.99
C VAL I 130 53.09 -12.33 -3.63
N CYS I 131 53.95 -12.67 -4.59
CA CYS I 131 54.87 -11.68 -5.15
C CYS I 131 55.11 -11.74 -6.66
N GLU I 132 54.31 -12.49 -7.41
CA GLU I 132 54.39 -12.49 -8.88
C GLU I 132 55.77 -12.89 -9.41
N PHE I 133 56.48 -13.77 -8.73
CA PHE I 133 57.79 -14.19 -9.22
C PHE I 133 57.59 -15.13 -10.40
N GLN I 134 58.18 -14.81 -11.56
CA GLN I 134 58.04 -15.69 -12.70
C GLN I 134 58.80 -16.98 -12.42
N PHE I 135 58.18 -18.10 -12.73
CA PHE I 135 58.71 -19.42 -12.41
C PHE I 135 59.36 -20.07 -13.62
N CYS I 136 60.09 -21.15 -13.35
CA CYS I 136 60.75 -21.91 -14.41
C CYS I 136 59.73 -22.83 -15.08
N ASN I 137 60.20 -23.58 -16.08
CA ASN I 137 59.31 -24.51 -16.76
C ASN I 137 58.76 -25.55 -15.80
N ASP I 138 59.53 -25.89 -14.77
CA ASP I 138 59.15 -26.81 -13.73
C ASP I 138 59.57 -26.20 -12.41
N PRO I 139 58.88 -26.51 -11.31
CA PRO I 139 59.33 -26.01 -10.02
C PRO I 139 60.71 -26.55 -9.71
N PHE I 140 61.59 -25.66 -9.26
CA PHE I 140 62.97 -26.05 -9.00
C PHE I 140 63.04 -27.12 -7.92
N LEU I 141 63.91 -28.09 -8.14
CA LEU I 141 64.15 -29.18 -7.20
C LEU I 141 65.50 -28.90 -6.54
N ASP I 142 65.47 -28.56 -5.26
CA ASP I 142 66.69 -28.26 -4.52
C ASP I 142 67.66 -29.44 -4.41
N PHE I 157 71.34 -23.90 -4.95
CA PHE I 157 70.22 -24.53 -5.65
C PHE I 157 68.99 -24.58 -4.75
N ARG I 158 68.72 -23.47 -4.05
CA ARG I 158 67.59 -23.41 -3.14
C ARG I 158 66.35 -22.72 -3.72
N VAL I 159 66.50 -21.87 -4.74
CA VAL I 159 65.38 -21.14 -5.30
C VAL I 159 65.62 -20.89 -6.79
N TYR I 160 64.53 -20.80 -7.53
CA TYR I 160 64.57 -20.47 -8.96
C TYR I 160 63.23 -19.82 -9.31
N SER I 161 63.24 -18.50 -9.43
CA SER I 161 62.06 -17.70 -9.75
C SER I 161 62.54 -16.30 -10.09
N SER I 162 61.66 -15.54 -10.73
CA SER I 162 62.02 -14.19 -11.16
C SER I 162 61.81 -13.18 -10.03
N ALA I 163 61.96 -11.90 -10.38
CA ALA I 163 61.81 -10.82 -9.41
C ALA I 163 60.42 -10.79 -8.81
N ASN I 164 60.31 -10.06 -7.70
CA ASN I 164 59.09 -10.00 -6.92
C ASN I 164 58.77 -8.57 -6.51
N ASN I 165 57.49 -8.34 -6.26
CA ASN I 165 56.96 -7.10 -5.69
C ASN I 165 55.99 -7.45 -4.58
N CYS I 166 56.42 -8.37 -3.73
CA CYS I 166 55.55 -9.02 -2.76
C CYS I 166 54.73 -8.02 -1.97
N THR I 167 53.48 -8.37 -1.70
CA THR I 167 52.63 -7.60 -0.82
C THR I 167 52.30 -8.33 0.47
N PHE I 168 52.47 -9.65 0.51
CA PHE I 168 52.20 -10.39 1.73
C PHE I 168 53.15 -11.57 1.83
N GLU I 169 53.62 -11.82 3.04
CA GLU I 169 54.51 -12.93 3.33
C GLU I 169 54.27 -13.34 4.77
N TYR I 170 54.44 -14.63 5.06
CA TYR I 170 54.06 -15.16 6.35
C TYR I 170 54.82 -16.44 6.61
N VAL I 171 54.96 -16.77 7.90
CA VAL I 171 55.70 -17.93 8.34
C VAL I 171 55.03 -18.51 9.57
N SER I 172 55.11 -19.83 9.71
CA SER I 172 54.51 -20.52 10.84
C SER I 172 55.05 -21.94 10.89
N GLN I 173 54.56 -22.70 11.87
CA GLN I 173 55.01 -24.06 12.12
C GLN I 173 54.80 -24.96 10.88
N PRO I 174 55.54 -26.05 10.79
CA PRO I 174 55.44 -26.90 9.60
C PRO I 174 54.16 -27.72 9.63
N PHE I 175 53.78 -28.20 8.44
CA PHE I 175 52.61 -29.07 8.31
C PHE I 175 52.91 -30.54 8.58
N LEU I 176 53.55 -30.83 9.72
CA LEU I 176 53.94 -32.20 10.04
C LEU I 176 53.61 -32.53 11.49
N LYS I 187 53.30 -44.62 5.89
CA LYS I 187 52.17 -45.02 6.72
C LYS I 187 51.34 -43.82 7.13
N ASN I 188 51.93 -42.62 7.00
CA ASN I 188 51.22 -41.40 7.35
C ASN I 188 50.45 -40.91 6.14
N LEU I 189 49.13 -40.86 6.28
CA LEU I 189 48.23 -40.37 5.24
C LEU I 189 47.95 -38.91 5.51
N ARG I 190 48.57 -38.02 4.74
CA ARG I 190 48.29 -36.60 4.88
C ARG I 190 47.18 -36.21 3.91
N GLU I 191 46.17 -35.51 4.43
CA GLU I 191 45.02 -35.05 3.66
C GLU I 191 44.92 -33.55 3.78
N PHE I 192 44.57 -32.89 2.68
CA PHE I 192 44.48 -31.44 2.67
C PHE I 192 43.34 -31.01 1.78
N VAL I 193 42.66 -29.95 2.16
CA VAL I 193 41.60 -29.36 1.35
C VAL I 193 41.88 -27.88 1.22
N PHE I 194 41.97 -27.39 -0.01
CA PHE I 194 42.28 -26.00 -0.26
C PHE I 194 41.07 -25.31 -0.90
N LYS I 195 40.65 -24.21 -0.30
CA LYS I 195 39.47 -23.49 -0.75
C LYS I 195 39.77 -22.00 -0.68
N ASN I 196 39.32 -21.27 -1.70
CA ASN I 196 39.50 -19.82 -1.77
C ASN I 196 38.32 -19.26 -2.54
N ILE I 197 37.31 -18.77 -1.82
CA ILE I 197 36.06 -18.36 -2.42
C ILE I 197 35.69 -16.91 -2.09
N ASP I 198 35.62 -16.59 -0.80
CA ASP I 198 35.04 -15.33 -0.34
C ASP I 198 36.10 -14.26 -0.07
N GLY I 199 37.14 -14.21 -0.89
CA GLY I 199 38.21 -13.28 -0.61
C GLY I 199 39.18 -13.84 0.40
N TYR I 200 38.90 -15.03 0.91
CA TYR I 200 39.77 -15.73 1.84
C TYR I 200 40.13 -17.09 1.25
N PHE I 201 41.33 -17.54 1.57
CA PHE I 201 41.80 -18.86 1.17
C PHE I 201 42.02 -19.69 2.43
N LYS I 202 41.35 -20.85 2.49
CA LYS I 202 41.29 -21.63 3.71
C LYS I 202 41.90 -23.01 3.49
N ILE I 203 42.57 -23.52 4.52
CA ILE I 203 43.24 -24.81 4.48
C ILE I 203 42.74 -25.69 5.61
N TYR I 204 42.47 -26.94 5.28
CA TYR I 204 42.13 -27.95 6.27
C TYR I 204 43.11 -29.10 6.14
N SER I 205 43.31 -29.86 7.22
CA SER I 205 44.32 -30.90 7.18
C SER I 205 44.03 -31.99 8.20
N LYS I 206 44.68 -33.13 8.00
CA LYS I 206 44.54 -34.29 8.86
C LYS I 206 45.66 -35.27 8.56
N HIS I 207 46.19 -35.92 9.59
CA HIS I 207 47.28 -36.88 9.45
C HIS I 207 46.81 -38.22 9.98
N THR I 208 46.79 -39.25 9.14
CA THR I 208 46.22 -40.50 9.61
C THR I 208 47.14 -41.68 9.34
N PRO I 209 47.11 -42.68 10.22
CA PRO I 209 47.85 -43.93 9.98
C PRO I 209 47.38 -44.66 8.73
N ILE I 210 48.16 -45.66 8.36
CA ILE I 210 47.86 -46.52 7.23
C ILE I 210 48.29 -47.95 7.53
N ASP I 215 46.44 -47.40 -0.88
CA ASP I 215 45.11 -47.16 -1.42
C ASP I 215 44.34 -46.24 -0.50
N LEU I 216 43.25 -45.66 -0.99
CA LEU I 216 42.46 -44.76 -0.16
C LEU I 216 41.66 -45.58 0.85
N PRO I 217 41.75 -45.24 2.13
CA PRO I 217 41.02 -46.02 3.15
C PRO I 217 39.55 -45.67 3.18
N GLN I 218 38.76 -46.62 3.66
CA GLN I 218 37.33 -46.42 3.82
C GLN I 218 36.94 -45.74 5.12
N GLY I 219 37.88 -45.49 6.03
CA GLY I 219 37.52 -44.93 7.31
C GLY I 219 37.07 -43.49 7.16
N PHE I 220 36.08 -43.10 7.95
CA PHE I 220 35.56 -41.74 7.91
C PHE I 220 36.32 -40.87 8.89
N SER I 221 36.64 -39.64 8.47
CA SER I 221 37.37 -38.71 9.32
C SER I 221 37.26 -37.31 8.76
N ALA I 222 36.91 -36.34 9.60
CA ALA I 222 36.68 -35.00 9.13
C ALA I 222 37.95 -34.17 9.19
N LEU I 223 38.06 -33.21 8.26
CA LEU I 223 39.19 -32.31 8.22
C LEU I 223 38.96 -31.10 9.12
N GLU I 224 40.02 -30.62 9.74
CA GLU I 224 39.91 -29.49 10.63
C GLU I 224 40.48 -28.22 10.01
N PRO I 225 39.87 -27.07 10.27
CA PRO I 225 40.40 -25.81 9.72
C PRO I 225 41.79 -25.53 10.27
N LEU I 226 42.76 -25.46 9.38
CA LEU I 226 44.13 -25.24 9.81
C LEU I 226 44.49 -23.75 9.76
N VAL I 227 44.32 -23.12 8.61
CA VAL I 227 44.64 -21.70 8.45
C VAL I 227 43.60 -21.08 7.53
N ASP I 228 43.24 -19.84 7.81
CA ASP I 228 42.27 -19.08 7.03
C ASP I 228 42.90 -17.78 6.52
N LEU I 229 43.38 -17.79 5.32
CA LEU I 229 44.07 -16.55 4.96
C LEU I 229 43.13 -15.58 4.28
N PRO I 230 43.35 -14.29 4.50
CA PRO I 230 42.50 -13.24 3.94
C PRO I 230 42.84 -12.76 2.53
N ILE I 231 43.94 -13.24 1.95
CA ILE I 231 44.35 -12.76 0.63
C ILE I 231 43.26 -13.08 -0.38
N GLY I 232 42.89 -12.07 -1.19
CA GLY I 232 41.86 -12.25 -2.20
C GLY I 232 42.34 -12.33 -3.63
N ILE I 233 43.56 -12.79 -3.84
CA ILE I 233 44.12 -12.89 -5.19
C ILE I 233 43.35 -13.93 -6.00
N ASN I 234 43.16 -13.65 -7.29
CA ASN I 234 42.48 -14.56 -8.20
C ASN I 234 43.40 -15.69 -8.60
N ILE I 235 43.29 -16.82 -7.90
CA ILE I 235 44.06 -18.02 -8.21
C ILE I 235 43.28 -18.82 -9.25
N THR I 236 43.94 -19.17 -10.34
CA THR I 236 43.31 -19.97 -11.39
C THR I 236 44.09 -21.23 -11.74
N ARG I 237 45.39 -21.28 -11.47
CA ARG I 237 46.20 -22.45 -11.73
C ARG I 237 46.97 -22.82 -10.48
N PHE I 238 47.37 -24.08 -10.38
CA PHE I 238 48.07 -24.52 -9.19
C PHE I 238 49.00 -25.67 -9.54
N GLN I 239 50.08 -25.78 -8.75
CA GLN I 239 51.09 -26.80 -8.95
C GLN I 239 51.62 -27.25 -7.60
N THR I 240 52.45 -28.28 -7.64
CA THR I 240 53.07 -28.87 -6.46
C THR I 240 54.57 -28.64 -6.49
N LEU I 241 55.21 -28.84 -5.34
CA LEU I 241 56.65 -28.65 -5.20
C LEU I 241 57.30 -29.93 -4.72
N LEU I 242 58.34 -30.35 -5.42
CA LEU I 242 59.06 -31.58 -5.10
C LEU I 242 60.49 -31.23 -4.69
N ALA I 243 61.19 -32.23 -4.16
CA ALA I 243 62.58 -32.04 -3.76
C ALA I 243 63.35 -33.34 -3.87
N LEU I 244 64.67 -33.24 -3.82
CA LEU I 244 65.58 -34.39 -3.81
C LEU I 244 67.00 -33.90 -3.54
N HIS I 245 67.78 -34.75 -2.88
CA HIS I 245 69.16 -34.43 -2.52
C HIS I 245 70.13 -34.70 -3.66
N ARG I 246 71.00 -33.72 -3.91
CA ARG I 246 72.10 -33.81 -4.88
C ARG I 246 71.59 -34.25 -6.25
N SER I 247 70.53 -33.59 -6.67
CA SER I 247 69.89 -33.79 -7.96
C SER I 247 70.21 -32.57 -8.81
N TYR I 248 70.40 -32.78 -10.11
CA TYR I 248 70.71 -31.62 -10.92
C TYR I 248 69.46 -30.74 -11.06
N LEU I 249 69.71 -29.46 -11.36
CA LEU I 249 68.65 -28.46 -11.43
C LEU I 249 68.84 -27.59 -12.66
N THR I 250 67.79 -27.49 -13.46
CA THR I 250 67.78 -26.70 -14.67
C THR I 250 66.40 -26.08 -14.83
N PRO I 251 66.29 -24.93 -15.49
CA PRO I 251 64.96 -24.38 -15.75
C PRO I 251 64.10 -25.35 -16.55
N GLY I 252 64.72 -26.14 -17.41
CA GLY I 252 64.03 -27.14 -18.20
C GLY I 252 64.78 -28.47 -18.22
N ASP I 253 64.05 -29.57 -18.06
CA ASP I 253 64.65 -30.90 -18.05
C ASP I 253 63.69 -31.88 -18.70
N SER I 254 64.21 -33.03 -19.12
CA SER I 254 63.41 -34.04 -19.79
C SER I 254 62.64 -34.89 -18.77
N SER I 255 62.04 -35.98 -19.25
CA SER I 255 61.24 -36.87 -18.41
C SER I 255 62.05 -37.91 -17.65
N SER I 256 63.38 -37.82 -17.66
CA SER I 256 64.18 -38.79 -16.91
C SER I 256 64.06 -38.55 -15.41
N GLY I 257 64.11 -37.30 -14.98
CA GLY I 257 64.03 -36.96 -13.57
C GLY I 257 65.25 -37.44 -12.80
N TRP I 258 65.07 -37.52 -11.49
CA TRP I 258 66.12 -37.94 -10.57
C TRP I 258 65.54 -38.91 -9.57
N THR I 259 66.39 -39.73 -8.97
CA THR I 259 65.88 -40.74 -8.05
C THR I 259 65.20 -40.07 -6.86
N ALA I 260 64.17 -40.73 -6.36
CA ALA I 260 63.40 -40.27 -5.21
C ALA I 260 62.63 -41.47 -4.66
N GLY I 261 62.10 -41.30 -3.47
CA GLY I 261 61.33 -42.37 -2.86
C GLY I 261 60.02 -42.63 -3.58
N ALA I 262 59.52 -43.85 -3.41
CA ALA I 262 58.24 -44.26 -3.97
C ALA I 262 57.11 -43.51 -3.30
N ALA I 263 56.27 -42.84 -4.09
CA ALA I 263 55.17 -42.07 -3.52
C ALA I 263 54.12 -41.81 -4.60
N ALA I 264 52.95 -41.37 -4.16
CA ALA I 264 51.83 -41.09 -5.06
C ALA I 264 50.91 -40.09 -4.38
N TYR I 265 50.15 -39.37 -5.20
CA TYR I 265 49.25 -38.35 -4.69
C TYR I 265 48.00 -38.30 -5.56
N TYR I 266 46.86 -38.11 -4.92
CA TYR I 266 45.56 -38.06 -5.59
C TYR I 266 45.05 -36.63 -5.62
N VAL I 267 44.21 -36.32 -6.61
CA VAL I 267 43.61 -35.00 -6.75
C VAL I 267 42.13 -35.13 -7.06
N GLY I 268 41.30 -34.35 -6.35
CA GLY I 268 39.87 -34.33 -6.59
C GLY I 268 39.32 -32.92 -6.51
N TYR I 269 38.17 -32.73 -7.16
CA TYR I 269 37.48 -31.44 -7.21
C TYR I 269 36.22 -31.41 -6.36
N LEU I 270 36.08 -30.37 -5.55
CA LEU I 270 34.92 -30.16 -4.71
C LEU I 270 33.74 -29.60 -5.51
N GLN I 271 32.53 -29.84 -5.01
CA GLN I 271 31.33 -29.35 -5.66
C GLN I 271 30.31 -28.90 -4.63
N PRO I 272 29.43 -27.97 -4.99
CA PRO I 272 28.39 -27.50 -4.06
C PRO I 272 27.37 -28.60 -3.80
N ARG I 273 27.29 -29.04 -2.55
CA ARG I 273 26.38 -30.10 -2.16
C ARG I 273 25.75 -29.76 -0.82
N THR I 274 24.68 -30.48 -0.51
CA THR I 274 24.01 -30.38 0.78
C THR I 274 24.37 -31.62 1.59
N PHE I 275 24.97 -31.43 2.75
CA PHE I 275 25.46 -32.54 3.53
C PHE I 275 24.73 -32.65 4.85
N LEU I 276 24.41 -33.86 5.25
CA LEU I 276 23.83 -34.13 6.56
C LEU I 276 24.93 -34.66 7.47
N LEU I 277 25.38 -33.83 8.40
CA LEU I 277 26.50 -34.17 9.27
C LEU I 277 25.99 -34.62 10.62
N LYS I 278 26.61 -35.65 11.17
CA LYS I 278 26.25 -36.20 12.47
C LYS I 278 27.36 -35.89 13.46
N TYR I 279 27.05 -35.14 14.51
CA TYR I 279 28.01 -34.80 15.55
C TYR I 279 27.87 -35.74 16.73
N ASN I 280 29.02 -36.10 17.31
CA ASN I 280 29.05 -36.95 18.47
C ASN I 280 28.98 -36.10 19.74
N GLU I 281 29.03 -36.79 20.89
CA GLU I 281 28.97 -36.11 22.17
C GLU I 281 30.22 -35.30 22.44
N ASN I 282 31.30 -35.57 21.72
CA ASN I 282 32.54 -34.85 21.90
C ASN I 282 32.77 -33.84 20.79
N GLY I 283 31.79 -33.65 19.91
CA GLY I 283 31.91 -32.62 18.91
C GLY I 283 32.67 -33.02 17.68
N THR I 284 32.79 -34.32 17.40
CA THR I 284 33.52 -34.78 16.24
C THR I 284 32.54 -35.40 15.26
N ILE I 285 32.77 -35.17 13.98
CA ILE I 285 31.90 -35.68 12.94
C ILE I 285 32.19 -37.17 12.78
N THR I 286 31.15 -37.99 12.86
CA THR I 286 31.37 -39.42 12.73
C THR I 286 30.79 -40.01 11.46
N ASP I 287 29.72 -39.45 10.91
CA ASP I 287 29.15 -39.96 9.68
C ASP I 287 28.55 -38.79 8.91
N ALA I 288 28.32 -39.02 7.62
CA ALA I 288 27.77 -37.98 6.78
C ALA I 288 27.02 -38.64 5.64
N VAL I 289 26.05 -37.92 5.11
CA VAL I 289 25.23 -38.43 4.02
C VAL I 289 25.24 -37.41 2.89
N ASP I 290 25.56 -37.86 1.69
CA ASP I 290 25.49 -36.99 0.52
C ASP I 290 24.03 -36.85 0.17
N CYS I 291 23.50 -35.66 0.34
CA CYS I 291 22.05 -35.50 0.24
C CYS I 291 21.52 -35.71 -1.16
N ALA I 292 22.33 -35.64 -2.19
CA ALA I 292 21.83 -35.70 -3.55
C ALA I 292 22.47 -36.83 -4.34
N LEU I 293 22.89 -37.88 -3.66
CA LEU I 293 23.55 -38.99 -4.33
C LEU I 293 22.54 -39.96 -4.93
N ASP I 294 21.71 -40.53 -4.10
CA ASP I 294 20.77 -41.55 -4.53
C ASP I 294 19.46 -41.39 -3.80
N PRO I 295 18.40 -42.09 -4.19
CA PRO I 295 17.12 -41.87 -3.52
C PRO I 295 17.13 -42.16 -2.04
N LEU I 296 17.82 -43.21 -1.60
CA LEU I 296 17.79 -43.52 -0.18
C LEU I 296 18.46 -42.44 0.64
N SER I 297 19.59 -41.92 0.17
CA SER I 297 20.21 -40.83 0.89
C SER I 297 19.31 -39.62 0.94
N GLU I 298 18.58 -39.37 -0.14
CA GLU I 298 17.69 -38.21 -0.12
C GLU I 298 16.57 -38.39 0.89
N THR I 299 16.07 -39.62 1.04
CA THR I 299 15.05 -39.85 2.04
C THR I 299 15.60 -39.62 3.43
N LYS I 300 16.82 -40.10 3.68
CA LYS I 300 17.45 -39.79 4.95
C LYS I 300 17.53 -38.29 5.15
N CYS I 301 17.83 -37.55 4.08
CA CYS I 301 17.95 -36.10 4.24
C CYS I 301 16.64 -35.48 4.66
N THR I 302 15.53 -36.03 4.19
CA THR I 302 14.28 -35.40 4.60
C THR I 302 13.92 -35.78 6.02
N LEU I 303 14.04 -37.06 6.36
CA LEU I 303 13.59 -37.43 7.70
C LEU I 303 14.60 -37.09 8.78
N LYS I 304 15.81 -36.68 8.40
CA LYS I 304 16.86 -36.34 9.35
C LYS I 304 17.12 -37.50 10.32
N SER I 305 17.30 -38.69 9.77
CA SER I 305 17.52 -39.87 10.59
C SER I 305 18.26 -40.90 9.77
N PHE I 306 19.31 -41.48 10.34
CA PHE I 306 20.09 -42.45 9.59
C PHE I 306 19.34 -43.75 9.35
N THR I 307 18.34 -44.06 10.16
CA THR I 307 17.55 -45.27 10.00
C THR I 307 16.13 -44.91 9.64
N VAL I 308 15.68 -45.30 8.44
CA VAL I 308 14.31 -45.07 8.00
C VAL I 308 13.57 -46.40 8.04
N GLU I 309 12.38 -46.39 8.60
CA GLU I 309 11.57 -47.58 8.75
C GLU I 309 10.80 -47.88 7.47
N LYS I 310 10.21 -49.07 7.42
CA LYS I 310 9.45 -49.48 6.25
C LYS I 310 8.29 -48.53 6.00
N GLY I 311 8.16 -48.09 4.75
CA GLY I 311 7.07 -47.22 4.39
C GLY I 311 7.38 -46.50 3.09
N ILE I 312 6.50 -45.56 2.75
CA ILE I 312 6.62 -44.76 1.54
C ILE I 312 6.78 -43.30 1.93
N TYR I 313 7.73 -42.63 1.31
CA TYR I 313 8.07 -41.26 1.69
C TYR I 313 8.12 -40.39 0.44
N GLN I 314 7.53 -39.21 0.53
CA GLN I 314 7.55 -38.25 -0.57
C GLN I 314 8.79 -37.37 -0.49
N THR I 315 9.79 -37.68 -1.31
CA THR I 315 11.05 -36.99 -1.17
C THR I 315 11.08 -35.65 -1.90
N SER I 316 10.68 -35.58 -3.16
CA SER I 316 10.84 -34.33 -3.90
C SER I 316 9.90 -34.29 -5.10
N ASN I 317 10.12 -33.29 -5.97
CA ASN I 317 9.37 -33.13 -7.21
C ASN I 317 10.33 -32.91 -8.37
N PHE I 318 9.88 -33.29 -9.56
CA PHE I 318 10.66 -33.12 -10.77
C PHE I 318 9.80 -32.35 -11.77
N ARG I 319 10.45 -31.72 -12.74
CA ARG I 319 9.70 -30.98 -13.75
C ARG I 319 10.55 -30.94 -15.01
N VAL I 320 10.01 -31.51 -16.10
CA VAL I 320 10.76 -31.60 -17.34
C VAL I 320 11.09 -30.20 -17.82
N GLN I 321 12.33 -30.00 -18.18
CA GLN I 321 12.75 -28.65 -18.52
C GLN I 321 12.42 -28.29 -19.96
N PRO I 322 12.25 -27.01 -20.25
CA PRO I 322 11.99 -26.60 -21.63
C PRO I 322 13.23 -26.83 -22.48
N THR I 323 13.02 -27.36 -23.67
CA THR I 323 14.13 -27.69 -24.55
C THR I 323 14.48 -26.58 -25.54
N GLU I 324 13.66 -25.55 -25.69
CA GLU I 324 13.95 -24.57 -26.73
C GLU I 324 13.28 -23.24 -26.43
N SER I 325 13.71 -22.24 -27.19
CA SER I 325 13.22 -20.87 -27.15
C SER I 325 12.80 -20.48 -28.57
N ILE I 326 11.70 -19.75 -28.71
CA ILE I 326 11.11 -19.43 -30.00
C ILE I 326 10.99 -17.91 -30.09
N VAL I 327 11.94 -17.31 -30.80
CA VAL I 327 12.36 -15.92 -30.95
C VAL I 327 11.45 -14.79 -30.44
N ARG I 328 10.31 -15.11 -29.82
CA ARG I 328 9.46 -14.05 -29.28
C ARG I 328 9.10 -12.96 -30.29
N PHE I 329 8.62 -13.36 -31.45
CA PHE I 329 8.26 -12.30 -32.38
C PHE I 329 6.94 -12.46 -33.09
N PRO I 330 6.33 -11.33 -33.44
CA PRO I 330 5.12 -11.33 -34.25
C PRO I 330 5.62 -11.35 -35.69
N ASN I 331 4.81 -10.97 -36.66
CA ASN I 331 5.29 -11.06 -38.04
C ASN I 331 4.96 -9.77 -38.75
N ILE I 332 5.95 -9.21 -39.44
CA ILE I 332 5.82 -7.94 -40.16
C ILE I 332 5.47 -8.16 -41.62
N THR I 333 5.82 -7.17 -42.46
CA THR I 333 5.11 -6.96 -43.72
C THR I 333 5.63 -5.78 -44.53
N ASN I 334 5.93 -4.64 -43.91
CA ASN I 334 6.39 -3.50 -44.68
C ASN I 334 7.03 -2.45 -43.78
N LEU I 335 7.86 -1.61 -44.41
CA LEU I 335 8.52 -0.51 -43.74
C LEU I 335 7.85 0.79 -44.18
N CYS I 336 8.61 1.87 -44.35
CA CYS I 336 8.07 3.15 -44.75
C CYS I 336 8.90 3.76 -45.88
N PRO I 337 8.64 5.02 -46.29
CA PRO I 337 9.47 5.64 -47.34
C PRO I 337 10.86 6.04 -46.86
N PHE I 338 11.82 5.16 -47.03
CA PHE I 338 13.23 5.50 -46.82
C PHE I 338 13.97 5.60 -48.14
N ASP I 339 13.67 4.75 -49.11
CA ASP I 339 14.27 4.91 -50.42
C ASP I 339 13.63 6.05 -51.19
N GLU I 340 12.84 6.87 -50.49
CA GLU I 340 12.24 8.08 -51.02
C GLU I 340 12.71 9.27 -50.21
N VAL I 341 13.59 9.03 -49.25
CA VAL I 341 14.25 10.07 -48.48
C VAL I 341 15.75 10.00 -48.66
N PHE I 342 16.28 8.88 -49.14
CA PHE I 342 17.70 8.67 -49.30
C PHE I 342 18.09 8.50 -50.75
N ASN I 343 17.14 8.15 -51.61
CA ASN I 343 17.37 7.98 -53.03
C ASN I 343 16.64 9.06 -53.84
N ALA I 344 16.33 10.17 -53.18
CA ALA I 344 15.63 11.26 -53.85
C ALA I 344 16.45 11.79 -55.01
N THR I 345 15.76 12.11 -56.11
CA THR I 345 16.43 12.61 -57.30
C THR I 345 17.05 13.98 -57.06
N ARG I 346 16.27 14.92 -56.53
CA ARG I 346 16.74 16.28 -56.33
C ARG I 346 16.53 16.73 -54.90
N PHE I 347 17.58 17.27 -54.29
CA PHE I 347 17.56 17.75 -52.93
C PHE I 347 17.23 19.24 -52.88
N ALA I 348 16.64 19.64 -51.76
CA ALA I 348 16.26 21.03 -51.52
C ALA I 348 17.48 21.84 -51.08
N SER I 349 17.29 23.16 -51.04
CA SER I 349 18.37 24.03 -50.62
C SER I 349 18.43 24.11 -49.10
N VAL I 350 19.45 24.80 -48.60
CA VAL I 350 19.63 24.88 -47.15
C VAL I 350 18.47 25.62 -46.50
N TYR I 351 17.98 26.66 -47.16
CA TYR I 351 16.90 27.48 -46.62
C TYR I 351 15.53 26.97 -46.99
N ALA I 352 15.45 25.80 -47.62
CA ALA I 352 14.16 25.25 -48.08
C ALA I 352 14.10 23.77 -47.80
N TRP I 353 14.61 23.34 -46.64
CA TRP I 353 14.64 21.92 -46.32
C TRP I 353 13.23 21.30 -46.43
N ASN I 354 13.19 20.04 -46.82
CA ASN I 354 11.95 19.32 -47.08
C ASN I 354 11.50 18.51 -45.87
N ARG I 355 10.74 19.16 -44.99
CA ARG I 355 10.28 18.49 -43.79
C ARG I 355 9.31 17.37 -44.16
N LYS I 356 9.32 16.31 -43.36
CA LYS I 356 8.47 15.16 -43.59
C LYS I 356 8.21 14.49 -42.26
N ARG I 357 7.15 13.69 -42.21
CA ARG I 357 6.85 12.85 -41.07
C ARG I 357 6.95 11.39 -41.49
N ILE I 358 7.44 10.55 -40.59
CA ILE I 358 7.61 9.14 -40.85
C ILE I 358 7.07 8.38 -39.64
N SER I 359 5.83 7.90 -39.76
CA SER I 359 5.21 7.08 -38.74
C SER I 359 4.55 5.87 -39.40
N ASN I 360 3.89 5.06 -38.58
CA ASN I 360 3.12 3.89 -39.03
C ASN I 360 3.90 3.02 -40.01
N CYS I 361 4.99 2.43 -39.53
CA CYS I 361 5.78 1.53 -40.37
C CYS I 361 6.64 0.67 -39.47
N VAL I 362 6.99 -0.51 -39.98
CA VAL I 362 7.94 -1.38 -39.28
C VAL I 362 9.33 -0.89 -39.64
N ALA I 363 9.93 -0.09 -38.77
CA ALA I 363 11.10 0.71 -39.12
C ALA I 363 12.35 -0.09 -38.79
N ASP I 364 13.18 -0.34 -39.80
CA ASP I 364 14.45 -1.02 -39.64
C ASP I 364 15.53 0.01 -39.93
N TYR I 365 16.22 0.44 -38.89
CA TYR I 365 17.25 1.45 -39.08
C TYR I 365 18.57 0.87 -39.56
N SER I 366 18.60 -0.40 -39.98
CA SER I 366 19.83 -0.98 -40.51
C SER I 366 19.77 -1.22 -42.00
N VAL I 367 18.69 -0.84 -42.67
CA VAL I 367 18.70 -0.88 -44.13
C VAL I 367 19.49 0.31 -44.67
N LEU I 368 19.71 1.32 -43.82
CA LEU I 368 20.49 2.48 -44.22
C LEU I 368 21.90 2.07 -44.64
N TYR I 369 22.54 1.21 -43.85
CA TYR I 369 23.97 1.00 -43.96
C TYR I 369 24.38 0.38 -45.28
N ASN I 370 23.45 -0.26 -45.98
CA ASN I 370 23.72 -0.80 -47.30
C ASN I 370 23.63 0.25 -48.40
N PHE I 371 23.44 1.52 -48.05
CA PHE I 371 23.28 2.56 -49.06
C PHE I 371 24.64 3.02 -49.57
N ALA I 372 25.47 3.56 -48.69
CA ALA I 372 26.61 4.36 -49.12
C ALA I 372 27.72 4.31 -48.08
N PRO I 373 28.89 4.92 -48.32
CA PRO I 373 29.96 4.90 -47.30
C PRO I 373 29.63 5.67 -46.03
N PHE I 374 28.58 6.49 -46.03
CA PHE I 374 28.13 7.22 -44.84
C PHE I 374 29.29 8.02 -44.24
N PHE I 375 29.70 9.03 -44.98
CA PHE I 375 30.80 9.89 -44.54
C PHE I 375 30.60 10.43 -43.13
N ALA I 376 29.45 11.04 -42.88
CA ALA I 376 29.15 11.63 -41.59
C ALA I 376 28.01 10.83 -40.96
N PHE I 377 28.31 10.16 -39.86
CA PHE I 377 27.29 9.40 -39.14
C PHE I 377 27.67 9.44 -37.66
N LYS I 378 26.93 10.26 -36.91
CA LYS I 378 27.14 10.43 -35.48
C LYS I 378 25.77 10.58 -34.83
N CYS I 379 25.50 9.82 -33.77
CA CYS I 379 24.17 9.85 -33.17
C CYS I 379 24.23 10.42 -31.77
N TYR I 380 23.25 11.28 -31.45
CA TYR I 380 23.14 11.92 -30.15
C TYR I 380 21.94 11.36 -29.39
N GLY I 381 22.17 10.99 -28.14
CA GLY I 381 21.10 10.56 -27.26
C GLY I 381 20.70 9.10 -27.35
N VAL I 382 21.11 8.40 -28.40
CA VAL I 382 20.68 7.02 -28.59
C VAL I 382 21.67 6.32 -29.50
N SER I 383 21.97 5.09 -29.19
CA SER I 383 22.92 4.38 -30.03
C SER I 383 22.21 3.88 -31.28
N PRO I 384 22.89 3.90 -32.43
CA PRO I 384 22.25 3.41 -33.65
C PRO I 384 21.98 1.93 -33.58
N THR I 385 22.79 1.19 -32.83
CA THR I 385 22.60 -0.26 -32.73
C THR I 385 21.25 -0.59 -32.12
N LYS I 386 20.88 0.11 -31.04
CA LYS I 386 19.62 -0.15 -30.35
C LYS I 386 18.53 0.82 -30.80
N LEU I 387 18.55 1.23 -32.06
CA LEU I 387 17.53 2.15 -32.54
C LEU I 387 16.28 1.40 -32.98
N ASN I 388 16.47 0.36 -33.79
CA ASN I 388 15.36 -0.36 -34.41
C ASN I 388 14.32 -0.78 -33.37
N ASP I 389 14.72 -0.89 -32.10
CA ASP I 389 13.81 -1.37 -31.07
C ASP I 389 12.98 -0.25 -30.45
N LEU I 390 13.58 0.92 -30.23
CA LEU I 390 12.88 1.99 -29.55
C LEU I 390 11.74 2.50 -30.43
N CYS I 391 10.72 3.08 -29.81
CA CYS I 391 9.56 3.56 -30.55
C CYS I 391 9.41 5.06 -30.38
N PHE I 392 8.74 5.69 -31.34
CA PHE I 392 8.71 7.14 -31.44
C PHE I 392 7.31 7.61 -31.80
N THR I 393 7.07 8.90 -31.57
CA THR I 393 5.77 9.47 -31.88
C THR I 393 5.68 9.75 -33.37
N ASN I 394 6.53 10.67 -33.84
CA ASN I 394 6.60 11.09 -35.22
C ASN I 394 8.06 11.36 -35.53
N VAL I 395 8.56 10.76 -36.60
CA VAL I 395 9.98 10.83 -36.94
C VAL I 395 10.06 11.71 -38.18
N TYR I 396 10.70 12.86 -38.04
CA TYR I 396 10.85 13.79 -39.14
C TYR I 396 12.22 13.67 -39.78
N ALA I 397 12.24 13.89 -41.10
CA ALA I 397 13.45 13.77 -41.90
C ALA I 397 13.56 14.98 -42.82
N ASP I 398 14.68 15.67 -42.76
CA ASP I 398 14.91 16.86 -43.59
C ASP I 398 16.13 16.60 -44.44
N SER I 399 15.97 16.74 -45.75
CA SER I 399 17.01 16.42 -46.71
C SER I 399 17.33 17.66 -47.53
N PHE I 400 18.61 17.94 -47.69
CA PHE I 400 19.07 19.07 -48.49
C PHE I 400 20.55 18.89 -48.76
N VAL I 401 21.19 19.92 -49.29
CA VAL I 401 22.58 19.88 -49.71
C VAL I 401 23.27 21.13 -49.19
N ILE I 402 24.51 20.96 -48.69
CA ILE I 402 25.27 22.05 -48.13
C ILE I 402 26.67 22.01 -48.71
N ARG I 403 27.52 22.92 -48.25
CA ARG I 403 28.90 22.95 -48.68
C ARG I 403 29.76 22.00 -47.84
N GLY I 404 31.04 21.94 -48.17
CA GLY I 404 31.93 21.03 -47.48
C GLY I 404 32.29 21.49 -46.10
N ASN I 405 32.83 22.71 -45.99
CA ASN I 405 33.33 23.20 -44.71
C ASN I 405 32.22 23.75 -43.85
N GLU I 406 30.97 23.46 -44.19
CA GLU I 406 29.84 23.96 -43.43
C GLU I 406 29.06 22.83 -42.78
N VAL I 407 29.53 21.59 -42.93
CA VAL I 407 28.87 20.46 -42.32
C VAL I 407 29.00 20.51 -40.80
N SER I 408 30.04 21.19 -40.30
CA SER I 408 30.25 21.31 -38.86
C SER I 408 29.21 22.15 -38.15
N GLN I 409 28.48 23.02 -38.84
CA GLN I 409 27.59 23.92 -38.12
C GLN I 409 26.28 23.27 -37.71
N ILE I 410 25.98 22.08 -38.24
CA ILE I 410 24.76 21.36 -37.87
C ILE I 410 25.12 20.46 -36.69
N ALA I 411 25.02 21.02 -35.48
CA ALA I 411 25.31 20.29 -34.26
C ALA I 411 24.53 20.96 -33.13
N PRO I 412 24.27 20.22 -32.05
CA PRO I 412 23.47 20.80 -30.96
C PRO I 412 24.22 21.93 -30.27
N GLY I 413 23.63 23.12 -30.30
CA GLY I 413 24.15 24.28 -29.59
C GLY I 413 25.25 25.01 -30.32
N GLN I 414 25.46 24.71 -31.59
CA GLN I 414 26.55 25.29 -32.36
C GLN I 414 26.04 26.45 -33.20
N THR I 415 26.72 27.58 -33.12
CA THR I 415 26.33 28.79 -33.81
C THR I 415 27.16 28.95 -35.08
N GLY I 416 26.57 29.60 -36.09
CA GLY I 416 27.29 29.77 -37.33
C GLY I 416 26.61 30.67 -38.35
N ASN I 417 26.59 30.27 -39.60
CA ASN I 417 25.91 31.04 -40.63
C ASN I 417 24.78 30.30 -41.32
N ILE I 418 24.84 28.98 -41.43
CA ILE I 418 23.70 28.24 -41.93
C ILE I 418 22.82 27.78 -40.78
N ALA I 419 23.38 27.68 -39.58
CA ALA I 419 22.62 27.25 -38.42
C ALA I 419 21.85 28.42 -37.84
N ASP I 420 22.46 29.59 -37.84
CA ASP I 420 21.85 30.78 -37.28
C ASP I 420 20.98 31.54 -38.27
N TYR I 421 21.10 31.28 -39.57
CA TYR I 421 20.30 32.02 -40.52
C TYR I 421 19.18 31.25 -41.21
N ASN I 422 19.39 30.01 -41.68
CA ASN I 422 18.32 29.34 -42.40
C ASN I 422 17.97 27.92 -41.96
N TYR I 423 18.69 27.32 -41.02
CA TYR I 423 18.23 26.04 -40.47
C TYR I 423 18.94 25.79 -39.14
N LYS I 424 18.17 25.65 -38.07
CA LYS I 424 18.76 25.55 -36.73
C LYS I 424 18.07 24.44 -35.96
N LEU I 425 18.87 23.59 -35.33
CA LEU I 425 18.33 22.50 -34.54
C LEU I 425 18.66 22.70 -33.07
N PRO I 426 17.81 22.22 -32.15
CA PRO I 426 17.93 22.64 -30.75
C PRO I 426 19.20 22.18 -30.08
N ASP I 427 19.40 22.63 -28.84
CA ASP I 427 20.54 22.16 -28.07
C ASP I 427 20.21 20.86 -27.37
N ASP I 428 18.93 20.67 -27.06
CA ASP I 428 18.39 19.45 -26.48
C ASP I 428 17.90 18.48 -27.55
N PHE I 429 18.51 18.51 -28.72
CA PHE I 429 18.08 17.67 -29.82
C PHE I 429 18.30 16.20 -29.53
N THR I 430 17.30 15.39 -29.88
CA THR I 430 17.40 13.95 -29.75
C THR I 430 17.02 13.33 -31.09
N GLY I 431 17.92 12.50 -31.60
CA GLY I 431 17.85 11.98 -32.96
C GLY I 431 19.28 11.89 -33.44
N CYS I 432 19.51 12.04 -34.75
CA CYS I 432 20.86 12.20 -35.27
C CYS I 432 20.83 12.47 -36.77
N VAL I 433 22.03 12.78 -37.28
CA VAL I 433 22.27 13.33 -38.60
C VAL I 433 23.12 12.35 -39.40
N ILE I 434 22.87 12.31 -40.72
CA ILE I 434 23.54 11.37 -41.61
C ILE I 434 23.92 12.13 -42.88
N ALA I 435 25.22 12.28 -43.11
CA ALA I 435 25.75 13.03 -44.25
C ALA I 435 26.76 12.16 -44.98
N TRP I 436 26.62 12.06 -46.29
CA TRP I 436 27.52 11.29 -47.14
C TRP I 436 27.88 12.17 -48.33
N ASN I 437 29.18 12.44 -48.49
CA ASN I 437 29.63 13.33 -49.55
C ASN I 437 29.00 12.96 -50.88
N SER I 438 28.32 13.94 -51.48
CA SER I 438 27.70 13.76 -52.79
C SER I 438 27.96 15.03 -53.59
N ASN I 439 29.01 15.00 -54.40
CA ASN I 439 29.35 16.07 -55.32
C ASN I 439 29.40 15.53 -56.75
N LYS I 440 28.89 14.33 -56.94
CA LYS I 440 28.68 13.67 -58.23
C LYS I 440 27.33 14.01 -58.85
N LEU I 441 26.41 14.60 -58.11
CA LEU I 441 25.08 14.89 -58.61
C LEU I 441 24.71 16.36 -58.50
N ASP I 442 25.61 17.21 -58.02
CA ASP I 442 25.29 18.59 -57.68
C ASP I 442 26.19 19.65 -58.29
N SER I 443 27.39 19.31 -58.76
CA SER I 443 28.33 20.30 -59.26
C SER I 443 28.31 20.33 -60.78
N LYS I 444 28.05 21.50 -61.34
CA LYS I 444 28.05 21.69 -62.78
C LYS I 444 29.29 22.45 -63.22
N VAL I 445 29.64 22.31 -64.49
CA VAL I 445 30.79 23.01 -65.04
C VAL I 445 30.38 24.47 -65.24
N GLY I 446 30.93 25.34 -64.41
CA GLY I 446 30.60 26.75 -64.44
C GLY I 446 29.98 27.24 -63.16
N GLY I 447 29.45 26.34 -62.33
CA GLY I 447 28.81 26.74 -61.09
C GLY I 447 27.32 26.46 -61.12
N ASN I 448 26.86 25.55 -60.28
CA ASN I 448 25.43 25.23 -60.25
C ASN I 448 24.77 26.27 -59.37
N TYR I 449 24.21 27.31 -59.99
CA TYR I 449 23.58 28.40 -59.26
C TYR I 449 22.12 28.06 -59.00
N ASN I 450 21.91 27.05 -58.17
CA ASN I 450 20.57 26.63 -57.81
C ASN I 450 20.33 26.59 -56.31
N TYR I 451 21.38 26.42 -55.52
CA TYR I 451 21.27 26.38 -54.06
C TYR I 451 21.87 27.64 -53.46
N ARG I 452 21.09 28.30 -52.63
CA ARG I 452 21.47 29.51 -51.95
C ARG I 452 21.36 29.31 -50.44
N TYR I 453 21.72 30.35 -49.70
CA TYR I 453 21.72 30.32 -48.24
C TYR I 453 21.71 31.73 -47.71
N ARG I 454 20.81 31.99 -46.77
CA ARG I 454 20.69 33.31 -46.15
C ARG I 454 21.98 33.73 -45.45
N LEU I 455 22.57 34.82 -45.94
CA LEU I 455 23.79 35.36 -45.35
C LEU I 455 23.51 36.50 -44.38
N PHE I 456 22.43 37.25 -44.60
CA PHE I 456 22.05 38.36 -43.73
C PHE I 456 20.61 38.18 -43.24
N ARG I 457 20.37 38.58 -42.00
CA ARG I 457 19.05 38.54 -41.39
C ARG I 457 19.14 39.44 -40.15
N LYS I 458 18.14 39.37 -39.28
CA LYS I 458 18.16 40.20 -38.09
C LYS I 458 18.61 39.44 -36.84
N SER I 459 18.02 38.28 -36.57
CA SER I 459 18.39 37.51 -35.39
C SER I 459 18.38 36.03 -35.74
N ASN I 460 18.55 35.20 -34.72
CA ASN I 460 18.51 33.76 -34.87
C ASN I 460 17.07 33.30 -35.08
N LEU I 461 16.94 32.04 -35.50
CA LEU I 461 15.66 31.41 -35.74
C LEU I 461 15.44 30.33 -34.70
N LYS I 462 14.19 30.00 -34.47
CA LYS I 462 13.93 28.96 -33.48
C LYS I 462 14.23 27.61 -34.10
N PRO I 463 14.43 26.58 -33.28
CA PRO I 463 14.74 25.26 -33.83
C PRO I 463 13.66 24.77 -34.79
N PHE I 464 14.09 24.23 -35.92
CA PHE I 464 13.20 23.67 -36.94
C PHE I 464 12.21 24.73 -37.43
N GLU I 465 12.72 25.94 -37.61
CA GLU I 465 11.97 27.08 -38.12
C GLU I 465 12.50 27.39 -39.52
N ARG I 466 11.68 27.21 -40.54
CA ARG I 466 12.12 27.45 -41.90
C ARG I 466 11.45 28.71 -42.41
N ASP I 467 12.25 29.56 -43.04
CA ASP I 467 11.76 30.81 -43.60
C ASP I 467 12.27 30.92 -45.02
N ILE I 468 11.44 31.53 -45.87
CA ILE I 468 11.72 31.59 -47.30
C ILE I 468 11.93 33.02 -47.78
N SER I 469 11.49 34.02 -47.02
CA SER I 469 11.56 35.42 -47.41
C SER I 469 12.92 35.77 -48.02
N THR I 470 12.87 36.49 -49.12
CA THR I 470 14.05 36.88 -49.89
C THR I 470 14.06 38.39 -50.08
N GLU I 471 13.63 39.11 -49.05
CA GLU I 471 13.64 40.57 -49.09
C GLU I 471 15.07 41.09 -49.13
N ILE I 472 15.21 42.35 -49.53
CA ILE I 472 16.51 43.00 -49.55
C ILE I 472 16.86 43.45 -48.14
N TYR I 473 18.04 43.07 -47.68
CA TYR I 473 18.42 43.33 -46.29
C TYR I 473 18.48 44.82 -46.00
N GLN I 474 18.32 45.16 -44.72
CA GLN I 474 18.30 46.56 -44.30
C GLN I 474 19.69 47.18 -44.47
N ALA I 475 19.76 48.49 -44.21
CA ALA I 475 21.03 49.20 -44.17
C ALA I 475 21.05 50.22 -43.05
N GLY I 476 20.55 49.83 -41.87
CA GLY I 476 20.61 50.70 -40.72
C GLY I 476 19.64 51.85 -40.82
N ASN I 477 19.90 52.80 -41.72
CA ASN I 477 18.90 53.78 -42.09
C ASN I 477 17.95 53.16 -43.13
N LYS I 478 17.03 53.97 -43.65
CA LYS I 478 16.19 53.51 -44.75
C LYS I 478 17.05 53.04 -45.92
N PRO I 479 17.02 51.77 -46.28
CA PRO I 479 18.03 51.22 -47.20
C PRO I 479 17.68 51.60 -48.65
N CYS I 480 18.49 51.08 -49.56
CA CYS I 480 18.29 51.24 -51.01
C CYS I 480 17.51 50.07 -51.63
N ASN I 481 16.26 49.94 -51.18
CA ASN I 481 15.34 48.89 -51.60
C ASN I 481 15.33 48.63 -53.11
N GLY I 482 15.77 47.44 -53.51
CA GLY I 482 15.79 47.01 -54.90
C GLY I 482 16.82 47.69 -55.78
N VAL I 483 17.88 48.23 -55.18
CA VAL I 483 18.98 48.85 -55.92
C VAL I 483 20.20 48.57 -55.04
N ALA I 484 21.37 49.07 -55.43
CA ALA I 484 22.58 48.82 -54.65
C ALA I 484 22.97 50.09 -53.89
N GLY I 485 23.88 49.91 -52.93
CA GLY I 485 24.31 51.03 -52.10
C GLY I 485 25.04 50.56 -50.85
N VAL I 486 24.82 51.24 -49.73
CA VAL I 486 25.62 50.99 -48.52
C VAL I 486 25.44 49.54 -48.06
N ASN I 487 24.24 49.17 -47.60
CA ASN I 487 24.00 47.77 -47.25
C ASN I 487 22.65 47.31 -47.79
N CYS I 488 22.57 47.09 -49.09
CA CYS I 488 21.38 46.51 -49.71
C CYS I 488 21.87 45.16 -50.24
N TYR I 489 21.88 44.16 -49.38
CA TYR I 489 22.48 42.87 -49.69
C TYR I 489 21.41 41.79 -49.67
N PHE I 490 21.17 41.16 -50.82
CA PHE I 490 20.25 40.02 -50.87
C PHE I 490 20.67 39.06 -49.78
N PRO I 491 19.75 38.34 -49.15
CA PRO I 491 20.17 37.52 -48.00
C PRO I 491 20.76 36.22 -48.48
N LEU I 492 20.28 35.75 -49.62
CA LEU I 492 20.71 34.48 -50.18
C LEU I 492 21.87 34.69 -51.13
N GLN I 493 22.75 33.69 -51.19
CA GLN I 493 23.90 33.70 -52.07
C GLN I 493 24.03 32.30 -52.62
N SER I 494 24.20 32.18 -53.93
CA SER I 494 24.25 30.84 -54.48
C SER I 494 25.63 30.23 -54.26
N TYR I 495 25.64 28.92 -54.12
CA TYR I 495 26.90 28.21 -53.93
C TYR I 495 27.66 28.10 -55.24
N GLY I 496 26.98 27.65 -56.30
CA GLY I 496 27.63 27.55 -57.60
C GLY I 496 28.71 26.49 -57.60
N PHE I 497 28.30 25.23 -57.48
CA PHE I 497 29.27 24.15 -57.43
C PHE I 497 29.80 23.83 -58.82
N ARG I 498 31.09 23.51 -58.86
CA ARG I 498 31.78 23.10 -60.07
C ARG I 498 32.73 21.98 -59.69
N PRO I 499 33.17 21.18 -60.66
CA PRO I 499 34.00 20.01 -60.34
C PRO I 499 35.45 20.33 -60.07
N THR I 500 35.78 21.61 -59.85
CA THR I 500 37.12 22.05 -59.47
C THR I 500 37.18 22.52 -58.03
N TYR I 501 36.04 22.55 -57.33
CA TYR I 501 36.03 23.01 -55.95
C TYR I 501 36.77 22.05 -55.04
N GLY I 502 37.43 22.61 -54.04
CA GLY I 502 38.08 21.82 -53.01
C GLY I 502 37.05 21.10 -52.16
N VAL I 503 37.53 20.14 -51.37
CA VAL I 503 36.63 19.33 -50.56
C VAL I 503 35.85 20.20 -49.59
N GLY I 504 36.37 21.38 -49.26
CA GLY I 504 35.65 22.31 -48.41
C GLY I 504 34.51 22.99 -49.14
N HIS I 505 34.56 23.02 -50.47
CA HIS I 505 33.55 23.68 -51.28
C HIS I 505 32.71 22.67 -52.05
N GLN I 506 32.74 21.47 -51.66
CA GLN I 506 31.94 20.54 -52.43
C GLN I 506 30.54 20.40 -51.85
N PRO I 507 29.57 20.09 -52.68
CA PRO I 507 28.21 19.89 -52.17
C PRO I 507 28.12 18.59 -51.38
N TYR I 508 27.32 18.62 -50.34
CA TYR I 508 27.13 17.45 -49.48
C TYR I 508 25.65 17.29 -49.20
N ARG I 509 25.08 16.13 -49.51
CA ARG I 509 23.71 15.87 -49.13
C ARG I 509 23.68 15.31 -47.73
N VAL I 510 22.65 15.69 -46.97
CA VAL I 510 22.60 15.44 -45.54
C VAL I 510 21.15 15.24 -45.12
N VAL I 511 20.92 14.24 -44.26
CA VAL I 511 19.59 14.00 -43.73
C VAL I 511 19.70 13.94 -42.21
N VAL I 512 18.76 14.61 -41.54
CA VAL I 512 18.69 14.69 -40.09
C VAL I 512 17.38 14.09 -39.62
N LEU I 513 17.45 13.14 -38.69
CA LEU I 513 16.25 12.52 -38.16
C LEU I 513 15.99 13.06 -36.76
N SER I 514 14.77 13.56 -36.57
CA SER I 514 14.30 14.12 -35.31
C SER I 514 13.22 13.20 -34.79
N PHE I 515 13.40 12.70 -33.59
CA PHE I 515 12.45 11.76 -33.03
C PHE I 515 11.52 12.50 -32.07
N GLU I 516 10.52 11.77 -31.60
CA GLU I 516 9.70 12.24 -30.49
C GLU I 516 9.41 11.05 -29.59
N LEU I 517 9.52 11.29 -28.28
CA LEU I 517 9.46 10.24 -27.29
C LEU I 517 8.42 10.53 -26.23
N LEU I 518 7.93 11.76 -26.15
CA LEU I 518 6.98 12.17 -25.13
C LEU I 518 5.58 11.81 -25.58
N HIS I 519 4.88 11.01 -24.78
CA HIS I 519 3.52 10.59 -25.07
C HIS I 519 3.41 9.96 -26.46
N ALA I 520 4.17 8.86 -26.65
CA ALA I 520 4.14 8.43 -28.03
C ALA I 520 3.20 7.26 -28.24
N PRO I 521 2.35 7.32 -29.26
CA PRO I 521 1.55 6.16 -29.65
C PRO I 521 2.39 5.29 -30.57
N ALA I 522 3.18 4.36 -30.03
CA ALA I 522 4.20 3.67 -30.82
C ALA I 522 3.64 3.26 -32.18
N THR I 523 4.17 3.88 -33.22
CA THR I 523 3.63 3.74 -34.57
C THR I 523 4.73 3.40 -35.56
N VAL I 524 5.96 3.78 -35.24
CA VAL I 524 7.10 3.52 -36.11
C VAL I 524 8.25 2.95 -35.28
N CYS I 525 8.31 1.62 -35.23
CA CYS I 525 9.32 0.81 -34.56
C CYS I 525 9.03 -0.66 -34.88
N GLY I 526 10.08 -1.46 -35.01
CA GLY I 526 9.91 -2.88 -35.31
C GLY I 526 11.13 -3.51 -35.92
N PRO I 527 11.86 -4.36 -35.19
CA PRO I 527 12.57 -5.44 -35.90
C PRO I 527 11.71 -6.66 -36.11
N LYS I 528 11.15 -7.19 -35.01
CA LYS I 528 10.26 -8.36 -35.05
C LYS I 528 10.90 -9.56 -35.76
N LYS I 529 12.00 -10.06 -35.21
CA LYS I 529 12.64 -11.23 -35.81
C LYS I 529 11.72 -12.43 -35.61
N SER I 530 11.16 -12.95 -36.70
CA SER I 530 10.06 -13.90 -36.60
C SER I 530 10.44 -15.27 -36.06
N THR I 531 9.66 -15.72 -35.08
CA THR I 531 9.85 -17.00 -34.42
C THR I 531 9.75 -18.16 -35.41
N ASN I 532 10.78 -19.00 -35.46
CA ASN I 532 10.63 -20.25 -36.19
C ASN I 532 9.85 -21.20 -35.31
N LEU I 533 8.99 -22.02 -35.92
CA LEU I 533 8.06 -22.81 -35.13
C LEU I 533 8.62 -24.19 -34.78
N VAL I 534 8.37 -24.62 -33.54
CA VAL I 534 8.74 -25.93 -33.03
C VAL I 534 7.48 -26.61 -32.51
N LYS I 535 7.32 -27.89 -32.79
CA LYS I 535 6.14 -28.60 -32.30
C LYS I 535 6.50 -29.84 -31.50
N ASN I 536 5.58 -30.22 -30.61
CA ASN I 536 5.62 -31.45 -29.83
C ASN I 536 6.73 -31.50 -28.78
N LYS I 537 7.28 -30.38 -28.35
CA LYS I 537 8.27 -30.40 -27.29
C LYS I 537 7.90 -29.30 -26.31
N CYS I 538 8.01 -29.57 -25.00
CA CYS I 538 7.68 -28.50 -24.07
C CYS I 538 8.73 -27.42 -24.24
N VAL I 539 8.28 -26.26 -24.71
CA VAL I 539 9.13 -25.20 -25.19
C VAL I 539 8.62 -23.90 -24.64
N ASN I 540 9.52 -22.95 -24.45
CA ASN I 540 9.11 -21.62 -24.02
C ASN I 540 8.62 -20.85 -25.23
N PHE I 541 7.38 -20.38 -25.17
CA PHE I 541 6.78 -19.66 -26.27
C PHE I 541 6.38 -18.28 -25.79
N ASN I 542 6.45 -17.30 -26.68
CA ASN I 542 5.89 -16.01 -26.33
C ASN I 542 5.27 -15.38 -27.59
N PHE I 543 3.98 -15.62 -27.78
CA PHE I 543 3.26 -15.21 -28.98
C PHE I 543 2.60 -13.86 -28.81
N ASN I 544 3.18 -12.82 -29.41
CA ASN I 544 2.61 -11.49 -29.45
C ASN I 544 2.30 -10.94 -28.06
N GLY I 545 3.09 -11.32 -27.06
CA GLY I 545 2.88 -10.90 -25.70
C GLY I 545 2.46 -12.02 -24.79
N LEU I 546 1.86 -13.06 -25.34
CA LEU I 546 1.47 -14.22 -24.55
C LEU I 546 2.73 -15.02 -24.29
N THR I 547 3.18 -15.05 -23.05
CA THR I 547 4.40 -15.75 -22.70
C THR I 547 4.07 -17.01 -21.92
N GLY I 548 4.70 -18.12 -22.29
CA GLY I 548 4.46 -19.33 -21.54
C GLY I 548 5.38 -20.45 -21.97
N THR I 549 5.13 -21.61 -21.38
CA THR I 549 5.87 -22.83 -21.66
C THR I 549 4.88 -23.98 -21.83
N GLY I 550 5.23 -24.94 -22.67
CA GLY I 550 4.35 -26.06 -22.88
C GLY I 550 4.58 -26.72 -24.22
N VAL I 551 3.81 -27.77 -24.44
CA VAL I 551 3.84 -28.52 -25.69
C VAL I 551 2.73 -28.02 -26.60
N LEU I 552 3.05 -27.81 -27.86
CA LEU I 552 2.09 -27.31 -28.84
C LEU I 552 1.57 -28.47 -29.68
N THR I 553 0.26 -28.53 -29.85
CA THR I 553 -0.39 -29.63 -30.54
C THR I 553 -1.44 -29.09 -31.52
N GLU I 554 -1.67 -29.83 -32.60
CA GLU I 554 -2.69 -29.44 -33.57
C GLU I 554 -4.07 -29.39 -32.92
N SER I 555 -4.73 -28.26 -33.08
CA SER I 555 -6.03 -27.94 -32.50
C SER I 555 -7.19 -28.50 -33.32
N ASN I 556 -8.34 -28.63 -32.66
CA ASN I 556 -9.58 -29.05 -33.29
C ASN I 556 -10.73 -28.08 -33.07
N LYS I 557 -10.47 -26.88 -32.53
CA LYS I 557 -11.51 -25.91 -32.26
C LYS I 557 -11.55 -24.78 -33.27
N LYS I 558 -12.75 -24.30 -33.58
CA LYS I 558 -13.00 -23.28 -34.61
C LYS I 558 -12.90 -21.89 -33.99
N PHE I 559 -11.73 -21.27 -34.11
CA PHE I 559 -11.58 -19.88 -33.70
C PHE I 559 -12.30 -18.92 -34.65
N LEU I 560 -12.95 -17.91 -34.07
CA LEU I 560 -13.58 -16.89 -34.89
C LEU I 560 -12.50 -16.01 -35.53
N PRO I 561 -12.78 -15.46 -36.72
CA PRO I 561 -11.72 -14.80 -37.49
C PRO I 561 -11.06 -13.61 -36.83
N PHE I 562 -11.66 -12.98 -35.84
CA PHE I 562 -11.01 -11.86 -35.19
C PHE I 562 -10.31 -12.23 -33.89
N GLN I 563 -10.29 -13.50 -33.53
CA GLN I 563 -9.77 -13.91 -32.23
C GLN I 563 -8.29 -14.29 -32.29
N GLN I 564 -7.61 -14.02 -31.19
CA GLN I 564 -6.19 -14.27 -31.04
C GLN I 564 -5.84 -15.20 -29.89
N PHE I 565 -6.78 -15.49 -29.00
CA PHE I 565 -6.52 -16.29 -27.82
C PHE I 565 -7.62 -17.31 -27.62
N GLY I 566 -7.30 -18.31 -26.84
CA GLY I 566 -8.30 -19.28 -26.39
C GLY I 566 -8.09 -19.51 -24.92
N ARG I 567 -9.19 -19.65 -24.19
CA ARG I 567 -9.09 -19.79 -22.75
C ARG I 567 -10.05 -20.84 -22.24
N ASP I 568 -9.58 -21.60 -21.27
CA ASP I 568 -10.43 -22.50 -20.53
C ASP I 568 -10.95 -21.77 -19.30
N ILE I 569 -11.56 -22.51 -18.38
CA ILE I 569 -12.06 -21.93 -17.15
C ILE I 569 -10.88 -21.37 -16.35
N ALA I 570 -11.14 -20.28 -15.63
CA ALA I 570 -10.16 -19.67 -14.72
C ALA I 570 -8.98 -19.05 -15.45
N ASP I 571 -9.24 -18.41 -16.58
CA ASP I 571 -8.25 -17.61 -17.31
C ASP I 571 -6.99 -18.38 -17.70
N THR I 572 -7.04 -19.70 -17.78
CA THR I 572 -5.88 -20.45 -18.21
C THR I 572 -5.78 -20.36 -19.73
N THR I 573 -4.68 -19.78 -20.24
CA THR I 573 -4.55 -19.64 -21.68
C THR I 573 -4.44 -21.02 -22.30
N ASP I 574 -5.49 -21.45 -22.99
CA ASP I 574 -5.52 -22.79 -23.55
C ASP I 574 -5.08 -22.90 -24.99
N ALA I 575 -5.21 -21.85 -25.79
CA ALA I 575 -4.89 -22.02 -27.20
C ALA I 575 -4.46 -20.70 -27.80
N VAL I 576 -3.86 -20.76 -28.98
CA VAL I 576 -3.40 -19.57 -29.66
C VAL I 576 -3.34 -19.86 -31.15
N ARG I 577 -3.62 -18.83 -31.96
CA ARG I 577 -3.50 -18.92 -33.41
C ARG I 577 -2.21 -18.25 -33.84
N ASP I 578 -1.55 -18.85 -34.81
CA ASP I 578 -0.23 -18.38 -35.20
C ASP I 578 -0.33 -16.99 -35.80
N PRO I 579 0.50 -16.05 -35.39
CA PRO I 579 0.48 -14.72 -36.02
C PRO I 579 1.02 -14.74 -37.43
N GLN I 580 1.58 -15.84 -37.90
CA GLN I 580 2.13 -15.93 -39.24
C GLN I 580 1.25 -16.75 -40.18
N THR I 581 0.93 -17.99 -39.81
CA THR I 581 0.13 -18.86 -40.65
C THR I 581 -1.29 -19.02 -40.16
N LEU I 582 -1.66 -18.41 -39.03
CA LEU I 582 -3.03 -18.40 -38.54
C LEU I 582 -3.56 -19.78 -38.19
N GLU I 583 -2.68 -20.75 -38.03
CA GLU I 583 -3.12 -22.07 -37.59
C GLU I 583 -3.33 -22.08 -36.08
N ILE I 584 -4.35 -22.83 -35.65
CA ILE I 584 -4.70 -22.95 -34.24
C ILE I 584 -3.79 -23.96 -33.56
N LEU I 585 -3.29 -23.62 -32.37
CA LEU I 585 -2.41 -24.49 -31.62
C LEU I 585 -2.90 -24.61 -30.19
N ASP I 586 -2.81 -25.82 -29.66
CA ASP I 586 -3.15 -26.08 -28.26
C ASP I 586 -1.91 -25.99 -27.39
N ILE I 587 -2.06 -25.48 -26.19
CA ILE I 587 -0.97 -25.35 -25.23
C ILE I 587 -1.26 -26.27 -24.06
N THR I 588 -0.32 -27.15 -23.75
CA THR I 588 -0.41 -28.00 -22.58
C THR I 588 0.90 -27.89 -21.81
N PRO I 589 0.85 -27.65 -20.50
CA PRO I 589 2.08 -27.54 -19.72
C PRO I 589 2.78 -28.89 -19.70
N CYS I 590 4.09 -28.89 -19.93
CA CYS I 590 4.78 -30.17 -19.94
C CYS I 590 4.67 -30.86 -18.59
N SER I 591 4.77 -32.19 -18.64
CA SER I 591 4.52 -33.05 -17.50
C SER I 591 5.39 -32.71 -16.30
N PHE I 592 4.79 -32.80 -15.13
CA PHE I 592 5.45 -32.56 -13.86
C PHE I 592 4.71 -33.40 -12.83
N GLY I 593 5.35 -33.58 -11.68
CA GLY I 593 4.70 -34.37 -10.65
C GLY I 593 5.64 -34.62 -9.49
N GLY I 594 5.08 -35.27 -8.48
CA GLY I 594 5.82 -35.61 -7.29
C GLY I 594 6.50 -36.96 -7.42
N VAL I 595 7.57 -37.14 -6.66
CA VAL I 595 8.36 -38.37 -6.69
C VAL I 595 8.40 -38.92 -5.28
N SER I 596 8.18 -40.22 -5.17
CA SER I 596 8.14 -40.89 -3.88
C SER I 596 9.12 -42.05 -3.86
N VAL I 597 9.60 -42.38 -2.66
CA VAL I 597 10.56 -43.44 -2.45
C VAL I 597 9.90 -44.59 -1.71
N ILE I 598 10.05 -45.79 -2.22
CA ILE I 598 9.58 -47.00 -1.55
C ILE I 598 10.76 -47.70 -0.92
N THR I 599 10.69 -47.94 0.39
CA THR I 599 11.81 -48.59 1.05
C THR I 599 11.30 -49.67 1.98
N PRO I 600 11.93 -50.84 1.98
CA PRO I 600 11.54 -51.90 2.91
C PRO I 600 12.13 -51.76 4.29
N GLY I 601 12.76 -50.64 4.61
CA GLY I 601 13.32 -50.49 5.93
C GLY I 601 14.84 -50.48 5.91
N THR I 602 15.42 -49.55 6.67
CA THR I 602 16.87 -49.46 6.75
C THR I 602 17.47 -50.76 7.24
N ASN I 603 16.78 -51.44 8.13
CA ASN I 603 17.31 -52.63 8.77
C ASN I 603 17.17 -53.87 7.92
N THR I 604 16.34 -53.87 6.89
CA THR I 604 16.37 -55.06 6.06
C THR I 604 17.41 -54.99 4.96
N SER I 605 17.42 -53.91 4.18
CA SER I 605 18.34 -53.81 3.06
C SER I 605 18.27 -52.42 2.48
N ASN I 606 19.30 -52.06 1.73
CA ASN I 606 19.35 -50.76 1.10
C ASN I 606 18.63 -50.69 -0.23
N GLN I 607 18.08 -51.79 -0.74
CA GLN I 607 17.37 -51.72 -2.00
C GLN I 607 16.23 -50.72 -1.90
N VAL I 608 15.87 -50.12 -3.02
CA VAL I 608 14.85 -49.08 -3.01
C VAL I 608 14.18 -49.03 -4.37
N ALA I 609 12.88 -48.73 -4.36
CA ALA I 609 12.13 -48.53 -5.59
C ALA I 609 11.52 -47.14 -5.58
N VAL I 610 11.41 -46.53 -6.75
CA VAL I 610 11.01 -45.13 -6.88
C VAL I 610 9.72 -45.05 -7.67
N LEU I 611 8.80 -44.22 -7.19
CA LEU I 611 7.50 -44.02 -7.85
C LEU I 611 7.30 -42.58 -8.30
N TYR I 612 7.25 -42.36 -9.60
CA TYR I 612 6.87 -41.07 -10.17
C TYR I 612 5.36 -41.03 -10.31
N GLN I 613 4.69 -40.17 -9.54
CA GLN I 613 3.24 -40.27 -9.42
C GLN I 613 2.47 -39.77 -10.64
N GLY I 614 2.50 -38.47 -10.90
CA GLY I 614 1.67 -37.95 -11.95
C GLY I 614 2.35 -37.84 -13.30
N VAL I 615 2.89 -38.94 -13.81
CA VAL I 615 3.59 -38.92 -15.08
C VAL I 615 3.67 -40.34 -15.59
N ASN I 616 3.89 -40.51 -16.89
CA ASN I 616 4.29 -41.79 -17.41
C ASN I 616 5.74 -41.64 -17.85
N CYS I 617 6.57 -42.61 -17.46
CA CYS I 617 8.00 -42.58 -17.75
C CYS I 617 8.32 -42.57 -19.23
N THR I 618 7.34 -42.75 -20.11
CA THR I 618 7.67 -42.76 -21.53
C THR I 618 8.33 -41.44 -21.92
N GLU I 619 8.30 -40.46 -21.04
CA GLU I 619 8.91 -39.16 -21.20
C GLU I 619 9.70 -38.80 -19.93
N VAL I 620 10.29 -39.81 -19.31
CA VAL I 620 11.09 -39.61 -18.10
C VAL I 620 12.30 -38.74 -18.43
N ASN I 641 13.87 -52.37 -13.69
CA ASN I 641 12.62 -52.71 -14.35
C ASN I 641 11.65 -51.54 -14.39
N VAL I 642 10.67 -51.61 -15.27
CA VAL I 642 9.67 -50.56 -15.43
C VAL I 642 8.29 -51.16 -15.36
N PHE I 643 7.37 -50.46 -14.71
CA PHE I 643 6.00 -50.92 -14.62
C PHE I 643 5.11 -49.69 -14.61
N GLN I 644 3.97 -49.78 -15.28
CA GLN I 644 3.03 -48.67 -15.36
C GLN I 644 1.79 -48.97 -14.53
N THR I 645 1.31 -47.97 -13.80
CA THR I 645 0.11 -48.13 -12.98
C THR I 645 -0.79 -46.93 -13.17
N ARG I 646 -2.04 -47.07 -12.74
CA ARG I 646 -2.95 -45.94 -12.82
C ARG I 646 -2.50 -44.79 -11.93
N ALA I 647 -1.66 -45.06 -10.93
CA ALA I 647 -1.12 -44.03 -10.05
C ALA I 647 0.16 -43.40 -10.57
N GLY I 648 0.77 -44.01 -11.58
CA GLY I 648 1.97 -43.54 -12.22
C GLY I 648 2.83 -44.73 -12.56
N CYS I 649 4.03 -44.53 -13.09
CA CYS I 649 4.89 -45.66 -13.43
C CYS I 649 5.92 -45.89 -12.35
N LEU I 650 6.06 -47.14 -11.95
CA LEU I 650 6.89 -47.59 -10.86
C LEU I 650 8.15 -48.24 -11.40
N ILE I 651 9.30 -47.84 -10.90
CA ILE I 651 10.58 -48.36 -11.37
C ILE I 651 11.30 -49.04 -10.22
N GLY I 652 11.90 -50.18 -10.50
CA GLY I 652 12.63 -50.90 -9.49
C GLY I 652 11.91 -52.08 -8.89
N ALA I 653 10.70 -52.39 -9.33
CA ALA I 653 9.97 -53.53 -8.81
C ALA I 653 9.29 -54.26 -9.95
N GLU I 654 9.26 -55.57 -9.86
CA GLU I 654 8.67 -56.39 -10.90
C GLU I 654 7.28 -56.85 -10.51
N TYR I 655 6.37 -56.81 -11.49
CA TYR I 655 4.98 -57.17 -11.28
C TYR I 655 4.79 -58.67 -11.34
N VAL I 656 4.16 -59.24 -10.31
CA VAL I 656 3.87 -60.66 -10.26
C VAL I 656 2.37 -60.87 -10.27
N ASN I 657 1.93 -61.98 -10.87
CA ASN I 657 0.50 -62.27 -10.91
C ASN I 657 -0.06 -62.73 -9.59
N SER I 658 0.78 -63.08 -8.63
CA SER I 658 0.26 -63.56 -7.35
C SER I 658 -0.30 -62.40 -6.56
N SER I 659 -1.38 -62.67 -5.82
CA SER I 659 -2.03 -61.66 -4.99
C SER I 659 -1.76 -61.92 -3.53
N TYR I 660 -1.45 -60.86 -2.78
CA TYR I 660 -1.11 -60.98 -1.37
C TYR I 660 -1.83 -59.93 -0.53
N GLU I 661 -1.76 -60.16 0.77
CA GLU I 661 -2.19 -59.20 1.79
C GLU I 661 -1.25 -58.02 1.83
N CYS I 662 -1.78 -56.81 1.65
CA CYS I 662 -0.95 -55.65 1.42
C CYS I 662 -0.43 -55.02 2.69
N ASP I 663 0.81 -54.54 2.63
CA ASP I 663 1.44 -53.85 3.75
C ASP I 663 1.96 -52.47 3.36
N ILE I 664 2.45 -52.32 2.14
CA ILE I 664 2.89 -51.00 1.68
C ILE I 664 1.97 -50.50 0.58
N PRO I 665 1.07 -49.58 0.86
CA PRO I 665 0.08 -49.11 -0.11
C PRO I 665 0.70 -48.12 -1.09
N ILE I 666 0.60 -48.42 -2.37
CA ILE I 666 1.03 -47.49 -3.41
C ILE I 666 -0.15 -46.68 -3.95
N GLY I 667 -1.24 -47.35 -4.27
CA GLY I 667 -2.43 -46.68 -4.76
C GLY I 667 -3.07 -47.47 -5.89
N ALA I 668 -4.36 -47.27 -6.06
CA ALA I 668 -5.12 -47.91 -7.11
C ALA I 668 -5.02 -49.43 -7.03
N GLY I 669 -5.07 -49.96 -5.81
CA GLY I 669 -5.02 -51.39 -5.63
C GLY I 669 -3.65 -52.04 -5.75
N ILE I 670 -2.60 -51.27 -5.96
CA ILE I 670 -1.26 -51.83 -6.10
C ILE I 670 -0.48 -51.64 -4.81
N CYS I 671 0.33 -52.63 -4.45
CA CYS I 671 1.12 -52.59 -3.23
C CYS I 671 2.54 -53.07 -3.52
N ALA I 672 3.36 -53.10 -2.47
CA ALA I 672 4.72 -53.58 -2.62
C ALA I 672 5.19 -54.23 -1.33
N SER I 673 6.15 -55.15 -1.46
CA SER I 673 6.70 -55.83 -0.29
C SER I 673 8.02 -56.48 -0.68
N TYR I 674 8.78 -56.88 0.34
CA TYR I 674 10.07 -57.53 0.11
C TYR I 674 9.85 -59.01 -0.21
N GLN I 675 10.29 -59.43 -1.39
CA GLN I 675 10.07 -60.81 -1.82
C GLN I 675 10.76 -61.81 -0.92
N THR I 676 12.09 -61.76 -0.87
CA THR I 676 12.90 -62.70 -0.09
C THR I 676 12.67 -64.13 -0.57
N GLN I 690 14.94 -60.87 -1.54
CA GLN I 690 16.03 -60.44 -2.39
C GLN I 690 15.54 -59.48 -3.48
N SER I 691 14.26 -59.12 -3.43
CA SER I 691 13.70 -58.22 -4.43
C SER I 691 12.45 -57.56 -3.88
N ILE I 692 12.06 -56.45 -4.51
CA ILE I 692 10.84 -55.73 -4.19
C ILE I 692 9.79 -56.06 -5.25
N ILE I 693 8.66 -56.61 -4.82
CA ILE I 693 7.61 -57.06 -5.73
C ILE I 693 6.37 -56.20 -5.55
N ALA I 694 5.77 -55.81 -6.68
CA ALA I 694 4.49 -55.13 -6.70
C ALA I 694 3.40 -56.10 -7.14
N TYR I 695 2.21 -56.00 -6.54
CA TYR I 695 1.16 -56.96 -6.82
C TYR I 695 -0.18 -56.35 -6.49
N THR I 696 -1.24 -56.98 -6.98
CA THR I 696 -2.59 -56.55 -6.65
C THR I 696 -3.01 -57.13 -5.30
N MET I 697 -3.76 -56.34 -4.53
CA MET I 697 -4.15 -56.73 -3.18
C MET I 697 -5.08 -57.93 -3.20
N SER I 698 -5.02 -58.71 -2.12
CA SER I 698 -5.94 -59.80 -1.87
C SER I 698 -6.88 -59.42 -0.75
N LEU I 699 -8.17 -59.51 -0.99
CA LEU I 699 -9.17 -59.16 0.00
C LEU I 699 -9.51 -60.33 0.91
N GLY I 700 -8.63 -61.31 1.03
CA GLY I 700 -8.87 -62.46 1.87
C GLY I 700 -9.27 -63.68 1.07
N ALA I 701 -9.38 -64.80 1.78
CA ALA I 701 -9.76 -66.05 1.15
C ALA I 701 -11.24 -66.09 0.85
N GLU I 702 -11.61 -66.89 -0.14
CA GLU I 702 -13.00 -67.04 -0.51
C GLU I 702 -13.61 -68.22 0.23
N ASN I 703 -14.69 -67.98 0.94
CA ASN I 703 -15.37 -69.03 1.69
C ASN I 703 -16.81 -69.10 1.19
N SER I 704 -17.11 -70.12 0.41
CA SER I 704 -18.46 -70.30 -0.13
C SER I 704 -19.27 -71.15 0.84
N VAL I 705 -19.84 -70.50 1.84
CA VAL I 705 -20.65 -71.21 2.82
C VAL I 705 -21.77 -71.95 2.12
N ALA I 706 -21.95 -73.20 2.49
CA ALA I 706 -22.95 -74.05 1.85
C ALA I 706 -24.32 -73.64 2.33
N TYR I 707 -24.98 -72.78 1.57
CA TYR I 707 -26.32 -72.39 1.93
C TYR I 707 -27.30 -73.47 1.51
N SER I 708 -28.40 -73.55 2.25
CA SER I 708 -29.44 -74.51 1.89
C SER I 708 -30.67 -74.14 2.66
N ASN I 709 -31.83 -74.47 2.11
CA ASN I 709 -33.06 -74.12 2.78
C ASN I 709 -33.39 -74.99 3.99
N ASN I 710 -32.62 -76.05 4.29
CA ASN I 710 -33.02 -76.83 5.45
C ASN I 710 -31.87 -77.30 6.33
N SER I 711 -30.67 -76.75 6.20
CA SER I 711 -29.54 -77.20 6.99
C SER I 711 -29.15 -76.15 8.01
N ILE I 712 -28.67 -76.60 9.17
CA ILE I 712 -28.26 -75.71 10.26
C ILE I 712 -26.90 -76.12 10.81
N ALA I 713 -26.05 -75.13 11.05
CA ALA I 713 -24.77 -75.34 11.69
C ALA I 713 -24.77 -74.73 13.08
N ILE I 714 -24.49 -75.54 14.09
CA ILE I 714 -24.48 -75.07 15.48
C ILE I 714 -23.13 -75.34 16.12
N PRO I 715 -22.59 -74.41 16.92
CA PRO I 715 -21.28 -74.64 17.53
C PRO I 715 -21.39 -75.59 18.71
N THR I 716 -20.41 -76.46 18.84
CA THR I 716 -20.33 -77.37 19.98
C THR I 716 -19.29 -76.99 21.01
N ASN I 717 -18.45 -76.00 20.74
CA ASN I 717 -17.45 -75.62 21.72
C ASN I 717 -17.23 -74.12 21.60
N PHE I 718 -16.43 -73.58 22.52
CA PHE I 718 -16.23 -72.15 22.55
C PHE I 718 -14.81 -71.85 22.95
N THR I 719 -14.48 -70.57 22.91
CA THR I 719 -13.17 -70.11 23.34
C THR I 719 -13.30 -68.64 23.69
N ILE I 720 -12.82 -68.26 24.86
CA ILE I 720 -12.92 -66.88 25.31
C ILE I 720 -11.57 -66.22 25.12
N SER I 721 -11.56 -65.07 24.47
CA SER I 721 -10.31 -64.40 24.15
C SER I 721 -10.29 -63.02 24.77
N VAL I 722 -9.12 -62.40 24.75
CA VAL I 722 -8.92 -61.06 25.29
C VAL I 722 -8.26 -60.21 24.22
N THR I 723 -8.85 -59.07 23.92
CA THR I 723 -8.32 -58.16 22.92
C THR I 723 -8.02 -56.81 23.55
N THR I 724 -6.92 -56.20 23.17
CA THR I 724 -6.49 -54.93 23.72
C THR I 724 -6.89 -53.80 22.79
N GLU I 725 -7.60 -52.82 23.33
CA GLU I 725 -8.00 -51.63 22.58
C GLU I 725 -7.43 -50.39 23.26
N ILE I 726 -6.81 -49.51 22.49
CA ILE I 726 -6.13 -48.34 23.02
C ILE I 726 -6.89 -47.08 22.65
N LEU I 727 -6.90 -46.10 23.55
CA LEU I 727 -7.59 -44.84 23.31
C LEU I 727 -6.82 -43.68 23.92
N PRO I 728 -6.53 -42.63 23.16
CA PRO I 728 -5.87 -41.46 23.73
C PRO I 728 -6.88 -40.65 24.52
N VAL I 729 -6.42 -40.05 25.63
CA VAL I 729 -7.32 -39.31 26.47
C VAL I 729 -6.94 -37.83 26.60
N SER I 730 -5.67 -37.50 26.51
CA SER I 730 -5.31 -36.12 26.79
C SER I 730 -3.97 -35.80 26.15
N MET I 731 -3.62 -34.52 26.21
CA MET I 731 -2.35 -34.04 25.69
C MET I 731 -1.71 -33.14 26.73
N THR I 732 -0.48 -32.74 26.45
CA THR I 732 0.23 -31.91 27.41
C THR I 732 -0.43 -30.54 27.48
N LYS I 733 -0.66 -30.05 28.68
CA LYS I 733 -1.21 -28.70 28.81
C LYS I 733 -0.08 -27.72 28.57
N THR I 734 -0.30 -26.76 27.68
CA THR I 734 0.75 -25.84 27.28
C THR I 734 0.34 -24.40 27.55
N SER I 735 1.28 -23.61 28.04
CA SER I 735 1.07 -22.18 28.20
C SER I 735 2.20 -21.41 27.54
N VAL I 736 1.86 -20.26 26.99
CA VAL I 736 2.81 -19.44 26.25
C VAL I 736 2.76 -18.02 26.79
N ASP I 737 3.92 -17.39 26.89
CA ASP I 737 4.05 -16.00 27.29
C ASP I 737 4.20 -15.14 26.04
N CYS I 738 3.20 -14.31 25.77
CA CYS I 738 3.16 -13.57 24.51
C CYS I 738 4.38 -12.68 24.31
N THR I 739 4.56 -11.69 25.17
CA THR I 739 5.60 -10.70 24.93
C THR I 739 7.00 -11.30 24.87
N MET I 740 7.31 -12.26 25.75
CA MET I 740 8.64 -12.85 25.71
C MET I 740 8.88 -13.52 24.37
N TYR I 741 7.96 -14.40 23.97
CA TYR I 741 8.13 -15.04 22.67
C TYR I 741 8.23 -14.02 21.56
N ILE I 742 7.53 -12.90 21.69
CA ILE I 742 7.54 -11.96 20.59
C ILE I 742 8.90 -11.30 20.47
N CYS I 743 9.32 -10.58 21.50
CA CYS I 743 10.56 -9.84 21.36
C CYS I 743 11.41 -9.79 22.63
N GLY I 744 11.56 -10.94 23.28
CA GLY I 744 12.63 -11.13 24.26
C GLY I 744 13.04 -9.92 25.08
N ASP I 745 12.07 -9.31 25.77
CA ASP I 745 12.34 -8.24 26.71
C ASP I 745 13.04 -7.05 26.03
N SER I 746 12.31 -6.42 25.11
CA SER I 746 12.73 -5.18 24.49
C SER I 746 11.67 -4.13 24.78
N THR I 747 12.08 -3.02 25.38
CA THR I 747 11.10 -1.99 25.71
C THR I 747 10.51 -1.39 24.45
N GLU I 748 11.37 -1.04 23.49
CA GLU I 748 10.88 -0.45 22.26
C GLU I 748 9.94 -1.40 21.54
N CYS I 749 10.18 -2.71 21.65
CA CYS I 749 9.29 -3.62 20.97
C CYS I 749 7.96 -3.75 21.70
N SER I 750 7.96 -3.69 23.02
CA SER I 750 6.67 -3.75 23.69
C SER I 750 5.85 -2.52 23.36
N ASN I 751 6.52 -1.36 23.34
CA ASN I 751 5.85 -0.13 22.95
C ASN I 751 5.31 -0.22 21.53
N LEU I 752 5.96 -0.98 20.67
CA LEU I 752 5.48 -1.07 19.31
C LEU I 752 4.41 -2.14 19.15
N LEU I 753 4.43 -3.17 19.99
CA LEU I 753 3.42 -4.22 19.92
C LEU I 753 2.11 -3.73 20.49
N LEU I 754 2.16 -2.79 21.42
CA LEU I 754 0.93 -2.27 22.00
C LEU I 754 -0.04 -1.73 20.96
N GLN I 755 0.40 -1.47 19.73
CA GLN I 755 -0.49 -0.89 18.76
C GLN I 755 -1.31 -1.93 18.00
N TYR I 756 -1.06 -3.21 18.21
CA TYR I 756 -1.69 -4.24 17.39
C TYR I 756 -3.00 -4.74 17.99
N GLY I 757 -3.22 -4.51 19.27
CA GLY I 757 -4.48 -4.85 19.91
C GLY I 757 -4.31 -5.86 21.03
N SER I 758 -5.30 -6.72 21.17
CA SER I 758 -5.40 -7.65 22.29
C SER I 758 -5.16 -9.09 21.88
N PHE I 759 -4.30 -9.30 20.89
CA PHE I 759 -4.00 -10.64 20.43
C PHE I 759 -3.53 -11.55 21.56
N CYS I 760 -2.65 -11.03 22.42
CA CYS I 760 -2.17 -11.86 23.52
C CYS I 760 -3.28 -12.27 24.46
N THR I 761 -4.23 -11.37 24.74
CA THR I 761 -5.33 -11.76 25.59
C THR I 761 -6.07 -12.94 25.01
N GLN I 762 -6.40 -12.86 23.73
CA GLN I 762 -7.14 -13.94 23.09
C GLN I 762 -6.35 -15.24 23.15
N LEU I 763 -5.06 -15.16 22.86
CA LEU I 763 -4.25 -16.37 22.83
C LEU I 763 -4.17 -17.00 24.21
N LYS I 764 -3.94 -16.19 25.22
CA LYS I 764 -3.84 -16.71 26.57
C LYS I 764 -5.14 -17.35 26.99
N ARG I 765 -6.26 -16.70 26.69
CA ARG I 765 -7.54 -17.27 27.08
C ARG I 765 -7.79 -18.59 26.38
N ALA I 766 -7.52 -18.67 25.07
CA ALA I 766 -7.81 -19.90 24.36
C ALA I 766 -6.97 -21.05 24.90
N LEU I 767 -5.69 -20.79 25.15
CA LEU I 767 -4.84 -21.89 25.62
C LEU I 767 -5.24 -22.33 27.02
N THR I 768 -5.55 -21.37 27.89
CA THR I 768 -6.00 -21.75 29.23
C THR I 768 -7.28 -22.57 29.18
N GLY I 769 -8.18 -22.21 28.27
CA GLY I 769 -9.38 -23.01 28.11
C GLY I 769 -9.04 -24.42 27.69
N ILE I 770 -8.05 -24.56 26.81
CA ILE I 770 -7.63 -25.89 26.38
C ILE I 770 -7.13 -26.69 27.57
N ALA I 771 -6.32 -26.07 28.42
CA ALA I 771 -5.74 -26.80 29.54
C ALA I 771 -6.82 -27.29 30.50
N VAL I 772 -7.70 -26.38 30.92
CA VAL I 772 -8.71 -26.81 31.87
C VAL I 772 -9.60 -27.87 31.25
N GLU I 773 -9.80 -27.79 29.93
CA GLU I 773 -10.64 -28.81 29.33
C GLU I 773 -9.97 -30.16 29.40
N GLN I 774 -8.64 -30.20 29.21
CA GLN I 774 -7.96 -31.48 29.31
C GLN I 774 -8.15 -32.10 30.68
N ASP I 775 -8.00 -31.29 31.72
CA ASP I 775 -8.20 -31.84 33.06
C ASP I 775 -9.61 -32.37 33.19
N LYS I 776 -10.58 -31.64 32.65
CA LYS I 776 -11.95 -32.12 32.76
C LYS I 776 -12.11 -33.44 32.01
N ASN I 777 -11.37 -33.61 30.91
CA ASN I 777 -11.46 -34.86 30.17
C ASN I 777 -11.08 -36.03 31.06
N THR I 778 -9.93 -35.89 31.72
CA THR I 778 -9.51 -36.94 32.64
C THR I 778 -10.57 -37.19 33.70
N GLN I 779 -11.16 -36.12 34.22
CA GLN I 779 -12.19 -36.28 35.25
C GLN I 779 -13.34 -37.12 34.74
N GLU I 780 -13.90 -36.72 33.60
CA GLU I 780 -15.06 -37.41 33.06
C GLU I 780 -14.78 -38.87 32.79
N VAL I 781 -13.58 -39.19 32.32
CA VAL I 781 -13.33 -40.58 31.99
C VAL I 781 -13.09 -41.42 33.24
N PHE I 782 -12.20 -40.97 34.13
CA PHE I 782 -11.76 -41.87 35.19
C PHE I 782 -12.57 -41.77 36.48
N ALA I 783 -12.95 -40.57 36.88
CA ALA I 783 -13.61 -40.36 38.19
C ALA I 783 -15.10 -40.70 38.15
N GLN I 784 -15.43 -41.91 37.74
CA GLN I 784 -16.84 -42.21 37.74
C GLN I 784 -17.31 -42.80 39.06
N VAL I 785 -16.51 -43.63 39.69
CA VAL I 785 -16.90 -44.19 40.97
C VAL I 785 -16.61 -43.17 42.06
N LYS I 786 -17.46 -43.14 43.09
CA LYS I 786 -17.30 -42.16 44.15
C LYS I 786 -16.44 -42.65 45.30
N GLN I 787 -16.54 -43.94 45.63
CA GLN I 787 -15.83 -44.50 46.77
C GLN I 787 -14.74 -45.45 46.32
N ILE I 788 -13.58 -45.38 46.97
CA ILE I 788 -12.44 -46.21 46.62
C ILE I 788 -12.67 -47.58 47.26
N TYR I 789 -13.09 -48.55 46.47
CA TYR I 789 -13.30 -49.91 46.96
C TYR I 789 -11.97 -50.64 47.12
N LYS I 790 -11.79 -51.29 48.26
CA LYS I 790 -10.57 -52.03 48.49
C LYS I 790 -10.78 -53.49 48.11
N THR I 791 -9.75 -54.10 47.64
CA THR I 791 -9.73 -55.51 47.28
C THR I 791 -9.54 -56.39 48.51
N PRO I 792 -10.25 -57.52 48.59
CA PRO I 792 -10.11 -58.41 49.76
C PRO I 792 -8.70 -58.97 49.82
N PRO I 793 -8.24 -59.40 50.99
CA PRO I 793 -6.88 -59.93 51.09
C PRO I 793 -6.74 -61.33 50.51
N ILE I 794 -7.68 -62.22 50.79
CA ILE I 794 -7.62 -63.58 50.24
C ILE I 794 -8.04 -63.49 48.77
N LYS I 795 -7.06 -63.49 47.87
CA LYS I 795 -7.31 -63.29 46.45
C LYS I 795 -7.63 -64.59 45.72
N TYR I 796 -8.66 -65.28 46.18
CA TYR I 796 -9.14 -66.49 45.52
C TYR I 796 -10.53 -66.25 44.95
N PHE I 797 -10.67 -66.38 43.64
CA PHE I 797 -11.92 -66.12 42.96
C PHE I 797 -12.42 -67.31 42.16
N GLY I 798 -12.29 -68.51 42.70
CA GLY I 798 -12.82 -69.63 41.96
C GLY I 798 -11.99 -70.01 40.75
N GLY I 799 -10.68 -70.08 40.92
CA GLY I 799 -9.79 -70.49 39.85
C GLY I 799 -9.33 -69.37 38.95
N PHE I 800 -10.06 -68.27 38.88
CA PHE I 800 -9.64 -67.19 38.01
C PHE I 800 -8.41 -66.52 38.58
N ASN I 801 -7.47 -66.16 37.72
CA ASN I 801 -6.19 -65.61 38.14
C ASN I 801 -6.01 -64.17 37.69
N PHE I 802 -6.36 -63.20 38.55
CA PHE I 802 -6.20 -61.80 38.22
C PHE I 802 -4.86 -61.22 38.63
N SER I 803 -3.88 -62.05 38.94
CA SER I 803 -2.63 -61.49 39.46
C SER I 803 -1.99 -60.52 38.49
N GLN I 804 -2.19 -60.70 37.19
CA GLN I 804 -1.54 -59.83 36.23
C GLN I 804 -2.15 -58.44 36.16
N ILE I 805 -3.37 -58.24 36.67
CA ILE I 805 -4.01 -56.95 36.55
C ILE I 805 -4.22 -56.22 37.87
N LEU I 806 -4.30 -56.91 38.99
CA LEU I 806 -4.44 -56.20 40.24
C LEU I 806 -3.12 -55.56 40.62
N PRO I 807 -3.14 -54.49 41.40
CA PRO I 807 -1.88 -53.82 41.74
C PRO I 807 -1.01 -54.72 42.58
N ASP I 808 0.30 -54.63 42.35
CA ASP I 808 1.28 -55.41 43.10
C ASP I 808 1.77 -54.60 44.29
N PRO I 809 1.46 -54.99 45.52
CA PRO I 809 1.93 -54.22 46.67
C PRO I 809 3.43 -54.23 46.83
N SER I 810 4.13 -55.17 46.19
CA SER I 810 5.58 -55.23 46.34
C SER I 810 6.24 -53.97 45.79
N LYS I 811 6.00 -53.69 44.50
CA LYS I 811 6.63 -52.52 43.91
C LYS I 811 6.06 -51.25 44.53
N PRO I 812 6.87 -50.21 44.65
CA PRO I 812 6.39 -48.99 45.30
C PRO I 812 5.37 -48.23 44.49
N SER I 813 5.48 -48.25 43.16
CA SER I 813 4.53 -47.49 42.36
C SER I 813 3.12 -48.06 42.43
N LYS I 814 2.99 -49.30 42.93
CA LYS I 814 1.68 -49.92 43.15
C LYS I 814 0.89 -50.09 41.86
N ARG I 815 1.57 -50.35 40.77
CA ARG I 815 0.94 -50.62 39.50
C ARG I 815 0.97 -52.11 39.21
N SER I 816 -0.05 -52.58 38.49
CA SER I 816 -0.04 -53.96 38.04
C SER I 816 1.16 -54.16 37.14
N PRO I 817 1.56 -55.41 36.89
CA PRO I 817 2.68 -55.61 35.97
C PRO I 817 2.44 -55.10 34.57
N ILE I 818 1.22 -55.29 34.05
CA ILE I 818 0.92 -54.79 32.71
C ILE I 818 1.05 -53.29 32.67
N GLU I 819 0.63 -52.64 33.75
CA GLU I 819 0.71 -51.19 33.83
C GLU I 819 2.17 -50.73 33.75
N ASP I 820 3.06 -51.46 34.44
CA ASP I 820 4.48 -51.14 34.37
C ASP I 820 5.01 -51.32 32.96
N LEU I 821 4.61 -52.40 32.31
CA LEU I 821 5.03 -52.61 30.94
C LEU I 821 4.61 -51.44 30.08
N LEU I 822 3.42 -50.92 30.34
CA LEU I 822 2.93 -49.77 29.59
C LEU I 822 3.81 -48.56 29.83
N PHE I 823 4.21 -48.34 31.08
CA PHE I 823 5.03 -47.16 31.35
C PHE I 823 6.38 -47.27 30.68
N ASN I 824 6.91 -48.46 30.54
CA ASN I 824 8.23 -48.56 29.94
C ASN I 824 8.18 -48.59 28.43
N LYS I 825 7.08 -49.07 27.85
CA LYS I 825 7.05 -49.23 26.39
C LYS I 825 7.06 -47.90 25.67
N VAL I 826 6.49 -46.86 26.26
CA VAL I 826 6.41 -45.56 25.63
C VAL I 826 7.20 -44.58 26.46
N THR I 827 7.97 -43.72 25.79
CA THR I 827 8.77 -42.70 26.44
C THR I 827 8.65 -41.42 25.65
N LEU I 828 9.21 -40.36 26.22
CA LEU I 828 9.21 -39.02 25.62
C LEU I 828 10.10 -38.96 24.37
N PHE I 855 13.85 -22.38 28.01
CA PHE I 855 12.93 -22.05 26.93
C PHE I 855 12.73 -20.56 26.74
N ASN I 856 11.79 -20.22 25.88
CA ASN I 856 11.51 -18.84 25.54
C ASN I 856 10.09 -18.43 25.86
N GLY I 857 9.59 -18.79 27.04
CA GLY I 857 8.26 -18.43 27.45
C GLY I 857 7.23 -19.50 27.23
N LEU I 858 7.63 -20.69 26.86
CA LEU I 858 6.71 -21.80 26.64
C LEU I 858 6.90 -22.78 27.77
N THR I 859 5.82 -23.13 28.42
CA THR I 859 5.87 -24.00 29.57
C THR I 859 4.79 -25.07 29.49
N VAL I 860 5.09 -26.22 30.04
CA VAL I 860 4.15 -27.32 30.10
C VAL I 860 3.64 -27.41 31.53
N LEU I 861 2.42 -27.31 31.67
CA LEU I 861 1.94 -27.38 33.03
C LEU I 861 1.68 -28.83 33.41
N PRO I 862 1.76 -29.18 34.68
CA PRO I 862 1.54 -30.55 35.06
C PRO I 862 0.07 -30.88 35.10
N PRO I 863 -0.30 -32.14 35.01
CA PRO I 863 -1.71 -32.50 35.10
C PRO I 863 -2.18 -32.40 36.53
N LEU I 864 -3.49 -32.27 36.69
CA LEU I 864 -4.03 -32.19 38.04
C LEU I 864 -3.97 -33.55 38.71
N LEU I 865 -4.42 -34.59 38.03
CA LEU I 865 -4.39 -35.92 38.60
C LEU I 865 -3.02 -36.55 38.36
N THR I 866 -2.31 -36.87 39.44
CA THR I 866 -1.01 -37.47 39.28
C THR I 866 -1.18 -38.92 38.84
N ASP I 867 -0.08 -39.52 38.41
CA ASP I 867 -0.12 -40.90 37.95
C ASP I 867 -0.57 -41.85 39.04
N GLU I 868 -0.13 -41.60 40.27
CA GLU I 868 -0.47 -42.47 41.38
C GLU I 868 -1.97 -42.53 41.59
N MET I 869 -2.62 -41.36 41.58
CA MET I 869 -4.05 -41.35 41.84
C MET I 869 -4.82 -42.00 40.70
N ILE I 870 -4.34 -41.83 39.48
CA ILE I 870 -5.04 -42.46 38.36
C ILE I 870 -4.98 -43.97 38.51
N ALA I 871 -3.82 -44.48 38.90
CA ALA I 871 -3.71 -45.92 39.09
C ALA I 871 -4.60 -46.38 40.22
N GLN I 872 -4.73 -45.55 41.25
CA GLN I 872 -5.60 -45.91 42.36
C GLN I 872 -7.05 -45.99 41.91
N TYR I 873 -7.48 -45.04 41.08
CA TYR I 873 -8.84 -45.10 40.57
C TYR I 873 -9.06 -46.38 39.80
N THR I 874 -8.08 -46.75 38.98
CA THR I 874 -8.21 -47.96 38.19
C THR I 874 -8.37 -49.17 39.10
N SER I 875 -7.60 -49.23 40.17
CA SER I 875 -7.73 -50.36 41.08
C SER I 875 -9.10 -50.38 41.71
N ALA I 876 -9.65 -49.20 42.01
CA ALA I 876 -10.98 -49.17 42.60
C ALA I 876 -12.01 -49.76 41.65
N LEU I 877 -11.95 -49.36 40.37
CA LEU I 877 -12.90 -49.90 39.42
C LEU I 877 -12.75 -51.40 39.30
N LEU I 878 -11.51 -51.88 39.32
CA LEU I 878 -11.29 -53.31 39.24
C LEU I 878 -11.94 -54.04 40.40
N ALA I 879 -11.72 -53.54 41.62
CA ALA I 879 -12.30 -54.23 42.77
C ALA I 879 -13.81 -54.25 42.70
N GLY I 880 -14.40 -53.12 42.30
CA GLY I 880 -15.84 -53.07 42.19
C GLY I 880 -16.37 -54.10 41.22
N THR I 881 -15.81 -54.13 40.01
CA THR I 881 -16.32 -55.07 39.02
C THR I 881 -16.00 -56.51 39.39
N ILE I 882 -14.96 -56.75 40.17
CA ILE I 882 -14.58 -58.11 40.48
C ILE I 882 -15.48 -58.68 41.56
N THR I 883 -15.91 -57.86 42.51
CA THR I 883 -16.65 -58.39 43.64
C THR I 883 -18.15 -58.14 43.57
N SER I 884 -18.61 -57.20 42.75
CA SER I 884 -20.00 -56.80 42.82
C SER I 884 -20.73 -56.71 41.50
N GLY I 885 -20.08 -56.98 40.37
CA GLY I 885 -20.81 -56.96 39.11
C GLY I 885 -21.35 -55.60 38.71
N TRP I 886 -22.62 -55.57 38.31
CA TRP I 886 -23.22 -54.34 37.84
C TRP I 886 -23.51 -53.37 38.97
N THR I 887 -23.71 -53.88 40.17
CA THR I 887 -24.38 -53.07 41.17
C THR I 887 -23.60 -51.84 41.54
N PHE I 888 -22.27 -51.91 41.54
CA PHE I 888 -21.59 -50.74 42.04
C PHE I 888 -21.80 -49.52 41.15
N GLY I 889 -22.39 -49.70 39.98
CA GLY I 889 -22.62 -48.55 39.12
C GLY I 889 -23.97 -47.92 39.26
N ALA I 890 -24.91 -48.63 39.89
CA ALA I 890 -26.28 -48.17 40.09
C ALA I 890 -26.59 -47.75 41.51
N GLY I 891 -25.69 -47.97 42.46
CA GLY I 891 -25.92 -47.62 43.83
C GLY I 891 -24.99 -48.36 44.77
N PRO I 892 -25.54 -48.93 45.83
CA PRO I 892 -24.70 -49.65 46.80
C PRO I 892 -24.15 -50.94 46.20
N ALA I 893 -22.84 -51.13 46.32
CA ALA I 893 -22.19 -52.33 45.80
C ALA I 893 -22.57 -53.55 46.63
N LEU I 894 -23.14 -54.56 45.99
CA LEU I 894 -23.55 -55.80 46.66
C LEU I 894 -22.59 -56.94 46.30
N GLN I 895 -21.96 -57.54 47.31
CA GLN I 895 -21.01 -58.60 47.05
C GLN I 895 -21.70 -59.89 46.59
N ILE I 896 -21.06 -60.56 45.64
CA ILE I 896 -21.55 -61.80 45.05
C ILE I 896 -20.39 -62.68 44.58
N PRO I 897 -20.44 -64.00 44.81
CA PRO I 897 -19.36 -64.88 44.35
C PRO I 897 -19.12 -64.70 42.87
N PHE I 898 -17.85 -64.72 42.48
CA PHE I 898 -17.51 -64.45 41.09
C PHE I 898 -18.05 -65.45 40.08
N PRO I 899 -18.06 -66.75 40.32
CA PRO I 899 -18.70 -67.63 39.34
C PRO I 899 -20.16 -67.32 39.13
N MET I 900 -20.90 -66.96 40.17
CA MET I 900 -22.30 -66.64 39.92
C MET I 900 -22.42 -65.40 39.07
N GLN I 901 -21.50 -64.46 39.21
CA GLN I 901 -21.58 -63.29 38.36
C GLN I 901 -21.35 -63.68 36.92
N MET I 902 -20.35 -64.53 36.67
CA MET I 902 -20.15 -64.92 35.30
C MET I 902 -21.32 -65.74 34.77
N ALA I 903 -22.02 -66.45 35.63
CA ALA I 903 -23.21 -67.15 35.15
C ALA I 903 -24.26 -66.16 34.69
N TYR I 904 -24.47 -65.11 35.48
CA TYR I 904 -25.31 -64.01 35.03
C TYR I 904 -24.90 -63.51 33.66
N ARG I 905 -23.61 -63.23 33.46
CA ARG I 905 -23.24 -62.67 32.17
C ARG I 905 -23.48 -63.67 31.04
N PHE I 906 -23.24 -64.95 31.30
CA PHE I 906 -23.55 -65.95 30.28
C PHE I 906 -25.00 -65.85 29.87
N ASN I 907 -25.91 -65.78 30.85
CA ASN I 907 -27.29 -65.48 30.47
C ASN I 907 -27.34 -64.22 29.63
N GLY I 908 -26.47 -63.27 29.93
CA GLY I 908 -26.46 -62.04 29.18
C GLY I 908 -26.24 -62.24 27.70
N ILE I 909 -25.44 -63.23 27.32
CA ILE I 909 -25.27 -63.52 25.90
C ILE I 909 -26.10 -64.71 25.44
N GLY I 910 -27.14 -65.07 26.18
CA GLY I 910 -28.05 -66.08 25.68
C GLY I 910 -27.64 -67.53 25.86
N VAL I 911 -26.69 -67.83 26.75
CA VAL I 911 -26.31 -69.20 27.04
C VAL I 911 -26.69 -69.52 28.48
N THR I 912 -27.38 -70.64 28.68
CA THR I 912 -27.88 -70.96 30.01
C THR I 912 -26.73 -71.22 30.97
N GLN I 913 -26.93 -70.83 32.23
CA GLN I 913 -25.85 -70.84 33.20
C GLN I 913 -25.32 -72.23 33.51
N ASN I 914 -26.10 -73.28 33.25
CA ASN I 914 -25.55 -74.61 33.52
C ASN I 914 -24.30 -74.83 32.70
N VAL I 915 -24.20 -74.21 31.52
CA VAL I 915 -22.98 -74.34 30.74
C VAL I 915 -21.80 -73.79 31.51
N LEU I 916 -22.01 -72.75 32.32
CA LEU I 916 -20.85 -72.28 33.05
C LEU I 916 -20.55 -73.16 34.24
N TYR I 917 -21.57 -73.62 34.95
CA TYR I 917 -21.24 -74.42 36.14
C TYR I 917 -20.64 -75.77 35.80
N GLU I 918 -20.79 -76.27 34.59
CA GLU I 918 -20.21 -77.55 34.24
C GLU I 918 -18.81 -77.44 33.64
N ASN I 919 -18.32 -76.24 33.38
CA ASN I 919 -17.02 -76.12 32.76
C ASN I 919 -16.18 -75.07 33.44
N GLN I 920 -16.39 -74.87 34.73
CA GLN I 920 -15.64 -73.88 35.47
C GLN I 920 -14.13 -74.04 35.30
N LYS I 921 -13.63 -75.25 35.48
CA LYS I 921 -12.18 -75.48 35.39
C LYS I 921 -11.64 -75.10 34.02
N LEU I 922 -12.28 -75.62 32.98
CA LEU I 922 -11.82 -75.36 31.61
C LEU I 922 -11.87 -73.87 31.30
N ILE I 923 -12.93 -73.21 31.73
CA ILE I 923 -13.05 -71.80 31.42
C ILE I 923 -11.96 -71.02 32.14
N ALA I 924 -11.71 -71.36 33.40
CA ALA I 924 -10.70 -70.63 34.14
C ALA I 924 -9.33 -70.80 33.49
N ASN I 925 -9.03 -72.02 33.04
CA ASN I 925 -7.75 -72.24 32.40
C ASN I 925 -7.64 -71.41 31.13
N GLN I 926 -8.70 -71.36 30.34
CA GLN I 926 -8.63 -70.59 29.11
C GLN I 926 -8.44 -69.12 29.41
N PHE I 927 -9.14 -68.63 30.42
CA PHE I 927 -9.03 -67.22 30.76
C PHE I 927 -7.63 -66.89 31.23
N ASN I 928 -7.05 -67.73 32.09
CA ASN I 928 -5.70 -67.47 32.57
C ASN I 928 -4.69 -67.49 31.44
N SER I 929 -4.80 -68.48 30.55
CA SER I 929 -3.85 -68.55 29.43
C SER I 929 -3.96 -67.31 28.56
N ALA I 930 -5.18 -66.84 28.31
CA ALA I 930 -5.34 -65.67 27.47
C ALA I 930 -4.69 -64.46 28.13
N ILE I 931 -4.90 -64.30 29.43
CA ILE I 931 -4.31 -63.15 30.09
C ILE I 931 -2.80 -63.25 30.03
N GLY I 932 -2.27 -64.47 30.09
CA GLY I 932 -0.82 -64.61 30.03
C GLY I 932 -0.29 -64.24 28.67
N LYS I 933 -1.01 -64.61 27.62
CA LYS I 933 -0.52 -64.31 26.28
C LYS I 933 -0.63 -62.82 25.96
N ILE I 934 -1.50 -62.09 26.65
CA ILE I 934 -1.62 -60.66 26.37
C ILE I 934 -0.31 -59.93 26.59
N GLN I 935 0.35 -60.19 27.71
CA GLN I 935 1.56 -59.45 28.01
C GLN I 935 2.64 -59.73 26.98
N ASP I 936 2.80 -61.00 26.62
CA ASP I 936 3.77 -61.36 25.59
C ASP I 936 3.45 -60.64 24.29
N SER I 937 2.17 -60.59 23.93
CA SER I 937 1.81 -59.92 22.69
C SER I 937 2.18 -58.45 22.74
N LEU I 938 1.89 -57.79 23.85
CA LEU I 938 2.25 -56.38 23.95
C LEU I 938 3.75 -56.19 23.86
N SER I 939 4.52 -57.12 24.42
CA SER I 939 5.97 -56.91 24.41
C SER I 939 6.56 -57.16 23.03
N SER I 940 6.02 -58.12 22.31
CA SER I 940 6.55 -58.46 20.99
C SER I 940 6.07 -57.49 19.92
N THR I 941 4.92 -56.88 20.10
CA THR I 941 4.40 -55.98 19.09
C THR I 941 5.29 -54.76 18.94
N PRO I 942 5.69 -54.41 17.73
CA PRO I 942 6.56 -53.25 17.54
C PRO I 942 5.83 -51.92 17.58
N SER I 943 4.58 -51.90 17.14
CA SER I 943 3.81 -50.67 17.02
C SER I 943 2.42 -50.84 17.61
N ALA I 944 2.34 -51.41 18.81
CA ALA I 944 1.05 -51.55 19.47
C ALA I 944 0.55 -50.22 20.03
N LEU I 945 1.45 -49.35 20.48
CA LEU I 945 1.08 -48.07 21.08
C LEU I 945 1.23 -46.92 20.09
N GLY I 946 0.92 -47.14 18.82
CA GLY I 946 1.11 -46.09 17.85
C GLY I 946 0.39 -44.80 18.17
N LYS I 947 -0.82 -44.91 18.72
CA LYS I 947 -1.62 -43.70 18.91
C LYS I 947 -1.03 -42.76 19.95
N LEU I 948 -0.69 -43.29 21.13
CA LEU I 948 -0.16 -42.42 22.16
C LEU I 948 1.15 -41.81 21.73
N GLN I 949 2.02 -42.61 21.13
CA GLN I 949 3.27 -42.07 20.64
C GLN I 949 3.02 -41.00 19.62
N ASP I 950 1.95 -41.15 18.83
CA ASP I 950 1.67 -40.19 17.79
C ASP I 950 1.27 -38.86 18.39
N VAL I 951 0.47 -38.91 19.46
CA VAL I 951 0.06 -37.67 20.12
C VAL I 951 1.28 -36.94 20.67
N VAL I 952 2.13 -37.67 21.38
CA VAL I 952 3.30 -37.03 21.97
C VAL I 952 4.17 -36.45 20.86
N ASN I 953 4.38 -37.20 19.79
CA ASN I 953 5.24 -36.71 18.73
C ASN I 953 4.67 -35.48 18.07
N HIS I 954 3.34 -35.43 17.92
CA HIS I 954 2.74 -34.25 17.31
C HIS I 954 2.98 -33.02 18.15
N ASN I 955 2.75 -33.12 19.46
CA ASN I 955 3.00 -31.93 20.28
C ASN I 955 4.46 -31.54 20.23
N ALA I 956 5.36 -32.52 20.34
CA ALA I 956 6.78 -32.18 20.32
C ALA I 956 7.17 -31.50 19.02
N GLN I 957 6.69 -32.01 17.90
CA GLN I 957 7.02 -31.43 16.61
C GLN I 957 6.44 -30.04 16.46
N ALA I 958 5.22 -29.83 16.95
CA ALA I 958 4.64 -28.50 16.87
C ALA I 958 5.48 -27.51 17.64
N LEU I 959 5.84 -27.85 18.88
CA LEU I 959 6.68 -26.93 19.62
C LEU I 959 8.01 -26.71 18.93
N ASN I 960 8.58 -27.76 18.36
CA ASN I 960 9.88 -27.63 17.72
C ASN I 960 9.80 -26.65 16.57
N THR I 961 8.80 -26.80 15.71
CA THR I 961 8.71 -25.87 14.59
C THR I 961 8.43 -24.47 15.06
N LEU I 962 7.64 -24.32 16.12
CA LEU I 962 7.36 -22.98 16.62
C LEU I 962 8.61 -22.31 17.16
N VAL I 963 9.45 -23.05 17.88
CA VAL I 963 10.66 -22.42 18.39
C VAL I 963 11.64 -22.18 17.26
N LYS I 964 11.68 -23.08 16.28
CA LYS I 964 12.62 -22.92 15.18
C LYS I 964 12.30 -21.70 14.37
N GLN I 965 11.02 -21.37 14.26
CA GLN I 965 10.66 -20.23 13.43
C GLN I 965 11.18 -18.90 13.95
N LEU I 966 11.83 -18.85 15.11
CA LEU I 966 12.39 -17.57 15.53
C LEU I 966 13.60 -17.18 14.70
N SER I 967 14.26 -18.14 14.09
CA SER I 967 15.46 -17.83 13.32
C SER I 967 15.14 -17.15 11.99
N SER I 968 13.92 -17.31 11.48
CA SER I 968 13.58 -16.72 10.20
C SER I 968 13.71 -15.20 10.27
N LYS I 969 14.12 -14.61 9.15
CA LYS I 969 14.26 -13.16 9.10
C LYS I 969 13.01 -12.43 8.66
N PHE I 970 12.12 -13.08 7.91
CA PHE I 970 10.88 -12.45 7.46
C PHE I 970 11.14 -11.19 6.66
N GLY I 971 12.33 -11.07 6.08
CA GLY I 971 12.70 -9.89 5.33
C GLY I 971 13.56 -8.94 6.11
N ALA I 972 13.64 -9.10 7.43
CA ALA I 972 14.48 -8.22 8.22
C ALA I 972 15.95 -8.58 8.00
N ILE I 973 16.82 -7.61 8.27
CA ILE I 973 18.24 -7.83 8.07
C ILE I 973 18.83 -8.85 9.04
N SER I 974 18.11 -9.19 10.10
CA SER I 974 18.59 -10.17 11.06
C SER I 974 17.42 -10.65 11.90
N SER I 975 17.61 -11.81 12.52
CA SER I 975 16.54 -12.42 13.29
C SER I 975 16.54 -11.98 14.74
N VAL I 976 17.70 -11.63 15.28
CA VAL I 976 17.76 -11.24 16.69
C VAL I 976 17.42 -9.77 16.85
N LEU I 977 16.60 -9.48 17.86
CA LEU I 977 16.15 -8.11 18.08
C LEU I 977 17.31 -7.24 18.51
N ASN I 978 18.25 -7.81 19.25
CA ASN I 978 19.33 -7.02 19.81
C ASN I 978 20.16 -6.38 18.71
N ASP I 979 20.45 -7.13 17.65
CA ASP I 979 21.24 -6.55 16.57
C ASP I 979 20.53 -5.35 15.98
N ILE I 980 19.22 -5.48 15.73
CA ILE I 980 18.46 -4.36 15.20
C ILE I 980 18.56 -3.17 16.13
N LEU I 981 18.45 -3.41 17.43
CA LEU I 981 18.48 -2.32 18.39
C LEU I 981 19.87 -1.79 18.64
N SER I 982 20.91 -2.49 18.17
CA SER I 982 22.27 -2.05 18.38
C SER I 982 22.74 -1.17 17.23
N ARG I 983 22.64 -1.67 16.00
CA ARG I 983 23.20 -1.03 14.82
C ARG I 983 22.18 -0.19 14.04
N LEU I 984 21.19 0.41 14.70
CA LEU I 984 20.27 1.25 13.94
C LEU I 984 19.58 2.28 14.82
N ASP I 985 19.28 3.41 14.20
CA ASP I 985 18.53 4.48 14.84
C ASP I 985 17.07 4.06 14.98
N PRO I 986 16.34 4.67 15.90
CA PRO I 986 14.95 4.26 16.13
C PRO I 986 14.06 4.39 14.90
N PRO I 987 14.19 5.45 14.08
CA PRO I 987 13.28 5.55 12.92
C PRO I 987 13.36 4.38 11.96
N GLU I 988 14.56 3.92 11.61
CA GLU I 988 14.63 2.79 10.70
C GLU I 988 14.44 1.46 11.41
N ALA I 989 14.87 1.39 12.68
CA ALA I 989 14.63 0.18 13.42
C ALA I 989 13.15 -0.09 13.56
N GLU I 990 12.33 0.97 13.56
CA GLU I 990 10.89 0.78 13.65
C GLU I 990 10.37 -0.06 12.49
N VAL I 991 10.70 0.34 11.26
CA VAL I 991 10.20 -0.41 10.13
C VAL I 991 10.91 -1.74 10.02
N GLN I 992 12.08 -1.87 10.62
CA GLN I 992 12.67 -3.20 10.63
C GLN I 992 12.04 -4.10 11.69
N ILE I 993 11.34 -3.51 12.66
CA ILE I 993 10.72 -4.32 13.71
C ILE I 993 9.31 -4.72 13.32
N ASP I 994 8.67 -3.92 12.48
CA ASP I 994 7.36 -4.31 11.95
C ASP I 994 7.40 -5.70 11.30
N ARG I 995 8.43 -5.96 10.51
CA ARG I 995 8.49 -7.23 9.81
C ARG I 995 8.56 -8.39 10.80
N LEU I 996 9.46 -8.28 11.76
CA LEU I 996 9.65 -9.35 12.72
C LEU I 996 8.37 -9.61 13.50
N ILE I 997 7.76 -8.54 13.99
CA ILE I 997 6.54 -8.70 14.76
C ILE I 997 5.48 -9.40 13.93
N THR I 998 5.21 -8.88 12.72
CA THR I 998 4.11 -9.45 11.96
C THR I 998 4.36 -10.91 11.65
N GLY I 999 5.60 -11.27 11.31
CA GLY I 999 5.86 -12.65 10.95
C GLY I 999 5.70 -13.57 12.14
N ARG I 1000 6.25 -13.18 13.28
CA ARG I 1000 6.16 -14.06 14.42
C ARG I 1000 4.74 -14.16 14.90
N LEU I 1001 3.98 -13.08 14.75
CA LEU I 1001 2.58 -13.11 15.14
C LEU I 1001 1.81 -14.09 14.29
N GLN I 1002 2.09 -14.13 12.99
CA GLN I 1002 1.40 -15.11 12.16
C GLN I 1002 1.77 -16.52 12.58
N SER I 1003 3.05 -16.73 12.91
CA SER I 1003 3.47 -18.08 13.30
C SER I 1003 2.70 -18.53 14.53
N LEU I 1004 2.62 -17.65 15.53
CA LEU I 1004 1.95 -18.00 16.76
C LEU I 1004 0.46 -18.25 16.51
N GLN I 1005 -0.13 -17.47 15.61
CA GLN I 1005 -1.55 -17.65 15.33
C GLN I 1005 -1.81 -19.02 14.72
N THR I 1006 -0.97 -19.42 13.77
CA THR I 1006 -1.14 -20.74 13.20
C THR I 1006 -1.01 -21.81 14.27
N TYR I 1007 -0.02 -21.65 15.15
CA TYR I 1007 0.16 -22.65 16.18
C TYR I 1007 -1.09 -22.79 17.03
N VAL I 1008 -1.67 -21.67 17.45
CA VAL I 1008 -2.83 -21.80 18.33
C VAL I 1008 -4.00 -22.43 17.58
N THR I 1009 -4.14 -22.14 16.29
CA THR I 1009 -5.25 -22.77 15.57
C THR I 1009 -5.06 -24.27 15.50
N GLN I 1010 -3.83 -24.70 15.22
CA GLN I 1010 -3.56 -26.13 15.19
C GLN I 1010 -3.89 -26.75 16.54
N GLN I 1011 -3.56 -26.06 17.62
CA GLN I 1011 -3.80 -26.62 18.93
C GLN I 1011 -5.29 -26.76 19.21
N LEU I 1012 -6.08 -25.80 18.74
CA LEU I 1012 -7.52 -25.92 18.94
C LEU I 1012 -8.07 -27.11 18.19
N ILE I 1013 -7.63 -27.30 16.95
CA ILE I 1013 -8.16 -28.41 16.18
C ILE I 1013 -7.80 -29.73 16.85
N ARG I 1014 -6.54 -29.89 17.24
CA ARG I 1014 -6.18 -31.14 17.88
C ARG I 1014 -6.93 -31.33 19.18
N ALA I 1015 -7.20 -30.25 19.91
CA ALA I 1015 -7.90 -30.43 21.17
C ALA I 1015 -9.32 -30.91 20.93
N ALA I 1016 -9.96 -30.41 19.88
CA ALA I 1016 -11.28 -30.92 19.53
C ALA I 1016 -11.21 -32.40 19.22
N GLU I 1017 -10.18 -32.80 18.47
CA GLU I 1017 -10.02 -34.20 18.15
C GLU I 1017 -9.91 -35.05 19.40
N ILE I 1018 -9.05 -34.62 20.33
CA ILE I 1018 -8.82 -35.41 21.51
C ILE I 1018 -10.05 -35.46 22.38
N ARG I 1019 -10.81 -34.38 22.44
CA ARG I 1019 -12.01 -34.40 23.26
C ARG I 1019 -13.03 -35.38 22.71
N ALA I 1020 -13.19 -35.41 21.39
CA ALA I 1020 -14.10 -36.41 20.82
C ALA I 1020 -13.65 -37.81 21.23
N SER I 1021 -12.36 -38.07 21.13
CA SER I 1021 -11.85 -39.38 21.51
C SER I 1021 -12.13 -39.66 22.98
N ALA I 1022 -12.00 -38.65 23.82
CA ALA I 1022 -12.18 -38.87 25.25
C ALA I 1022 -13.63 -39.16 25.56
N ASN I 1023 -14.55 -38.50 24.88
CA ASN I 1023 -15.95 -38.82 25.07
C ASN I 1023 -16.20 -40.28 24.69
N LEU I 1024 -15.62 -40.72 23.59
CA LEU I 1024 -15.81 -42.11 23.22
C LEU I 1024 -15.26 -43.03 24.30
N ALA I 1025 -14.10 -42.70 24.85
CA ALA I 1025 -13.52 -43.55 25.87
C ALA I 1025 -14.41 -43.60 27.10
N ALA I 1026 -14.97 -42.46 27.49
CA ALA I 1026 -15.82 -42.46 28.66
C ALA I 1026 -17.05 -43.30 28.43
N THR I 1027 -17.63 -43.20 27.24
CA THR I 1027 -18.78 -44.04 26.94
C THR I 1027 -18.41 -45.50 27.05
N LYS I 1028 -17.23 -45.86 26.55
CA LYS I 1028 -16.85 -47.26 26.62
C LYS I 1028 -16.68 -47.69 28.06
N MET I 1029 -16.05 -46.85 28.87
CA MET I 1029 -15.94 -47.15 30.29
C MET I 1029 -17.29 -47.45 30.89
N SER I 1030 -18.21 -46.50 30.78
CA SER I 1030 -19.53 -46.66 31.39
C SER I 1030 -20.21 -47.92 30.91
N GLU I 1031 -20.24 -48.15 29.61
CA GLU I 1031 -21.08 -49.24 29.12
C GLU I 1031 -20.42 -50.60 29.20
N CYS I 1032 -19.12 -50.69 28.93
CA CYS I 1032 -18.47 -52.00 28.94
C CYS I 1032 -17.93 -52.36 30.31
N VAL I 1033 -17.40 -51.41 31.07
CA VAL I 1033 -16.80 -51.79 32.34
C VAL I 1033 -17.87 -52.00 33.39
N LEU I 1034 -18.73 -51.00 33.57
CA LEU I 1034 -19.75 -51.03 34.62
C LEU I 1034 -20.94 -51.87 34.24
N GLY I 1035 -20.87 -52.62 33.14
CA GLY I 1035 -22.00 -53.42 32.75
C GLY I 1035 -21.66 -54.33 31.58
N GLN I 1036 -22.70 -54.76 30.90
CA GLN I 1036 -22.60 -55.65 29.77
C GLN I 1036 -23.39 -55.05 28.62
N SER I 1037 -22.78 -54.97 27.45
CA SER I 1037 -23.43 -54.31 26.33
C SER I 1037 -23.87 -55.37 25.33
N LYS I 1038 -25.08 -55.22 24.83
CA LYS I 1038 -25.55 -56.08 23.75
C LYS I 1038 -25.23 -55.50 22.39
N ARG I 1039 -24.62 -54.32 22.31
CA ARG I 1039 -24.28 -53.76 21.02
C ARG I 1039 -23.21 -54.62 20.38
N VAL I 1040 -23.44 -55.02 19.13
CA VAL I 1040 -22.54 -55.94 18.48
C VAL I 1040 -21.26 -55.23 18.08
N ASP I 1041 -20.13 -55.81 18.48
CA ASP I 1041 -18.83 -55.34 18.04
C ASP I 1041 -18.60 -53.90 18.49
N PHE I 1042 -19.02 -53.60 19.71
CA PHE I 1042 -18.65 -52.34 20.35
C PHE I 1042 -17.54 -52.55 21.37
N CYS I 1043 -17.76 -53.42 22.34
CA CYS I 1043 -16.74 -53.75 23.35
C CYS I 1043 -15.96 -54.99 22.92
N GLY I 1044 -15.28 -54.88 21.78
CA GLY I 1044 -14.49 -55.98 21.27
C GLY I 1044 -15.27 -56.87 20.31
N LYS I 1045 -14.51 -57.64 19.53
CA LYS I 1045 -15.11 -58.50 18.52
C LYS I 1045 -15.62 -59.77 19.16
N GLY I 1046 -16.92 -60.02 19.05
CA GLY I 1046 -17.54 -61.18 19.63
C GLY I 1046 -18.59 -60.79 20.65
N TYR I 1047 -19.25 -61.80 21.18
CA TYR I 1047 -20.25 -61.56 22.21
C TYR I 1047 -19.55 -61.06 23.46
N HIS I 1048 -19.84 -59.83 23.86
CA HIS I 1048 -19.10 -59.21 24.95
C HIS I 1048 -19.49 -59.75 26.32
N LEU I 1049 -18.49 -60.07 27.14
CA LEU I 1049 -18.73 -60.44 28.53
C LEU I 1049 -18.42 -59.31 29.52
N MET I 1050 -17.19 -58.83 29.55
CA MET I 1050 -16.85 -57.73 30.44
C MET I 1050 -15.54 -57.13 30.00
N SER I 1051 -15.11 -56.08 30.68
CA SER I 1051 -13.87 -55.43 30.28
C SER I 1051 -13.17 -54.85 31.48
N PHE I 1052 -11.85 -54.82 31.43
CA PHE I 1052 -11.05 -54.30 32.52
C PHE I 1052 -10.23 -53.14 32.01
N PRO I 1053 -10.22 -52.01 32.70
CA PRO I 1053 -9.42 -50.86 32.26
C PRO I 1053 -8.01 -50.92 32.81
N GLN I 1054 -7.09 -50.34 32.05
CA GLN I 1054 -5.72 -50.22 32.53
C GLN I 1054 -5.17 -48.86 32.16
N SER I 1055 -4.51 -48.22 33.11
CA SER I 1055 -3.97 -46.89 32.88
C SER I 1055 -2.81 -46.91 31.91
N ALA I 1056 -2.63 -45.81 31.22
CA ALA I 1056 -1.54 -45.60 30.28
C ALA I 1056 -1.07 -44.17 30.44
N PRO I 1057 0.12 -43.83 29.94
CA PRO I 1057 0.62 -42.45 30.12
C PRO I 1057 -0.37 -41.38 29.73
N HIS I 1058 -1.13 -41.58 28.67
CA HIS I 1058 -2.08 -40.53 28.30
C HIS I 1058 -3.41 -41.11 27.85
N GLY I 1059 -3.77 -42.30 28.27
CA GLY I 1059 -4.99 -42.89 27.81
C GLY I 1059 -5.32 -44.12 28.58
N VAL I 1060 -6.23 -44.90 28.03
CA VAL I 1060 -6.68 -46.12 28.68
C VAL I 1060 -6.49 -47.30 27.75
N VAL I 1061 -6.38 -48.48 28.35
CA VAL I 1061 -6.24 -49.72 27.61
C VAL I 1061 -7.31 -50.67 28.10
N PHE I 1062 -8.30 -50.93 27.27
CA PHE I 1062 -9.40 -51.82 27.65
C PHE I 1062 -9.10 -53.26 27.28
N LEU I 1063 -9.27 -54.15 28.24
CA LEU I 1063 -9.10 -55.59 28.04
C LEU I 1063 -10.48 -56.21 27.86
N HIS I 1064 -11.02 -56.11 26.66
CA HIS I 1064 -12.34 -56.68 26.42
C HIS I 1064 -12.29 -58.18 26.48
N VAL I 1065 -13.17 -58.79 27.28
CA VAL I 1065 -13.30 -60.24 27.33
C VAL I 1065 -14.50 -60.66 26.52
N THR I 1066 -14.27 -61.43 25.46
CA THR I 1066 -15.30 -61.80 24.52
C THR I 1066 -15.42 -63.32 24.45
N TYR I 1067 -16.62 -63.78 24.15
CA TYR I 1067 -16.93 -65.19 23.98
C TYR I 1067 -17.10 -65.49 22.51
N VAL I 1068 -16.35 -66.46 21.98
CA VAL I 1068 -16.36 -66.79 20.57
C VAL I 1068 -16.63 -68.28 20.37
N PRO I 1069 -17.66 -68.66 19.63
CA PRO I 1069 -17.91 -70.08 19.36
C PRO I 1069 -16.87 -70.69 18.41
N ALA I 1070 -16.87 -72.01 18.35
CA ALA I 1070 -15.99 -72.76 17.48
C ALA I 1070 -16.48 -74.20 17.37
N GLN I 1071 -15.88 -74.96 16.45
CA GLN I 1071 -16.20 -76.37 16.19
C GLN I 1071 -17.66 -76.57 15.80
N GLU I 1072 -18.07 -75.94 14.70
CA GLU I 1072 -19.46 -76.06 14.28
C GLU I 1072 -19.73 -77.43 13.67
N LYS I 1073 -21.01 -77.75 13.52
CA LYS I 1073 -21.41 -79.05 13.02
C LYS I 1073 -22.71 -78.93 12.24
N ASN I 1074 -22.87 -79.80 11.25
CA ASN I 1074 -24.05 -79.82 10.41
C ASN I 1074 -25.25 -80.45 11.09
N PHE I 1075 -26.43 -79.98 10.73
CA PHE I 1075 -27.65 -80.57 11.22
C PHE I 1075 -28.76 -80.32 10.21
N THR I 1076 -29.76 -81.17 10.25
CA THR I 1076 -30.96 -81.00 9.45
C THR I 1076 -32.07 -80.49 10.34
N THR I 1077 -32.84 -79.53 9.83
CA THR I 1077 -33.83 -78.84 10.65
C THR I 1077 -35.14 -78.69 9.92
N ALA I 1078 -36.16 -78.36 10.69
CA ALA I 1078 -37.49 -78.06 10.20
C ALA I 1078 -38.06 -76.92 11.03
N PRO I 1079 -38.90 -76.08 10.45
CA PRO I 1079 -39.36 -74.90 11.20
C PRO I 1079 -40.38 -75.20 12.27
N ALA I 1080 -41.10 -76.32 12.20
CA ALA I 1080 -42.13 -76.58 13.18
C ALA I 1080 -42.46 -78.05 13.16
N ILE I 1081 -43.07 -78.52 14.23
CA ILE I 1081 -43.46 -79.92 14.31
C ILE I 1081 -44.97 -80.02 14.30
N CYS I 1082 -45.49 -81.00 13.58
CA CYS I 1082 -46.92 -81.26 13.49
C CYS I 1082 -47.26 -82.50 14.29
N HIS I 1083 -48.08 -82.33 15.31
CA HIS I 1083 -48.54 -83.46 16.11
C HIS I 1083 -50.00 -83.21 16.41
N ASP I 1084 -50.82 -84.25 16.25
CA ASP I 1084 -52.25 -84.15 16.47
C ASP I 1084 -52.89 -83.10 15.56
N GLY I 1085 -52.26 -82.83 14.42
CA GLY I 1085 -52.81 -81.92 13.46
C GLY I 1085 -52.55 -80.46 13.74
N LYS I 1086 -51.91 -80.13 14.86
CA LYS I 1086 -51.60 -78.76 15.20
C LYS I 1086 -50.09 -78.57 15.23
N ALA I 1087 -49.65 -77.36 14.94
CA ALA I 1087 -48.25 -77.07 14.81
C ALA I 1087 -47.64 -76.72 16.15
N HIS I 1088 -46.42 -77.19 16.39
CA HIS I 1088 -45.66 -76.87 17.59
C HIS I 1088 -44.43 -76.07 17.20
N PHE I 1089 -44.11 -75.09 18.01
CA PHE I 1089 -42.94 -74.28 17.80
C PHE I 1089 -42.07 -74.31 19.04
N PRO I 1090 -40.77 -74.09 18.92
CA PRO I 1090 -39.90 -74.19 20.08
C PRO I 1090 -39.96 -72.88 20.85
N ARG I 1091 -40.00 -72.98 22.18
CA ARG I 1091 -39.99 -71.76 22.98
C ARG I 1091 -38.71 -70.97 22.76
N GLU I 1092 -37.57 -71.65 22.80
CA GLU I 1092 -36.30 -71.01 22.48
C GLU I 1092 -35.43 -72.08 21.82
N GLY I 1093 -34.80 -71.73 20.73
CA GLY I 1093 -33.94 -72.67 20.06
C GLY I 1093 -34.48 -73.10 18.71
N VAL I 1094 -33.99 -74.24 18.25
CA VAL I 1094 -34.30 -74.72 16.92
C VAL I 1094 -34.62 -76.20 16.99
N PHE I 1095 -35.52 -76.65 16.13
CA PHE I 1095 -35.75 -78.07 16.00
C PHE I 1095 -34.63 -78.66 15.16
N VAL I 1096 -33.80 -79.48 15.77
CA VAL I 1096 -32.64 -80.04 15.12
C VAL I 1096 -32.80 -81.53 15.04
N SER I 1097 -32.58 -82.09 13.86
CA SER I 1097 -32.64 -83.51 13.61
C SER I 1097 -31.26 -84.05 13.30
N ASN I 1098 -30.94 -85.21 13.88
CA ASN I 1098 -29.64 -85.84 13.71
C ASN I 1098 -29.69 -86.99 12.72
N GLY I 1099 -30.64 -86.95 11.79
CA GLY I 1099 -30.73 -87.96 10.75
C GLY I 1099 -31.96 -88.81 10.92
N THR I 1100 -32.26 -89.19 12.16
CA THR I 1100 -33.40 -90.03 12.48
C THR I 1100 -34.21 -89.54 13.65
N HIS I 1101 -33.65 -88.70 14.52
CA HIS I 1101 -34.33 -88.25 15.70
C HIS I 1101 -34.29 -86.73 15.76
N TRP I 1102 -35.34 -86.15 16.32
CA TRP I 1102 -35.48 -84.71 16.43
C TRP I 1102 -35.28 -84.26 17.86
N PHE I 1103 -34.66 -83.10 18.01
CA PHE I 1103 -34.41 -82.54 19.33
C PHE I 1103 -34.59 -81.03 19.27
N VAL I 1104 -34.66 -80.42 20.44
CA VAL I 1104 -34.67 -78.97 20.60
C VAL I 1104 -33.35 -78.57 21.23
N THR I 1105 -32.79 -77.47 20.78
CA THR I 1105 -31.52 -77.06 21.34
C THR I 1105 -31.39 -75.56 21.36
N GLN I 1106 -30.80 -75.03 22.43
CA GLN I 1106 -30.56 -73.61 22.50
C GLN I 1106 -29.66 -73.19 21.35
N ARG I 1107 -29.77 -71.93 20.94
CA ARG I 1107 -29.20 -71.54 19.66
C ARG I 1107 -27.68 -71.57 19.65
N ASN I 1108 -27.02 -71.08 20.69
CA ASN I 1108 -25.59 -70.88 20.64
C ASN I 1108 -24.74 -72.01 21.22
N PHE I 1109 -25.32 -73.16 21.54
CA PHE I 1109 -24.49 -74.24 22.07
C PHE I 1109 -25.25 -75.54 21.96
N TYR I 1110 -24.61 -76.54 21.39
CA TYR I 1110 -25.29 -77.80 21.13
C TYR I 1110 -25.59 -78.51 22.44
N GLU I 1111 -26.87 -78.65 22.76
CA GLU I 1111 -27.29 -79.39 23.96
C GLU I 1111 -28.65 -79.97 23.72
N PRO I 1112 -28.73 -81.07 23.00
CA PRO I 1112 -30.03 -81.60 22.58
C PRO I 1112 -30.84 -82.06 23.77
N GLN I 1113 -32.14 -81.84 23.69
CA GLN I 1113 -33.09 -82.24 24.71
C GLN I 1113 -34.25 -82.98 24.09
N ILE I 1114 -34.91 -83.80 24.88
CA ILE I 1114 -36.10 -84.49 24.41
C ILE I 1114 -37.22 -83.48 24.17
N ILE I 1115 -37.93 -83.66 23.07
CA ILE I 1115 -39.03 -82.78 22.72
C ILE I 1115 -40.23 -83.07 23.62
N THR I 1116 -40.65 -82.09 24.39
CA THR I 1116 -41.78 -82.25 25.29
C THR I 1116 -42.72 -81.06 25.15
N THR I 1117 -43.91 -81.21 25.73
CA THR I 1117 -44.88 -80.13 25.70
C THR I 1117 -44.50 -78.93 26.55
N ASP I 1118 -43.50 -79.05 27.42
CA ASP I 1118 -43.18 -77.93 28.30
C ASP I 1118 -42.38 -76.85 27.60
N ASN I 1119 -41.48 -77.22 26.69
CA ASN I 1119 -40.62 -76.26 26.02
C ASN I 1119 -41.11 -75.93 24.61
N THR I 1120 -42.39 -76.19 24.34
CA THR I 1120 -42.99 -75.90 23.05
C THR I 1120 -44.39 -75.39 23.28
N PHE I 1121 -44.88 -74.57 22.36
CA PHE I 1121 -46.22 -74.03 22.46
C PHE I 1121 -46.94 -74.17 21.13
N VAL I 1122 -48.24 -74.18 21.21
CA VAL I 1122 -49.10 -74.53 20.09
C VAL I 1122 -49.66 -73.28 19.47
N SER I 1123 -49.89 -73.30 18.16
CA SER I 1123 -50.55 -72.19 17.48
C SER I 1123 -51.21 -72.75 16.22
N GLY I 1124 -52.51 -72.94 16.29
CA GLY I 1124 -53.28 -73.34 15.12
C GLY I 1124 -52.95 -74.71 14.57
N ASN I 1125 -53.73 -75.15 13.58
CA ASN I 1125 -53.50 -76.45 12.98
C ASN I 1125 -52.24 -76.44 12.12
N CYS I 1126 -51.79 -77.64 11.75
CA CYS I 1126 -50.48 -77.83 11.16
C CYS I 1126 -50.52 -77.97 9.64
N ASP I 1127 -51.44 -77.29 8.97
CA ASP I 1127 -51.46 -77.32 7.51
C ASP I 1127 -51.09 -76.02 6.82
N VAL I 1128 -50.94 -74.92 7.55
CA VAL I 1128 -50.60 -73.67 6.88
C VAL I 1128 -49.10 -73.44 6.75
N VAL I 1129 -48.31 -73.88 7.71
CA VAL I 1129 -46.87 -73.61 7.71
C VAL I 1129 -46.17 -74.49 6.68
N ILE I 1130 -45.16 -73.93 6.04
CA ILE I 1130 -44.39 -74.64 5.02
C ILE I 1130 -43.16 -75.27 5.63
N GLY I 1131 -42.86 -76.50 5.21
CA GLY I 1131 -41.74 -77.25 5.73
C GLY I 1131 -41.96 -77.97 7.04
N ILE I 1132 -43.21 -78.14 7.47
CA ILE I 1132 -43.45 -78.84 8.72
C ILE I 1132 -43.19 -80.33 8.54
N VAL I 1133 -42.78 -80.98 9.62
CA VAL I 1133 -42.47 -82.39 9.63
C VAL I 1133 -43.30 -83.06 10.72
N ASN I 1134 -43.18 -84.38 10.81
CA ASN I 1134 -44.00 -85.14 11.73
C ASN I 1134 -43.14 -85.76 12.82
N ASN I 1135 -43.64 -85.77 14.05
CA ASN I 1135 -42.94 -86.41 15.15
C ASN I 1135 -43.80 -86.44 16.40
N THR I 1136 -43.40 -87.29 17.33
CA THR I 1136 -44.06 -87.43 18.61
C THR I 1136 -43.59 -86.31 19.54
N VAL I 1137 -44.53 -85.63 20.18
CA VAL I 1137 -44.21 -84.62 21.17
C VAL I 1137 -44.67 -85.12 22.53
N TYR I 1138 -43.76 -85.71 23.30
CA TYR I 1138 -44.15 -86.33 24.56
C TYR I 1138 -44.63 -85.31 25.58
N ASP I 1139 -45.62 -85.71 26.36
CA ASP I 1139 -46.17 -84.95 27.48
C ASP I 1139 -45.85 -85.67 28.79
N PRO I 1140 -45.13 -85.07 29.72
CA PRO I 1140 -44.71 -85.81 30.93
C PRO I 1140 -45.86 -86.28 31.80
N LEU I 1141 -47.07 -85.75 31.63
CA LEU I 1141 -48.16 -86.18 32.49
C LEU I 1141 -48.68 -87.56 32.11
N GLN I 1142 -48.54 -87.95 30.83
CA GLN I 1142 -49.07 -89.25 30.43
C GLN I 1142 -48.32 -90.40 31.08
N PRO I 1143 -46.98 -90.50 31.00
CA PRO I 1143 -46.31 -91.61 31.67
C PRO I 1143 -46.58 -91.69 33.15
N GLU I 1144 -46.79 -90.55 33.82
CA GLU I 1144 -47.05 -90.60 35.26
C GLU I 1144 -48.41 -91.20 35.54
N LEU I 1145 -49.43 -90.79 34.78
CA LEU I 1145 -50.79 -91.31 34.92
C LEU I 1145 -51.27 -91.18 36.37
N ASP I 1146 -51.21 -89.96 36.88
CA ASP I 1146 -51.62 -89.69 38.26
C ASP I 1146 -53.14 -89.68 38.40
N GLU J 1 5.31 67.54 -11.36
CA GLU J 1 6.04 68.57 -12.10
C GLU J 1 5.13 69.76 -12.39
N ILE J 2 5.11 70.69 -11.44
CA ILE J 2 4.31 71.92 -11.53
C ILE J 2 5.13 72.98 -12.25
N VAL J 3 4.58 73.53 -13.32
CA VAL J 3 5.29 74.52 -14.15
C VAL J 3 4.99 75.93 -13.68
N MET J 4 6.05 76.68 -13.38
CA MET J 4 5.97 78.07 -12.93
C MET J 4 6.30 79.02 -14.08
N THR J 5 5.57 80.13 -14.14
CA THR J 5 5.73 81.11 -15.20
C THR J 5 5.90 82.49 -14.56
N GLN J 6 7.03 83.13 -14.85
CA GLN J 6 7.32 84.44 -14.30
C GLN J 6 6.84 85.52 -15.26
N SER J 7 6.68 86.74 -14.74
CA SER J 7 6.22 87.84 -15.59
C SER J 7 6.48 89.16 -14.89
N PRO J 8 6.78 90.23 -15.64
CA PRO J 8 7.14 90.14 -17.05
C PRO J 8 8.54 89.59 -17.26
N ALA J 9 8.98 89.53 -18.52
CA ALA J 9 10.33 89.03 -18.83
C ALA J 9 11.41 90.04 -18.45
N THR J 10 11.21 91.32 -18.79
CA THR J 10 12.19 92.36 -18.54
C THR J 10 11.54 93.55 -17.85
N LEU J 11 12.40 94.39 -17.27
CA LEU J 11 11.97 95.56 -16.50
C LEU J 11 13.12 96.55 -16.49
N SER J 12 12.84 97.79 -16.88
CA SER J 12 13.83 98.86 -16.87
C SER J 12 13.25 100.04 -16.11
N VAL J 13 13.75 100.28 -14.91
CA VAL J 13 13.25 101.32 -14.03
C VAL J 13 14.38 102.27 -13.68
N SER J 14 14.06 103.56 -13.58
CA SER J 14 15.03 104.56 -13.18
C SER J 14 15.61 104.18 -11.81
N PRO J 15 16.85 104.57 -11.52
CA PRO J 15 17.43 104.20 -10.22
C PRO J 15 16.62 104.80 -9.09
N GLY J 16 16.57 104.07 -7.98
CA GLY J 16 16.02 104.55 -6.73
C GLY J 16 14.55 104.26 -6.48
N GLU J 17 13.81 103.67 -7.42
CA GLU J 17 12.37 103.45 -7.25
C GLU J 17 12.10 101.98 -6.96
N ARG J 18 10.82 101.62 -6.90
CA ARG J 18 10.41 100.25 -6.64
C ARG J 18 10.27 99.45 -7.94
N ALA J 19 10.34 98.13 -7.80
CA ALA J 19 10.14 97.21 -8.90
C ALA J 19 9.32 96.02 -8.41
N THR J 20 8.40 95.55 -9.26
CA THR J 20 7.43 94.53 -8.87
C THR J 20 7.48 93.44 -9.92
N LEU J 21 7.78 92.21 -9.49
CA LEU J 21 7.85 91.07 -10.38
C LEU J 21 6.94 89.95 -9.91
N SER J 22 6.13 89.42 -10.82
CA SER J 22 5.20 88.35 -10.52
C SER J 22 5.71 87.05 -11.10
N CYS J 23 5.54 85.97 -10.35
CA CYS J 23 5.82 84.63 -10.85
C CYS J 23 4.61 83.79 -10.53
N ARG J 24 4.06 83.12 -11.54
CA ARG J 24 2.75 82.51 -11.46
C ARG J 24 2.86 80.99 -11.56
N ALA J 25 2.23 80.32 -10.60
CA ALA J 25 2.15 78.87 -10.52
C ALA J 25 0.84 78.40 -11.14
N SER J 26 0.72 77.08 -11.29
CA SER J 26 -0.47 76.49 -11.86
C SER J 26 -1.30 75.70 -10.85
N GLN J 27 -0.81 75.48 -9.64
CA GLN J 27 -1.55 74.78 -8.61
C GLN J 27 -1.31 75.47 -7.27
N SER J 28 -1.70 74.82 -6.19
CA SER J 28 -1.55 75.39 -4.84
C SER J 28 -0.13 75.19 -4.35
N VAL J 29 0.59 76.31 -4.19
CA VAL J 29 1.95 76.36 -3.66
C VAL J 29 1.97 76.99 -2.27
N SER J 30 0.79 77.16 -1.66
CA SER J 30 0.59 77.77 -0.35
C SER J 30 1.67 78.77 0.00
N SER J 31 2.56 78.46 0.94
CA SER J 31 3.61 79.40 1.31
C SER J 31 4.99 78.79 1.12
N ASP J 32 5.09 77.81 0.23
CA ASP J 32 6.35 77.11 -0.04
C ASP J 32 7.03 77.75 -1.25
N LEU J 33 7.99 78.63 -1.01
CA LEU J 33 8.64 79.33 -2.11
C LEU J 33 10.02 79.79 -1.66
N ALA J 34 10.73 80.42 -2.60
CA ALA J 34 11.96 81.13 -2.32
C ALA J 34 12.31 81.96 -3.53
N TRP J 35 13.21 82.93 -3.33
CA TRP J 35 13.64 83.82 -4.40
C TRP J 35 15.16 83.87 -4.38
N TYR J 36 15.76 83.65 -5.54
CA TYR J 36 17.21 83.64 -5.67
C TYR J 36 17.64 84.75 -6.62
N GLN J 37 18.71 85.44 -6.26
CA GLN J 37 19.29 86.47 -7.12
C GLN J 37 20.67 85.99 -7.58
N GLN J 38 20.76 85.60 -8.85
CA GLN J 38 21.97 85.03 -9.41
C GLN J 38 22.67 86.14 -10.19
N LYS J 39 23.50 86.91 -9.49
CA LYS J 39 24.25 87.95 -10.17
C LYS J 39 25.09 87.32 -11.27
N PRO J 40 25.14 87.92 -12.46
CA PRO J 40 25.72 87.22 -13.62
C PRO J 40 27.19 86.91 -13.45
N GLY J 41 27.52 85.63 -13.38
CA GLY J 41 28.91 85.21 -13.32
C GLY J 41 29.21 84.18 -12.26
N GLN J 42 28.23 83.87 -11.41
CA GLN J 42 28.45 82.90 -10.34
C GLN J 42 27.11 82.30 -9.92
N ALA J 43 27.13 81.51 -8.84
CA ALA J 43 25.97 80.79 -8.38
C ALA J 43 24.90 81.74 -7.84
N PRO J 44 23.64 81.29 -7.78
CA PRO J 44 22.58 82.14 -7.25
C PRO J 44 22.78 82.40 -5.76
N ARG J 45 21.98 83.33 -5.25
CA ARG J 45 22.02 83.73 -3.84
C ARG J 45 20.59 83.77 -3.32
N LEU J 46 20.36 83.13 -2.18
CA LEU J 46 19.00 83.08 -1.64
C LEU J 46 18.66 84.44 -1.04
N LEU J 47 17.49 84.96 -1.40
CA LEU J 47 17.01 86.23 -0.87
C LEU J 47 15.89 86.04 0.15
N ILE J 48 14.81 85.37 -0.24
CA ILE J 48 13.60 85.27 0.57
C ILE J 48 13.08 83.85 0.44
N TYR J 49 12.89 83.17 1.57
CA TYR J 49 12.47 81.78 1.58
C TYR J 49 11.04 81.68 2.11
N GLY J 50 10.53 80.45 2.19
CA GLY J 50 9.16 80.24 2.61
C GLY J 50 8.17 81.07 1.83
N ALA J 51 7.38 81.88 2.52
CA ALA J 51 6.39 82.74 1.88
C ALA J 51 6.99 84.11 1.61
N SER J 52 7.56 84.71 2.65
CA SER J 52 8.12 86.05 2.51
C SER J 52 9.27 86.27 3.47
N THR J 53 9.77 85.22 4.14
CA THR J 53 10.83 85.36 5.11
C THR J 53 12.12 85.75 4.41
N ARG J 54 12.78 86.80 4.89
CA ARG J 54 13.97 87.30 4.22
C ARG J 54 15.18 86.51 4.70
N ALA J 55 15.90 85.88 3.76
CA ALA J 55 17.10 85.13 4.11
C ALA J 55 18.09 86.01 4.84
N THR J 56 18.88 85.39 5.71
CA THR J 56 19.87 86.12 6.50
C THR J 56 20.75 87.00 5.63
N GLY J 57 21.10 88.17 6.16
CA GLY J 57 21.96 89.11 5.47
C GLY J 57 21.25 89.93 4.42
N ILE J 58 20.43 89.24 3.61
CA ILE J 58 19.68 89.80 2.49
C ILE J 58 19.04 91.14 2.83
N PRO J 59 19.44 92.22 2.15
CA PRO J 59 18.91 93.55 2.45
C PRO J 59 17.38 93.57 2.53
N ALA J 60 16.87 94.24 3.55
CA ALA J 60 15.42 94.40 3.72
C ALA J 60 14.75 95.00 2.49
N ARG J 61 15.54 95.59 1.59
CA ARG J 61 15.04 96.21 0.37
C ARG J 61 14.21 95.25 -0.48
N PHE J 62 14.27 93.94 -0.23
CA PHE J 62 13.48 92.97 -0.96
C PHE J 62 12.23 92.66 -0.15
N SER J 63 11.15 92.35 -0.85
CA SER J 63 9.93 91.96 -0.14
C SER J 63 9.18 90.97 -1.00
N GLY J 64 8.87 89.82 -0.42
CA GLY J 64 8.10 88.78 -1.08
C GLY J 64 6.70 88.71 -0.51
N SER J 65 5.76 88.26 -1.33
CA SER J 65 4.39 88.15 -0.87
C SER J 65 3.68 87.15 -1.77
N GLY J 66 2.47 86.79 -1.37
CA GLY J 66 1.63 85.88 -2.11
C GLY J 66 1.56 84.51 -1.46
N SER J 67 0.61 83.73 -1.93
CA SER J 67 0.33 82.40 -1.39
C SER J 67 -0.71 81.74 -2.28
N GLY J 68 -0.70 80.41 -2.29
CA GLY J 68 -1.65 79.66 -3.09
C GLY J 68 -1.15 79.33 -4.48
N THR J 69 -1.57 80.11 -5.47
CA THR J 69 -1.12 79.91 -6.85
C THR J 69 -0.45 81.13 -7.46
N GLU J 70 -0.30 82.22 -6.72
CA GLU J 70 0.22 83.48 -7.26
C GLU J 70 1.19 84.08 -6.26
N PHE J 71 2.34 84.52 -6.74
CA PHE J 71 3.33 85.11 -5.84
C PHE J 71 3.99 86.30 -6.52
N THR J 72 4.61 87.16 -5.71
CA THR J 72 5.22 88.39 -6.17
C THR J 72 6.43 88.72 -5.31
N LEU J 73 7.48 89.20 -5.95
CA LEU J 73 8.66 89.72 -5.24
C LEU J 73 8.73 91.22 -5.50
N THR J 74 9.10 91.99 -4.48
CA THR J 74 9.11 93.45 -4.61
C THR J 74 10.38 94.02 -4.01
N ILE J 75 10.99 94.96 -4.73
CA ILE J 75 12.23 95.62 -4.32
C ILE J 75 11.93 97.08 -4.07
N SER J 76 12.40 97.60 -2.92
CA SER J 76 12.07 98.96 -2.52
C SER J 76 12.78 99.99 -3.39
N SER J 77 14.11 99.97 -3.42
CA SER J 77 14.87 101.01 -4.11
C SER J 77 16.06 100.35 -4.82
N LEU J 78 15.92 100.16 -6.13
CA LEU J 78 17.00 99.53 -6.89
C LEU J 78 18.25 100.39 -6.88
N GLN J 79 19.36 99.80 -6.45
CA GLN J 79 20.66 100.43 -6.61
C GLN J 79 21.32 99.91 -7.89
N SER J 80 22.41 100.55 -8.28
CA SER J 80 23.00 100.28 -9.60
C SER J 80 23.40 98.81 -9.73
N GLU J 81 23.77 98.16 -8.64
CA GLU J 81 24.26 96.78 -8.67
C GLU J 81 23.15 95.74 -8.55
N ASP J 82 21.89 96.15 -8.39
CA ASP J 82 20.79 95.21 -8.24
C ASP J 82 20.48 94.43 -9.51
N SER J 83 21.05 94.83 -10.65
CA SER J 83 20.76 94.15 -11.90
C SER J 83 21.26 92.71 -11.86
N ALA J 84 20.34 91.77 -11.99
CA ALA J 84 20.65 90.34 -11.92
C ALA J 84 19.39 89.58 -12.34
N VAL J 85 19.47 88.26 -12.26
CA VAL J 85 18.34 87.38 -12.56
C VAL J 85 17.75 86.83 -11.28
N TYR J 86 16.43 86.63 -11.29
CA TYR J 86 15.70 86.16 -10.12
C TYR J 86 14.83 84.98 -10.51
N TYR J 87 14.75 83.99 -9.63
CA TYR J 87 13.97 82.78 -9.87
C TYR J 87 13.18 82.46 -8.61
N CYS J 88 11.93 82.03 -8.77
CA CYS J 88 11.13 81.62 -7.63
C CYS J 88 11.10 80.10 -7.64
N GLN J 89 11.62 79.49 -6.59
CA GLN J 89 11.71 78.04 -6.51
C GLN J 89 10.69 77.53 -5.51
N GLN J 90 9.84 76.61 -5.95
CA GLN J 90 8.84 76.01 -5.09
C GLN J 90 9.28 74.63 -4.65
N TYR J 91 8.74 74.19 -3.52
CA TYR J 91 9.14 72.95 -2.90
C TYR J 91 8.00 72.37 -2.07
N ASN J 92 6.85 72.13 -2.71
CA ASN J 92 5.73 71.65 -1.92
C ASN J 92 5.86 70.16 -1.64
N ASN J 93 6.81 69.50 -2.30
CA ASN J 93 6.99 68.06 -2.18
C ASN J 93 8.38 67.67 -1.68
N TRP J 94 9.20 68.64 -1.21
CA TRP J 94 10.61 68.49 -0.80
C TRP J 94 11.17 67.09 -1.14
N PRO J 95 11.18 66.04 -0.30
CA PRO J 95 11.80 64.79 -0.75
C PRO J 95 11.08 64.23 -1.96
N PRO J 96 11.81 63.78 -3.00
CA PRO J 96 12.69 64.64 -3.82
C PRO J 96 12.01 65.66 -4.75
N GLY J 97 12.17 66.95 -4.46
CA GLY J 97 11.53 67.94 -5.32
C GLY J 97 11.80 69.41 -5.06
N TYR J 98 11.82 70.15 -6.17
CA TYR J 98 12.05 71.57 -6.38
C TYR J 98 11.65 71.89 -7.81
N THR J 99 11.16 73.11 -8.03
CA THR J 99 10.82 73.52 -9.39
C THR J 99 11.14 74.99 -9.62
N PHE J 100 12.00 75.25 -10.61
CA PHE J 100 12.60 76.53 -10.87
C PHE J 100 11.71 77.26 -11.88
N GLY J 101 12.07 78.51 -12.20
CA GLY J 101 11.35 79.28 -13.19
C GLY J 101 12.19 79.53 -14.42
N GLN J 102 11.68 80.41 -15.28
CA GLN J 102 12.43 80.79 -16.47
C GLN J 102 13.37 81.96 -16.23
N GLY J 103 13.30 82.61 -15.06
CA GLY J 103 14.18 83.72 -14.76
C GLY J 103 13.69 85.05 -15.31
N THR J 104 14.15 86.12 -14.68
CA THR J 104 13.76 87.46 -15.09
C THR J 104 14.98 88.36 -15.05
N LYS J 105 15.15 89.16 -16.10
CA LYS J 105 16.30 90.05 -16.22
C LYS J 105 15.86 91.45 -15.86
N LEU J 106 16.44 92.01 -14.80
CA LEU J 106 16.09 93.34 -14.34
C LEU J 106 17.32 94.24 -14.45
N GLU J 107 17.14 95.43 -15.02
CA GLU J 107 18.29 96.30 -15.18
C GLU J 107 17.91 97.72 -14.78
N ILE J 108 18.81 98.68 -14.98
CA ILE J 108 18.57 100.06 -14.57
C ILE J 108 19.06 101.00 -15.67
N LYS J 109 18.17 101.88 -16.13
CA LYS J 109 18.49 102.95 -17.10
C LYS J 109 19.31 102.47 -18.28
N GLU K 1 35.84 79.70 4.54
CA GLU K 1 34.45 80.02 4.79
C GLU K 1 33.55 78.88 4.32
N VAL K 2 32.31 78.86 4.81
CA VAL K 2 31.33 77.88 4.33
C VAL K 2 31.20 78.01 2.83
N GLN K 3 31.38 76.89 2.13
CA GLN K 3 31.50 76.91 0.68
C GLN K 3 31.29 75.49 0.15
N LEU K 4 31.03 75.42 -1.15
CA LEU K 4 31.03 74.15 -1.87
C LEU K 4 31.86 74.35 -3.12
N VAL K 5 32.93 73.56 -3.25
CA VAL K 5 33.85 73.68 -4.38
C VAL K 5 33.72 72.42 -5.23
N GLU K 6 33.78 72.60 -6.54
CA GLU K 6 33.46 71.54 -7.47
C GLU K 6 34.66 71.22 -8.36
N SER K 7 34.62 70.01 -8.95
CA SER K 7 35.65 69.56 -9.88
C SER K 7 35.04 68.50 -10.79
N GLY K 8 35.79 68.14 -11.83
CA GLY K 8 35.33 67.22 -12.85
C GLY K 8 34.91 67.87 -14.15
N GLY K 9 34.68 69.18 -14.16
CA GLY K 9 34.25 69.83 -15.40
C GLY K 9 35.30 69.72 -16.49
N GLY K 10 34.84 69.54 -17.72
CA GLY K 10 35.76 69.41 -18.84
C GLY K 10 35.03 69.07 -20.13
N LEU K 11 35.72 68.28 -20.97
CA LEU K 11 35.19 67.87 -22.27
C LEU K 11 35.37 66.37 -22.42
N VAL K 12 34.36 65.71 -22.98
CA VAL K 12 34.37 64.26 -23.21
C VAL K 12 33.55 63.92 -24.44
N GLN K 13 33.92 62.84 -25.11
CA GLN K 13 33.24 62.43 -26.32
C GLN K 13 31.88 61.84 -25.96
N PRO K 14 30.86 61.99 -26.84
CA PRO K 14 29.52 61.48 -26.52
C PRO K 14 29.53 60.00 -26.12
N GLY K 15 28.54 59.56 -25.36
CA GLY K 15 28.55 58.20 -24.87
C GLY K 15 29.56 57.94 -23.76
N GLY K 16 30.50 58.87 -23.59
CA GLY K 16 31.50 58.75 -22.55
C GLY K 16 30.92 59.00 -21.17
N SER K 17 31.80 58.87 -20.18
CA SER K 17 31.46 59.06 -18.77
C SER K 17 32.15 60.31 -18.23
N LEU K 18 31.79 60.67 -17.00
CA LEU K 18 32.37 61.83 -16.34
C LEU K 18 32.05 61.71 -14.86
N ARG K 19 32.74 62.51 -14.06
CA ARG K 19 32.51 62.50 -12.62
C ARG K 19 32.64 63.93 -12.11
N LEU K 20 31.57 64.42 -11.50
CA LEU K 20 31.54 65.72 -10.85
C LEU K 20 31.79 65.53 -9.37
N SER K 21 32.55 66.43 -8.77
CA SER K 21 32.93 66.33 -7.38
C SER K 21 32.62 67.63 -6.67
N CYS K 22 32.28 67.52 -5.39
CA CYS K 22 31.83 68.68 -4.63
C CYS K 22 32.50 68.64 -3.27
N ALA K 23 33.27 69.68 -2.96
CA ALA K 23 33.96 69.78 -1.68
C ALA K 23 33.33 70.87 -0.84
N ALA K 24 33.33 70.66 0.48
CA ALA K 24 32.66 71.58 1.39
C ALA K 24 33.62 71.91 2.52
N SER K 25 33.21 72.87 3.36
CA SER K 25 34.09 73.33 4.43
C SER K 25 33.23 73.92 5.52
N GLU K 26 33.62 73.67 6.78
CA GLU K 26 32.94 74.18 7.95
C GLU K 26 31.52 73.61 8.05
N ILE K 27 31.13 72.78 7.10
CA ILE K 27 29.83 72.12 7.08
C ILE K 27 30.00 70.72 6.52
N THR K 28 29.22 69.78 7.05
CA THR K 28 29.25 68.40 6.61
C THR K 28 28.25 68.21 5.47
N VAL K 29 28.48 67.16 4.67
CA VAL K 29 27.58 66.80 3.58
C VAL K 29 26.88 65.47 3.84
N SER K 30 27.59 64.49 4.41
CA SER K 30 27.02 63.17 4.65
C SER K 30 25.65 63.24 5.33
N ARG K 31 25.50 64.11 6.32
CA ARG K 31 24.27 64.23 7.08
C ARG K 31 23.42 65.43 6.65
N ASN K 32 23.72 66.00 5.49
CA ASN K 32 23.07 67.18 4.95
C ASN K 32 22.40 66.86 3.63
N TYR K 33 21.14 67.29 3.48
CA TYR K 33 20.45 67.05 2.23
C TYR K 33 21.23 67.75 1.12
N MET K 34 21.87 66.97 0.26
CA MET K 34 22.69 67.52 -0.80
C MET K 34 21.89 67.54 -2.09
N SER K 35 22.14 68.55 -2.91
CA SER K 35 21.38 68.69 -4.15
C SER K 35 22.28 69.31 -5.21
N TRP K 36 22.44 68.61 -6.33
CA TRP K 36 23.20 69.11 -7.46
C TRP K 36 22.23 69.75 -8.44
N VAL K 37 22.52 70.98 -8.83
CA VAL K 37 21.67 71.69 -9.76
C VAL K 37 22.53 71.93 -10.98
N ARG K 38 21.88 72.16 -12.12
CA ARG K 38 22.61 72.47 -13.33
C ARG K 38 21.86 73.51 -14.14
N GLN K 39 22.58 74.11 -15.07
CA GLN K 39 22.07 75.20 -15.88
C GLN K 39 22.61 75.05 -17.28
N ALA K 40 21.72 74.93 -18.24
CA ALA K 40 22.18 74.97 -19.62
C ALA K 40 22.51 76.42 -19.98
N PRO K 41 23.54 76.63 -20.81
CA PRO K 41 23.92 78.00 -21.15
C PRO K 41 22.75 78.81 -21.68
N GLY K 42 22.38 79.83 -20.91
CA GLY K 42 21.30 80.74 -21.28
C GLY K 42 19.94 80.36 -20.76
N LYS K 43 19.77 79.14 -20.24
CA LYS K 43 18.48 78.66 -19.79
C LYS K 43 18.40 78.73 -18.26
N GLY K 44 17.29 78.23 -17.73
CA GLY K 44 17.08 78.20 -16.29
C GLY K 44 17.90 77.17 -15.55
N LEU K 45 17.38 76.70 -14.43
CA LEU K 45 18.04 75.69 -13.61
C LEU K 45 17.11 74.50 -13.44
N GLU K 46 17.67 73.37 -13.02
CA GLU K 46 16.86 72.18 -12.82
C GLU K 46 17.46 71.28 -11.74
N TRP K 47 16.61 70.85 -10.81
CA TRP K 47 17.03 69.90 -9.78
C TRP K 47 17.42 68.59 -10.44
N VAL K 48 18.66 68.15 -10.23
CA VAL K 48 19.18 66.94 -10.85
C VAL K 48 19.09 65.73 -9.93
N SER K 49 19.56 65.87 -8.68
CA SER K 49 19.60 64.72 -7.79
C SER K 49 19.68 65.17 -6.34
N VAL K 50 19.45 64.22 -5.44
CA VAL K 50 19.49 64.47 -4.00
C VAL K 50 19.87 63.18 -3.30
N MET K 51 20.66 63.28 -2.23
CA MET K 51 20.96 62.16 -1.37
C MET K 51 20.60 62.58 0.04
N PHE K 52 20.03 61.64 0.79
CA PHE K 52 19.52 61.97 2.11
C PHE K 52 20.67 61.83 3.11
N ALA K 53 20.35 61.86 4.40
CA ALA K 53 21.33 61.64 5.45
C ALA K 53 21.40 60.19 5.87
N GLY K 54 20.52 59.35 5.34
CA GLY K 54 20.57 57.92 5.59
C GLY K 54 21.08 57.17 4.37
N GLY K 55 21.19 57.87 3.24
CA GLY K 55 21.74 57.30 2.03
C GLY K 55 20.76 57.15 0.87
N SER K 56 19.46 57.11 1.16
CA SER K 56 18.46 56.94 0.10
C SER K 56 18.46 58.16 -0.81
N THR K 57 18.99 58.00 -2.02
CA THR K 57 19.15 59.10 -2.96
C THR K 57 18.01 59.11 -3.97
N PHE K 58 17.96 60.18 -4.77
CA PHE K 58 16.96 60.34 -5.82
C PHE K 58 17.52 61.18 -6.95
N TYR K 59 16.96 60.99 -8.15
CA TYR K 59 17.44 61.66 -9.35
C TYR K 59 16.26 62.17 -10.17
N ALA K 60 16.50 63.20 -10.98
CA ALA K 60 15.49 63.69 -11.90
C ALA K 60 15.22 62.68 -13.00
N ASP K 61 14.12 62.89 -13.72
CA ASP K 61 13.74 61.96 -14.78
C ASP K 61 14.63 62.12 -16.01
N SER K 62 14.98 63.36 -16.34
CA SER K 62 15.77 63.63 -17.54
C SER K 62 17.12 62.93 -17.50
N VAL K 63 17.67 62.71 -16.30
CA VAL K 63 18.95 62.05 -16.13
C VAL K 63 18.84 60.71 -15.42
N LYS K 64 17.64 60.17 -15.27
CA LYS K 64 17.51 58.90 -14.56
C LYS K 64 18.19 57.79 -15.34
N GLY K 65 18.88 56.90 -14.61
CA GLY K 65 19.55 55.77 -15.20
C GLY K 65 20.94 56.02 -15.75
N ARG K 66 21.39 57.27 -15.81
CA ARG K 66 22.70 57.55 -16.37
C ARG K 66 23.67 58.19 -15.40
N PHE K 67 23.19 58.95 -14.41
CA PHE K 67 24.06 59.67 -13.50
C PHE K 67 23.93 59.06 -12.11
N THR K 68 25.01 59.13 -11.33
CA THR K 68 25.03 58.50 -10.02
C THR K 68 25.82 59.36 -9.06
N ILE K 69 25.16 59.78 -7.99
CA ILE K 69 25.74 60.67 -7.00
C ILE K 69 26.36 59.83 -5.90
N SER K 70 27.48 60.28 -5.37
CA SER K 70 28.17 59.59 -4.28
C SER K 70 28.99 60.62 -3.51
N ARG K 71 29.44 60.22 -2.33
CA ARG K 71 30.16 61.17 -1.49
C ARG K 71 31.12 60.41 -0.58
N ASP K 72 32.37 60.87 -0.54
CA ASP K 72 33.39 60.30 0.34
C ASP K 72 33.18 60.92 1.71
N ASN K 73 32.31 60.29 2.51
CA ASN K 73 31.99 60.83 3.82
C ASN K 73 33.25 60.93 4.67
N SER K 74 34.17 59.97 4.51
CA SER K 74 35.37 59.92 5.34
C SER K 74 36.12 61.25 5.33
N LYS K 75 36.12 61.97 4.20
CA LYS K 75 36.81 63.25 4.09
C LYS K 75 35.89 64.41 3.72
N ASN K 76 34.59 64.28 3.96
CA ASN K 76 33.65 65.42 3.91
C ASN K 76 33.60 66.05 2.51
N THR K 77 33.12 65.27 1.54
CA THR K 77 33.04 65.75 0.17
C THR K 77 31.94 65.00 -0.58
N LEU K 78 31.49 65.61 -1.67
CA LEU K 78 30.40 65.09 -2.49
C LEU K 78 30.90 64.84 -3.91
N TYR K 79 30.18 63.95 -4.61
CA TYR K 79 30.53 63.58 -5.98
C TYR K 79 29.29 63.30 -6.79
N LEU K 80 29.40 63.47 -8.10
CA LEU K 80 28.32 63.13 -9.03
C LEU K 80 28.97 62.56 -10.27
N GLN K 81 28.75 61.27 -10.51
CA GLN K 81 29.22 60.59 -11.70
C GLN K 81 28.20 60.73 -12.82
N MET K 82 28.67 61.08 -14.02
CA MET K 82 27.82 61.16 -15.19
C MET K 82 28.32 60.21 -16.26
N ASN K 83 27.40 59.71 -17.07
CA ASN K 83 27.73 58.88 -18.22
C ASN K 83 26.77 59.17 -19.36
N SER K 84 27.11 58.68 -20.54
CA SER K 84 26.27 58.80 -21.74
C SER K 84 25.81 60.24 -21.95
N LEU K 85 26.76 61.16 -21.92
CA LEU K 85 26.44 62.56 -22.15
C LEU K 85 25.94 62.77 -23.58
N ARG K 86 24.69 63.22 -23.72
CA ARG K 86 24.12 63.50 -25.02
C ARG K 86 24.09 65.02 -25.23
N ALA K 87 23.53 65.43 -26.37
CA ALA K 87 23.59 66.84 -26.73
C ALA K 87 22.90 67.74 -25.70
N GLU K 88 21.93 67.21 -24.96
CA GLU K 88 21.18 68.05 -24.02
C GLU K 88 22.00 68.34 -22.78
N ASP K 89 22.71 67.33 -22.27
CA ASP K 89 23.29 67.35 -20.94
C ASP K 89 24.41 68.37 -20.81
N THR K 90 24.71 69.08 -21.89
CA THR K 90 25.70 70.14 -21.87
C THR K 90 25.19 71.31 -21.04
N ALA K 91 25.76 71.49 -19.85
CA ALA K 91 25.28 72.47 -18.91
C ALA K 91 26.35 72.70 -17.86
N VAL K 92 26.15 73.76 -17.06
CA VAL K 92 27.02 74.07 -15.93
C VAL K 92 26.34 73.51 -14.68
N TYR K 93 27.09 72.75 -13.88
CA TYR K 93 26.50 72.03 -12.76
C TYR K 93 26.93 72.68 -11.45
N TYR K 94 25.95 72.84 -10.57
CA TYR K 94 26.11 73.50 -9.29
C TYR K 94 25.82 72.52 -8.16
N CYS K 95 26.51 72.70 -7.05
CA CYS K 95 26.34 71.88 -5.87
C CYS K 95 25.62 72.70 -4.81
N ALA K 96 24.66 72.09 -4.13
CA ALA K 96 23.84 72.82 -3.20
C ALA K 96 23.46 71.93 -2.03
N ARG K 97 23.20 72.55 -0.89
CA ARG K 97 22.78 71.87 0.32
C ARG K 97 21.40 72.45 0.56
N ASP K 98 20.36 71.68 0.23
CA ASP K 98 19.01 72.20 0.28
C ASP K 98 18.36 71.71 1.57
N LEU K 99 17.70 72.62 2.28
CA LEU K 99 16.98 72.26 3.49
C LEU K 99 15.48 72.09 3.30
N GLY K 100 14.85 72.95 2.52
CA GLY K 100 13.43 72.80 2.19
C GLY K 100 12.56 73.75 3.00
N VAL K 101 11.54 73.20 3.66
CA VAL K 101 10.60 74.00 4.44
C VAL K 101 11.28 74.81 5.54
N VAL K 102 12.37 74.30 6.09
CA VAL K 102 13.10 75.04 7.10
C VAL K 102 14.31 75.75 6.47
N GLY K 103 14.03 76.79 5.70
CA GLY K 103 15.11 77.48 5.02
C GLY K 103 15.36 76.90 3.63
N ALA K 104 15.11 77.67 2.57
CA ALA K 104 15.27 77.06 1.27
C ALA K 104 16.75 77.05 0.88
N THR K 105 17.06 76.36 -0.22
CA THR K 105 18.43 76.20 -0.68
C THR K 105 19.22 77.50 -0.57
N ASP K 106 20.41 77.44 -0.01
CA ASP K 106 21.19 78.66 0.18
C ASP K 106 22.61 78.59 -0.36
N TYR K 107 23.41 77.70 0.23
CA TYR K 107 24.83 77.56 -0.07
C TYR K 107 25.04 76.78 -1.36
N TRP K 108 25.74 77.39 -2.32
CA TRP K 108 25.90 76.83 -3.64
C TRP K 108 27.38 76.71 -4.00
N GLY K 109 27.65 76.10 -5.15
CA GLY K 109 29.00 75.84 -5.59
C GLY K 109 29.43 76.73 -6.73
N GLN K 110 30.74 76.89 -6.92
CA GLN K 110 31.25 77.72 -8.02
C GLN K 110 30.74 77.27 -9.38
N GLY K 111 30.27 76.03 -9.50
CA GLY K 111 29.82 75.51 -10.77
C GLY K 111 30.92 74.78 -11.51
N THR K 112 30.52 74.11 -12.59
CA THR K 112 31.44 73.33 -13.44
C THR K 112 30.82 73.20 -14.81
N LEU K 113 31.54 73.62 -15.84
CA LEU K 113 31.02 73.53 -17.19
C LEU K 113 31.15 72.10 -17.69
N VAL K 114 30.14 71.65 -18.40
CA VAL K 114 30.10 70.32 -19.01
C VAL K 114 29.60 70.54 -20.44
N THR K 115 30.50 70.51 -21.41
CA THR K 115 30.12 70.53 -22.82
C THR K 115 30.54 69.24 -23.50
N VAL K 116 30.04 69.07 -24.72
CA VAL K 116 30.28 67.88 -25.51
C VAL K 116 31.12 68.29 -26.72
N SER K 117 31.61 67.28 -27.46
CA SER K 117 32.42 67.56 -28.65
C SER K 117 31.72 68.55 -29.59
N SER K 118 30.42 68.39 -29.77
CA SER K 118 29.65 69.27 -30.65
C SER K 118 28.18 69.27 -30.25
#